data_8BUB
#
_entry.id   8BUB
#
_cell.length_a   247.861
_cell.length_b   247.861
_cell.length_c   220.715
_cell.angle_alpha   90.000
_cell.angle_beta   90.000
_cell.angle_gamma   120.000
#
_symmetry.space_group_name_H-M   'P 31 2 1'
#
loop_
_entity.id
_entity.type
_entity.pdbx_description
1 polymer 'DNA damage-binding protein 1'
2 polymer 'Cyclin-dependent kinase 12'
3 polymer Cyclin-K
4 non-polymer 'CITRIC ACID'
5 non-polymer ~{N}-(5-methyl-2,3-dihydro-1,3-thiazol-2-yl)-3-(5-methylfuran-2-yl)carbonyl-1,3-thiazolidine-4-carboxamide
#
loop_
_entity_poly.entity_id
_entity_poly.type
_entity_poly.pdbx_seq_one_letter_code
_entity_poly.pdbx_strand_id
1 'polypeptide(L)'
;GGGRMSYNYVVTAQKPTAVNGCVTGHFTSAEDLNLLIAKNTRLEIYVVTAEGLRPVKEVGMYGKIAVMELFRPKGESKDL
LFILTAKYNACILEYKQSGESIDIITRAHGNVQDRIGRPSETGIIGIIDPECRMIGLRLYDGLFKVIPLDRDNKELKAFN
IRLEELHVIDVKFLYGCQAPTICFVYQDPQGRHVKTYEVSLREKEFNKGPWKQENVEAEASMVIAVPEPFGGAIIIGQES
ITYHNGDKYLAIAPPIIKQSTIVCHNRVDPNGSRYLLGDMEGRLFMLLLEKEEQMDGTVTLKDLRVELLGETSIAECLTY
LDNGVVFVGSRLGDSQLVKLNVDSNEQGSYVVAMETFTNLGPIVDMCVVDLERQGQGQLVTCSGAFKEGSLRIIRNGIGG
NGNSGEIQKLHIRTVPLYESPRKICYQEVSQCFGVLSSRIEVQDTSGGTTALRPSASTQALSSSVSSSKLFSSSTAPHET
SFGEEVEVHNLLIIDQHTFEVLHAHQFLQNEYALSLVSCKLGKDPNTYFIVGTAMVYPEEAEPKQGRIVVFQYSDGKLQT
VAEKEVKGAVYSMVEFNGKLLASINSTVRLYEWTTEKELRTECNHYNNIMALYLKTKGDFILVGDLMRSVLLLAYKPMEG
NFEEIARDFNPNWMSAVEILDDDNFLGAENAFNLFVCQKDSAATTDEERQHLQEVGLFHLGEFVNVFCHGSLVMQNLGET
STPTQGSVLFGTVNGMIGLVTSLSESWYNLLLDMQNRLNKVIKSVGKIEHSFWRSFHTERKTEPATGFIDGDLIESFLDI
SRPKMQEVVANLQYDDGSGMKREATADDLIKVVEELTRIH
;
A,D,G
2 'polypeptide(L)'
;GGGRRQTESDWGKRCVDKFDIIGIIGEGTYGQVYKAKDKDTGELVALKKVRLDNEKEGFPITAIREIKILRQLIHRSVVN
MKEIVTDKQDALDFKKDKGAFYLVFEYMDHDLMGLLESGLVHFSEDHIKSFMKQLMEGLEYCHKKNFLHRDIKCSNILLN
NSGQIKLADFGLARLYNSEESRPY(TPO)NKVITLWYRPPELLLGEERYTPAIDVWSCGCILGELFTKKPIFQANLELAQ
LELISRLCGSPCPAVWPDVIRLPYFNTMKPKKQYRRRLREEFSFIPSAALDLLDHMLTLDPSKRCTAEQTLQSDFLKDVE
LSKMAPPDLPHWQDCHELWSKKRRRQRQ
;
B,E,H
3 'polypeptide(L)'
;GGGRMKENKENSSPSVTSANLDHTKPCWYWDKKDLAHTPSQLEGLDPATEARYRREGARFIFDVGTRLGLHYDTLATGII
YFHRFYMFHSFKQFPRYVTGACCLFLAGKVEETPKKCKDIIKTARSLLNDVQFGQFGDDPKEEVMVLERILLQTIKFDLQ
VEHPYQFLLKYAKQLKGDKNKIQKLVQMAWTFVNDSLCTTLSLQWEPEIIAVAVMYLAGRLCKFEIQEWTSKPMYRRWWE
QFVQDVPVDVLEDICHQILDLYSQGKQQMPH
;
C,F,I
#
# COMPACT_ATOMS: atom_id res chain seq x y z
N MET A 5 51.65 -33.55 -6.69
CA MET A 5 52.09 -33.33 -5.28
C MET A 5 51.30 -34.18 -4.30
N SER A 6 50.22 -34.80 -4.77
CA SER A 6 49.43 -35.73 -3.97
C SER A 6 49.49 -37.12 -4.57
N TYR A 7 49.37 -38.13 -3.70
CA TYR A 7 49.58 -39.53 -4.06
C TYR A 7 48.44 -40.37 -3.52
N ASN A 8 47.74 -41.07 -4.42
CA ASN A 8 46.59 -41.88 -4.04
C ASN A 8 46.66 -43.22 -4.76
N TYR A 9 45.72 -44.10 -4.41
CA TYR A 9 45.74 -45.52 -4.79
C TYR A 9 44.31 -45.97 -5.03
N VAL A 10 44.05 -46.61 -6.17
CA VAL A 10 42.70 -46.98 -6.58
C VAL A 10 42.67 -48.45 -6.95
N VAL A 11 41.73 -49.20 -6.34
CA VAL A 11 41.56 -50.61 -6.63
C VAL A 11 40.09 -50.90 -6.90
N THR A 12 39.84 -52.03 -7.56
CA THR A 12 38.48 -52.53 -7.77
C THR A 12 38.13 -53.51 -6.65
N ALA A 13 37.01 -53.25 -5.97
CA ALA A 13 36.51 -54.19 -4.97
C ALA A 13 35.51 -55.18 -5.55
N GLN A 14 34.72 -54.75 -6.52
CA GLN A 14 33.85 -55.64 -7.28
C GLN A 14 33.99 -55.25 -8.74
N LYS A 15 34.26 -56.23 -9.59
CA LYS A 15 34.43 -55.94 -11.00
C LYS A 15 33.09 -55.60 -11.64
N PRO A 16 33.11 -54.97 -12.81
CA PRO A 16 31.85 -54.69 -13.52
C PRO A 16 30.93 -55.90 -13.54
N THR A 17 29.64 -55.65 -13.28
CA THR A 17 28.65 -56.72 -13.21
C THR A 17 27.55 -56.58 -14.25
N ALA A 18 27.77 -55.78 -15.29
CA ALA A 18 26.73 -55.42 -16.25
C ALA A 18 27.11 -55.91 -17.63
N VAL A 19 26.16 -56.58 -18.30
CA VAL A 19 26.44 -57.18 -19.60
C VAL A 19 26.35 -56.10 -20.67
N ASN A 20 27.51 -55.68 -21.18
CA ASN A 20 27.53 -54.71 -22.27
C ASN A 20 27.15 -55.38 -23.59
N GLY A 21 27.67 -56.59 -23.85
CA GLY A 21 27.39 -57.28 -25.09
C GLY A 21 27.51 -58.79 -24.95
N CYS A 22 27.11 -59.51 -26.02
CA CYS A 22 27.22 -60.96 -26.01
C CYS A 22 27.07 -61.54 -27.42
N VAL A 23 28.05 -62.33 -27.85
CA VAL A 23 28.03 -63.03 -29.13
C VAL A 23 28.46 -64.47 -28.89
N THR A 24 28.01 -65.37 -29.77
CA THR A 24 28.32 -66.79 -29.65
C THR A 24 28.95 -67.30 -30.94
N GLY A 25 30.08 -67.99 -30.81
CA GLY A 25 30.81 -68.51 -31.94
C GLY A 25 31.80 -69.56 -31.50
N HIS A 26 32.32 -70.30 -32.49
CA HIS A 26 33.28 -71.37 -32.24
C HIS A 26 34.67 -70.77 -32.08
N PHE A 27 34.98 -70.34 -30.85
CA PHE A 27 36.22 -69.65 -30.55
C PHE A 27 37.25 -70.56 -29.90
N THR A 28 37.00 -70.94 -28.64
CA THR A 28 37.93 -71.80 -27.92
C THR A 28 38.08 -73.15 -28.59
N SER A 29 36.96 -73.84 -28.77
CA SER A 29 36.91 -75.17 -29.39
C SER A 29 36.18 -75.03 -30.72
N ALA A 30 36.92 -75.23 -31.82
CA ALA A 30 36.29 -75.18 -33.13
C ALA A 30 35.06 -76.09 -33.18
N GLU A 31 35.10 -77.19 -32.44
CA GLU A 31 33.95 -78.08 -32.37
C GLU A 31 32.81 -77.46 -31.56
N ASP A 32 33.10 -76.95 -30.36
CA ASP A 32 32.08 -76.51 -29.43
C ASP A 32 31.71 -75.04 -29.63
N LEU A 33 30.41 -74.77 -29.54
CA LEU A 33 29.93 -73.39 -29.56
C LEU A 33 30.29 -72.69 -28.25
N ASN A 34 30.84 -71.49 -28.37
CA ASN A 34 31.31 -70.73 -27.22
C ASN A 34 30.52 -69.43 -27.10
N LEU A 35 30.11 -69.11 -25.87
CA LEU A 35 29.41 -67.86 -25.57
C LEU A 35 30.41 -66.89 -24.97
N LEU A 36 30.54 -65.72 -25.57
CA LEU A 36 31.45 -64.67 -25.11
C LEU A 36 30.63 -63.53 -24.55
N ILE A 37 30.73 -63.32 -23.23
CA ILE A 37 30.02 -62.25 -22.53
C ILE A 37 31.01 -61.14 -22.23
N ALA A 38 30.61 -59.90 -22.48
CA ALA A 38 31.50 -58.76 -22.33
C ALA A 38 30.99 -57.82 -21.24
N LYS A 39 31.88 -57.43 -20.35
CA LYS A 39 31.67 -56.36 -19.37
C LYS A 39 32.79 -55.35 -19.60
N ASN A 40 32.59 -54.14 -19.09
CA ASN A 40 33.58 -53.08 -19.32
C ASN A 40 34.97 -53.56 -18.97
N THR A 41 35.88 -53.52 -19.93
CA THR A 41 37.28 -53.88 -19.74
C THR A 41 37.45 -55.38 -19.47
N ARG A 42 36.37 -56.14 -19.37
CA ARG A 42 36.40 -57.54 -18.95
C ARG A 42 35.72 -58.40 -20.01
N LEU A 43 36.37 -59.48 -20.40
CA LEU A 43 35.83 -60.45 -21.35
C LEU A 43 35.79 -61.83 -20.70
N GLU A 44 34.65 -62.49 -20.80
CA GLU A 44 34.44 -63.81 -20.22
C GLU A 44 34.01 -64.79 -21.31
N ILE A 45 34.73 -65.90 -21.42
CA ILE A 45 34.51 -66.90 -22.45
C ILE A 45 33.94 -68.16 -21.79
N TYR A 46 32.83 -68.67 -22.33
CA TYR A 46 32.15 -69.84 -21.79
C TYR A 46 31.97 -70.90 -22.89
N VAL A 47 31.54 -72.09 -22.47
CA VAL A 47 31.24 -73.20 -23.37
C VAL A 47 29.83 -73.69 -23.08
N VAL A 48 29.02 -73.83 -24.12
CA VAL A 48 27.61 -74.21 -23.94
C VAL A 48 27.53 -75.67 -23.50
N THR A 49 26.73 -75.93 -22.46
CA THR A 49 26.43 -77.28 -22.01
C THR A 49 24.92 -77.43 -21.91
N ALA A 50 24.46 -78.69 -21.92
CA ALA A 50 23.03 -78.95 -21.83
C ALA A 50 22.44 -78.49 -20.50
N GLU A 51 23.27 -78.21 -19.51
CA GLU A 51 22.82 -77.73 -18.21
C GLU A 51 22.97 -76.23 -18.04
N GLY A 52 24.01 -75.65 -18.61
CA GLY A 52 24.26 -74.23 -18.51
C GLY A 52 25.49 -73.80 -19.29
N LEU A 53 26.49 -73.29 -18.59
CA LEU A 53 27.72 -72.82 -19.21
C LEU A 53 28.91 -73.21 -18.33
N ARG A 54 29.99 -73.65 -18.96
CA ARG A 54 31.23 -73.95 -18.26
C ARG A 54 32.24 -72.85 -18.54
N PRO A 55 32.66 -72.07 -17.56
CA PRO A 55 33.63 -70.99 -17.83
C PRO A 55 34.96 -71.60 -18.28
N VAL A 56 35.48 -71.07 -19.39
CA VAL A 56 36.82 -71.47 -19.84
C VAL A 56 37.89 -70.50 -19.35
N LYS A 57 37.73 -69.23 -19.60
CA LYS A 57 38.74 -68.24 -19.25
C LYS A 57 38.10 -66.87 -19.10
N GLU A 58 38.70 -66.06 -18.23
CA GLU A 58 38.33 -64.66 -18.08
C GLU A 58 39.58 -63.80 -18.15
N VAL A 59 39.60 -62.88 -19.10
CA VAL A 59 40.75 -62.00 -19.32
C VAL A 59 40.33 -60.57 -19.09
N GLY A 60 41.31 -59.74 -18.72
CA GLY A 60 41.10 -58.31 -18.56
C GLY A 60 41.76 -57.57 -19.71
N MET A 61 41.05 -56.58 -20.24
CA MET A 61 41.54 -55.77 -21.33
C MET A 61 41.67 -54.31 -20.89
N TYR A 62 42.66 -53.64 -21.47
CA TYR A 62 42.84 -52.20 -21.26
C TYR A 62 41.96 -51.47 -22.28
N GLY A 63 40.80 -51.00 -21.85
CA GLY A 63 39.87 -50.32 -22.72
C GLY A 63 38.44 -50.79 -22.53
N LYS A 64 37.50 -49.89 -22.81
CA LYS A 64 36.08 -50.23 -22.76
C LYS A 64 35.74 -51.00 -24.03
N ILE A 65 35.23 -52.22 -23.87
CA ILE A 65 34.90 -53.04 -25.05
C ILE A 65 33.70 -52.43 -25.74
N ALA A 66 33.92 -51.87 -26.93
CA ALA A 66 32.85 -51.26 -27.73
C ALA A 66 32.29 -52.22 -28.77
N VAL A 67 33.16 -52.91 -29.50
CA VAL A 67 32.75 -53.86 -30.52
C VAL A 67 33.28 -55.24 -30.16
N MET A 68 32.45 -56.26 -30.38
CA MET A 68 32.87 -57.65 -30.14
C MET A 68 32.12 -58.53 -31.13
N GLU A 69 32.85 -59.15 -32.06
CA GLU A 69 32.27 -60.01 -33.07
C GLU A 69 33.20 -61.19 -33.33
N LEU A 70 32.60 -62.33 -33.62
CA LEU A 70 33.34 -63.57 -33.89
C LEU A 70 33.24 -63.90 -35.37
N PHE A 71 34.39 -64.00 -36.04
CA PHE A 71 34.46 -64.24 -37.47
C PHE A 71 35.54 -65.26 -37.77
N ARG A 72 35.28 -66.13 -38.73
CA ARG A 72 36.27 -67.10 -39.19
C ARG A 72 36.61 -66.86 -40.65
N PRO A 73 37.81 -66.41 -40.99
CA PRO A 73 38.20 -66.28 -42.40
C PRO A 73 38.54 -67.64 -43.01
N LYS A 74 38.38 -67.70 -44.33
CA LYS A 74 38.76 -68.91 -45.06
C LYS A 74 40.21 -69.28 -44.75
N GLY A 75 40.43 -70.53 -44.34
CA GLY A 75 41.73 -71.01 -43.96
C GLY A 75 41.92 -71.17 -42.47
N GLU A 76 41.05 -70.59 -41.66
CA GLU A 76 41.11 -70.75 -40.22
C GLU A 76 40.25 -71.92 -39.79
N SER A 77 40.69 -72.59 -38.72
CA SER A 77 39.93 -73.70 -38.17
C SER A 77 38.84 -73.23 -37.21
N LYS A 78 39.13 -72.20 -36.41
CA LYS A 78 38.22 -71.71 -35.39
C LYS A 78 37.94 -70.22 -35.62
N ASP A 79 36.75 -69.80 -35.22
CA ASP A 79 36.39 -68.39 -35.33
C ASP A 79 37.34 -67.54 -34.51
N LEU A 80 37.79 -66.43 -35.08
CA LEU A 80 38.60 -65.46 -34.37
C LEU A 80 37.71 -64.39 -33.74
N LEU A 81 38.32 -63.55 -32.91
CA LEU A 81 37.61 -62.52 -32.17
C LEU A 81 38.16 -61.15 -32.51
N PHE A 82 37.26 -60.23 -32.91
CA PHE A 82 37.61 -58.85 -33.14
C PHE A 82 37.04 -57.99 -32.03
N ILE A 83 37.86 -57.10 -31.48
CA ILE A 83 37.43 -56.17 -30.44
C ILE A 83 37.99 -54.79 -30.77
N LEU A 84 37.16 -53.76 -30.53
CA LEU A 84 37.55 -52.36 -30.66
C LEU A 84 37.17 -51.65 -29.37
N THR A 85 38.11 -50.91 -28.80
CA THR A 85 37.87 -50.22 -27.55
C THR A 85 37.27 -48.84 -27.80
N ALA A 86 36.75 -48.23 -26.75
CA ALA A 86 36.17 -46.90 -26.88
C ALA A 86 37.20 -45.84 -27.24
N LYS A 87 38.48 -46.08 -26.91
CA LYS A 87 39.57 -45.20 -27.31
C LYS A 87 40.17 -45.59 -28.66
N TYR A 88 39.48 -46.46 -29.42
CA TYR A 88 39.82 -46.77 -30.79
C TYR A 88 41.01 -47.73 -30.92
N ASN A 89 41.24 -48.55 -29.90
CA ASN A 89 42.23 -49.62 -29.98
C ASN A 89 41.55 -50.84 -30.60
N ALA A 90 42.04 -51.27 -31.75
CA ALA A 90 41.51 -52.43 -32.45
C ALA A 90 42.49 -53.60 -32.35
N CYS A 91 41.96 -54.81 -32.43
CA CYS A 91 42.80 -56.00 -32.36
C CYS A 91 41.99 -57.22 -32.77
N ILE A 92 42.69 -58.24 -33.25
CA ILE A 92 42.11 -59.53 -33.58
C ILE A 92 42.76 -60.56 -32.66
N LEU A 93 41.94 -61.41 -32.02
CA LEU A 93 42.41 -62.30 -30.97
C LEU A 93 42.11 -63.75 -31.32
N GLU A 94 42.96 -64.65 -30.83
CA GLU A 94 42.81 -66.09 -31.03
C GLU A 94 43.14 -66.83 -29.75
N TYR A 95 42.28 -67.78 -29.40
CA TYR A 95 42.49 -68.66 -28.24
C TYR A 95 43.55 -69.70 -28.56
N LYS A 96 44.51 -69.87 -27.65
CA LYS A 96 45.51 -70.93 -27.73
C LYS A 96 45.52 -71.70 -26.42
N GLN A 97 45.23 -72.99 -26.48
CA GLN A 97 45.19 -73.85 -25.29
C GLN A 97 46.27 -74.91 -25.42
N SER A 98 47.42 -74.66 -24.79
CA SER A 98 48.51 -75.65 -24.71
C SER A 98 48.24 -76.54 -23.50
N GLY A 99 47.35 -77.51 -23.70
CA GLY A 99 46.93 -78.34 -22.58
C GLY A 99 46.26 -77.51 -21.51
N GLU A 100 46.77 -77.60 -20.28
CA GLU A 100 46.22 -76.80 -19.19
C GLU A 100 46.43 -75.31 -19.43
N SER A 101 47.57 -74.93 -20.01
CA SER A 101 47.87 -73.52 -20.22
C SER A 101 46.90 -72.89 -21.20
N ILE A 102 46.47 -71.67 -20.89
CA ILE A 102 45.56 -70.88 -21.71
C ILE A 102 46.22 -69.56 -22.02
N ASP A 103 46.18 -69.15 -23.30
CA ASP A 103 46.85 -67.93 -23.74
C ASP A 103 46.03 -67.28 -24.84
N ILE A 104 45.67 -66.02 -24.65
CA ILE A 104 44.97 -65.24 -25.67
C ILE A 104 46.00 -64.57 -26.56
N ILE A 105 45.99 -64.88 -27.84
CA ILE A 105 46.98 -64.39 -28.79
C ILE A 105 46.50 -63.10 -29.41
N THR A 106 47.43 -62.16 -29.62
CA THR A 106 47.14 -60.91 -30.33
C THR A 106 47.66 -61.06 -31.77
N ARG A 107 46.76 -61.39 -32.69
CA ARG A 107 47.16 -61.62 -34.07
C ARG A 107 47.43 -60.31 -34.81
N ALA A 108 46.61 -59.29 -34.57
CA ALA A 108 46.76 -57.99 -35.20
C ALA A 108 46.28 -56.94 -34.23
N HIS A 109 46.81 -55.72 -34.36
CA HIS A 109 46.45 -54.65 -33.45
C HIS A 109 46.82 -53.31 -34.06
N GLY A 110 46.11 -52.27 -33.61
CA GLY A 110 46.37 -50.92 -34.06
C GLY A 110 45.30 -49.99 -33.55
N ASN A 111 45.59 -48.69 -33.65
CA ASN A 111 44.66 -47.63 -33.24
C ASN A 111 44.10 -46.96 -34.49
N VAL A 112 42.78 -46.93 -34.60
CA VAL A 112 42.12 -46.48 -35.81
C VAL A 112 41.53 -45.07 -35.65
N GLN A 113 42.00 -44.31 -34.67
CA GLN A 113 41.47 -42.97 -34.45
C GLN A 113 41.88 -42.05 -35.59
N ASP A 114 40.95 -41.21 -36.02
CA ASP A 114 41.19 -40.22 -37.07
C ASP A 114 41.54 -38.88 -36.45
N ARG A 115 42.50 -38.18 -37.06
CA ARG A 115 42.88 -36.86 -36.57
C ARG A 115 41.70 -35.90 -36.58
N ILE A 116 40.79 -36.06 -37.55
CA ILE A 116 39.64 -35.18 -37.72
C ILE A 116 38.40 -36.02 -37.92
N GLY A 117 37.35 -35.72 -37.17
CA GLY A 117 36.08 -36.42 -37.29
C GLY A 117 35.10 -36.05 -36.19
N ARG A 118 33.81 -36.08 -36.50
CA ARG A 118 32.78 -35.79 -35.51
C ARG A 118 32.28 -37.09 -34.89
N PRO A 119 32.36 -37.25 -33.56
CA PRO A 119 31.77 -38.43 -32.93
C PRO A 119 30.29 -38.56 -33.29
N SER A 120 29.89 -39.79 -33.64
CA SER A 120 28.52 -40.01 -34.09
C SER A 120 27.56 -40.10 -32.90
N GLU A 121 26.28 -39.85 -33.18
CA GLU A 121 25.28 -39.82 -32.12
C GLU A 121 24.98 -41.21 -31.60
N THR A 122 24.76 -42.17 -32.49
CA THR A 122 24.39 -43.53 -32.10
C THR A 122 25.58 -44.38 -31.69
N GLY A 123 26.76 -43.79 -31.53
CA GLY A 123 27.91 -44.51 -31.01
C GLY A 123 28.61 -45.37 -32.05
N ILE A 124 29.74 -45.94 -31.62
CA ILE A 124 30.52 -46.78 -32.51
C ILE A 124 29.69 -47.98 -32.95
N ILE A 125 29.80 -48.35 -34.23
CA ILE A 125 29.16 -49.52 -34.78
C ILE A 125 30.19 -50.36 -35.52
N GLY A 126 30.16 -51.67 -35.28
CA GLY A 126 31.09 -52.58 -35.93
C GLY A 126 30.40 -53.79 -36.51
N ILE A 127 30.64 -54.04 -37.80
CA ILE A 127 30.05 -55.18 -38.51
C ILE A 127 31.12 -55.80 -39.38
N ILE A 128 30.95 -57.09 -39.68
CA ILE A 128 31.91 -57.85 -40.46
C ILE A 128 31.18 -58.51 -41.63
N ASP A 129 31.81 -58.47 -42.80
CA ASP A 129 31.25 -59.10 -43.98
C ASP A 129 31.04 -60.59 -43.75
N PRO A 130 29.94 -61.18 -44.26
CA PRO A 130 29.80 -62.63 -44.15
C PRO A 130 30.96 -63.39 -44.76
N GLU A 131 31.44 -62.94 -45.93
CA GLU A 131 32.64 -63.49 -46.54
C GLU A 131 33.90 -63.12 -45.78
N CYS A 132 33.77 -62.44 -44.66
CA CYS A 132 34.89 -62.06 -43.80
C CYS A 132 36.01 -61.41 -44.62
N ARG A 133 35.63 -60.58 -45.58
CA ARG A 133 36.61 -59.87 -46.39
C ARG A 133 37.05 -58.56 -45.76
N MET A 134 36.22 -57.95 -44.92
CA MET A 134 36.54 -56.64 -44.36
C MET A 134 35.73 -56.41 -43.09
N ILE A 135 36.22 -55.48 -42.28
CA ILE A 135 35.53 -55.00 -41.09
C ILE A 135 35.03 -53.60 -41.36
N GLY A 136 33.73 -53.38 -41.15
CA GLY A 136 33.13 -52.07 -41.33
C GLY A 136 33.02 -51.36 -39.98
N LEU A 137 33.45 -50.11 -39.96
CA LEU A 137 33.38 -49.27 -38.77
C LEU A 137 32.71 -47.95 -39.10
N ARG A 138 31.78 -47.54 -38.23
CA ARG A 138 31.15 -46.23 -38.28
C ARG A 138 31.59 -45.49 -37.02
N LEU A 139 32.65 -44.70 -37.13
CA LEU A 139 33.19 -43.97 -36.00
C LEU A 139 32.82 -42.49 -36.02
N TYR A 140 32.69 -41.89 -37.20
CA TYR A 140 32.42 -40.46 -37.30
C TYR A 140 31.30 -40.21 -38.30
N ASP A 141 30.58 -39.12 -38.09
CA ASP A 141 29.53 -38.72 -39.01
C ASP A 141 30.09 -38.52 -40.41
N GLY A 142 29.39 -39.04 -41.41
CA GLY A 142 29.77 -38.83 -42.79
C GLY A 142 31.00 -39.57 -43.25
N LEU A 143 31.48 -40.54 -42.48
CA LEU A 143 32.63 -41.34 -42.85
C LEU A 143 32.37 -42.79 -42.54
N PHE A 144 32.88 -43.68 -43.39
CA PHE A 144 32.79 -45.12 -43.21
C PHE A 144 34.19 -45.69 -43.37
N LYS A 145 34.74 -46.26 -42.30
CA LYS A 145 36.09 -46.77 -42.30
C LYS A 145 36.11 -48.26 -42.57
N VAL A 146 37.11 -48.71 -43.34
CA VAL A 146 37.20 -50.09 -43.80
C VAL A 146 38.57 -50.65 -43.43
N ILE A 147 38.57 -51.75 -42.69
CA ILE A 147 39.79 -52.52 -42.44
C ILE A 147 39.73 -53.77 -43.31
N PRO A 148 40.47 -53.84 -44.42
CA PRO A 148 40.43 -55.06 -45.24
C PRO A 148 41.12 -56.21 -44.52
N LEU A 149 40.43 -57.36 -44.46
CA LEU A 149 40.95 -58.53 -43.76
C LEU A 149 41.84 -59.34 -44.70
N ASP A 150 42.99 -58.75 -45.03
CA ASP A 150 44.03 -59.44 -45.77
C ASP A 150 45.06 -59.99 -44.79
N ARG A 151 45.67 -61.12 -45.17
CA ARG A 151 46.63 -61.77 -44.29
C ARG A 151 47.76 -60.83 -43.89
N ASP A 152 48.13 -59.89 -44.75
CA ASP A 152 49.27 -59.02 -44.49
C ASP A 152 48.93 -57.81 -43.61
N ASN A 153 47.64 -57.56 -43.35
CA ASN A 153 47.23 -56.39 -42.58
C ASN A 153 47.31 -56.70 -41.09
N LYS A 154 48.55 -56.87 -40.62
CA LYS A 154 48.79 -57.15 -39.21
C LYS A 154 48.68 -55.91 -38.33
N GLU A 155 48.76 -54.71 -38.93
CA GLU A 155 48.62 -53.47 -38.19
C GLU A 155 47.21 -52.89 -38.29
N LEU A 156 46.31 -53.56 -39.02
CA LEU A 156 44.93 -53.11 -39.17
C LEU A 156 44.85 -51.71 -39.74
N LYS A 157 45.59 -51.48 -40.82
CA LYS A 157 45.52 -50.21 -41.54
C LYS A 157 44.18 -50.11 -42.26
N ALA A 158 43.68 -48.88 -42.36
CA ALA A 158 42.33 -48.68 -42.87
C ALA A 158 42.26 -47.35 -43.62
N PHE A 159 41.20 -47.24 -44.43
CA PHE A 159 40.91 -46.05 -45.22
C PHE A 159 39.46 -45.66 -45.00
N ASN A 160 39.17 -44.38 -45.24
CA ASN A 160 37.83 -43.84 -45.08
C ASN A 160 37.18 -43.64 -46.44
N ILE A 161 35.89 -44.00 -46.53
CA ILE A 161 35.07 -43.71 -47.70
C ILE A 161 34.10 -42.60 -47.33
N ARG A 162 34.06 -41.55 -48.14
CA ARG A 162 33.11 -40.47 -47.91
C ARG A 162 31.68 -41.01 -47.95
N LEU A 163 30.86 -40.59 -46.99
CA LEU A 163 29.49 -41.04 -46.88
C LEU A 163 28.58 -39.84 -46.90
N GLU A 164 27.73 -39.76 -47.93
CA GLU A 164 26.85 -38.61 -48.07
C GLU A 164 25.90 -38.49 -46.88
N GLU A 165 25.31 -39.60 -46.45
CA GLU A 165 24.33 -39.59 -45.36
C GLU A 165 25.06 -39.39 -44.04
N LEU A 166 24.91 -38.21 -43.44
CA LEU A 166 25.70 -37.87 -42.26
C LEU A 166 25.17 -38.54 -41.00
N HIS A 167 23.85 -38.55 -40.81
CA HIS A 167 23.22 -39.02 -39.58
C HIS A 167 22.72 -40.44 -39.81
N VAL A 168 23.56 -41.42 -39.47
CA VAL A 168 23.24 -42.83 -39.65
C VAL A 168 22.75 -43.39 -38.32
N ILE A 169 21.78 -44.31 -38.38
CA ILE A 169 21.20 -44.92 -37.21
C ILE A 169 21.82 -46.30 -36.93
N ASP A 170 21.79 -47.18 -37.93
CA ASP A 170 22.34 -48.52 -37.77
C ASP A 170 22.70 -49.05 -39.15
N VAL A 171 23.70 -49.92 -39.20
CA VAL A 171 24.19 -50.45 -40.47
C VAL A 171 24.65 -51.89 -40.26
N LYS A 172 24.25 -52.77 -41.17
CA LYS A 172 24.60 -54.18 -41.12
C LYS A 172 25.02 -54.65 -42.51
N PHE A 173 25.99 -55.55 -42.56
CA PHE A 173 26.40 -56.13 -43.83
C PHE A 173 25.32 -57.10 -44.30
N LEU A 174 24.81 -56.88 -45.52
CA LEU A 174 23.75 -57.71 -46.06
C LEU A 174 24.29 -59.10 -46.39
N TYR A 175 23.37 -60.06 -46.40
CA TYR A 175 23.68 -61.47 -46.63
C TYR A 175 23.24 -61.89 -48.03
N GLY A 176 24.10 -62.61 -48.74
CA GLY A 176 23.76 -63.16 -50.03
C GLY A 176 24.01 -62.26 -51.22
N CYS A 177 24.42 -61.03 -51.00
CA CYS A 177 24.70 -60.13 -52.11
C CYS A 177 26.01 -60.53 -52.80
N GLN A 178 26.03 -60.33 -54.12
CA GLN A 178 27.20 -60.72 -54.91
C GLN A 178 28.43 -59.92 -54.51
N ALA A 179 28.27 -58.62 -54.29
CA ALA A 179 29.32 -57.73 -53.83
C ALA A 179 28.99 -57.23 -52.43
N PRO A 180 29.97 -57.14 -51.54
CA PRO A 180 29.68 -56.69 -50.17
C PRO A 180 29.00 -55.32 -50.17
N THR A 181 27.89 -55.21 -49.45
CA THR A 181 27.13 -53.98 -49.39
C THR A 181 26.55 -53.80 -48.00
N ILE A 182 26.32 -52.54 -47.63
CA ILE A 182 25.89 -52.16 -46.29
C ILE A 182 24.49 -51.57 -46.38
N CYS A 183 23.61 -52.01 -45.50
CA CYS A 183 22.25 -51.48 -45.41
C CYS A 183 22.17 -50.59 -44.17
N PHE A 184 22.00 -49.27 -44.37
CA PHE A 184 22.01 -48.31 -43.28
C PHE A 184 20.74 -47.47 -43.27
N VAL A 185 20.12 -47.39 -42.09
CA VAL A 185 19.02 -46.46 -41.85
C VAL A 185 19.60 -45.10 -41.48
N TYR A 186 19.14 -44.05 -42.13
CA TYR A 186 19.69 -42.71 -41.94
C TYR A 186 18.55 -41.70 -41.73
N GLN A 187 18.89 -40.58 -41.09
CA GLN A 187 17.91 -39.56 -40.72
C GLN A 187 18.33 -38.22 -41.31
N ASP A 188 17.58 -37.78 -42.31
CA ASP A 188 17.66 -36.44 -42.89
C ASP A 188 16.38 -35.68 -42.56
N PRO A 189 16.32 -34.39 -42.89
CA PRO A 189 15.14 -33.60 -42.50
C PRO A 189 13.82 -34.17 -42.98
N GLN A 190 13.82 -34.96 -44.06
CA GLN A 190 12.58 -35.51 -44.61
C GLN A 190 12.12 -36.78 -43.92
N GLY A 191 12.68 -37.12 -42.77
CA GLY A 191 12.40 -38.37 -42.09
C GLY A 191 13.59 -39.31 -42.13
N ARG A 192 13.29 -40.59 -41.96
CA ARG A 192 14.30 -41.64 -42.01
C ARG A 192 14.04 -42.57 -43.19
N HIS A 193 15.12 -43.06 -43.78
CA HIS A 193 15.06 -43.90 -44.97
C HIS A 193 16.12 -44.99 -44.87
N VAL A 194 15.91 -46.08 -45.61
CA VAL A 194 16.85 -47.19 -45.67
C VAL A 194 17.51 -47.17 -47.05
N LYS A 195 18.84 -47.18 -47.06
CA LYS A 195 19.64 -47.08 -48.28
C LYS A 195 20.77 -48.08 -48.18
N THR A 196 21.17 -48.64 -49.33
CA THR A 196 22.28 -49.58 -49.36
C THR A 196 23.31 -49.15 -50.40
N TYR A 197 24.58 -49.31 -50.05
CA TYR A 197 25.72 -48.95 -50.88
C TYR A 197 26.67 -50.14 -50.98
N GLU A 198 27.16 -50.42 -52.19
CA GLU A 198 28.18 -51.45 -52.36
C GLU A 198 29.56 -50.90 -52.00
N VAL A 199 30.38 -51.74 -51.37
CA VAL A 199 31.72 -51.37 -50.92
C VAL A 199 32.74 -52.09 -51.77
N SER A 200 33.62 -51.33 -52.42
CA SER A 200 34.69 -51.89 -53.24
C SER A 200 36.03 -51.74 -52.53
N LEU A 201 36.73 -52.86 -52.37
CA LEU A 201 38.10 -52.81 -51.86
C LEU A 201 39.08 -52.38 -52.93
N ARG A 202 38.83 -52.77 -54.19
CA ARG A 202 39.73 -52.41 -55.28
C ARG A 202 39.64 -50.92 -55.59
N GLU A 203 38.43 -50.40 -55.73
CA GLU A 203 38.24 -48.98 -56.00
C GLU A 203 38.32 -48.12 -54.74
N LYS A 204 38.09 -48.71 -53.57
CA LYS A 204 38.11 -47.98 -52.30
C LYS A 204 37.08 -46.84 -52.33
N GLU A 205 35.84 -47.19 -52.66
CA GLU A 205 34.75 -46.22 -52.70
C GLU A 205 33.44 -46.99 -52.69
N PHE A 206 32.34 -46.25 -52.64
CA PHE A 206 31.00 -46.83 -52.75
C PHE A 206 30.57 -46.91 -54.21
N ASN A 207 29.82 -47.94 -54.53
CA ASN A 207 29.09 -48.07 -55.79
C ASN A 207 27.60 -48.24 -55.46
N LYS A 208 26.75 -48.00 -56.45
CA LYS A 208 25.31 -48.01 -56.21
C LYS A 208 24.84 -49.39 -55.76
N GLY A 209 24.04 -49.43 -54.68
CA GLY A 209 23.51 -50.66 -54.17
C GLY A 209 22.27 -51.10 -54.91
N PRO A 210 21.75 -52.30 -54.54
CA PRO A 210 20.58 -52.83 -55.25
C PRO A 210 19.35 -51.92 -55.20
N TRP A 211 18.86 -51.58 -54.00
CA TRP A 211 17.72 -50.68 -53.88
C TRP A 211 18.20 -49.32 -53.39
N LYS A 212 17.85 -48.26 -54.14
CA LYS A 212 18.38 -46.93 -53.86
C LYS A 212 17.90 -46.43 -52.49
N GLN A 213 16.60 -46.49 -52.24
CA GLN A 213 16.11 -46.06 -50.93
C GLN A 213 14.64 -46.46 -50.79
N GLU A 214 14.17 -46.37 -49.55
CA GLU A 214 12.77 -46.60 -49.19
C GLU A 214 12.47 -45.75 -47.96
N ASN A 215 11.23 -45.27 -47.87
CA ASN A 215 10.82 -44.45 -46.73
C ASN A 215 10.39 -45.36 -45.59
N VAL A 216 11.01 -45.19 -44.41
CA VAL A 216 10.78 -46.05 -43.27
C VAL A 216 10.24 -45.23 -42.10
N GLU A 217 9.82 -45.95 -41.06
CA GLU A 217 9.27 -45.33 -39.87
C GLU A 217 10.23 -44.26 -39.34
N ALA A 218 9.65 -43.27 -38.67
CA ALA A 218 10.46 -42.16 -38.18
C ALA A 218 11.41 -42.58 -37.07
N GLU A 219 11.01 -43.59 -36.29
CA GLU A 219 11.84 -44.10 -35.20
C GLU A 219 12.41 -45.48 -35.52
N ALA A 220 12.73 -45.73 -36.78
CA ALA A 220 13.45 -46.95 -37.15
C ALA A 220 14.76 -47.01 -36.37
N SER A 221 14.96 -48.08 -35.60
CA SER A 221 16.08 -48.16 -34.69
C SER A 221 17.09 -49.25 -35.02
N MET A 222 16.65 -50.44 -35.46
CA MET A 222 17.55 -51.56 -35.65
C MET A 222 17.43 -52.14 -37.05
N VAL A 223 18.58 -52.62 -37.56
CA VAL A 223 18.67 -53.28 -38.85
C VAL A 223 19.06 -54.74 -38.60
N ILE A 224 18.27 -55.66 -39.13
CA ILE A 224 18.50 -57.10 -39.03
C ILE A 224 18.98 -57.59 -40.39
N ALA A 225 20.13 -58.27 -40.41
CA ALA A 225 20.67 -58.87 -41.63
C ALA A 225 20.07 -60.26 -41.77
N VAL A 226 19.06 -60.41 -42.61
CA VAL A 226 18.39 -61.71 -42.77
C VAL A 226 19.32 -62.66 -43.51
N PRO A 227 19.32 -63.95 -43.19
CA PRO A 227 20.31 -64.87 -43.79
C PRO A 227 20.12 -65.02 -45.29
N GLU A 228 21.08 -65.72 -45.90
CA GLU A 228 21.10 -65.83 -47.36
C GLU A 228 19.85 -66.45 -47.96
N PRO A 229 19.25 -67.50 -47.39
CA PRO A 229 18.02 -68.04 -48.03
C PRO A 229 16.92 -67.00 -48.16
N PHE A 230 16.62 -66.28 -47.09
CA PHE A 230 15.60 -65.23 -47.18
C PHE A 230 16.13 -64.03 -47.95
N GLY A 231 17.31 -63.55 -47.60
CA GLY A 231 17.87 -62.34 -48.19
C GLY A 231 17.27 -61.08 -47.59
N GLY A 232 17.79 -59.95 -48.03
CA GLY A 232 17.26 -58.66 -47.61
C GLY A 232 17.63 -58.29 -46.18
N ALA A 233 16.91 -57.28 -45.67
CA ALA A 233 17.10 -56.78 -44.32
C ALA A 233 15.74 -56.53 -43.66
N ILE A 234 15.72 -56.61 -42.33
CA ILE A 234 14.53 -56.33 -41.53
C ILE A 234 14.80 -55.09 -40.69
N ILE A 235 13.85 -54.16 -40.67
CA ILE A 235 13.97 -52.90 -39.95
C ILE A 235 12.98 -52.90 -38.80
N ILE A 236 13.46 -52.65 -37.59
CA ILE A 236 12.65 -52.68 -36.37
C ILE A 236 12.52 -51.25 -35.87
N GLY A 237 11.28 -50.80 -35.67
CA GLY A 237 11.02 -49.48 -35.12
C GLY A 237 10.20 -49.51 -33.85
N GLN A 238 9.40 -48.47 -33.60
CA GLN A 238 8.54 -48.43 -32.42
C GLN A 238 7.22 -49.14 -32.65
N GLU A 239 6.55 -48.84 -33.77
CA GLU A 239 5.24 -49.41 -34.06
C GLU A 239 5.24 -50.44 -35.18
N SER A 240 6.27 -50.47 -36.03
CA SER A 240 6.22 -51.30 -37.23
C SER A 240 7.55 -52.00 -37.49
N ILE A 241 7.46 -53.23 -38.00
CA ILE A 241 8.60 -54.03 -38.44
C ILE A 241 8.45 -54.27 -39.93
N THR A 242 9.47 -53.95 -40.71
CA THR A 242 9.42 -54.06 -42.16
C THR A 242 10.55 -54.94 -42.68
N TYR A 243 10.33 -55.49 -43.89
CA TYR A 243 11.32 -56.31 -44.59
C TYR A 243 11.53 -55.73 -45.98
N HIS A 244 12.77 -55.39 -46.30
CA HIS A 244 13.11 -54.77 -47.58
C HIS A 244 14.06 -55.69 -48.34
N ASN A 245 13.63 -56.14 -49.54
CA ASN A 245 14.48 -56.93 -50.42
C ASN A 245 14.17 -56.52 -51.87
N GLY A 246 14.61 -55.33 -52.25
CA GLY A 246 14.33 -54.85 -53.59
C GLY A 246 12.84 -54.65 -53.80
N ASP A 247 12.30 -55.27 -54.84
CA ASP A 247 10.88 -55.13 -55.15
C ASP A 247 10.00 -55.61 -54.01
N LYS A 248 10.47 -56.58 -53.23
CA LYS A 248 9.68 -57.14 -52.14
C LYS A 248 9.62 -56.18 -50.97
N TYR A 249 8.42 -56.03 -50.39
CA TYR A 249 8.22 -55.16 -49.25
C TYR A 249 7.16 -55.74 -48.33
N LEU A 250 7.49 -55.88 -47.05
CA LEU A 250 6.57 -56.40 -46.04
C LEU A 250 6.47 -55.41 -44.89
N ALA A 251 5.27 -55.30 -44.33
CA ALA A 251 5.01 -54.38 -43.22
C ALA A 251 4.11 -55.07 -42.21
N ILE A 252 4.60 -55.26 -40.98
CA ILE A 252 3.82 -55.84 -39.89
C ILE A 252 3.85 -54.86 -38.73
N ALA A 253 2.67 -54.48 -38.25
CA ALA A 253 2.52 -53.48 -37.19
C ALA A 253 1.58 -54.00 -36.12
N PRO A 254 2.00 -55.00 -35.36
CA PRO A 254 1.17 -55.47 -34.25
C PRO A 254 0.99 -54.37 -33.21
N PRO A 255 -0.15 -54.32 -32.54
CA PRO A 255 -0.34 -53.29 -31.51
C PRO A 255 0.23 -53.66 -30.15
N ILE A 256 0.99 -54.75 -30.07
CA ILE A 256 1.62 -55.13 -28.81
C ILE A 256 2.98 -54.46 -28.64
N ILE A 257 3.74 -54.32 -29.74
CA ILE A 257 5.07 -53.74 -29.64
C ILE A 257 5.02 -52.23 -29.48
N LYS A 258 3.90 -51.59 -29.82
CA LYS A 258 3.80 -50.16 -29.63
C LYS A 258 3.91 -49.76 -28.16
N GLN A 259 3.64 -50.70 -27.24
CA GLN A 259 3.61 -50.37 -25.83
C GLN A 259 5.00 -50.16 -25.24
N SER A 260 6.03 -50.78 -25.82
CA SER A 260 7.37 -50.67 -25.27
C SER A 260 8.40 -50.77 -26.38
N THR A 261 9.41 -49.91 -26.30
CA THR A 261 10.48 -49.89 -27.30
C THR A 261 11.26 -51.21 -27.27
N ILE A 262 11.58 -51.73 -28.45
CA ILE A 262 12.37 -52.94 -28.61
C ILE A 262 13.83 -52.54 -28.83
N VAL A 263 14.73 -53.11 -28.05
CA VAL A 263 16.14 -52.70 -28.07
C VAL A 263 17.11 -53.81 -28.46
N CYS A 264 16.68 -55.07 -28.59
CA CYS A 264 17.62 -56.14 -28.88
C CYS A 264 17.04 -57.20 -29.81
N HIS A 265 17.90 -57.76 -30.67
CA HIS A 265 17.49 -58.81 -31.60
C HIS A 265 18.56 -59.91 -31.67
N ASN A 266 18.09 -61.13 -31.91
CA ASN A 266 18.95 -62.31 -31.97
C ASN A 266 18.36 -63.31 -32.95
N ARG A 267 19.26 -64.04 -33.63
CA ARG A 267 18.89 -65.03 -34.64
C ARG A 267 18.70 -66.39 -33.97
N VAL A 268 17.44 -66.75 -33.70
CA VAL A 268 17.17 -68.05 -33.11
C VAL A 268 17.50 -69.17 -34.09
N ASP A 269 17.13 -68.99 -35.36
CA ASP A 269 17.30 -70.01 -36.39
C ASP A 269 18.44 -69.66 -37.31
N PRO A 270 19.37 -70.58 -37.58
CA PRO A 270 20.40 -70.28 -38.59
C PRO A 270 19.82 -69.92 -39.95
N ASN A 271 18.76 -70.64 -40.37
CA ASN A 271 18.10 -70.30 -41.61
C ASN A 271 17.44 -68.93 -41.55
N GLY A 272 17.09 -68.47 -40.36
CA GLY A 272 16.50 -67.17 -40.18
C GLY A 272 15.00 -67.13 -40.06
N SER A 273 14.34 -68.29 -39.96
CA SER A 273 12.89 -68.30 -39.80
C SER A 273 12.47 -67.73 -38.45
N ARG A 274 13.33 -67.82 -37.44
CA ARG A 274 13.02 -67.36 -36.09
C ARG A 274 14.01 -66.30 -35.64
N TYR A 275 13.49 -65.22 -35.07
CA TYR A 275 14.29 -64.12 -34.54
C TYR A 275 13.72 -63.72 -33.18
N LEU A 276 14.57 -63.19 -32.32
CA LEU A 276 14.19 -62.85 -30.95
C LEU A 276 14.23 -61.34 -30.74
N LEU A 277 13.18 -60.80 -30.14
CA LEU A 277 13.04 -59.37 -29.90
C LEU A 277 12.73 -59.13 -28.43
N GLY A 278 13.42 -58.17 -27.81
CA GLY A 278 13.16 -57.82 -26.43
C GLY A 278 12.92 -56.33 -26.22
N ASP A 279 11.89 -55.97 -25.46
CA ASP A 279 11.52 -54.57 -25.25
C ASP A 279 11.93 -54.09 -23.87
N MET A 280 11.77 -52.77 -23.66
CA MET A 280 12.25 -52.15 -22.43
C MET A 280 11.52 -52.67 -21.20
N GLU A 281 10.24 -52.96 -21.33
CA GLU A 281 9.47 -53.53 -20.23
C GLU A 281 9.73 -55.01 -20.02
N GLY A 282 10.82 -55.54 -20.60
CA GLY A 282 11.28 -56.87 -20.34
C GLY A 282 10.65 -57.96 -21.19
N ARG A 283 9.50 -57.70 -21.79
CA ARG A 283 8.81 -58.74 -22.54
C ARG A 283 9.71 -59.29 -23.65
N LEU A 284 9.58 -60.58 -23.89
CA LEU A 284 10.33 -61.28 -24.93
C LEU A 284 9.38 -61.68 -26.05
N PHE A 285 9.72 -61.28 -27.28
CA PHE A 285 8.90 -61.56 -28.46
C PHE A 285 9.69 -62.43 -29.44
N MET A 286 8.97 -63.27 -30.17
CA MET A 286 9.54 -64.09 -31.23
C MET A 286 9.08 -63.54 -32.58
N LEU A 287 10.03 -63.17 -33.43
CA LEU A 287 9.73 -62.79 -34.80
C LEU A 287 9.67 -64.05 -35.66
N LEU A 288 8.52 -64.26 -36.30
CA LEU A 288 8.28 -65.46 -37.09
C LEU A 288 8.26 -65.10 -38.58
N LEU A 289 9.08 -65.79 -39.36
CA LEU A 289 9.18 -65.56 -40.80
C LEU A 289 8.48 -66.70 -41.53
N GLU A 290 7.46 -66.37 -42.31
CA GLU A 290 6.66 -67.34 -43.05
C GLU A 290 7.16 -67.43 -44.49
N LYS A 291 7.47 -68.63 -44.94
CA LYS A 291 8.15 -68.86 -46.21
C LYS A 291 7.18 -69.39 -47.24
N GLU A 292 7.06 -68.70 -48.37
CA GLU A 292 6.35 -69.18 -49.55
C GLU A 292 7.38 -69.51 -50.61
N GLU A 293 7.29 -70.72 -51.17
CA GLU A 293 8.26 -71.19 -52.15
C GLU A 293 7.69 -71.04 -53.55
N GLN A 294 8.41 -70.34 -54.42
CA GLN A 294 8.03 -70.19 -55.82
C GLN A 294 8.16 -71.54 -56.53
N MET A 295 7.49 -71.63 -57.68
CA MET A 295 7.37 -72.93 -58.35
C MET A 295 8.72 -73.44 -58.85
N ASP A 296 9.63 -72.55 -59.23
CA ASP A 296 10.98 -72.98 -59.57
C ASP A 296 11.77 -73.42 -58.35
N GLY A 297 11.21 -73.27 -57.15
CA GLY A 297 11.86 -73.69 -55.92
C GLY A 297 12.42 -72.56 -55.07
N THR A 298 12.39 -71.33 -55.55
CA THR A 298 12.92 -70.20 -54.80
C THR A 298 11.93 -69.78 -53.70
N VAL A 299 12.46 -69.15 -52.67
CA VAL A 299 11.71 -68.88 -51.44
C VAL A 299 11.42 -67.38 -51.35
N THR A 300 10.14 -67.05 -51.13
CA THR A 300 9.70 -65.69 -50.90
C THR A 300 9.08 -65.58 -49.52
N LEU A 301 9.39 -64.50 -48.81
CA LEU A 301 8.89 -64.30 -47.45
C LEU A 301 7.44 -63.87 -47.51
N LYS A 302 6.53 -64.77 -47.16
CA LYS A 302 5.10 -64.50 -47.32
C LYS A 302 4.60 -63.48 -46.29
N ASP A 303 5.01 -63.63 -45.03
CA ASP A 303 4.48 -62.77 -43.97
C ASP A 303 5.41 -62.77 -42.76
N LEU A 304 5.24 -61.75 -41.92
CA LEU A 304 5.98 -61.60 -40.68
C LEU A 304 5.00 -61.58 -39.51
N ARG A 305 5.28 -62.39 -38.47
CA ARG A 305 4.39 -62.54 -37.32
C ARG A 305 5.19 -62.45 -36.03
N VAL A 306 4.62 -61.79 -35.03
CA VAL A 306 5.27 -61.56 -33.75
C VAL A 306 4.42 -62.21 -32.66
N GLU A 307 5.06 -63.06 -31.85
CA GLU A 307 4.39 -63.77 -30.76
C GLU A 307 5.04 -63.44 -29.43
N LEU A 308 4.21 -63.24 -28.41
CA LEU A 308 4.69 -62.94 -27.07
C LEU A 308 5.08 -64.24 -26.37
N LEU A 309 6.36 -64.35 -25.98
CA LEU A 309 6.85 -65.53 -25.28
C LEU A 309 6.75 -65.40 -23.76
N GLY A 310 7.11 -64.24 -23.22
CA GLY A 310 7.03 -64.05 -21.80
C GLY A 310 7.76 -62.83 -21.30
N GLU A 311 8.37 -62.93 -20.13
CA GLU A 311 9.09 -61.83 -19.50
C GLU A 311 10.49 -62.27 -19.14
N THR A 312 11.45 -61.38 -19.42
CA THR A 312 12.85 -61.55 -19.07
C THR A 312 13.31 -60.28 -18.35
N SER A 313 14.53 -60.29 -17.85
CA SER A 313 15.15 -59.04 -17.43
C SER A 313 15.33 -58.13 -18.63
N ILE A 314 15.17 -56.82 -18.42
CA ILE A 314 15.46 -55.84 -19.47
C ILE A 314 16.76 -56.25 -20.14
N ALA A 315 16.73 -56.54 -21.44
CA ALA A 315 17.84 -57.19 -22.12
C ALA A 315 18.59 -56.18 -22.98
N GLU A 316 19.82 -55.88 -22.59
CA GLU A 316 20.71 -55.12 -23.47
C GLU A 316 21.15 -55.96 -24.66
N CYS A 317 21.40 -57.25 -24.43
CA CYS A 317 21.77 -58.18 -25.48
C CYS A 317 21.08 -59.51 -25.23
N LEU A 318 20.83 -60.25 -26.32
CA LEU A 318 20.22 -61.57 -26.25
C LEU A 318 20.98 -62.51 -27.18
N THR A 319 21.29 -63.71 -26.70
CA THR A 319 21.97 -64.72 -27.50
C THR A 319 21.35 -66.08 -27.23
N TYR A 320 21.42 -66.96 -28.22
CA TYR A 320 20.77 -68.26 -28.18
C TYR A 320 21.82 -69.36 -28.02
N LEU A 321 21.59 -70.25 -27.06
CA LEU A 321 22.52 -71.35 -26.79
C LEU A 321 22.20 -72.60 -27.58
N ASP A 322 21.18 -72.59 -28.43
CA ASP A 322 20.80 -73.68 -29.31
C ASP A 322 20.32 -74.91 -28.55
N ASN A 323 20.11 -74.80 -27.24
CA ASN A 323 19.53 -75.87 -26.44
C ASN A 323 18.10 -75.56 -26.01
N GLY A 324 17.46 -74.60 -26.66
CA GLY A 324 16.24 -74.03 -26.13
C GLY A 324 16.46 -73.05 -25.01
N VAL A 325 17.69 -72.60 -24.80
CA VAL A 325 18.08 -71.72 -23.71
C VAL A 325 18.61 -70.43 -24.31
N VAL A 326 18.17 -69.30 -23.77
CA VAL A 326 18.59 -67.98 -24.22
C VAL A 326 19.23 -67.27 -23.03
N PHE A 327 20.39 -66.65 -23.27
CA PHE A 327 21.06 -65.87 -22.25
C PHE A 327 20.61 -64.42 -22.35
N VAL A 328 20.02 -63.91 -21.28
CA VAL A 328 19.50 -62.54 -21.21
C VAL A 328 20.54 -61.73 -20.45
N GLY A 329 21.32 -60.93 -21.16
CA GLY A 329 22.32 -60.07 -20.55
C GLY A 329 21.78 -58.67 -20.39
N SER A 330 21.85 -58.17 -19.16
CA SER A 330 21.23 -56.90 -18.81
C SER A 330 22.22 -55.96 -18.15
N ARG A 331 22.12 -54.68 -18.50
CA ARG A 331 22.86 -53.61 -17.82
C ARG A 331 22.02 -52.91 -16.77
N LEU A 332 20.70 -53.10 -16.81
CA LEU A 332 19.78 -52.54 -15.84
C LEU A 332 19.23 -53.58 -14.87
N GLY A 333 19.69 -54.82 -14.96
CA GLY A 333 19.11 -55.88 -14.15
C GLY A 333 19.96 -57.13 -14.15
N ASP A 334 19.50 -58.10 -13.35
CA ASP A 334 20.21 -59.36 -13.24
C ASP A 334 20.09 -60.15 -14.54
N SER A 335 21.24 -60.56 -15.09
CA SER A 335 21.24 -61.40 -16.28
C SER A 335 20.74 -62.80 -15.92
N GLN A 336 20.30 -63.53 -16.95
CA GLN A 336 19.59 -64.77 -16.71
C GLN A 336 19.83 -65.76 -17.84
N LEU A 337 19.64 -67.03 -17.52
CA LEU A 337 19.44 -68.11 -18.49
C LEU A 337 17.98 -68.51 -18.44
N VAL A 338 17.26 -68.32 -19.55
CA VAL A 338 15.85 -68.64 -19.63
C VAL A 338 15.67 -69.83 -20.56
N LYS A 339 14.54 -70.51 -20.42
CA LYS A 339 14.20 -71.64 -21.28
C LYS A 339 12.92 -71.33 -22.03
N LEU A 340 12.96 -71.49 -23.34
CA LEU A 340 11.78 -71.32 -24.19
C LEU A 340 11.15 -72.69 -24.39
N ASN A 341 9.94 -72.87 -23.86
CA ASN A 341 9.21 -74.12 -23.97
C ASN A 341 8.22 -74.04 -25.13
N VAL A 342 7.98 -75.19 -25.77
CA VAL A 342 7.01 -75.24 -26.85
C VAL A 342 5.60 -75.06 -26.31
N ASP A 343 5.34 -75.62 -25.13
CA ASP A 343 4.04 -75.52 -24.48
C ASP A 343 4.09 -74.45 -23.39
N SER A 344 3.08 -73.58 -23.38
CA SER A 344 2.99 -72.56 -22.35
C SER A 344 2.58 -73.20 -21.02
N ASN A 345 2.94 -72.51 -19.93
CA ASN A 345 2.56 -72.96 -18.60
C ASN A 345 1.13 -72.49 -18.31
N GLU A 346 0.69 -72.64 -17.05
CA GLU A 346 -0.69 -72.32 -16.71
C GLU A 346 -0.96 -70.82 -16.69
N GLN A 347 0.06 -69.99 -16.75
CA GLN A 347 -0.10 -68.54 -16.81
C GLN A 347 -0.03 -68.00 -18.23
N GLY A 348 0.18 -68.86 -19.22
CA GLY A 348 0.30 -68.44 -20.59
C GLY A 348 1.70 -68.13 -21.04
N SER A 349 2.70 -68.31 -20.17
CA SER A 349 4.08 -67.98 -20.50
C SER A 349 4.82 -69.20 -21.02
N TYR A 350 5.62 -68.99 -22.07
CA TYR A 350 6.50 -70.02 -22.59
C TYR A 350 7.90 -69.94 -22.00
N VAL A 351 8.17 -68.97 -21.14
CA VAL A 351 9.50 -68.72 -20.61
C VAL A 351 9.55 -69.13 -19.15
N VAL A 352 10.65 -69.77 -18.76
CA VAL A 352 10.89 -70.16 -17.38
C VAL A 352 12.36 -69.91 -17.07
N ALA A 353 12.64 -69.23 -15.96
CA ALA A 353 13.99 -68.86 -15.60
C ALA A 353 14.77 -70.05 -15.07
N MET A 354 16.00 -70.20 -15.55
CA MET A 354 16.88 -71.26 -15.07
C MET A 354 17.81 -70.73 -13.98
N GLU A 355 18.76 -69.89 -14.37
CA GLU A 355 19.74 -69.33 -13.45
C GLU A 355 19.65 -67.81 -13.45
N THR A 356 20.18 -67.21 -12.38
CA THR A 356 20.19 -65.76 -12.22
C THR A 356 21.61 -65.31 -11.91
N PHE A 357 22.16 -64.46 -12.77
CA PHE A 357 23.51 -63.92 -12.62
C PHE A 357 23.41 -62.53 -12.01
N THR A 358 24.02 -62.34 -10.84
CA THR A 358 23.84 -61.11 -10.09
C THR A 358 24.44 -59.93 -10.82
N ASN A 359 23.66 -58.86 -10.94
CA ASN A 359 24.09 -57.59 -11.50
C ASN A 359 23.91 -56.52 -10.45
N LEU A 360 25.00 -55.84 -10.08
CA LEU A 360 24.84 -54.69 -9.20
C LEU A 360 24.20 -53.50 -9.90
N GLY A 361 23.89 -53.65 -11.20
CA GLY A 361 23.14 -52.65 -11.93
C GLY A 361 23.76 -51.28 -11.79
N PRO A 362 23.02 -50.25 -12.19
CA PRO A 362 23.50 -48.88 -11.94
C PRO A 362 23.40 -48.55 -10.45
N ILE A 363 24.54 -48.23 -9.85
CA ILE A 363 24.58 -47.88 -8.43
C ILE A 363 24.30 -46.38 -8.36
N VAL A 364 23.02 -46.03 -8.30
CA VAL A 364 22.65 -44.61 -8.26
C VAL A 364 23.13 -43.98 -6.96
N ASP A 365 22.98 -44.68 -5.84
CA ASP A 365 23.42 -44.19 -4.55
C ASP A 365 23.72 -45.40 -3.66
N MET A 366 24.58 -45.18 -2.66
CA MET A 366 24.91 -46.24 -1.72
C MET A 366 25.31 -45.64 -0.38
N CYS A 367 25.10 -46.42 0.69
CA CYS A 367 25.45 -46.01 2.04
C CYS A 367 26.10 -47.19 2.75
N VAL A 368 27.05 -46.88 3.63
CA VAL A 368 27.71 -47.89 4.45
C VAL A 368 27.10 -47.84 5.84
N VAL A 369 26.72 -49.01 6.36
CA VAL A 369 26.00 -49.12 7.64
C VAL A 369 26.30 -50.49 8.20
N ASP A 370 26.64 -50.55 9.49
CA ASP A 370 26.89 -51.84 10.14
C ASP A 370 25.56 -52.32 10.72
N LEU A 371 24.82 -53.07 9.92
CA LEU A 371 23.49 -53.53 10.31
C LEU A 371 23.56 -54.58 11.42
N GLU A 372 24.45 -55.55 11.27
CA GLU A 372 24.50 -56.70 12.16
C GLU A 372 25.42 -56.48 13.35
N ARG A 373 25.80 -55.23 13.62
CA ARG A 373 26.56 -54.81 14.80
C ARG A 373 27.98 -55.34 14.77
N GLN A 374 28.40 -55.99 13.70
CA GLN A 374 29.71 -56.62 13.62
C GLN A 374 30.88 -55.65 13.73
N GLY A 375 30.60 -54.36 13.85
CA GLY A 375 31.71 -53.41 13.87
C GLY A 375 32.63 -53.55 12.68
N GLN A 376 32.05 -53.84 11.50
CA GLN A 376 32.79 -54.05 10.27
C GLN A 376 32.33 -53.10 9.18
N GLY A 377 31.07 -53.19 8.76
CA GLY A 377 30.55 -52.32 7.72
C GLY A 377 29.90 -53.10 6.59
N GLN A 378 28.64 -52.79 6.29
CA GLN A 378 27.91 -53.39 5.18
C GLN A 378 27.46 -52.27 4.25
N LEU A 379 27.43 -52.57 2.96
CA LEU A 379 27.13 -51.59 1.91
C LEU A 379 25.76 -51.91 1.32
N VAL A 380 24.83 -50.97 1.46
CA VAL A 380 23.51 -51.07 0.86
C VAL A 380 23.45 -50.10 -0.30
N THR A 381 23.23 -50.61 -1.51
CA THR A 381 23.30 -49.83 -2.73
C THR A 381 21.93 -49.76 -3.41
N CYS A 382 21.63 -48.58 -3.97
CA CYS A 382 20.47 -48.42 -4.84
C CYS A 382 20.84 -48.93 -6.22
N SER A 383 20.30 -50.10 -6.60
CA SER A 383 20.71 -50.79 -7.81
C SER A 383 19.53 -51.11 -8.69
N GLY A 384 19.72 -50.95 -9.99
CA GLY A 384 18.74 -51.35 -10.98
C GLY A 384 17.88 -50.18 -11.45
N ALA A 385 16.96 -50.53 -12.34
CA ALA A 385 16.01 -49.56 -12.88
C ALA A 385 14.74 -50.30 -13.28
N PHE A 386 13.64 -49.56 -13.32
CA PHE A 386 12.32 -50.09 -13.73
C PHE A 386 12.03 -51.31 -12.86
N LYS A 387 11.62 -52.44 -13.44
CA LYS A 387 11.24 -53.63 -12.69
C LYS A 387 12.44 -54.37 -12.11
N GLU A 388 13.64 -54.03 -12.54
CA GLU A 388 14.86 -54.65 -12.03
C GLU A 388 15.46 -53.87 -10.86
N GLY A 389 14.81 -52.81 -10.41
CA GLY A 389 15.32 -52.06 -9.27
C GLY A 389 15.35 -52.89 -8.01
N SER A 390 16.32 -52.59 -7.15
CA SER A 390 16.57 -53.44 -5.98
C SER A 390 17.51 -52.72 -5.02
N LEU A 391 17.60 -53.27 -3.82
CA LEU A 391 18.58 -52.85 -2.81
C LEU A 391 19.52 -54.03 -2.55
N ARG A 392 20.82 -53.78 -2.63
CA ARG A 392 21.83 -54.83 -2.54
C ARG A 392 22.72 -54.59 -1.33
N ILE A 393 22.90 -55.62 -0.51
CA ILE A 393 23.73 -55.56 0.69
C ILE A 393 24.98 -56.40 0.45
N ILE A 394 26.16 -55.82 0.68
CA ILE A 394 27.43 -56.47 0.40
C ILE A 394 28.29 -56.47 1.66
N ARG A 395 28.93 -57.62 1.92
CA ARG A 395 29.80 -57.77 3.08
C ARG A 395 31.04 -58.55 2.69
N ASN A 396 32.15 -58.29 3.39
CA ASN A 396 33.45 -58.87 3.07
C ASN A 396 33.86 -59.84 4.18
N GLY A 397 33.26 -61.01 4.18
CA GLY A 397 33.62 -62.05 5.14
C GLY A 397 34.66 -63.02 4.61
N GLN A 408 37.09 -66.75 -1.00
CA GLN A 408 36.84 -65.32 -0.85
C GLN A 408 35.74 -64.86 -1.83
N LYS A 409 34.69 -64.27 -1.28
CA LYS A 409 33.58 -63.79 -2.09
C LYS A 409 32.84 -62.72 -1.30
N LEU A 410 32.15 -61.85 -2.03
CA LEU A 410 31.31 -60.81 -1.44
C LEU A 410 29.87 -61.31 -1.44
N HIS A 411 29.25 -61.37 -0.27
CA HIS A 411 27.89 -61.89 -0.16
C HIS A 411 26.90 -60.77 -0.47
N ILE A 412 26.05 -60.98 -1.48
CA ILE A 412 25.13 -59.98 -1.98
C ILE A 412 23.72 -60.49 -1.78
N ARG A 413 22.90 -59.73 -1.07
CA ARG A 413 21.48 -60.02 -0.88
C ARG A 413 20.68 -58.99 -1.63
N THR A 414 19.77 -59.44 -2.49
CA THR A 414 18.99 -58.56 -3.35
C THR A 414 17.58 -58.41 -2.78
N VAL A 415 17.17 -57.16 -2.57
CA VAL A 415 15.82 -56.84 -2.13
C VAL A 415 15.07 -56.30 -3.34
N PRO A 416 14.09 -57.04 -3.89
CA PRO A 416 13.40 -56.56 -5.09
C PRO A 416 12.48 -55.38 -4.78
N LEU A 417 12.59 -54.33 -5.59
CA LEU A 417 11.72 -53.16 -5.48
C LEU A 417 10.76 -53.01 -6.64
N TYR A 418 11.13 -53.47 -7.84
CA TYR A 418 10.28 -53.34 -9.02
C TYR A 418 9.99 -51.89 -9.37
N GLU A 419 10.80 -50.96 -8.86
CA GLU A 419 10.76 -49.57 -9.27
C GLU A 419 12.15 -48.99 -9.09
N SER A 420 12.40 -47.84 -9.70
CA SER A 420 13.75 -47.28 -9.75
C SER A 420 14.11 -46.62 -8.42
N PRO A 421 15.27 -46.97 -7.82
CA PRO A 421 15.63 -46.35 -6.54
C PRO A 421 16.64 -45.22 -6.71
N ARG A 422 16.24 -43.99 -6.37
CA ARG A 422 17.09 -42.84 -6.64
C ARG A 422 18.16 -42.65 -5.56
N LYS A 423 17.78 -42.70 -4.28
CA LYS A 423 18.69 -42.37 -3.19
C LYS A 423 18.46 -43.28 -1.98
N ILE A 424 19.40 -43.23 -1.03
CA ILE A 424 19.27 -43.99 0.21
C ILE A 424 20.02 -43.27 1.33
N CYS A 425 19.48 -43.36 2.54
CA CYS A 425 20.13 -42.83 3.74
C CYS A 425 19.63 -43.65 4.93
N TYR A 426 20.52 -43.90 5.89
CA TYR A 426 20.22 -44.76 7.03
C TYR A 426 19.89 -43.93 8.26
N GLN A 427 18.83 -44.32 8.97
CA GLN A 427 18.37 -43.64 10.18
C GLN A 427 18.38 -44.65 11.32
N GLU A 428 19.44 -44.65 12.12
CA GLU A 428 19.57 -45.65 13.17
C GLU A 428 18.45 -45.51 14.20
N VAL A 429 18.13 -44.28 14.58
CA VAL A 429 17.12 -44.07 15.63
C VAL A 429 15.85 -44.83 15.32
N SER A 430 15.54 -45.02 14.04
CA SER A 430 14.33 -45.72 13.62
C SER A 430 14.61 -47.13 13.13
N GLN A 431 15.85 -47.60 13.22
CA GLN A 431 16.20 -48.95 12.78
C GLN A 431 15.68 -49.22 11.38
N CYS A 432 15.86 -48.25 10.49
CA CYS A 432 15.29 -48.38 9.16
C CYS A 432 16.06 -47.49 8.18
N PHE A 433 15.85 -47.77 6.90
CA PHE A 433 16.41 -46.97 5.83
C PHE A 433 15.36 -46.07 5.22
N GLY A 434 15.79 -44.90 4.76
CA GLY A 434 14.98 -44.05 3.91
C GLY A 434 15.49 -44.14 2.49
N VAL A 435 14.55 -44.39 1.56
CA VAL A 435 14.91 -44.61 0.16
C VAL A 435 13.93 -43.84 -0.72
N LEU A 436 14.47 -42.99 -1.60
CA LEU A 436 13.69 -42.34 -2.64
C LEU A 436 13.60 -43.24 -3.86
N SER A 437 12.42 -43.28 -4.47
CA SER A 437 12.19 -44.15 -5.62
C SER A 437 11.20 -43.50 -6.58
N SER A 438 11.18 -43.99 -7.81
CA SER A 438 10.25 -43.51 -8.81
C SER A 438 9.74 -44.67 -9.64
N ARG A 439 8.43 -44.68 -9.89
CA ARG A 439 7.79 -45.70 -10.70
C ARG A 439 7.14 -45.05 -11.90
N ILE A 440 6.93 -45.86 -12.95
CA ILE A 440 6.36 -45.38 -14.20
C ILE A 440 4.88 -45.74 -14.22
N GLU A 441 4.02 -44.73 -14.35
CA GLU A 441 2.61 -44.92 -14.64
C GLU A 441 2.31 -44.27 -15.98
N VAL A 442 1.18 -44.69 -16.58
CA VAL A 442 0.81 -44.26 -17.92
C VAL A 442 -0.57 -43.61 -17.86
N GLN A 443 -0.72 -42.50 -18.59
CA GLN A 443 -2.01 -41.83 -18.66
C GLN A 443 -3.06 -42.80 -19.16
N ASP A 444 -4.10 -43.01 -18.38
CA ASP A 444 -5.14 -43.97 -18.71
C ASP A 444 -6.45 -43.25 -19.05
N THR A 445 -7.45 -44.03 -19.43
CA THR A 445 -8.71 -43.47 -19.91
C THR A 445 -9.47 -42.74 -18.81
N SER A 446 -9.14 -42.97 -17.55
CA SER A 446 -9.83 -42.30 -16.44
C SER A 446 -9.40 -40.86 -16.26
N GLY A 447 -8.42 -40.39 -17.02
CA GLY A 447 -7.80 -39.11 -16.80
C GLY A 447 -6.60 -39.18 -15.89
N GLY A 448 -6.61 -40.13 -14.95
CA GLY A 448 -5.47 -40.36 -14.08
C GLY A 448 -4.42 -41.21 -14.74
N THR A 449 -3.70 -41.97 -13.93
CA THR A 449 -2.65 -42.84 -14.41
C THR A 449 -2.83 -44.23 -13.80
N THR A 450 -2.13 -45.20 -14.36
CA THR A 450 -2.17 -46.58 -13.90
C THR A 450 -0.76 -47.16 -13.97
N ALA A 451 -0.38 -47.91 -12.93
CA ALA A 451 0.94 -48.49 -12.85
C ALA A 451 1.00 -49.78 -13.67
N LEU A 452 2.12 -49.98 -14.37
CA LEU A 452 2.28 -51.16 -15.21
C LEU A 452 2.43 -52.43 -14.39
N ARG A 453 2.81 -52.32 -13.12
CA ARG A 453 3.01 -53.46 -12.22
C ARG A 453 3.11 -52.96 -10.79
N PRO A 454 2.71 -53.75 -9.80
CA PRO A 454 2.89 -53.33 -8.40
C PRO A 454 4.37 -53.25 -8.07
N SER A 455 4.69 -52.35 -7.14
CA SER A 455 6.09 -52.15 -6.74
C SER A 455 6.11 -51.68 -5.29
N ALA A 456 7.30 -51.30 -4.82
CA ALA A 456 7.50 -51.02 -3.39
C ALA A 456 6.57 -49.91 -2.91
N SER A 457 6.46 -48.83 -3.67
CA SER A 457 5.67 -47.69 -3.25
C SER A 457 4.17 -48.00 -3.20
N THR A 458 3.74 -49.14 -3.73
CA THR A 458 2.35 -49.54 -3.67
C THR A 458 2.10 -50.72 -2.74
N GLN A 459 3.14 -51.48 -2.39
CA GLN A 459 3.03 -52.60 -1.48
C GLN A 459 3.45 -52.26 -0.05
N ALA A 460 3.45 -50.98 0.30
CA ALA A 460 3.81 -50.56 1.64
C ALA A 460 2.71 -50.91 2.63
N LEU A 461 3.12 -51.29 3.84
CA LEU A 461 2.15 -51.60 4.90
C LEU A 461 1.24 -50.40 5.17
N SER A 462 1.82 -49.21 5.25
CA SER A 462 1.10 -47.96 5.43
C SER A 462 1.58 -46.99 4.37
N SER A 463 0.74 -46.02 4.02
CA SER A 463 1.09 -45.12 2.93
C SER A 463 0.42 -43.76 3.12
N SER A 464 1.04 -42.74 2.54
CA SER A 464 0.54 -41.38 2.59
C SER A 464 0.79 -40.69 1.26
N VAL A 465 -0.08 -39.73 0.93
CA VAL A 465 0.04 -38.92 -0.29
C VAL A 465 0.14 -37.47 0.13
N SER A 466 1.09 -36.74 -0.47
CA SER A 466 1.32 -35.37 -0.07
C SER A 466 0.11 -34.50 -0.37
N SER A 467 -0.24 -33.65 0.59
CA SER A 467 -1.37 -32.74 0.47
C SER A 467 -0.93 -31.28 0.37
N SER A 468 0.33 -31.03 0.07
CA SER A 468 0.83 -29.66 0.02
C SER A 468 0.08 -28.88 -1.05
N LYS A 469 -0.30 -27.65 -0.71
CA LYS A 469 -0.97 -26.74 -1.63
C LYS A 469 -0.09 -25.56 -1.99
N LEU A 470 1.22 -25.69 -1.80
CA LEU A 470 2.14 -24.60 -2.14
C LEU A 470 2.04 -24.23 -3.61
N PHE A 471 1.91 -25.22 -4.48
CA PHE A 471 1.91 -25.00 -5.92
C PHE A 471 0.53 -25.19 -6.55
N SER A 472 -0.52 -25.17 -5.74
CA SER A 472 -1.85 -25.51 -6.25
C SER A 472 -2.29 -24.55 -7.36
N SER A 473 -2.10 -23.25 -7.15
CA SER A 473 -2.55 -22.24 -8.11
C SER A 473 -1.57 -22.14 -9.28
N SER A 474 -1.40 -23.26 -9.98
CA SER A 474 -0.47 -23.29 -11.11
C SER A 474 -0.94 -22.39 -12.24
N THR A 475 -2.21 -22.52 -12.62
CA THR A 475 -2.77 -21.78 -13.76
C THR A 475 -1.81 -21.88 -14.96
N ALA A 476 -1.39 -23.12 -15.23
CA ALA A 476 -0.45 -23.43 -16.29
C ALA A 476 -0.95 -24.64 -17.08
N PRO A 477 -0.68 -24.68 -18.40
CA PRO A 477 -1.24 -25.76 -19.22
C PRO A 477 -0.36 -26.98 -19.32
N HIS A 478 -0.86 -28.15 -18.87
CA HIS A 478 -0.14 -29.41 -18.98
C HIS A 478 -1.15 -30.50 -19.36
N GLU A 479 -1.64 -30.42 -20.60
CA GLU A 479 -2.66 -31.36 -21.07
C GLU A 479 -2.09 -32.78 -21.18
N THR A 480 -2.90 -33.74 -20.78
CA THR A 480 -2.53 -35.15 -20.75
C THR A 480 -2.98 -35.84 -22.03
N SER A 481 -2.08 -36.60 -22.65
CA SER A 481 -2.44 -37.48 -23.76
C SER A 481 -2.36 -38.93 -23.30
N PHE A 482 -3.39 -39.72 -23.64
CA PHE A 482 -3.43 -41.12 -23.24
C PHE A 482 -2.22 -41.86 -23.80
N GLY A 483 -1.59 -42.68 -22.96
CA GLY A 483 -0.44 -43.46 -23.35
C GLY A 483 0.90 -42.86 -22.98
N GLU A 484 0.93 -41.62 -22.51
CA GLU A 484 2.17 -40.99 -22.11
C GLU A 484 2.62 -41.50 -20.75
N GLU A 485 3.93 -41.58 -20.57
CA GLU A 485 4.51 -42.02 -19.31
C GLU A 485 4.69 -40.83 -18.37
N VAL A 486 4.65 -41.13 -17.07
CA VAL A 486 4.97 -40.15 -16.04
C VAL A 486 5.74 -40.85 -14.93
N GLU A 487 6.55 -40.08 -14.21
CA GLU A 487 7.24 -40.58 -13.04
C GLU A 487 6.48 -40.16 -11.79
N VAL A 488 6.18 -41.12 -10.93
CA VAL A 488 5.63 -40.86 -9.61
C VAL A 488 6.75 -41.14 -8.61
N HIS A 489 7.24 -40.10 -7.94
CA HIS A 489 8.32 -40.25 -6.98
C HIS A 489 7.76 -40.46 -5.58
N ASN A 490 8.38 -41.36 -4.83
CA ASN A 490 7.92 -41.69 -3.48
C ASN A 490 9.10 -41.74 -2.53
N LEU A 491 8.80 -41.71 -1.24
CA LEU A 491 9.79 -41.98 -0.19
C LEU A 491 9.41 -43.29 0.48
N LEU A 492 10.40 -44.15 0.69
CA LEU A 492 10.19 -45.50 1.21
C LEU A 492 10.92 -45.66 2.53
N ILE A 493 10.18 -46.02 3.57
CA ILE A 493 10.74 -46.41 4.86
C ILE A 493 10.87 -47.93 4.87
N ILE A 494 12.07 -48.42 5.17
CA ILE A 494 12.40 -49.84 5.01
C ILE A 494 13.16 -50.33 6.24
N ASP A 495 12.68 -51.45 6.81
CA ASP A 495 13.30 -52.01 8.00
C ASP A 495 14.68 -52.56 7.71
N GLN A 496 15.61 -52.38 8.65
CA GLN A 496 17.00 -52.75 8.41
C GLN A 496 17.25 -54.25 8.51
N HIS A 497 16.39 -54.98 9.22
CA HIS A 497 16.56 -56.43 9.39
C HIS A 497 15.76 -57.22 8.37
N THR A 498 14.45 -56.95 8.26
CA THR A 498 13.60 -57.67 7.34
C THR A 498 13.55 -57.04 5.95
N PHE A 499 14.01 -55.79 5.81
CA PHE A 499 13.91 -55.04 4.56
C PHE A 499 12.48 -55.06 4.03
N GLU A 500 11.53 -54.92 4.95
CA GLU A 500 10.11 -54.80 4.64
C GLU A 500 9.77 -53.32 4.45
N VAL A 501 8.96 -53.04 3.45
CA VAL A 501 8.57 -51.66 3.16
C VAL A 501 7.51 -51.23 4.18
N LEU A 502 7.92 -50.40 5.13
CA LEU A 502 7.02 -50.03 6.21
C LEU A 502 6.08 -48.89 5.85
N HIS A 503 6.52 -47.96 5.00
CA HIS A 503 5.69 -46.82 4.67
C HIS A 503 6.13 -46.27 3.32
N ALA A 504 5.19 -45.62 2.64
CA ALA A 504 5.47 -44.97 1.36
C ALA A 504 4.72 -43.66 1.30
N HIS A 505 5.45 -42.58 1.00
CA HIS A 505 4.89 -41.25 0.84
C HIS A 505 4.95 -40.89 -0.65
N GLN A 506 3.79 -40.79 -1.27
CA GLN A 506 3.72 -40.33 -2.66
C GLN A 506 3.87 -38.81 -2.68
N PHE A 507 4.84 -38.33 -3.45
CA PHE A 507 5.06 -36.90 -3.58
C PHE A 507 4.07 -36.30 -4.57
N LEU A 508 4.05 -34.98 -4.64
CA LEU A 508 3.05 -34.29 -5.43
C LEU A 508 3.18 -34.68 -6.91
N GLN A 509 2.14 -34.36 -7.67
CA GLN A 509 2.14 -34.63 -9.10
C GLN A 509 3.25 -33.81 -9.77
N ASN A 510 4.05 -34.47 -10.60
CA ASN A 510 5.17 -33.87 -11.31
C ASN A 510 6.31 -33.44 -10.39
N GLU A 511 6.31 -33.90 -9.15
CA GLU A 511 7.38 -33.59 -8.20
C GLU A 511 8.39 -34.72 -8.21
N TYR A 512 9.66 -34.37 -8.43
CA TYR A 512 10.74 -35.33 -8.41
C TYR A 512 11.52 -35.22 -7.11
N ALA A 513 11.83 -36.36 -6.50
CA ALA A 513 12.67 -36.41 -5.31
C ALA A 513 14.11 -36.56 -5.77
N LEU A 514 14.96 -35.62 -5.35
CA LEU A 514 16.34 -35.56 -5.79
C LEU A 514 17.36 -35.77 -4.68
N SER A 515 17.02 -35.44 -3.44
CA SER A 515 17.98 -35.48 -2.34
C SER A 515 17.29 -35.95 -1.07
N LEU A 516 18.06 -36.63 -0.22
CA LEU A 516 17.55 -37.22 1.01
C LEU A 516 18.64 -37.21 2.06
N VAL A 517 18.25 -36.85 3.29
CA VAL A 517 19.16 -36.87 4.43
C VAL A 517 18.38 -37.27 5.68
N SER A 518 19.09 -37.85 6.64
CA SER A 518 18.55 -38.19 7.96
C SER A 518 19.44 -37.55 9.00
N CYS A 519 18.85 -36.73 9.87
CA CYS A 519 19.66 -35.98 10.82
C CYS A 519 18.77 -35.26 11.81
N LYS A 520 19.37 -34.90 12.96
CA LYS A 520 18.80 -33.93 13.87
C LYS A 520 19.24 -32.54 13.43
N LEU A 521 18.48 -31.52 13.85
CA LEU A 521 18.82 -30.15 13.54
C LEU A 521 18.70 -29.28 14.78
N GLY A 522 19.59 -28.29 14.87
CA GLY A 522 19.54 -27.32 15.95
C GLY A 522 19.39 -27.98 17.31
N LYS A 523 18.51 -27.39 18.13
CA LYS A 523 18.18 -27.91 19.44
C LYS A 523 17.00 -28.87 19.41
N ASP A 524 16.62 -29.36 18.23
CA ASP A 524 15.50 -30.30 18.12
C ASP A 524 16.00 -31.71 18.34
N PRO A 525 15.50 -32.43 19.35
CA PRO A 525 16.00 -33.80 19.58
C PRO A 525 15.48 -34.82 18.60
N ASN A 526 14.41 -34.52 17.87
CA ASN A 526 13.83 -35.49 16.96
C ASN A 526 14.72 -35.68 15.73
N THR A 527 14.87 -36.94 15.32
CA THR A 527 15.60 -37.27 14.11
C THR A 527 14.64 -37.32 12.94
N TYR A 528 14.93 -36.54 11.89
CA TYR A 528 14.01 -36.37 10.79
C TYR A 528 14.54 -36.96 9.49
N PHE A 529 13.61 -37.37 8.62
CA PHE A 529 13.91 -37.58 7.21
C PHE A 529 13.60 -36.26 6.48
N ILE A 530 14.58 -35.75 5.73
CA ILE A 530 14.44 -34.50 5.01
C ILE A 530 14.69 -34.78 3.54
N VAL A 531 13.78 -34.33 2.68
CA VAL A 531 13.81 -34.60 1.25
C VAL A 531 13.79 -33.29 0.48
N GLY A 532 14.60 -33.22 -0.58
CA GLY A 532 14.60 -32.07 -1.48
C GLY A 532 14.05 -32.47 -2.85
N THR A 533 13.08 -31.69 -3.32
CA THR A 533 12.34 -32.03 -4.53
C THR A 533 12.45 -30.91 -5.56
N ALA A 534 11.84 -31.15 -6.72
CA ALA A 534 11.79 -30.19 -7.81
C ALA A 534 10.53 -30.44 -8.62
N MET A 535 9.85 -29.35 -8.99
CA MET A 535 8.65 -29.45 -9.83
C MET A 535 9.09 -29.51 -11.28
N VAL A 536 8.95 -30.68 -11.89
CA VAL A 536 9.45 -30.95 -13.23
C VAL A 536 8.28 -30.90 -14.19
N TYR A 537 8.27 -29.90 -15.07
CA TYR A 537 7.32 -29.81 -16.15
C TYR A 537 8.05 -29.91 -17.49
N PRO A 538 7.55 -30.69 -18.44
CA PRO A 538 8.29 -30.86 -19.70
C PRO A 538 8.66 -29.56 -20.38
N GLU A 539 7.89 -28.50 -20.13
CA GLU A 539 8.16 -27.23 -20.80
C GLU A 539 9.41 -26.55 -20.26
N GLU A 540 9.79 -26.82 -19.02
CA GLU A 540 10.86 -26.07 -18.38
C GLU A 540 12.22 -26.64 -18.76
N ALA A 541 13.14 -25.74 -19.14
CA ALA A 541 14.51 -26.16 -19.37
C ALA A 541 15.24 -26.45 -18.07
N GLU A 542 14.85 -25.79 -16.98
CA GLU A 542 15.46 -25.97 -15.69
C GLU A 542 14.35 -25.72 -14.66
N PRO A 543 14.12 -26.64 -13.73
CA PRO A 543 13.00 -26.46 -12.80
C PRO A 543 13.08 -25.12 -12.09
N LYS A 544 11.92 -24.52 -11.82
CA LYS A 544 11.85 -23.24 -11.13
C LYS A 544 11.03 -23.28 -9.85
N GLN A 545 10.52 -24.45 -9.45
CA GLN A 545 9.84 -24.62 -8.18
C GLN A 545 10.43 -25.83 -7.47
N GLY A 546 10.36 -25.82 -6.14
CA GLY A 546 10.91 -26.92 -5.36
C GLY A 546 10.46 -26.85 -3.92
N ARG A 547 10.50 -28.01 -3.27
CA ARG A 547 10.07 -28.15 -1.88
C ARG A 547 11.16 -28.84 -1.08
N ILE A 548 11.46 -28.29 0.10
CA ILE A 548 12.25 -28.98 1.11
C ILE A 548 11.28 -29.45 2.18
N VAL A 549 11.19 -30.75 2.37
CA VAL A 549 10.17 -31.36 3.23
C VAL A 549 10.86 -32.06 4.38
N VAL A 550 10.37 -31.81 5.60
CA VAL A 550 10.90 -32.40 6.82
C VAL A 550 9.88 -33.41 7.33
N PHE A 551 10.30 -34.69 7.37
CA PHE A 551 9.46 -35.80 7.80
C PHE A 551 9.98 -36.35 9.12
N GLN A 552 9.08 -36.90 9.94
CA GLN A 552 9.49 -37.67 11.11
C GLN A 552 8.80 -39.05 11.07
N TYR A 553 9.60 -40.10 11.05
CA TYR A 553 9.07 -41.46 11.12
C TYR A 553 8.92 -41.84 12.59
N SER A 554 7.67 -42.01 13.03
CA SER A 554 7.41 -42.35 14.43
C SER A 554 6.20 -43.27 14.49
N ASP A 555 6.37 -44.42 15.17
CA ASP A 555 5.28 -45.36 15.40
C ASP A 555 4.64 -45.79 14.09
N GLY A 556 5.47 -46.26 13.17
CA GLY A 556 4.97 -46.80 11.92
C GLY A 556 4.31 -45.78 11.01
N LYS A 557 4.53 -44.50 11.23
CA LYS A 557 3.87 -43.45 10.48
C LYS A 557 4.86 -42.34 10.13
N LEU A 558 4.77 -41.86 8.90
CA LEU A 558 5.54 -40.71 8.44
C LEU A 558 4.68 -39.47 8.56
N GLN A 559 5.18 -38.45 9.24
CA GLN A 559 4.46 -37.22 9.50
C GLN A 559 5.24 -36.04 8.91
N THR A 560 4.53 -35.14 8.25
CA THR A 560 5.18 -33.96 7.68
C THR A 560 5.32 -32.90 8.77
N VAL A 561 6.57 -32.58 9.12
CA VAL A 561 6.83 -31.64 10.20
C VAL A 561 6.84 -30.21 9.69
N ALA A 562 7.39 -29.98 8.50
CA ALA A 562 7.51 -28.64 7.97
C ALA A 562 7.87 -28.74 6.49
N GLU A 563 7.57 -27.66 5.77
CA GLU A 563 7.91 -27.57 4.35
C GLU A 563 8.39 -26.16 4.06
N LYS A 564 9.42 -26.06 3.21
CA LYS A 564 10.00 -24.79 2.80
C LYS A 564 9.98 -24.73 1.28
N GLU A 565 9.36 -23.69 0.73
CA GLU A 565 9.31 -23.52 -0.72
C GLU A 565 10.59 -22.86 -1.21
N VAL A 566 11.07 -23.32 -2.37
CA VAL A 566 12.27 -22.77 -2.99
C VAL A 566 11.98 -22.55 -4.48
N LYS A 567 12.83 -21.74 -5.11
CA LYS A 567 12.64 -21.37 -6.51
C LYS A 567 13.55 -22.15 -7.44
N GLY A 568 13.55 -23.48 -7.31
CA GLY A 568 14.40 -24.29 -8.16
C GLY A 568 14.38 -25.74 -7.70
N ALA A 569 15.40 -26.47 -8.14
CA ALA A 569 15.54 -27.89 -7.83
C ALA A 569 16.56 -28.06 -6.72
N VAL A 570 16.18 -28.81 -5.67
CA VAL A 570 17.07 -29.07 -4.53
C VAL A 570 17.84 -30.34 -4.88
N TYR A 571 18.92 -30.16 -5.64
CA TYR A 571 19.67 -31.31 -6.12
C TYR A 571 20.36 -32.05 -4.97
N SER A 572 20.98 -31.33 -4.04
CA SER A 572 21.76 -31.98 -2.99
C SER A 572 21.59 -31.29 -1.65
N MET A 573 21.56 -32.11 -0.59
CA MET A 573 21.49 -31.62 0.79
C MET A 573 22.48 -32.41 1.64
N VAL A 574 22.84 -31.83 2.78
CA VAL A 574 23.77 -32.47 3.71
C VAL A 574 23.69 -31.77 5.06
N GLU A 575 23.82 -32.56 6.12
CA GLU A 575 23.82 -32.01 7.47
C GLU A 575 25.13 -31.25 7.71
N PHE A 576 25.02 -30.04 8.27
CA PHE A 576 26.19 -29.16 8.42
C PHE A 576 26.13 -28.52 9.81
N ASN A 577 26.73 -29.19 10.78
CA ASN A 577 26.86 -28.67 12.14
C ASN A 577 25.51 -28.18 12.64
N GLY A 578 24.56 -29.12 12.70
CA GLY A 578 23.22 -28.82 13.14
C GLY A 578 22.39 -27.98 12.20
N LYS A 579 22.97 -27.46 11.13
CA LYS A 579 22.25 -26.67 10.14
C LYS A 579 22.09 -27.49 8.87
N LEU A 580 21.16 -27.06 8.01
CA LEU A 580 20.84 -27.77 6.78
C LEU A 580 21.43 -27.01 5.60
N LEU A 581 22.36 -27.65 4.89
CA LEU A 581 23.00 -27.07 3.71
C LEU A 581 22.35 -27.68 2.47
N ALA A 582 21.74 -26.84 1.64
CA ALA A 582 21.07 -27.28 0.45
C ALA A 582 21.53 -26.47 -0.74
N SER A 583 21.42 -27.06 -1.93
CA SER A 583 21.78 -26.42 -3.18
C SER A 583 20.55 -26.33 -4.05
N ILE A 584 20.13 -25.12 -4.39
CA ILE A 584 18.96 -24.87 -5.23
C ILE A 584 19.47 -24.26 -6.53
N ASN A 585 19.50 -25.04 -7.60
CA ASN A 585 19.98 -24.60 -8.90
C ASN A 585 21.41 -24.06 -8.80
N SER A 586 21.56 -22.74 -8.94
CA SER A 586 22.87 -22.11 -8.83
C SER A 586 23.21 -21.68 -7.41
N THR A 587 22.22 -21.54 -6.55
CA THR A 587 22.46 -21.05 -5.20
C THR A 587 22.84 -22.20 -4.27
N VAL A 588 23.74 -21.90 -3.34
CA VAL A 588 24.07 -22.81 -2.24
C VAL A 588 23.66 -22.11 -0.95
N ARG A 589 22.74 -22.72 -0.21
CA ARG A 589 22.06 -22.07 0.90
C ARG A 589 22.27 -22.85 2.20
N LEU A 590 22.33 -22.10 3.30
CA LEU A 590 22.44 -22.67 4.64
C LEU A 590 21.19 -22.27 5.43
N TYR A 591 20.41 -23.25 5.84
CA TYR A 591 19.22 -23.03 6.63
C TYR A 591 19.51 -23.32 8.11
N GLU A 592 18.79 -22.61 8.97
CA GLU A 592 18.78 -22.90 10.41
C GLU A 592 17.42 -23.46 10.78
N TRP A 593 17.40 -24.30 11.79
CA TRP A 593 16.18 -24.95 12.27
C TRP A 593 15.74 -24.23 13.54
N THR A 594 14.65 -23.47 13.44
CA THR A 594 14.20 -22.61 14.51
C THR A 594 13.50 -23.41 15.60
N THR A 595 13.30 -22.76 16.75
CA THR A 595 12.55 -23.38 17.83
C THR A 595 11.08 -23.58 17.47
N GLU A 596 10.60 -22.94 16.41
CA GLU A 596 9.23 -23.14 15.92
C GLU A 596 9.14 -24.25 14.88
N LYS A 597 10.21 -25.04 14.72
CA LYS A 597 10.22 -26.17 13.79
C LYS A 597 9.90 -25.70 12.37
N GLU A 598 10.72 -24.76 11.89
CA GLU A 598 10.65 -24.26 10.53
C GLU A 598 12.08 -23.91 10.10
N LEU A 599 12.31 -23.92 8.79
CA LEU A 599 13.62 -23.61 8.25
C LEU A 599 13.76 -22.12 8.00
N ARG A 600 14.92 -21.56 8.39
CA ARG A 600 15.21 -20.15 8.23
C ARG A 600 16.54 -19.98 7.52
N THR A 601 16.56 -19.19 6.47
CA THR A 601 17.77 -19.01 5.68
C THR A 601 18.78 -18.17 6.46
N GLU A 602 20.03 -18.61 6.49
CA GLU A 602 21.10 -17.84 7.11
C GLU A 602 21.98 -17.14 6.08
N CYS A 603 22.47 -17.87 5.08
CA CYS A 603 23.43 -17.28 4.15
C CYS A 603 23.39 -18.05 2.83
N ASN A 604 23.91 -17.39 1.79
CA ASN A 604 23.79 -17.88 0.42
C ASN A 604 25.11 -17.71 -0.31
N HIS A 605 25.27 -18.49 -1.39
CA HIS A 605 26.40 -18.35 -2.31
C HIS A 605 25.89 -18.63 -3.72
N TYR A 606 26.22 -17.75 -4.67
CA TYR A 606 25.61 -17.83 -5.99
C TYR A 606 26.59 -17.95 -7.16
N ASN A 607 27.89 -18.11 -6.92
CA ASN A 607 28.83 -18.24 -8.04
C ASN A 607 28.88 -19.70 -8.50
N ASN A 608 27.81 -20.10 -9.17
CA ASN A 608 27.68 -21.46 -9.67
C ASN A 608 26.75 -21.45 -10.88
N ILE A 609 26.94 -22.45 -11.75
CA ILE A 609 26.00 -22.71 -12.84
C ILE A 609 24.92 -23.66 -12.34
N MET A 610 25.31 -24.88 -11.99
CA MET A 610 24.41 -25.83 -11.34
C MET A 610 25.18 -26.57 -10.25
N ALA A 611 24.75 -26.39 -9.01
CA ALA A 611 25.40 -26.98 -7.84
C ALA A 611 24.82 -28.36 -7.59
N LEU A 612 25.30 -29.33 -8.36
CA LEU A 612 24.68 -30.65 -8.34
C LEU A 612 25.06 -31.45 -7.09
N TYR A 613 26.29 -31.32 -6.59
CA TYR A 613 26.76 -32.18 -5.51
C TYR A 613 27.41 -31.39 -4.39
N LEU A 614 27.22 -31.88 -3.17
CA LEU A 614 27.67 -31.19 -1.96
C LEU A 614 28.30 -32.17 -0.99
N LYS A 615 29.49 -31.83 -0.49
CA LYS A 615 30.15 -32.58 0.58
C LYS A 615 30.77 -31.59 1.56
N THR A 616 30.86 -32.00 2.83
CA THR A 616 31.34 -31.12 3.87
C THR A 616 32.37 -31.81 4.76
N LYS A 617 33.14 -30.99 5.48
CA LYS A 617 34.06 -31.48 6.51
C LYS A 617 34.34 -30.28 7.41
N GLY A 618 33.92 -30.37 8.66
CA GLY A 618 34.05 -29.21 9.54
C GLY A 618 33.22 -28.06 9.00
N ASP A 619 33.83 -26.88 8.93
CA ASP A 619 33.18 -25.71 8.34
C ASP A 619 33.46 -25.59 6.84
N PHE A 620 34.10 -26.58 6.23
CA PHE A 620 34.45 -26.55 4.82
C PHE A 620 33.44 -27.31 3.99
N ILE A 621 33.19 -26.82 2.77
CA ILE A 621 32.19 -27.38 1.87
C ILE A 621 32.80 -27.51 0.48
N LEU A 622 32.64 -28.68 -0.14
CA LEU A 622 33.05 -28.90 -1.52
C LEU A 622 31.79 -28.91 -2.40
N VAL A 623 31.76 -27.99 -3.37
CA VAL A 623 30.62 -27.84 -4.27
C VAL A 623 31.06 -28.30 -5.65
N GLY A 624 30.29 -29.20 -6.26
CA GLY A 624 30.60 -29.70 -7.58
C GLY A 624 29.72 -29.12 -8.67
N ASP A 625 30.19 -28.06 -9.31
CA ASP A 625 29.43 -27.40 -10.37
C ASP A 625 29.40 -28.29 -11.62
N LEU A 626 28.32 -28.14 -12.39
CA LEU A 626 28.15 -29.00 -13.56
C LEU A 626 29.28 -28.81 -14.57
N MET A 627 29.67 -27.57 -14.84
CA MET A 627 30.65 -27.28 -15.86
C MET A 627 31.94 -26.63 -15.36
N ARG A 628 32.03 -26.25 -14.10
CA ARG A 628 33.22 -25.58 -13.59
C ARG A 628 33.83 -26.37 -12.42
N SER A 629 33.78 -27.71 -12.53
CA SER A 629 34.46 -28.62 -11.61
C SER A 629 34.08 -28.28 -10.16
N VAL A 630 35.04 -28.25 -9.23
CA VAL A 630 34.71 -28.19 -7.81
C VAL A 630 35.12 -26.85 -7.21
N LEU A 631 34.35 -26.41 -6.21
CA LEU A 631 34.61 -25.19 -5.45
C LEU A 631 34.75 -25.55 -3.98
N LEU A 632 35.80 -25.05 -3.34
CA LEU A 632 35.96 -25.17 -1.90
C LEU A 632 35.38 -23.92 -1.26
N LEU A 633 34.29 -24.10 -0.51
CA LEU A 633 33.63 -23.04 0.23
C LEU A 633 33.83 -23.26 1.73
N ALA A 634 33.71 -22.18 2.50
CA ALA A 634 33.84 -22.24 3.94
C ALA A 634 32.79 -21.34 4.59
N TYR A 635 32.22 -21.81 5.69
CA TYR A 635 31.27 -21.02 6.48
C TYR A 635 32.06 -20.25 7.52
N LYS A 636 32.23 -18.95 7.31
CA LYS A 636 32.90 -18.09 8.29
C LYS A 636 31.90 -17.81 9.40
N PRO A 637 32.11 -18.37 10.59
CA PRO A 637 31.08 -18.27 11.64
C PRO A 637 30.97 -16.87 12.21
N MET A 638 32.12 -16.23 12.48
CA MET A 638 32.11 -14.88 13.03
C MET A 638 31.16 -13.97 12.26
N GLU A 639 31.03 -14.18 10.95
CA GLU A 639 30.28 -13.28 10.10
C GLU A 639 28.93 -13.81 9.66
N GLY A 640 28.73 -15.12 9.70
CA GLY A 640 27.51 -15.70 9.17
C GLY A 640 27.40 -15.64 7.67
N ASN A 641 28.50 -15.89 6.96
CA ASN A 641 28.53 -15.82 5.50
C ASN A 641 29.38 -16.96 4.96
N PHE A 642 29.13 -17.33 3.71
CA PHE A 642 30.02 -18.25 3.00
C PHE A 642 31.20 -17.46 2.42
N GLU A 643 32.37 -18.08 2.38
CA GLU A 643 33.50 -17.47 1.70
C GLU A 643 34.21 -18.49 0.82
N GLU A 644 34.67 -18.02 -0.34
CA GLU A 644 35.31 -18.86 -1.34
C GLU A 644 36.80 -19.01 -1.01
N ILE A 645 37.20 -20.21 -0.61
CA ILE A 645 38.62 -20.44 -0.36
C ILE A 645 39.36 -20.66 -1.68
N ALA A 646 38.82 -21.48 -2.56
CA ALA A 646 39.53 -21.83 -3.79
C ALA A 646 38.59 -22.56 -4.73
N ARG A 647 38.79 -22.33 -6.02
CA ARG A 647 38.00 -22.97 -7.07
C ARG A 647 38.95 -23.52 -8.13
N ASP A 648 38.71 -24.76 -8.56
CA ASP A 648 39.39 -25.29 -9.72
C ASP A 648 38.83 -24.62 -10.96
N PHE A 649 39.69 -23.95 -11.72
CA PHE A 649 39.25 -23.23 -12.91
C PHE A 649 39.21 -24.09 -14.16
N ASN A 650 39.48 -25.39 -14.04
CA ASN A 650 39.32 -26.29 -15.17
C ASN A 650 37.84 -26.51 -15.45
N PRO A 651 37.49 -26.83 -16.70
CA PRO A 651 36.07 -26.91 -17.06
C PRO A 651 35.47 -28.30 -16.97
N ASN A 652 36.15 -29.21 -16.28
CA ASN A 652 35.70 -30.60 -16.28
C ASN A 652 34.28 -30.72 -15.74
N TRP A 653 33.45 -31.46 -16.46
CA TRP A 653 32.12 -31.82 -15.99
C TRP A 653 32.24 -32.75 -14.78
N MET A 654 31.21 -32.75 -13.95
CA MET A 654 31.24 -33.48 -12.69
C MET A 654 30.13 -34.52 -12.65
N SER A 655 30.47 -35.71 -12.17
CA SER A 655 29.51 -36.78 -11.90
C SER A 655 29.26 -36.99 -10.42
N ALA A 656 30.32 -37.00 -9.61
CA ALA A 656 30.23 -37.07 -8.16
C ALA A 656 31.52 -36.52 -7.58
N VAL A 657 31.44 -36.06 -6.32
CA VAL A 657 32.59 -35.45 -5.66
C VAL A 657 32.72 -36.04 -4.25
N GLU A 658 33.94 -35.95 -3.72
CA GLU A 658 34.22 -36.39 -2.36
C GLU A 658 35.40 -35.61 -1.79
N ILE A 659 35.39 -35.41 -0.48
CA ILE A 659 36.50 -34.80 0.25
C ILE A 659 37.38 -35.92 0.79
N LEU A 660 38.67 -35.86 0.48
CA LEU A 660 39.63 -36.83 1.00
C LEU A 660 40.22 -36.37 2.34
N ASP A 661 40.68 -35.12 2.40
CA ASP A 661 41.18 -34.53 3.65
C ASP A 661 41.03 -33.02 3.53
N ASP A 662 41.52 -32.30 4.55
CA ASP A 662 41.34 -30.86 4.58
C ASP A 662 41.97 -30.15 3.38
N ASP A 663 42.86 -30.82 2.65
CA ASP A 663 43.55 -30.22 1.52
C ASP A 663 43.31 -30.91 0.18
N ASN A 664 42.99 -32.20 0.17
CA ASN A 664 42.79 -32.94 -1.07
C ASN A 664 41.31 -33.22 -1.31
N PHE A 665 40.88 -33.08 -2.57
CA PHE A 665 39.50 -33.28 -2.95
C PHE A 665 39.45 -34.14 -4.22
N LEU A 666 38.54 -35.10 -4.24
CA LEU A 666 38.41 -36.05 -5.33
C LEU A 666 37.19 -35.74 -6.19
N GLY A 667 37.31 -35.92 -7.49
CA GLY A 667 36.22 -35.64 -8.41
C GLY A 667 36.21 -36.62 -9.57
N ALA A 668 35.01 -36.91 -10.04
CA ALA A 668 34.80 -37.86 -11.14
C ALA A 668 34.18 -37.15 -12.33
N GLU A 669 34.83 -37.24 -13.48
CA GLU A 669 34.35 -36.59 -14.69
C GLU A 669 33.28 -37.45 -15.36
N ASN A 670 32.55 -36.83 -16.28
CA ASN A 670 31.62 -37.58 -17.12
C ASN A 670 32.32 -38.35 -18.23
N ALA A 671 33.61 -38.11 -18.43
CA ALA A 671 34.44 -38.87 -19.35
C ALA A 671 35.06 -40.09 -18.69
N PHE A 672 34.63 -40.44 -17.48
CA PHE A 672 35.16 -41.55 -16.70
C PHE A 672 36.60 -41.31 -16.25
N ASN A 673 36.97 -40.06 -15.99
CA ASN A 673 38.31 -39.71 -15.51
C ASN A 673 38.20 -39.18 -14.09
N LEU A 674 38.86 -39.85 -13.15
CA LEU A 674 38.98 -39.35 -11.78
C LEU A 674 40.10 -38.31 -11.71
N PHE A 675 39.91 -37.29 -10.88
CA PHE A 675 40.98 -36.32 -10.65
C PHE A 675 40.93 -35.79 -9.22
N VAL A 676 42.07 -35.33 -8.74
CA VAL A 676 42.25 -34.84 -7.37
C VAL A 676 42.78 -33.41 -7.43
N CYS A 677 42.20 -32.52 -6.63
CA CYS A 677 42.61 -31.13 -6.55
C CYS A 677 43.06 -30.82 -5.13
N GLN A 678 44.21 -30.16 -4.98
CA GLN A 678 44.73 -29.79 -3.68
C GLN A 678 44.83 -28.27 -3.56
N LYS A 679 44.90 -27.78 -2.32
CA LYS A 679 45.20 -26.39 -2.08
C LYS A 679 46.67 -26.10 -2.41
N ASP A 680 47.01 -24.82 -2.47
CA ASP A 680 48.41 -24.40 -2.57
C ASP A 680 49.04 -24.14 -1.20
N SER A 681 48.38 -24.58 -0.12
CA SER A 681 48.93 -24.53 1.23
C SER A 681 49.34 -23.12 1.62
N ALA A 682 48.41 -22.17 1.46
CA ALA A 682 48.62 -20.79 1.86
C ALA A 682 49.88 -20.20 1.25
N ALA A 683 50.09 -20.45 -0.05
CA ALA A 683 51.22 -19.87 -0.74
C ALA A 683 51.09 -18.34 -0.75
N THR A 684 52.25 -17.67 -0.70
CA THR A 684 52.29 -16.22 -0.52
C THR A 684 51.22 -15.49 -1.33
N THR A 685 51.12 -15.77 -2.62
CA THR A 685 50.19 -15.06 -3.48
C THR A 685 48.75 -15.47 -3.19
N ASP A 686 47.86 -14.47 -3.10
CA ASP A 686 46.46 -14.76 -2.82
C ASP A 686 45.83 -15.53 -3.97
N GLU A 687 46.23 -15.24 -5.20
CA GLU A 687 45.73 -15.98 -6.36
C GLU A 687 46.05 -17.47 -6.22
N GLU A 688 47.30 -17.79 -5.90
CA GLU A 688 47.68 -19.20 -5.75
C GLU A 688 46.83 -19.88 -4.69
N ARG A 689 46.56 -19.20 -3.58
CA ARG A 689 45.69 -19.76 -2.55
C ARG A 689 44.30 -20.06 -3.10
N GLN A 690 43.79 -19.18 -3.96
CA GLN A 690 42.45 -19.33 -4.52
C GLN A 690 42.40 -20.27 -5.72
N HIS A 691 43.52 -20.91 -6.05
CA HIS A 691 43.60 -21.85 -7.16
C HIS A 691 43.66 -23.27 -6.60
N LEU A 692 42.86 -24.15 -7.16
CA LEU A 692 42.91 -25.58 -6.84
C LEU A 692 43.65 -26.29 -7.97
N GLN A 693 44.89 -26.72 -7.69
CA GLN A 693 45.70 -27.40 -8.69
C GLN A 693 45.28 -28.86 -8.83
N GLU A 694 45.16 -29.31 -10.08
CA GLU A 694 44.78 -30.69 -10.37
C GLU A 694 46.02 -31.58 -10.26
N VAL A 695 46.37 -31.89 -9.01
CA VAL A 695 47.56 -32.69 -8.78
C VAL A 695 47.39 -34.14 -9.29
N GLY A 696 46.17 -34.68 -9.27
CA GLY A 696 45.91 -36.08 -9.62
C GLY A 696 45.00 -36.16 -10.84
N LEU A 697 45.40 -37.02 -11.77
CA LEU A 697 44.61 -37.32 -12.95
C LEU A 697 44.64 -38.82 -13.22
N PHE A 698 43.52 -39.38 -13.67
CA PHE A 698 43.41 -40.83 -13.80
C PHE A 698 42.14 -41.25 -14.51
N HIS A 699 42.28 -41.81 -15.72
CA HIS A 699 41.15 -42.45 -16.38
C HIS A 699 40.78 -43.72 -15.63
N LEU A 700 39.55 -43.78 -15.12
CA LEU A 700 39.06 -44.95 -14.40
C LEU A 700 38.33 -45.92 -15.31
N GLY A 701 37.61 -45.41 -16.30
CA GLY A 701 36.86 -46.24 -17.21
C GLY A 701 35.44 -46.54 -16.80
N GLU A 702 34.96 -45.94 -15.71
CA GLU A 702 33.62 -46.19 -15.20
C GLU A 702 33.05 -44.90 -14.63
N PHE A 703 31.78 -44.65 -14.92
CA PHE A 703 31.06 -43.50 -14.40
C PHE A 703 30.73 -43.72 -12.93
N VAL A 704 31.10 -42.76 -12.07
CA VAL A 704 30.89 -42.87 -10.64
C VAL A 704 29.67 -42.04 -10.25
N ASN A 705 28.57 -42.71 -9.91
CA ASN A 705 27.39 -41.98 -9.46
C ASN A 705 27.55 -41.48 -8.02
N VAL A 706 28.16 -42.28 -7.15
CA VAL A 706 28.20 -41.98 -5.72
C VAL A 706 29.59 -42.24 -5.16
N PHE A 707 30.05 -41.31 -4.32
CA PHE A 707 31.29 -41.44 -3.55
C PHE A 707 30.92 -41.55 -2.07
N CYS A 708 31.51 -42.52 -1.36
CA CYS A 708 31.22 -42.71 0.05
C CYS A 708 32.51 -43.03 0.78
N HIS A 709 32.53 -42.74 2.08
CA HIS A 709 33.64 -43.07 2.95
C HIS A 709 33.37 -44.39 3.67
N GLY A 710 34.44 -45.11 4.01
CA GLY A 710 34.35 -46.33 4.78
C GLY A 710 34.90 -47.52 4.02
N SER A 711 34.83 -48.67 4.68
CA SER A 711 35.25 -49.93 4.08
C SER A 711 34.51 -51.08 4.74
N LEU A 712 34.48 -52.21 4.03
CA LEU A 712 33.83 -53.43 4.50
C LEU A 712 34.80 -54.41 5.12
N VAL A 713 36.06 -54.03 5.26
CA VAL A 713 37.05 -54.88 5.90
C VAL A 713 36.79 -54.92 7.40
N MET A 714 36.85 -56.13 7.97
CA MET A 714 36.67 -56.29 9.41
C MET A 714 37.96 -55.95 10.13
N GLN A 715 37.86 -55.05 11.10
CA GLN A 715 38.97 -54.70 11.99
C GLN A 715 38.48 -54.95 13.42
N ASN A 716 39.01 -56.00 14.07
CA ASN A 716 38.54 -56.29 15.41
C ASN A 716 38.72 -55.07 16.32
N LEU A 717 39.90 -54.45 16.28
CA LEU A 717 40.15 -53.29 17.12
C LEU A 717 41.40 -52.55 16.63
N GLY A 718 41.18 -51.43 15.96
CA GLY A 718 42.27 -50.62 15.45
C GLY A 718 43.33 -51.47 14.79
N GLU A 719 42.89 -52.38 13.92
CA GLU A 719 43.82 -53.32 13.29
C GLU A 719 44.95 -52.59 12.58
N THR A 720 44.63 -51.53 11.84
CA THR A 720 45.63 -50.70 11.15
C THR A 720 46.52 -51.63 10.33
N SER A 721 47.84 -51.60 10.49
CA SER A 721 48.78 -52.46 9.79
C SER A 721 48.78 -52.25 8.28
N THR A 722 48.15 -51.19 7.80
CA THR A 722 48.07 -50.91 6.37
C THR A 722 48.84 -49.64 6.03
N PRO A 723 49.77 -49.67 5.06
CA PRO A 723 50.37 -48.41 4.61
C PRO A 723 49.34 -47.43 4.07
N THR A 724 48.32 -47.95 3.39
CA THR A 724 47.26 -47.12 2.86
C THR A 724 46.61 -46.32 3.97
N GLN A 725 46.27 -45.06 3.66
CA GLN A 725 45.60 -44.17 4.59
C GLN A 725 44.29 -43.71 3.96
N GLY A 726 43.18 -43.89 4.69
CA GLY A 726 41.88 -43.47 4.24
C GLY A 726 41.17 -44.54 3.41
N SER A 727 39.84 -44.45 3.40
CA SER A 727 39.02 -45.38 2.62
C SER A 727 37.84 -44.63 2.01
N VAL A 728 37.78 -44.64 0.68
CA VAL A 728 36.69 -44.02 -0.07
C VAL A 728 36.15 -45.07 -1.06
N LEU A 729 34.89 -45.45 -0.89
CA LEU A 729 34.24 -46.41 -1.76
C LEU A 729 33.35 -45.69 -2.78
N PHE A 730 33.33 -46.19 -4.02
CA PHE A 730 32.50 -45.58 -5.05
C PHE A 730 31.79 -46.67 -5.86
N GLY A 731 30.66 -46.29 -6.44
CA GLY A 731 29.86 -47.19 -7.26
C GLY A 731 29.65 -46.63 -8.65
N THR A 732 29.44 -47.52 -9.62
CA THR A 732 29.37 -47.16 -11.02
C THR A 732 28.11 -47.70 -11.68
N VAL A 733 27.89 -47.25 -12.92
CA VAL A 733 26.71 -47.68 -13.67
C VAL A 733 26.84 -49.15 -14.06
N ASN A 734 28.04 -49.60 -14.39
CA ASN A 734 28.28 -50.99 -14.77
C ASN A 734 28.52 -51.89 -13.57
N GLY A 735 28.29 -51.39 -12.35
CA GLY A 735 28.32 -52.21 -11.17
C GLY A 735 29.62 -52.21 -10.40
N MET A 736 30.70 -51.67 -10.98
CA MET A 736 31.96 -51.70 -10.26
C MET A 736 31.84 -50.96 -8.93
N ILE A 737 32.41 -51.57 -7.89
CA ILE A 737 32.59 -50.92 -6.60
C ILE A 737 34.08 -50.82 -6.39
N GLY A 738 34.64 -49.62 -6.58
CA GLY A 738 36.06 -49.38 -6.38
C GLY A 738 36.33 -48.70 -5.05
N LEU A 739 37.62 -48.49 -4.79
CA LEU A 739 38.07 -47.88 -3.54
C LEU A 739 39.27 -47.00 -3.83
N VAL A 740 39.25 -45.79 -3.28
CA VAL A 740 40.33 -44.84 -3.40
C VAL A 740 40.93 -44.62 -2.01
N THR A 741 42.26 -44.53 -1.95
CA THR A 741 42.95 -44.27 -0.70
C THR A 741 44.22 -43.47 -1.00
N SER A 742 44.81 -42.92 0.06
CA SER A 742 45.98 -42.06 -0.05
C SER A 742 47.25 -42.81 0.34
N LEU A 743 48.37 -42.36 -0.21
CA LEU A 743 49.67 -42.95 0.03
C LEU A 743 50.65 -41.89 0.49
N SER A 744 51.75 -42.33 1.09
CA SER A 744 52.88 -41.44 1.35
C SER A 744 53.74 -41.33 0.09
N GLU A 745 54.53 -40.25 0.04
CA GLU A 745 55.41 -40.05 -1.11
C GLU A 745 56.26 -41.28 -1.37
N SER A 746 56.88 -41.82 -0.31
CA SER A 746 57.79 -42.94 -0.48
C SER A 746 57.07 -44.14 -1.08
N TRP A 747 55.89 -44.48 -0.56
CA TRP A 747 55.18 -45.64 -1.06
C TRP A 747 54.63 -45.42 -2.46
N TYR A 748 54.22 -44.19 -2.78
CA TYR A 748 53.80 -43.87 -4.13
C TYR A 748 54.93 -44.13 -5.13
N ASN A 749 56.09 -43.51 -4.89
CA ASN A 749 57.20 -43.67 -5.83
C ASN A 749 57.59 -45.13 -5.98
N LEU A 750 57.60 -45.87 -4.88
CA LEU A 750 57.92 -47.30 -4.94
C LEU A 750 56.95 -48.03 -5.85
N LEU A 751 55.65 -47.87 -5.62
CA LEU A 751 54.66 -48.60 -6.38
C LEU A 751 54.53 -48.08 -7.81
N LEU A 752 54.79 -46.79 -8.02
CA LEU A 752 54.83 -46.27 -9.38
C LEU A 752 55.99 -46.86 -10.15
N ASP A 753 57.18 -46.87 -9.54
CA ASP A 753 58.34 -47.48 -10.20
C ASP A 753 58.05 -48.95 -10.52
N MET A 754 57.30 -49.62 -9.66
CA MET A 754 56.97 -51.03 -9.90
C MET A 754 56.00 -51.16 -11.08
N GLN A 755 55.04 -50.26 -11.19
CA GLN A 755 54.13 -50.28 -12.34
C GLN A 755 54.91 -50.23 -13.64
N ASN A 756 55.81 -49.26 -13.78
CA ASN A 756 56.60 -49.14 -14.99
C ASN A 756 57.36 -50.43 -15.28
N ARG A 757 57.79 -51.13 -14.24
CA ARG A 757 58.46 -52.41 -14.43
C ARG A 757 57.45 -53.50 -14.78
N LEU A 758 56.27 -53.49 -14.15
CA LEU A 758 55.26 -54.50 -14.46
C LEU A 758 54.77 -54.37 -15.90
N ASN A 759 54.57 -53.14 -16.38
CA ASN A 759 54.03 -52.95 -17.73
C ASN A 759 54.97 -53.51 -18.79
N LYS A 760 56.28 -53.40 -18.57
CA LYS A 760 57.23 -53.99 -19.51
C LYS A 760 57.16 -55.50 -19.49
N VAL A 761 56.76 -56.09 -18.36
CA VAL A 761 56.79 -57.55 -18.21
C VAL A 761 55.46 -58.17 -18.58
N ILE A 762 54.35 -57.55 -18.22
CA ILE A 762 53.03 -58.15 -18.41
C ILE A 762 52.60 -57.98 -19.86
N LYS A 763 52.05 -59.04 -20.43
CA LYS A 763 51.54 -59.03 -21.80
C LYS A 763 50.07 -58.63 -21.79
N SER A 764 49.76 -57.53 -22.46
CA SER A 764 48.39 -57.02 -22.51
C SER A 764 47.63 -57.64 -23.68
N VAL A 765 46.32 -57.87 -23.46
CA VAL A 765 45.47 -58.36 -24.53
C VAL A 765 45.30 -57.27 -25.57
N GLY A 766 45.52 -57.62 -26.83
CA GLY A 766 45.51 -56.63 -27.89
C GLY A 766 46.73 -55.76 -27.96
N LYS A 767 47.75 -56.03 -27.14
CA LYS A 767 48.96 -55.23 -27.10
C LYS A 767 48.63 -53.75 -26.89
N ILE A 768 47.81 -53.50 -25.87
CA ILE A 768 47.39 -52.15 -25.52
C ILE A 768 48.32 -51.63 -24.43
N GLU A 769 48.96 -50.47 -24.68
CA GLU A 769 49.82 -49.88 -23.69
C GLU A 769 49.01 -49.46 -22.46
N HIS A 770 49.50 -49.85 -21.28
CA HIS A 770 48.80 -49.50 -20.05
C HIS A 770 48.80 -47.99 -19.83
N SER A 771 49.93 -47.33 -20.10
CA SER A 771 50.02 -45.90 -19.88
C SER A 771 48.98 -45.15 -20.72
N PHE A 772 48.71 -45.64 -21.94
CA PHE A 772 47.68 -45.02 -22.76
C PHE A 772 46.29 -45.25 -22.18
N TRP A 773 46.03 -46.45 -21.68
CA TRP A 773 44.69 -46.80 -21.20
C TRP A 773 44.27 -45.93 -20.03
N ARG A 774 45.17 -45.68 -19.08
CA ARG A 774 44.83 -44.88 -17.91
C ARG A 774 45.05 -43.38 -18.12
N SER A 775 45.50 -42.97 -19.30
CA SER A 775 45.66 -41.54 -19.58
C SER A 775 44.30 -40.83 -19.57
N PHE A 776 44.24 -39.72 -18.84
CA PHE A 776 43.10 -38.82 -18.82
C PHE A 776 42.68 -38.47 -20.23
N HIS A 777 41.47 -38.88 -20.62
CA HIS A 777 41.00 -38.70 -21.99
C HIS A 777 39.62 -38.05 -22.00
N THR A 778 39.58 -36.74 -22.23
CA THR A 778 38.41 -36.06 -22.75
C THR A 778 38.51 -36.08 -24.29
N GLU A 779 37.36 -35.97 -24.95
CA GLU A 779 37.37 -35.97 -26.40
C GLU A 779 38.35 -34.93 -26.95
N ARG A 780 38.47 -33.79 -26.25
CA ARG A 780 39.32 -32.71 -26.73
C ARG A 780 40.77 -32.90 -26.31
N LYS A 781 41.02 -33.06 -25.01
CA LYS A 781 42.38 -33.11 -24.49
C LYS A 781 42.68 -34.47 -23.86
N THR A 782 43.82 -35.04 -24.20
CA THR A 782 44.32 -36.28 -23.62
C THR A 782 45.62 -35.98 -22.89
N GLU A 783 45.72 -36.40 -21.64
CA GLU A 783 46.84 -36.04 -20.78
C GLU A 783 47.35 -37.26 -20.02
N PRO A 784 48.66 -37.31 -19.75
CA PRO A 784 49.19 -38.42 -18.93
C PRO A 784 48.58 -38.43 -17.54
N ALA A 785 48.38 -39.64 -17.02
CA ALA A 785 47.79 -39.80 -15.69
C ALA A 785 48.86 -39.62 -14.61
N THR A 786 48.48 -38.93 -13.54
CA THR A 786 49.42 -38.64 -12.46
C THR A 786 48.71 -38.74 -11.11
N GLY A 787 49.52 -38.97 -10.07
CA GLY A 787 49.03 -39.00 -8.71
C GLY A 787 48.22 -40.22 -8.34
N PHE A 788 48.17 -41.22 -9.20
CA PHE A 788 47.31 -42.38 -8.98
C PHE A 788 48.08 -43.65 -9.28
N ILE A 789 47.90 -44.65 -8.43
CA ILE A 789 48.49 -45.97 -8.62
C ILE A 789 47.38 -46.93 -9.04
N ASP A 790 47.52 -47.52 -10.22
CA ASP A 790 46.56 -48.51 -10.68
C ASP A 790 46.68 -49.76 -9.81
N GLY A 791 45.97 -49.79 -8.69
CA GLY A 791 46.09 -50.92 -7.77
C GLY A 791 45.75 -52.25 -8.41
N ASP A 792 44.90 -52.25 -9.43
CA ASP A 792 44.61 -53.48 -10.14
C ASP A 792 45.84 -54.00 -10.89
N LEU A 793 46.73 -53.09 -11.30
CA LEU A 793 47.99 -53.52 -11.90
C LEU A 793 48.94 -54.05 -10.82
N ILE A 794 49.01 -53.37 -9.68
CA ILE A 794 49.89 -53.80 -8.60
C ILE A 794 49.49 -55.18 -8.10
N GLU A 795 48.19 -55.41 -7.90
CA GLU A 795 47.73 -56.67 -7.35
C GLU A 795 47.89 -57.84 -8.33
N SER A 796 48.24 -57.56 -9.58
CA SER A 796 48.51 -58.64 -10.54
C SER A 796 49.91 -59.20 -10.40
N PHE A 797 50.79 -58.53 -9.65
CA PHE A 797 52.14 -59.07 -9.41
C PHE A 797 52.07 -60.43 -8.75
N LEU A 798 51.01 -60.71 -7.99
CA LEU A 798 50.88 -61.99 -7.32
C LEU A 798 50.44 -63.12 -8.26
N ASP A 799 50.06 -62.80 -9.49
CA ASP A 799 49.55 -63.80 -10.43
C ASP A 799 50.52 -64.08 -11.57
N ILE A 800 51.62 -63.35 -11.67
CA ILE A 800 52.60 -63.58 -12.74
C ILE A 800 53.57 -64.65 -12.30
N SER A 801 54.19 -65.32 -13.27
CA SER A 801 55.07 -66.44 -12.96
C SER A 801 56.33 -65.96 -12.25
N ARG A 802 56.98 -66.90 -11.57
CA ARG A 802 58.19 -66.57 -10.81
C ARG A 802 59.26 -65.94 -11.67
N PRO A 803 59.58 -66.45 -12.86
CA PRO A 803 60.58 -65.76 -13.71
C PRO A 803 60.25 -64.30 -13.93
N LYS A 804 58.97 -63.97 -14.10
CA LYS A 804 58.58 -62.58 -14.29
C LYS A 804 58.68 -61.80 -12.97
N MET A 805 58.36 -62.44 -11.85
CA MET A 805 58.48 -61.78 -10.56
C MET A 805 59.90 -61.28 -10.34
N GLN A 806 60.88 -62.15 -10.57
CA GLN A 806 62.28 -61.75 -10.36
C GLN A 806 62.72 -60.72 -11.39
N GLU A 807 62.20 -60.81 -12.62
CA GLU A 807 62.52 -59.81 -13.63
C GLU A 807 62.02 -58.43 -13.23
N VAL A 808 60.92 -58.38 -12.48
CA VAL A 808 60.36 -57.09 -12.08
C VAL A 808 61.20 -56.48 -10.97
N VAL A 809 61.55 -57.27 -9.94
CA VAL A 809 62.27 -56.74 -8.79
C VAL A 809 63.74 -56.47 -9.07
N ALA A 810 64.24 -56.86 -10.23
CA ALA A 810 65.65 -56.64 -10.54
C ALA A 810 65.95 -55.15 -10.60
N ASN A 811 67.10 -54.76 -10.05
CA ASN A 811 67.54 -53.38 -10.02
C ASN A 811 66.55 -52.49 -9.28
N LEU A 812 65.98 -53.01 -8.19
CA LEU A 812 65.05 -52.25 -7.39
C LEU A 812 65.79 -51.24 -6.52
N GLN A 813 65.13 -50.12 -6.24
CA GLN A 813 65.69 -49.09 -5.38
C GLN A 813 64.61 -48.56 -4.43
N TYR A 814 65.07 -48.13 -3.25
CA TYR A 814 64.21 -47.71 -2.15
C TYR A 814 64.63 -46.34 -1.66
N ASP A 815 63.65 -45.56 -1.20
CA ASP A 815 63.93 -44.28 -0.56
C ASP A 815 63.06 -44.15 0.69
N ASP A 816 63.53 -43.35 1.65
CA ASP A 816 62.83 -43.07 2.89
C ASP A 816 62.48 -44.34 3.67
N GLY A 817 63.08 -45.48 3.32
CA GLY A 817 62.78 -46.73 3.97
C GLY A 817 63.41 -46.81 5.35
N SER A 818 63.38 -48.02 5.89
CA SER A 818 64.16 -48.28 7.11
C SER A 818 65.63 -47.92 6.88
N GLY A 819 66.17 -48.36 5.75
CA GLY A 819 67.41 -47.84 5.22
C GLY A 819 67.10 -46.96 4.01
N MET A 820 67.64 -45.75 4.03
CA MET A 820 67.21 -44.75 3.05
C MET A 820 67.43 -45.24 1.62
N LYS A 821 68.50 -45.99 1.36
CA LYS A 821 68.72 -46.62 0.07
C LYS A 821 68.76 -48.13 0.25
N ARG A 822 67.86 -48.83 -0.46
CA ARG A 822 67.72 -50.26 -0.29
C ARG A 822 67.15 -50.91 -1.54
N GLU A 823 67.15 -52.24 -1.55
CA GLU A 823 66.62 -53.05 -2.65
C GLU A 823 65.83 -54.22 -2.07
N ALA A 824 64.81 -54.65 -2.80
CA ALA A 824 63.91 -55.70 -2.34
C ALA A 824 63.80 -56.81 -3.39
N THR A 825 63.59 -58.03 -2.90
CA THR A 825 63.55 -59.21 -3.75
C THR A 825 62.10 -59.56 -4.12
N ALA A 826 61.96 -60.62 -4.94
CA ALA A 826 60.64 -61.06 -5.37
C ALA A 826 59.76 -61.46 -4.20
N ASP A 827 60.36 -61.97 -3.12
CA ASP A 827 59.58 -62.32 -1.94
C ASP A 827 59.22 -61.10 -1.10
N ASP A 828 60.04 -60.05 -1.16
CA ASP A 828 59.77 -58.85 -0.38
C ASP A 828 58.58 -58.08 -0.93
N LEU A 829 58.49 -57.99 -2.27
CA LEU A 829 57.35 -57.31 -2.87
C LEU A 829 56.07 -58.10 -2.66
N ILE A 830 56.12 -59.43 -2.79
CA ILE A 830 54.94 -60.26 -2.53
C ILE A 830 54.33 -59.90 -1.18
N LYS A 831 55.18 -59.66 -0.18
CA LYS A 831 54.68 -59.31 1.14
C LYS A 831 53.82 -58.06 1.10
N VAL A 832 54.27 -57.04 0.38
CA VAL A 832 53.52 -55.79 0.31
C VAL A 832 52.20 -56.00 -0.42
N VAL A 833 52.24 -56.64 -1.59
CA VAL A 833 51.03 -56.77 -2.39
C VAL A 833 49.95 -57.52 -1.61
N GLU A 834 50.34 -58.58 -0.90
CA GLU A 834 49.36 -59.33 -0.12
C GLU A 834 48.73 -58.47 0.97
N GLU A 835 49.50 -57.54 1.55
CA GLU A 835 48.92 -56.61 2.51
C GLU A 835 47.98 -55.62 1.80
N LEU A 836 48.34 -55.21 0.58
CA LEU A 836 47.49 -54.29 -0.17
C LEU A 836 46.20 -54.95 -0.63
N THR A 837 46.18 -56.28 -0.74
CA THR A 837 44.94 -56.98 -1.09
C THR A 837 43.98 -57.09 0.09
N ARG A 838 44.42 -56.73 1.29
CA ARG A 838 43.60 -56.85 2.48
C ARG A 838 42.81 -55.57 2.78
N ILE A 839 42.91 -54.55 1.93
CA ILE A 839 42.11 -53.34 2.12
C ILE A 839 40.73 -53.47 1.51
N HIS A 840 40.42 -54.60 0.88
CA HIS A 840 39.10 -54.82 0.29
C HIS A 840 38.80 -56.32 0.26
N THR B 7 29.37 12.65 -13.94
CA THR B 7 28.68 12.12 -15.11
C THR B 7 29.06 10.67 -15.37
N GLU B 8 28.48 10.08 -16.40
CA GLU B 8 28.74 8.67 -16.72
C GLU B 8 30.04 8.50 -17.49
N SER B 9 30.43 9.49 -18.29
CA SER B 9 31.65 9.38 -19.08
C SER B 9 32.91 9.45 -18.23
N ASP B 10 32.83 10.02 -17.03
CA ASP B 10 33.97 10.20 -16.13
C ASP B 10 34.24 8.88 -15.42
N TRP B 11 35.11 8.07 -16.00
CA TRP B 11 35.55 6.84 -15.37
C TRP B 11 36.68 7.13 -14.38
N GLY B 12 36.91 6.19 -13.49
CA GLY B 12 38.02 6.27 -12.57
C GLY B 12 37.74 6.95 -11.24
N LYS B 13 36.48 7.20 -10.93
CA LYS B 13 36.11 7.86 -9.68
C LYS B 13 35.17 7.04 -8.82
N ARG B 14 34.24 6.30 -9.43
CA ARG B 14 33.40 5.40 -8.66
C ARG B 14 34.25 4.31 -8.01
N CYS B 15 33.87 3.91 -6.80
CA CYS B 15 34.58 2.88 -6.06
C CYS B 15 33.92 1.52 -6.31
N VAL B 16 34.71 0.47 -6.11
CA VAL B 16 34.18 -0.88 -6.22
C VAL B 16 33.16 -1.19 -5.14
N ASP B 17 33.02 -0.29 -4.15
CA ASP B 17 32.06 -0.43 -3.06
C ASP B 17 30.62 -0.36 -3.56
N LYS B 18 30.43 -0.11 -4.85
CA LYS B 18 29.10 -0.08 -5.46
C LYS B 18 28.77 -1.38 -6.18
N PHE B 19 29.63 -2.39 -6.08
CA PHE B 19 29.48 -3.65 -6.79
C PHE B 19 29.61 -4.79 -5.79
N ASP B 20 28.48 -5.42 -5.47
CA ASP B 20 28.52 -6.64 -4.67
C ASP B 20 29.21 -7.75 -5.44
N ILE B 21 30.11 -8.47 -4.78
CA ILE B 21 30.91 -9.50 -5.44
C ILE B 21 30.27 -10.86 -5.17
N ILE B 22 30.06 -11.63 -6.23
CA ILE B 22 29.44 -12.95 -6.11
C ILE B 22 30.48 -14.06 -6.01
N GLY B 23 31.59 -13.91 -6.73
CA GLY B 23 32.65 -14.90 -6.68
C GLY B 23 33.74 -14.52 -7.65
N ILE B 24 34.76 -15.38 -7.72
CA ILE B 24 35.88 -15.19 -8.62
C ILE B 24 35.66 -16.13 -9.80
N ILE B 25 35.24 -15.57 -10.94
CA ILE B 25 34.95 -16.38 -12.11
C ILE B 25 36.22 -16.80 -12.83
N GLY B 26 37.24 -15.92 -12.86
CA GLY B 26 38.48 -16.23 -13.54
C GLY B 26 39.66 -15.61 -12.82
N GLU B 27 40.85 -16.03 -13.25
CA GLU B 27 42.10 -15.56 -12.68
C GLU B 27 43.00 -15.01 -13.79
N GLY B 28 43.62 -13.85 -13.52
CA GLY B 28 44.43 -13.17 -14.50
C GLY B 28 45.87 -13.02 -14.04
N THR B 29 46.72 -12.59 -14.98
CA THR B 29 48.13 -12.41 -14.67
C THR B 29 48.35 -11.27 -13.68
N TYR B 30 47.64 -10.15 -13.89
CA TYR B 30 47.79 -8.96 -13.05
C TYR B 30 46.63 -8.79 -12.06
N GLY B 31 45.76 -9.79 -11.93
CA GLY B 31 44.65 -9.70 -11.00
C GLY B 31 43.75 -10.92 -11.06
N GLN B 32 42.48 -10.73 -10.71
CA GLN B 32 41.48 -11.79 -10.75
C GLN B 32 40.23 -11.22 -11.41
N VAL B 33 39.38 -12.11 -11.90
CA VAL B 33 38.12 -11.72 -12.52
C VAL B 33 36.98 -12.17 -11.61
N TYR B 34 36.18 -11.21 -11.15
CA TYR B 34 35.09 -11.47 -10.21
C TYR B 34 33.75 -11.20 -10.89
N LYS B 35 32.78 -12.09 -10.67
CA LYS B 35 31.39 -11.83 -11.02
C LYS B 35 30.74 -11.00 -9.93
N ALA B 36 29.96 -9.99 -10.34
CA ALA B 36 29.44 -9.02 -9.38
C ALA B 36 28.11 -8.47 -9.85
N LYS B 37 27.42 -7.78 -8.94
CA LYS B 37 26.17 -7.09 -9.23
C LYS B 37 26.32 -5.63 -8.80
N ASP B 38 25.97 -4.71 -9.69
CA ASP B 38 25.88 -3.30 -9.33
C ASP B 38 24.67 -3.11 -8.42
N LYS B 39 24.91 -2.58 -7.22
CA LYS B 39 23.82 -2.48 -6.24
C LYS B 39 22.65 -1.67 -6.77
N ASP B 40 22.93 -0.53 -7.41
CA ASP B 40 21.86 0.33 -7.87
C ASP B 40 21.18 -0.24 -9.12
N THR B 41 21.97 -0.60 -10.13
CA THR B 41 21.37 -1.01 -11.39
C THR B 41 20.72 -2.39 -11.27
N GLY B 42 21.31 -3.28 -10.49
CA GLY B 42 20.87 -4.66 -10.44
C GLY B 42 21.38 -5.53 -11.55
N GLU B 43 22.26 -5.00 -12.40
CA GLU B 43 22.83 -5.77 -13.50
C GLU B 43 24.03 -6.57 -13.02
N LEU B 44 24.23 -7.72 -13.66
CA LEU B 44 25.38 -8.57 -13.36
C LEU B 44 26.56 -8.15 -14.24
N VAL B 45 27.70 -7.88 -13.60
CA VAL B 45 28.89 -7.40 -14.30
C VAL B 45 30.05 -8.35 -13.99
N ALA B 46 31.14 -8.15 -14.72
CA ALA B 46 32.38 -8.87 -14.50
C ALA B 46 33.48 -7.85 -14.23
N LEU B 47 34.21 -8.04 -13.12
CA LEU B 47 35.23 -7.10 -12.70
C LEU B 47 36.60 -7.71 -12.97
N LYS B 48 37.47 -6.92 -13.61
CA LYS B 48 38.83 -7.32 -13.94
C LYS B 48 39.80 -6.49 -13.10
N LYS B 49 40.55 -7.16 -12.23
CA LYS B 49 41.43 -6.48 -11.29
C LYS B 49 42.78 -6.20 -11.94
N VAL B 50 43.22 -4.95 -11.86
CA VAL B 50 44.54 -4.53 -12.33
C VAL B 50 45.30 -3.99 -11.13
N ARG B 51 46.37 -4.68 -10.77
CA ARG B 51 47.18 -4.32 -9.61
C ARG B 51 48.45 -3.63 -10.09
N LEU B 52 48.56 -2.33 -9.83
CA LEU B 52 49.80 -1.60 -10.05
C LEU B 52 50.62 -1.46 -8.78
N ASP B 53 50.51 -2.44 -7.88
CA ASP B 53 51.19 -2.36 -6.59
C ASP B 53 52.66 -2.78 -6.68
N ASN B 54 53.00 -3.68 -7.61
CA ASN B 54 54.41 -3.96 -7.87
C ASN B 54 55.10 -2.72 -8.44
N GLU B 55 54.41 -2.00 -9.32
CA GLU B 55 54.93 -0.77 -9.92
C GLU B 55 56.32 -0.98 -10.49
N LYS B 56 56.54 -2.17 -11.06
CA LYS B 56 57.78 -2.43 -11.78
C LYS B 56 57.89 -1.53 -13.00
N GLU B 57 56.88 -1.58 -13.88
CA GLU B 57 56.82 -0.75 -15.07
C GLU B 57 55.44 -0.11 -15.26
N GLY B 58 54.64 -0.04 -14.20
CA GLY B 58 53.41 0.73 -14.23
C GLY B 58 52.21 -0.08 -14.64
N PHE B 59 51.11 0.64 -14.86
CA PHE B 59 49.88 0.02 -15.35
C PHE B 59 50.21 -0.90 -16.51
N PRO B 60 49.79 -2.17 -16.48
CA PRO B 60 50.19 -3.10 -17.54
C PRO B 60 49.79 -2.62 -18.92
N ILE B 61 50.72 -2.73 -19.88
CA ILE B 61 50.41 -2.39 -21.26
C ILE B 61 49.31 -3.30 -21.80
N THR B 62 49.29 -4.56 -21.36
CA THR B 62 48.21 -5.46 -21.79
C THR B 62 46.86 -4.93 -21.33
N ALA B 63 46.77 -4.47 -20.09
CA ALA B 63 45.53 -3.85 -19.62
C ALA B 63 45.21 -2.60 -20.43
N ILE B 64 46.23 -1.80 -20.74
CA ILE B 64 46.00 -0.58 -21.52
C ILE B 64 45.42 -0.91 -22.88
N ARG B 65 45.88 -2.00 -23.50
CA ARG B 65 45.33 -2.39 -24.79
C ARG B 65 43.83 -2.68 -24.69
N GLU B 66 43.42 -3.42 -23.66
CA GLU B 66 42.01 -3.70 -23.48
C GLU B 66 41.23 -2.42 -23.16
N ILE B 67 41.86 -1.48 -22.44
CA ILE B 67 41.17 -0.23 -22.12
C ILE B 67 41.03 0.63 -23.39
N LYS B 68 42.09 0.72 -24.19
CA LYS B 68 42.04 1.57 -25.38
C LYS B 68 41.06 1.01 -26.41
N ILE B 69 41.20 -0.26 -26.76
CA ILE B 69 40.38 -0.84 -27.83
C ILE B 69 38.91 -0.80 -27.44
N LEU B 70 38.57 -1.29 -26.25
CA LEU B 70 37.18 -1.48 -25.87
C LEU B 70 36.53 -0.22 -25.31
N ARG B 71 37.27 0.89 -25.16
CA ARG B 71 36.65 2.15 -24.79
C ARG B 71 35.70 2.64 -25.87
N GLN B 72 36.07 2.42 -27.14
CA GLN B 72 35.34 2.96 -28.27
C GLN B 72 34.57 1.91 -29.06
N LEU B 73 34.62 0.64 -28.66
CA LEU B 73 33.95 -0.43 -29.38
C LEU B 73 32.71 -0.86 -28.61
N ILE B 74 31.56 -0.80 -29.28
CA ILE B 74 30.28 -1.09 -28.63
C ILE B 74 29.48 -2.11 -29.43
N HIS B 75 30.11 -2.76 -30.42
CA HIS B 75 29.39 -3.72 -31.24
C HIS B 75 28.77 -4.83 -30.38
N ARG B 76 27.62 -5.32 -30.84
CA ARG B 76 26.93 -6.38 -30.10
C ARG B 76 27.82 -7.61 -29.95
N SER B 77 28.58 -7.94 -30.97
CA SER B 77 29.37 -9.16 -30.97
C SER B 77 30.70 -9.02 -30.25
N VAL B 78 30.98 -7.90 -29.60
CA VAL B 78 32.19 -7.71 -28.81
C VAL B 78 31.77 -7.31 -27.41
N VAL B 79 32.49 -7.80 -26.41
CA VAL B 79 32.18 -7.47 -25.01
C VAL B 79 32.51 -6.01 -24.77
N ASN B 80 31.68 -5.35 -23.96
CA ASN B 80 31.76 -3.92 -23.74
C ASN B 80 32.17 -3.60 -22.31
N MET B 81 33.06 -2.63 -22.18
CA MET B 81 33.56 -2.20 -20.88
C MET B 81 32.70 -1.05 -20.38
N LYS B 82 31.95 -1.30 -19.31
CA LYS B 82 31.02 -0.27 -18.82
C LYS B 82 31.76 0.87 -18.14
N GLU B 83 32.69 0.57 -17.23
CA GLU B 83 33.40 1.61 -16.49
C GLU B 83 34.59 1.00 -15.75
N ILE B 84 35.35 1.85 -15.07
CA ILE B 84 36.53 1.46 -14.30
C ILE B 84 36.39 2.06 -12.89
N VAL B 85 36.44 1.21 -11.87
CA VAL B 85 36.27 1.62 -10.50
C VAL B 85 37.52 1.29 -9.70
N THR B 86 37.65 1.92 -8.53
CA THR B 86 38.83 1.81 -7.70
C THR B 86 38.47 1.33 -6.29
N ASP B 87 39.47 0.78 -5.59
CA ASP B 87 39.32 0.49 -4.18
C ASP B 87 39.12 1.79 -3.40
N LYS B 88 38.80 1.66 -2.12
CA LYS B 88 38.71 2.84 -1.27
C LYS B 88 40.05 3.57 -1.28
N GLN B 89 40.01 4.86 -1.60
CA GLN B 89 41.22 5.67 -1.77
C GLN B 89 41.23 6.78 -0.75
N ASP B 90 42.37 6.96 -0.08
CA ASP B 90 42.54 8.11 0.80
C ASP B 90 42.74 9.36 -0.04
N ALA B 91 41.96 10.40 0.26
CA ALA B 91 42.03 11.65 -0.49
C ALA B 91 43.16 12.56 -0.04
N LEU B 92 43.82 12.22 1.06
CA LEU B 92 44.91 13.07 1.56
C LEU B 92 46.03 13.20 0.54
N ASP B 93 46.42 12.09 -0.07
CA ASP B 93 47.42 12.07 -1.12
C ASP B 93 47.24 10.78 -1.89
N PHE B 94 47.47 10.83 -3.20
CA PHE B 94 47.45 9.63 -4.02
C PHE B 94 48.84 9.02 -4.20
N LYS B 95 49.88 9.70 -3.72
CA LYS B 95 51.19 9.05 -3.58
C LYS B 95 51.10 7.92 -2.57
N LYS B 96 50.43 8.15 -1.44
CA LYS B 96 50.24 7.09 -0.46
C LYS B 96 49.43 5.93 -1.03
N ASP B 97 48.38 6.25 -1.79
CA ASP B 97 47.46 5.23 -2.26
C ASP B 97 48.15 4.29 -3.23
N LYS B 98 47.93 2.98 -3.04
CA LYS B 98 48.38 1.95 -3.96
C LYS B 98 47.21 1.06 -4.39
N GLY B 99 45.99 1.58 -4.31
CA GLY B 99 44.82 0.75 -4.57
C GLY B 99 44.77 0.25 -5.99
N ALA B 100 44.10 -0.89 -6.16
CA ALA B 100 43.95 -1.50 -7.48
C ALA B 100 42.78 -0.86 -8.23
N PHE B 101 42.77 -1.05 -9.54
CA PHE B 101 41.71 -0.59 -10.42
C PHE B 101 40.98 -1.78 -11.01
N TYR B 102 39.65 -1.71 -11.05
CA TYR B 102 38.81 -2.79 -11.57
C TYR B 102 38.08 -2.29 -12.81
N LEU B 103 38.08 -3.09 -13.87
CA LEU B 103 37.40 -2.76 -15.12
C LEU B 103 36.08 -3.52 -15.19
N VAL B 104 34.98 -2.80 -15.34
CA VAL B 104 33.65 -3.39 -15.37
C VAL B 104 33.33 -3.84 -16.79
N PHE B 105 32.85 -5.08 -16.92
CA PHE B 105 32.45 -5.64 -18.20
C PHE B 105 31.05 -6.26 -18.08
N GLU B 106 30.38 -6.39 -19.23
CA GLU B 106 29.12 -7.13 -19.25
C GLU B 106 29.39 -8.59 -18.94
N TYR B 107 28.60 -9.16 -18.03
CA TYR B 107 28.81 -10.55 -17.63
C TYR B 107 28.31 -11.50 -18.71
N MET B 108 29.08 -12.56 -18.96
CA MET B 108 28.74 -13.60 -19.91
C MET B 108 28.60 -14.93 -19.17
N ASP B 109 27.66 -15.76 -19.63
CA ASP B 109 27.33 -16.97 -18.88
C ASP B 109 28.37 -18.06 -19.08
N HIS B 110 28.66 -18.42 -20.32
CA HIS B 110 29.56 -19.52 -20.62
C HIS B 110 30.58 -19.10 -21.69
N ASP B 111 31.73 -19.79 -21.68
CA ASP B 111 32.72 -19.68 -22.74
C ASP B 111 32.59 -20.90 -23.66
N LEU B 112 32.87 -20.70 -24.94
CA LEU B 112 32.72 -21.78 -25.90
C LEU B 112 33.50 -23.02 -25.46
N MET B 113 34.71 -22.81 -24.95
CA MET B 113 35.54 -23.93 -24.51
C MET B 113 34.78 -24.80 -23.51
N GLY B 114 34.17 -24.17 -22.52
CA GLY B 114 33.44 -24.95 -21.52
C GLY B 114 32.35 -25.80 -22.14
N LEU B 115 31.53 -25.19 -23.00
CA LEU B 115 30.40 -25.91 -23.57
C LEU B 115 30.85 -27.12 -24.38
N LEU B 116 31.95 -26.98 -25.12
CA LEU B 116 32.42 -28.10 -25.94
C LEU B 116 33.19 -29.13 -25.12
N GLU B 117 33.82 -28.70 -24.03
CA GLU B 117 34.50 -29.66 -23.15
C GLU B 117 33.55 -30.77 -22.70
N SER B 118 32.25 -30.47 -22.64
CA SER B 118 31.30 -31.50 -22.23
C SER B 118 31.22 -32.63 -23.24
N GLY B 119 31.31 -32.32 -24.53
CA GLY B 119 31.02 -33.32 -25.53
C GLY B 119 29.58 -33.78 -25.52
N LEU B 120 28.71 -33.01 -24.89
CA LEU B 120 27.29 -33.30 -24.82
C LEU B 120 26.45 -32.31 -25.61
N VAL B 121 26.82 -31.03 -25.61
CA VAL B 121 26.09 -30.04 -26.38
C VAL B 121 26.20 -30.37 -27.86
N HIS B 122 25.12 -30.08 -28.59
CA HIS B 122 25.05 -30.32 -30.03
C HIS B 122 24.87 -28.99 -30.75
N PHE B 123 25.75 -28.70 -31.70
CA PHE B 123 25.65 -27.51 -32.54
C PHE B 123 25.19 -27.95 -33.92
N SER B 124 23.98 -27.55 -34.30
CA SER B 124 23.49 -27.81 -35.64
C SER B 124 24.06 -26.77 -36.61
N GLU B 125 23.81 -27.00 -37.90
CA GLU B 125 24.31 -26.06 -38.91
C GLU B 125 23.80 -24.66 -38.62
N ASP B 126 22.49 -24.52 -38.43
CA ASP B 126 21.92 -23.19 -38.19
C ASP B 126 22.57 -22.52 -36.97
N HIS B 127 22.82 -23.29 -35.91
CA HIS B 127 23.48 -22.71 -34.75
C HIS B 127 24.85 -22.16 -35.14
N ILE B 128 25.62 -22.93 -35.92
CA ILE B 128 26.96 -22.48 -36.30
C ILE B 128 26.86 -21.22 -37.16
N LYS B 129 25.89 -21.19 -38.08
CA LYS B 129 25.67 -19.98 -38.87
C LYS B 129 25.48 -18.77 -37.96
N SER B 130 24.49 -18.85 -37.05
CA SER B 130 24.26 -17.76 -36.11
C SER B 130 25.55 -17.40 -35.38
N PHE B 131 26.26 -18.41 -34.89
CA PHE B 131 27.51 -18.17 -34.18
C PHE B 131 28.51 -17.43 -35.06
N MET B 132 28.85 -18.01 -36.21
CA MET B 132 29.93 -17.46 -37.01
C MET B 132 29.63 -16.05 -37.51
N LYS B 133 28.37 -15.79 -37.89
CA LYS B 133 28.03 -14.47 -38.40
C LYS B 133 28.30 -13.39 -37.36
N GLN B 134 27.84 -13.62 -36.12
CA GLN B 134 28.17 -12.69 -35.05
C GLN B 134 29.67 -12.55 -34.91
N LEU B 135 30.37 -13.69 -34.87
CA LEU B 135 31.82 -13.66 -34.70
C LEU B 135 32.47 -12.79 -35.77
N MET B 136 32.09 -12.99 -37.03
CA MET B 136 32.73 -12.25 -38.11
C MET B 136 32.28 -10.80 -38.12
N GLU B 137 30.99 -10.55 -37.85
CA GLU B 137 30.52 -9.16 -37.82
C GLU B 137 31.31 -8.34 -36.80
N GLY B 138 31.55 -8.91 -35.62
CA GLY B 138 32.36 -8.22 -34.64
C GLY B 138 33.77 -7.98 -35.12
N LEU B 139 34.38 -9.00 -35.74
CA LEU B 139 35.77 -8.89 -36.15
C LEU B 139 35.95 -7.87 -37.27
N GLU B 140 34.98 -7.81 -38.19
CA GLU B 140 34.99 -6.75 -39.21
C GLU B 140 35.00 -5.38 -38.56
N TYR B 141 34.09 -5.15 -37.62
CA TYR B 141 34.00 -3.85 -36.95
C TYR B 141 35.32 -3.49 -36.29
N CYS B 142 35.96 -4.46 -35.63
CA CYS B 142 37.25 -4.20 -34.99
C CYS B 142 38.32 -3.92 -36.04
N HIS B 143 38.39 -4.75 -37.08
CA HIS B 143 39.43 -4.56 -38.09
C HIS B 143 39.23 -3.25 -38.84
N LYS B 144 37.97 -2.88 -39.11
CA LYS B 144 37.71 -1.60 -39.75
C LYS B 144 38.21 -0.44 -38.88
N LYS B 145 38.05 -0.56 -37.56
CA LYS B 145 38.58 0.42 -36.63
C LYS B 145 40.09 0.29 -36.43
N ASN B 146 40.75 -0.63 -37.13
CA ASN B 146 42.17 -0.88 -37.06
C ASN B 146 42.63 -1.44 -35.72
N PHE B 147 41.74 -2.11 -35.01
CA PHE B 147 42.05 -2.83 -33.78
C PHE B 147 41.98 -4.32 -34.07
N LEU B 148 43.07 -5.02 -33.82
CA LEU B 148 43.18 -6.44 -34.14
C LEU B 148 43.37 -7.25 -32.86
N HIS B 149 42.59 -8.32 -32.71
CA HIS B 149 42.71 -9.23 -31.58
C HIS B 149 43.78 -10.26 -31.89
N ARG B 150 44.94 -10.14 -31.25
CA ARG B 150 46.09 -10.94 -31.69
C ARG B 150 45.88 -12.44 -31.44
N ASP B 151 45.21 -12.81 -30.34
CA ASP B 151 44.87 -14.20 -30.09
C ASP B 151 43.36 -14.34 -29.95
N ILE B 152 42.77 -15.15 -30.82
CA ILE B 152 41.36 -15.52 -30.77
C ILE B 152 41.32 -17.00 -30.43
N LYS B 153 40.80 -17.33 -29.25
CA LYS B 153 40.79 -18.69 -28.75
C LYS B 153 39.35 -19.22 -28.65
N CYS B 154 39.21 -20.41 -28.06
CA CYS B 154 37.90 -20.91 -27.69
C CYS B 154 37.45 -20.37 -26.33
N SER B 155 38.40 -20.16 -25.41
CA SER B 155 38.08 -19.52 -24.15
C SER B 155 37.75 -18.05 -24.32
N ASN B 156 38.29 -17.42 -25.37
CA ASN B 156 38.02 -16.00 -25.60
C ASN B 156 36.61 -15.76 -26.11
N ILE B 157 36.01 -16.74 -26.80
CA ILE B 157 34.65 -16.59 -27.32
C ILE B 157 33.68 -16.84 -26.16
N LEU B 158 33.00 -15.78 -25.73
CA LEU B 158 32.04 -15.85 -24.64
C LEU B 158 30.63 -15.76 -25.22
N LEU B 159 29.74 -16.63 -24.75
CA LEU B 159 28.37 -16.66 -25.26
C LEU B 159 27.40 -16.89 -24.12
N ASN B 160 26.33 -16.09 -24.08
CA ASN B 160 25.33 -16.22 -23.04
C ASN B 160 24.35 -17.33 -23.40
N ASN B 161 23.38 -17.58 -22.49
CA ASN B 161 22.41 -18.64 -22.73
C ASN B 161 21.50 -18.32 -23.91
N SER B 162 21.21 -17.04 -24.13
CA SER B 162 20.28 -16.66 -25.20
C SER B 162 20.82 -17.05 -26.57
N GLY B 163 22.10 -16.76 -26.82
CA GLY B 163 22.68 -17.06 -28.11
C GLY B 163 23.68 -16.03 -28.61
N GLN B 164 23.61 -14.82 -28.06
CA GLN B 164 24.55 -13.78 -28.47
C GLN B 164 25.99 -14.24 -28.23
N ILE B 165 26.86 -13.90 -29.17
CA ILE B 165 28.28 -14.23 -29.10
C ILE B 165 29.06 -12.93 -28.90
N LYS B 166 30.01 -12.95 -27.98
CA LYS B 166 30.84 -11.78 -27.73
C LYS B 166 32.31 -12.18 -27.70
N LEU B 167 33.16 -11.31 -28.23
CA LEU B 167 34.61 -11.51 -28.26
C LEU B 167 35.25 -10.76 -27.10
N ALA B 168 36.17 -11.42 -26.40
CA ALA B 168 36.72 -10.84 -25.18
C ALA B 168 38.21 -11.13 -25.08
N ASP B 169 38.82 -10.65 -23.99
CA ASP B 169 40.23 -10.90 -23.68
C ASP B 169 41.15 -10.36 -24.77
N PHE B 170 40.84 -9.16 -25.28
CA PHE B 170 41.82 -8.46 -26.11
C PHE B 170 43.12 -8.24 -25.35
N GLY B 171 43.02 -7.85 -24.08
CA GLY B 171 44.15 -7.86 -23.18
C GLY B 171 43.74 -8.43 -21.85
N LEU B 172 44.74 -8.69 -21.00
CA LEU B 172 44.48 -9.21 -19.67
C LEU B 172 43.65 -10.49 -19.74
N ALA B 173 44.31 -11.55 -20.17
CA ALA B 173 43.65 -12.84 -20.33
C ALA B 173 43.17 -13.36 -18.97
N ARG B 174 42.18 -14.26 -19.01
CA ARG B 174 41.48 -14.71 -17.82
C ARG B 174 41.90 -16.11 -17.37
N LEU B 175 43.13 -16.54 -17.67
CA LEU B 175 43.63 -17.82 -17.21
C LEU B 175 45.01 -17.64 -16.58
N TYR B 176 45.23 -18.32 -15.45
CA TYR B 176 46.43 -18.18 -14.65
C TYR B 176 46.95 -19.55 -14.26
N ASN B 177 48.27 -19.72 -14.31
CA ASN B 177 48.94 -20.97 -13.97
C ASN B 177 49.71 -20.78 -12.67
N SER B 178 49.46 -21.66 -11.71
CA SER B 178 50.05 -21.54 -10.38
C SER B 178 50.71 -22.85 -9.97
N GLU B 179 51.51 -22.77 -8.90
CA GLU B 179 52.19 -23.91 -8.26
C GLU B 179 52.91 -24.71 -9.35
N GLU B 180 52.78 -26.03 -9.38
CA GLU B 180 53.42 -26.87 -10.38
C GLU B 180 52.37 -27.35 -11.37
N SER B 181 52.57 -27.05 -12.64
CA SER B 181 51.68 -27.48 -13.70
C SER B 181 52.40 -27.29 -15.04
N ARG B 182 51.71 -27.61 -16.12
CA ARG B 182 52.27 -27.40 -17.45
C ARG B 182 52.55 -25.91 -17.65
N PRO B 183 53.79 -25.53 -18.01
CA PRO B 183 54.09 -24.10 -18.12
C PRO B 183 53.32 -23.48 -19.28
N TYR B 184 52.87 -22.24 -19.07
CA TYR B 184 52.18 -21.49 -20.10
C TYR B 184 51.04 -22.31 -20.71
N ASN B 186 47.95 -21.59 -20.89
CA ASN B 186 47.12 -20.70 -21.71
C ASN B 186 47.78 -20.51 -23.08
N LYS B 187 49.11 -20.42 -23.09
CA LYS B 187 49.82 -20.31 -24.36
C LYS B 187 49.67 -21.57 -25.20
N VAL B 188 49.63 -22.74 -24.56
CA VAL B 188 49.40 -23.98 -25.29
C VAL B 188 48.08 -23.92 -26.02
N ILE B 189 47.04 -23.39 -25.38
CA ILE B 189 45.76 -23.21 -26.05
C ILE B 189 45.91 -22.21 -27.19
N THR B 190 46.62 -21.11 -26.95
CA THR B 190 46.83 -20.11 -27.99
C THR B 190 47.48 -20.71 -29.22
N LEU B 191 48.40 -21.67 -29.02
CA LEU B 191 49.07 -22.30 -30.14
C LEU B 191 48.08 -23.00 -31.07
N TRP B 192 47.08 -23.66 -30.49
CA TRP B 192 46.11 -24.39 -31.31
C TRP B 192 45.45 -23.49 -32.35
N TYR B 193 45.43 -22.18 -32.12
CA TYR B 193 44.79 -21.24 -33.02
C TYR B 193 45.79 -20.26 -33.64
N ARG B 194 47.08 -20.45 -33.44
CA ARG B 194 48.06 -19.53 -34.02
C ARG B 194 48.15 -19.75 -35.53
N PRO B 195 48.33 -18.68 -36.30
CA PRO B 195 48.44 -18.83 -37.76
C PRO B 195 49.79 -19.38 -38.17
N PRO B 196 49.87 -19.99 -39.36
CA PRO B 196 51.17 -20.55 -39.80
C PRO B 196 52.26 -19.49 -39.92
N GLU B 197 51.91 -18.31 -40.43
CA GLU B 197 52.89 -17.25 -40.60
C GLU B 197 53.57 -16.91 -39.28
N LEU B 198 52.80 -16.80 -38.20
CA LEU B 198 53.38 -16.47 -36.91
C LEU B 198 54.31 -17.58 -36.42
N LEU B 199 53.91 -18.83 -36.60
CA LEU B 199 54.80 -19.94 -36.25
C LEU B 199 56.10 -19.88 -37.03
N LEU B 200 56.01 -19.61 -38.34
CA LEU B 200 57.19 -19.58 -39.18
C LEU B 200 58.06 -18.36 -38.88
N GLY B 201 57.43 -17.23 -38.56
CA GLY B 201 58.18 -16.02 -38.31
C GLY B 201 57.38 -15.01 -37.50
N GLU B 202 58.11 -14.07 -36.92
CA GLU B 202 57.46 -13.00 -36.16
C GLU B 202 56.67 -12.08 -37.08
N GLU B 203 57.24 -11.72 -38.21
CA GLU B 203 56.53 -10.94 -39.22
C GLU B 203 55.97 -9.69 -38.54
N ARG B 204 54.83 -9.21 -39.03
CA ARG B 204 54.09 -8.12 -38.41
C ARG B 204 52.67 -8.63 -38.14
N TYR B 205 52.01 -8.03 -37.16
CA TYR B 205 50.67 -8.46 -36.80
C TYR B 205 49.69 -8.07 -37.91
N THR B 206 49.12 -9.06 -38.58
CA THR B 206 48.22 -8.87 -39.71
C THR B 206 46.78 -9.22 -39.29
N PRO B 207 45.78 -8.63 -39.96
CA PRO B 207 44.39 -9.06 -39.67
C PRO B 207 44.18 -10.54 -39.92
N ALA B 208 44.99 -11.14 -40.81
CA ALA B 208 44.82 -12.54 -41.12
C ALA B 208 45.05 -13.42 -39.90
N ILE B 209 45.86 -12.96 -38.93
CA ILE B 209 46.09 -13.77 -37.74
C ILE B 209 44.78 -14.00 -37.00
N ASP B 210 43.88 -13.01 -37.04
CA ASP B 210 42.56 -13.21 -36.47
C ASP B 210 41.77 -14.23 -37.30
N VAL B 211 41.78 -14.09 -38.62
CA VAL B 211 40.86 -14.89 -39.43
C VAL B 211 41.23 -16.36 -39.37
N TRP B 212 42.54 -16.68 -39.34
CA TRP B 212 42.94 -18.08 -39.25
C TRP B 212 42.36 -18.74 -38.00
N SER B 213 42.54 -18.09 -36.85
CA SER B 213 42.01 -18.61 -35.60
C SER B 213 40.50 -18.87 -35.70
N CYS B 214 39.77 -17.90 -36.26
CA CYS B 214 38.34 -18.08 -36.42
C CYS B 214 38.02 -19.24 -37.35
N GLY B 215 38.85 -19.47 -38.35
CA GLY B 215 38.69 -20.65 -39.19
C GLY B 215 38.90 -21.93 -38.41
N CYS B 216 39.96 -21.98 -37.61
CA CYS B 216 40.17 -23.12 -36.71
C CYS B 216 38.92 -23.37 -35.87
N ILE B 217 38.31 -22.30 -35.35
CA ILE B 217 37.09 -22.42 -34.58
C ILE B 217 35.98 -23.03 -35.43
N LEU B 218 35.84 -22.54 -36.67
CA LEU B 218 34.78 -23.04 -37.55
C LEU B 218 34.82 -24.56 -37.65
N GLY B 219 35.99 -25.12 -37.95
CA GLY B 219 36.10 -26.57 -37.99
C GLY B 219 35.80 -27.20 -36.64
N GLU B 220 36.26 -26.57 -35.56
CA GLU B 220 36.04 -27.14 -34.24
C GLU B 220 34.56 -27.24 -33.92
N LEU B 221 33.75 -26.33 -34.44
CA LEU B 221 32.31 -26.39 -34.19
C LEU B 221 31.66 -27.57 -34.90
N PHE B 222 32.27 -28.11 -35.95
CA PHE B 222 31.74 -29.25 -36.66
C PHE B 222 32.27 -30.58 -36.13
N THR B 223 33.27 -30.55 -35.26
CA THR B 223 33.81 -31.77 -34.66
C THR B 223 33.78 -31.76 -33.14
N LYS B 224 33.61 -30.60 -32.51
CA LYS B 224 33.69 -30.44 -31.06
C LYS B 224 35.09 -30.67 -30.52
N LYS B 225 36.10 -30.77 -31.39
CA LYS B 225 37.49 -30.95 -31.03
C LYS B 225 38.34 -29.97 -31.83
N PRO B 226 39.34 -29.34 -31.20
CA PRO B 226 40.25 -28.48 -31.97
C PRO B 226 40.90 -29.22 -33.11
N ILE B 227 40.96 -28.57 -34.27
CA ILE B 227 41.52 -29.22 -35.46
C ILE B 227 43.00 -29.51 -35.28
N PHE B 228 43.75 -28.54 -34.77
CA PHE B 228 45.19 -28.68 -34.55
C PHE B 228 45.48 -28.57 -33.06
N GLN B 229 46.02 -29.64 -32.49
CA GLN B 229 46.46 -29.66 -31.10
C GLN B 229 47.88 -30.19 -31.02
N ALA B 230 48.80 -29.36 -30.55
CA ALA B 230 50.19 -29.76 -30.39
C ALA B 230 50.82 -28.86 -29.34
N ASN B 231 51.92 -29.34 -28.77
CA ASN B 231 52.59 -28.60 -27.70
C ASN B 231 53.81 -27.81 -28.16
N LEU B 232 54.37 -28.12 -29.32
CA LEU B 232 55.54 -27.42 -29.84
C LEU B 232 55.25 -26.86 -31.22
N GLU B 233 55.89 -25.72 -31.52
CA GLU B 233 55.62 -25.01 -32.75
C GLU B 233 55.88 -25.88 -33.98
N LEU B 234 56.88 -26.75 -33.93
CA LEU B 234 57.16 -27.60 -35.08
C LEU B 234 56.08 -28.67 -35.27
N ALA B 235 55.64 -29.29 -34.17
CA ALA B 235 54.61 -30.32 -34.27
C ALA B 235 53.26 -29.74 -34.67
N GLN B 236 53.02 -28.46 -34.37
CA GLN B 236 51.81 -27.79 -34.83
C GLN B 236 51.88 -27.54 -36.33
N LEU B 237 53.00 -27.01 -36.80
CA LEU B 237 53.18 -26.77 -38.23
C LEU B 237 52.99 -28.04 -39.05
N GLU B 238 53.38 -29.19 -38.50
CA GLU B 238 53.25 -30.46 -39.22
C GLU B 238 51.79 -30.89 -39.31
N LEU B 239 51.04 -30.75 -38.22
CA LEU B 239 49.62 -31.05 -38.27
C LEU B 239 48.92 -30.19 -39.31
N ILE B 240 49.21 -28.88 -39.31
CA ILE B 240 48.65 -28.00 -40.33
C ILE B 240 49.01 -28.51 -41.72
N SER B 241 50.24 -28.97 -41.89
CA SER B 241 50.68 -29.40 -43.21
C SER B 241 49.99 -30.69 -43.64
N ARG B 242 49.79 -31.61 -42.71
CA ARG B 242 49.08 -32.85 -43.05
C ARG B 242 47.68 -32.57 -43.58
N LEU B 243 47.11 -31.42 -43.24
CA LEU B 243 45.77 -31.04 -43.66
C LEU B 243 45.79 -29.98 -44.77
N CYS B 244 46.51 -28.87 -44.56
CA CYS B 244 46.49 -27.76 -45.48
C CYS B 244 47.57 -27.85 -46.55
N GLY B 245 48.54 -28.73 -46.40
CA GLY B 245 49.67 -28.81 -47.30
C GLY B 245 50.88 -28.07 -46.76
N SER B 246 52.05 -28.57 -47.08
CA SER B 246 53.27 -27.98 -46.57
C SER B 246 53.47 -26.58 -47.16
N PRO B 247 53.98 -25.62 -46.39
CA PRO B 247 54.26 -24.29 -46.96
C PRO B 247 55.37 -24.37 -48.00
N CYS B 248 55.06 -23.95 -49.22
CA CYS B 248 56.01 -23.96 -50.32
C CYS B 248 55.74 -22.76 -51.20
N PRO B 249 56.73 -22.33 -51.99
CA PRO B 249 56.48 -21.22 -52.93
C PRO B 249 55.36 -21.49 -53.91
N ALA B 250 55.05 -22.75 -54.20
CA ALA B 250 53.98 -23.06 -55.15
C ALA B 250 52.65 -22.47 -54.70
N VAL B 251 52.40 -22.42 -53.39
CA VAL B 251 51.22 -21.77 -52.86
C VAL B 251 51.53 -20.44 -52.19
N TRP B 252 52.75 -20.25 -51.68
CA TRP B 252 53.12 -19.09 -50.87
C TRP B 252 54.31 -18.38 -51.50
N PRO B 253 54.08 -17.39 -52.36
CA PRO B 253 55.22 -16.75 -53.05
C PRO B 253 56.18 -16.03 -52.13
N ASP B 254 55.82 -15.83 -50.86
CA ASP B 254 56.64 -15.08 -49.92
C ASP B 254 56.99 -15.90 -48.69
N VAL B 255 56.87 -17.23 -48.77
CA VAL B 255 57.23 -18.07 -47.63
C VAL B 255 58.72 -17.97 -47.34
N ILE B 256 59.54 -17.74 -48.36
CA ILE B 256 60.98 -17.66 -48.16
C ILE B 256 61.33 -16.50 -47.23
N ARG B 257 60.60 -15.39 -47.34
CA ARG B 257 60.93 -14.21 -46.55
C ARG B 257 60.83 -14.50 -45.05
N LEU B 258 59.95 -15.41 -44.66
CA LEU B 258 59.79 -15.73 -43.25
C LEU B 258 61.08 -16.32 -42.69
N PRO B 259 61.44 -15.99 -41.44
CA PRO B 259 62.75 -16.44 -40.94
C PRO B 259 62.94 -17.95 -40.90
N TYR B 260 61.97 -18.70 -40.39
CA TYR B 260 62.15 -20.12 -40.12
C TYR B 260 61.51 -21.00 -41.19
N PHE B 261 61.40 -20.52 -42.42
CA PHE B 261 60.91 -21.37 -43.51
C PHE B 261 61.84 -22.56 -43.74
N ASN B 262 63.14 -22.30 -43.75
CA ASN B 262 64.13 -23.38 -43.87
C ASN B 262 64.49 -23.99 -42.51
N THR B 263 64.41 -23.19 -41.45
CA THR B 263 64.69 -23.71 -40.11
C THR B 263 63.63 -24.69 -39.66
N MET B 264 62.37 -24.28 -39.72
CA MET B 264 61.24 -25.14 -39.39
C MET B 264 60.72 -25.78 -40.67
N LYS B 265 60.70 -27.10 -40.72
CA LYS B 265 60.23 -27.77 -41.93
C LYS B 265 59.29 -28.93 -41.60
N PRO B 266 58.10 -28.97 -42.21
CA PRO B 266 57.26 -30.16 -42.08
C PRO B 266 58.03 -31.40 -42.47
N LYS B 267 57.62 -32.54 -41.91
CA LYS B 267 58.34 -33.79 -42.16
C LYS B 267 58.50 -34.04 -43.66
N LYS B 268 57.42 -33.87 -44.41
CA LYS B 268 57.39 -34.08 -45.84
C LYS B 268 56.71 -32.87 -46.48
N GLN B 269 56.61 -32.88 -47.80
CA GLN B 269 55.76 -31.92 -48.49
C GLN B 269 54.42 -32.60 -48.75
N TYR B 270 53.41 -32.19 -48.01
CA TYR B 270 52.08 -32.79 -48.05
C TYR B 270 51.20 -32.08 -49.06
N ARG B 271 50.32 -32.86 -49.68
CA ARG B 271 49.24 -32.29 -50.49
C ARG B 271 48.09 -31.87 -49.57
N ARG B 272 47.30 -30.91 -50.05
CA ARG B 272 46.17 -30.40 -49.27
C ARG B 272 45.05 -31.44 -49.26
N ARG B 273 44.66 -31.86 -48.07
CA ARG B 273 43.58 -32.83 -47.89
C ARG B 273 42.37 -32.24 -47.18
N LEU B 274 42.32 -30.92 -47.01
CA LEU B 274 41.30 -30.31 -46.17
C LEU B 274 39.90 -30.79 -46.56
N ARG B 275 39.60 -30.77 -47.86
CA ARG B 275 38.25 -31.14 -48.30
C ARG B 275 37.96 -32.61 -48.06
N GLU B 276 38.99 -33.47 -48.11
CA GLU B 276 38.76 -34.90 -47.92
C GLU B 276 38.49 -35.22 -46.46
N GLU B 277 39.35 -34.75 -45.55
CA GLU B 277 39.17 -35.05 -44.14
C GLU B 277 37.98 -34.31 -43.54
N PHE B 278 37.47 -33.28 -44.21
CA PHE B 278 36.27 -32.57 -43.79
C PHE B 278 35.10 -32.83 -44.75
N SER B 279 35.11 -33.96 -45.45
CA SER B 279 34.08 -34.24 -46.44
C SER B 279 32.70 -34.31 -45.83
N PHE B 280 32.60 -34.45 -44.51
CA PHE B 280 31.30 -34.54 -43.84
C PHE B 280 30.70 -33.18 -43.51
N ILE B 281 31.32 -32.08 -43.94
CA ILE B 281 30.81 -30.75 -43.65
C ILE B 281 29.99 -30.25 -44.84
N PRO B 282 28.91 -29.51 -44.60
CA PRO B 282 28.14 -28.96 -45.72
C PRO B 282 29.02 -28.18 -46.69
N SER B 283 28.58 -28.14 -47.96
CA SER B 283 29.39 -27.52 -49.01
C SER B 283 29.56 -26.03 -48.79
N ALA B 284 28.48 -25.33 -48.41
CA ALA B 284 28.58 -23.90 -48.16
C ALA B 284 29.62 -23.61 -47.08
N ALA B 285 29.66 -24.44 -46.04
CA ALA B 285 30.62 -24.22 -44.97
C ALA B 285 32.03 -24.63 -45.39
N LEU B 286 32.16 -25.82 -45.98
CA LEU B 286 33.48 -26.31 -46.35
C LEU B 286 34.22 -25.31 -47.24
N ASP B 287 33.50 -24.65 -48.14
CA ASP B 287 34.13 -23.62 -48.96
C ASP B 287 34.64 -22.46 -48.10
N LEU B 288 33.94 -22.16 -47.01
CA LEU B 288 34.40 -21.12 -46.11
C LEU B 288 35.65 -21.57 -45.34
N LEU B 289 35.65 -22.80 -44.84
CA LEU B 289 36.82 -23.31 -44.15
C LEU B 289 38.03 -23.29 -45.07
N ASP B 290 37.87 -23.80 -46.30
CA ASP B 290 38.99 -23.84 -47.23
C ASP B 290 39.58 -22.45 -47.44
N HIS B 291 38.72 -21.43 -47.54
CA HIS B 291 39.20 -20.07 -47.75
C HIS B 291 39.79 -19.45 -46.49
N MET B 292 39.24 -19.79 -45.32
CA MET B 292 39.75 -19.23 -44.09
C MET B 292 41.09 -19.84 -43.67
N LEU B 293 41.41 -21.03 -44.17
CA LEU B 293 42.63 -21.73 -43.79
C LEU B 293 43.67 -21.70 -44.92
N THR B 294 43.71 -20.63 -45.70
CA THR B 294 44.74 -20.45 -46.72
C THR B 294 46.04 -20.00 -46.06
N LEU B 295 47.14 -20.63 -46.43
CA LEU B 295 48.40 -20.40 -45.73
C LEU B 295 48.87 -18.95 -45.87
N ASP B 296 48.83 -18.43 -47.09
CA ASP B 296 49.35 -17.09 -47.34
C ASP B 296 48.43 -16.05 -46.70
N PRO B 297 48.97 -15.09 -45.96
CA PRO B 297 48.09 -14.06 -45.37
C PRO B 297 47.35 -13.24 -46.41
N SER B 298 48.03 -12.81 -47.47
CA SER B 298 47.33 -12.04 -48.51
C SER B 298 46.24 -12.86 -49.18
N LYS B 299 46.50 -14.15 -49.42
CA LYS B 299 45.50 -14.99 -50.06
C LYS B 299 44.36 -15.34 -49.10
N ARG B 300 44.64 -15.35 -47.79
CA ARG B 300 43.60 -15.64 -46.80
C ARG B 300 42.50 -14.60 -46.87
N CYS B 301 41.26 -15.07 -46.84
CA CYS B 301 40.11 -14.20 -47.03
C CYS B 301 39.97 -13.20 -45.88
N THR B 302 39.38 -12.04 -46.19
CA THR B 302 39.15 -11.03 -45.18
C THR B 302 37.87 -11.34 -44.41
N ALA B 303 37.62 -10.53 -43.37
CA ALA B 303 36.42 -10.72 -42.58
C ALA B 303 35.16 -10.39 -43.38
N GLU B 304 35.12 -9.20 -43.98
CA GLU B 304 33.98 -8.85 -44.81
C GLU B 304 33.67 -9.95 -45.82
N GLN B 305 34.71 -10.50 -46.42
CA GLN B 305 34.51 -11.56 -47.41
C GLN B 305 33.88 -12.80 -46.78
N THR B 306 34.24 -13.11 -45.52
CA THR B 306 33.53 -14.18 -44.83
C THR B 306 32.06 -13.86 -44.68
N LEU B 307 31.74 -12.61 -44.32
CA LEU B 307 30.36 -12.22 -44.14
C LEU B 307 29.56 -12.27 -45.44
N GLN B 308 30.24 -12.19 -46.58
CA GLN B 308 29.60 -12.31 -47.89
C GLN B 308 29.73 -13.72 -48.47
N SER B 309 30.07 -14.70 -47.64
CA SER B 309 30.08 -16.10 -48.04
C SER B 309 28.65 -16.61 -48.20
N ASP B 310 28.51 -17.71 -48.95
CA ASP B 310 27.20 -18.36 -49.03
C ASP B 310 26.76 -18.79 -47.63
N PHE B 311 27.70 -19.25 -46.80
CA PHE B 311 27.36 -19.77 -45.49
C PHE B 311 26.72 -18.70 -44.63
N LEU B 312 27.30 -17.50 -44.62
CA LEU B 312 26.93 -16.47 -43.66
C LEU B 312 26.19 -15.29 -44.27
N LYS B 313 26.19 -15.15 -45.59
CA LYS B 313 25.58 -13.98 -46.21
C LYS B 313 24.08 -13.92 -45.93
N ASP B 314 23.38 -15.02 -46.16
CA ASP B 314 21.92 -15.07 -46.05
C ASP B 314 21.43 -15.65 -44.74
N VAL B 315 22.27 -15.59 -43.70
CA VAL B 315 21.84 -15.94 -42.35
C VAL B 315 21.06 -14.76 -41.77
N GLU B 316 19.91 -15.05 -41.16
CA GLU B 316 19.03 -14.01 -40.64
C GLU B 316 19.45 -13.66 -39.22
N LEU B 317 19.93 -12.43 -39.03
CA LEU B 317 20.35 -11.99 -37.70
C LEU B 317 19.18 -11.98 -36.74
N SER B 318 17.98 -11.68 -37.23
CA SER B 318 16.81 -11.66 -36.36
C SER B 318 16.53 -13.04 -35.77
N LYS B 319 16.72 -14.09 -36.56
CA LYS B 319 16.44 -15.46 -36.11
C LYS B 319 17.60 -15.93 -35.24
N MET B 320 17.50 -15.62 -33.94
CA MET B 320 18.57 -15.99 -33.02
C MET B 320 18.71 -17.51 -32.93
N ALA B 321 17.58 -18.23 -32.82
CA ALA B 321 17.58 -19.68 -32.70
C ALA B 321 18.55 -20.12 -31.61
N PRO B 322 18.19 -19.92 -30.34
CA PRO B 322 19.10 -20.26 -29.23
C PRO B 322 19.74 -21.63 -29.40
N PRO B 323 20.98 -21.80 -28.90
CA PRO B 323 21.59 -23.14 -28.90
C PRO B 323 20.95 -24.03 -27.85
N ASP B 324 20.97 -25.33 -28.11
CA ASP B 324 20.42 -26.30 -27.17
C ASP B 324 21.49 -26.65 -26.14
N LEU B 325 21.34 -26.14 -24.92
CA LEU B 325 22.26 -26.35 -23.83
C LEU B 325 21.59 -27.18 -22.74
N PRO B 326 22.24 -28.25 -22.23
CA PRO B 326 21.53 -29.15 -21.30
C PRO B 326 21.45 -28.62 -19.88
N HIS B 327 20.30 -28.07 -19.50
CA HIS B 327 20.06 -27.66 -18.13
C HIS B 327 19.17 -28.66 -17.38
N TRP B 328 18.84 -29.79 -18.00
CA TRP B 328 18.12 -30.87 -17.35
C TRP B 328 18.70 -32.19 -17.85
N GLN B 329 18.40 -33.25 -17.11
CA GLN B 329 18.93 -34.60 -17.32
C GLN B 329 20.39 -34.72 -16.96
N ASP B 330 20.98 -33.70 -16.36
CA ASP B 330 22.30 -33.83 -15.74
C ASP B 330 22.32 -34.91 -14.68
N CYS B 331 21.15 -35.43 -14.31
CA CYS B 331 21.08 -36.66 -13.52
C CYS B 331 21.59 -37.86 -14.32
N HIS B 332 21.12 -37.98 -15.57
CA HIS B 332 21.64 -38.90 -16.58
C HIS B 332 20.87 -40.21 -16.66
N GLU B 333 21.25 -41.07 -17.61
CA GLU B 333 20.60 -42.34 -17.93
C GLU B 333 19.33 -42.12 -18.75
N THR C 24 28.94 8.49 -24.05
CA THR C 24 29.82 7.45 -23.51
C THR C 24 31.28 7.90 -23.52
N LYS C 25 31.56 9.03 -24.16
CA LYS C 25 32.91 9.58 -24.25
C LYS C 25 32.89 11.07 -23.93
N PRO C 26 33.88 11.57 -23.18
CA PRO C 26 33.78 12.92 -22.62
C PRO C 26 34.13 14.01 -23.64
N CYS C 27 33.78 15.24 -23.25
CA CYS C 27 34.01 16.42 -24.08
C CYS C 27 35.39 17.00 -23.74
N TRP C 28 36.31 16.93 -24.69
CA TRP C 28 37.68 17.37 -24.48
C TRP C 28 37.96 18.74 -25.09
N TYR C 29 36.96 19.60 -25.19
CA TYR C 29 37.15 20.90 -25.85
C TYR C 29 36.50 22.01 -25.04
N TRP C 30 37.26 23.07 -24.81
CA TRP C 30 36.82 24.26 -24.10
C TRP C 30 36.85 25.47 -25.04
N ASP C 31 36.27 26.57 -24.58
CA ASP C 31 36.31 27.84 -25.29
C ASP C 31 37.51 28.65 -24.84
N LYS C 32 38.07 29.42 -25.77
CA LYS C 32 39.19 30.29 -25.43
C LYS C 32 38.91 31.06 -24.15
N LYS C 33 37.70 31.62 -24.03
CA LYS C 33 37.36 32.39 -22.85
C LYS C 33 37.48 31.57 -21.58
N ASP C 34 37.32 30.25 -21.68
CA ASP C 34 37.36 29.41 -20.48
C ASP C 34 38.77 29.31 -19.91
N LEU C 35 39.79 29.45 -20.75
CA LEU C 35 41.16 29.31 -20.28
C LEU C 35 41.51 30.34 -19.22
N ALA C 36 40.71 31.40 -19.09
CA ALA C 36 40.89 32.36 -18.01
C ALA C 36 40.49 31.80 -16.65
N HIS C 37 40.07 30.54 -16.58
CA HIS C 37 39.62 29.96 -15.33
C HIS C 37 40.17 28.55 -15.12
N THR C 38 41.40 28.31 -15.56
CA THR C 38 42.08 27.08 -15.19
C THR C 38 42.54 27.16 -13.74
N PRO C 39 42.75 26.01 -13.09
CA PRO C 39 43.27 26.05 -11.71
C PRO C 39 44.52 26.91 -11.59
N SER C 40 45.39 26.87 -12.59
CA SER C 40 46.60 27.67 -12.56
C SER C 40 46.27 29.15 -12.46
N GLN C 41 45.40 29.65 -13.35
CA GLN C 41 45.03 31.06 -13.32
C GLN C 41 44.48 31.45 -11.95
N LEU C 42 43.60 30.63 -11.38
CA LEU C 42 42.92 30.98 -10.14
C LEU C 42 43.83 30.93 -8.93
N GLU C 43 45.00 30.31 -9.03
CA GLU C 43 45.97 30.31 -7.94
C GLU C 43 46.97 31.46 -8.06
N GLY C 44 46.67 32.46 -8.87
CA GLY C 44 47.51 33.64 -9.01
C GLY C 44 48.38 33.66 -10.24
N LEU C 45 48.44 32.57 -10.99
CA LEU C 45 49.26 32.52 -12.20
C LEU C 45 48.61 33.37 -13.29
N ASP C 46 49.41 34.22 -13.93
CA ASP C 46 48.88 35.07 -14.98
C ASP C 46 48.83 34.32 -16.31
N PRO C 47 48.01 34.79 -17.26
CA PRO C 47 47.86 34.04 -18.51
C PRO C 47 49.16 33.78 -19.22
N ALA C 48 50.05 34.78 -19.30
CA ALA C 48 51.31 34.58 -19.99
C ALA C 48 52.10 33.43 -19.38
N THR C 49 52.14 33.36 -18.04
CA THR C 49 52.96 32.34 -17.38
C THR C 49 52.46 30.94 -17.72
N GLU C 50 51.15 30.73 -17.65
CA GLU C 50 50.63 29.40 -17.99
C GLU C 50 50.95 29.06 -19.44
N ALA C 51 50.76 30.02 -20.35
CA ALA C 51 51.12 29.80 -21.74
C ALA C 51 52.58 29.40 -21.86
N ARG C 52 53.46 30.10 -21.16
CA ARG C 52 54.88 29.72 -21.15
C ARG C 52 55.06 28.31 -20.61
N TYR C 53 54.47 28.02 -19.45
CA TYR C 53 54.57 26.67 -18.88
C TYR C 53 54.08 25.63 -19.88
N ARG C 54 53.00 25.92 -20.60
CA ARG C 54 52.49 24.96 -21.58
C ARG C 54 53.53 24.71 -22.67
N ARG C 55 54.10 25.76 -23.23
CA ARG C 55 55.10 25.59 -24.27
C ARG C 55 56.26 24.73 -23.78
N GLU C 56 56.82 25.09 -22.63
CA GLU C 56 58.00 24.37 -22.13
C GLU C 56 57.68 22.91 -21.86
N GLY C 57 56.52 22.63 -21.28
CA GLY C 57 56.12 21.26 -21.06
C GLY C 57 55.99 20.50 -22.37
N ALA C 58 55.29 21.09 -23.34
CA ALA C 58 55.10 20.45 -24.62
C ALA C 58 56.44 20.19 -25.31
N ARG C 59 57.29 21.21 -25.38
CA ARG C 59 58.59 21.04 -26.01
C ARG C 59 59.46 20.06 -25.23
N PHE C 60 59.35 20.06 -23.90
CA PHE C 60 60.06 19.05 -23.12
C PHE C 60 59.64 17.65 -23.52
N ILE C 61 58.34 17.41 -23.63
CA ILE C 61 57.87 16.13 -24.13
C ILE C 61 58.39 15.89 -25.55
N PHE C 62 58.26 16.90 -26.41
CA PHE C 62 58.71 16.75 -27.79
C PHE C 62 60.20 16.44 -27.86
N ASP C 63 61.01 17.20 -27.13
CA ASP C 63 62.46 17.00 -27.19
C ASP C 63 62.85 15.67 -26.56
N VAL C 64 62.27 15.33 -25.40
CA VAL C 64 62.62 14.09 -24.73
C VAL C 64 62.34 12.90 -25.65
N GLY C 65 61.10 12.80 -26.15
CA GLY C 65 60.74 11.68 -27.00
C GLY C 65 61.54 11.64 -28.28
N THR C 66 61.88 12.81 -28.84
CA THR C 66 62.69 12.83 -30.06
C THR C 66 64.06 12.23 -29.82
N ARG C 67 64.67 12.53 -28.67
CA ARG C 67 65.95 11.92 -28.34
C ARG C 67 65.83 10.40 -28.24
N LEU C 68 64.69 9.92 -27.74
CA LEU C 68 64.45 8.48 -27.62
C LEU C 68 64.01 7.84 -28.93
N GLY C 69 63.78 8.63 -29.98
CA GLY C 69 63.41 8.06 -31.26
C GLY C 69 61.97 7.62 -31.36
N LEU C 70 61.04 8.40 -30.81
CA LEU C 70 59.64 8.01 -30.76
C LEU C 70 58.86 8.53 -31.95
N HIS C 71 57.90 7.73 -32.40
CA HIS C 71 57.00 8.14 -33.47
C HIS C 71 56.34 9.46 -33.14
N TYR C 72 55.94 10.21 -34.18
CA TYR C 72 55.39 11.54 -33.95
C TYR C 72 54.04 11.47 -33.24
N ASP C 73 53.25 10.42 -33.51
CA ASP C 73 51.98 10.27 -32.82
C ASP C 73 52.18 10.12 -31.31
N THR C 74 53.21 9.38 -30.91
CA THR C 74 53.46 9.18 -29.49
C THR C 74 53.83 10.50 -28.81
N LEU C 75 54.64 11.32 -29.47
CA LEU C 75 54.92 12.65 -28.93
C LEU C 75 53.64 13.44 -28.75
N ALA C 76 52.82 13.52 -29.81
CA ALA C 76 51.59 14.30 -29.73
C ALA C 76 50.68 13.75 -28.64
N THR C 77 50.46 12.44 -28.61
CA THR C 77 49.58 11.85 -27.60
C THR C 77 50.00 12.29 -26.20
N GLY C 78 51.30 12.19 -25.91
CA GLY C 78 51.79 12.67 -24.62
C GLY C 78 51.51 14.15 -24.41
N ILE C 79 51.67 14.95 -25.46
CA ILE C 79 51.43 16.39 -25.35
C ILE C 79 49.95 16.67 -25.12
N ILE C 80 49.07 15.88 -25.74
CA ILE C 80 47.64 16.07 -25.53
C ILE C 80 47.26 15.71 -24.10
N TYR C 81 47.76 14.59 -23.59
CA TYR C 81 47.58 14.28 -22.18
C TYR C 81 48.05 15.44 -21.32
N PHE C 82 49.22 16.00 -21.64
CA PHE C 82 49.78 17.11 -20.86
C PHE C 82 48.83 18.30 -20.87
N HIS C 83 48.42 18.76 -22.06
CA HIS C 83 47.56 19.93 -22.15
C HIS C 83 46.26 19.71 -21.39
N ARG C 84 45.61 18.56 -21.61
CA ARG C 84 44.36 18.29 -20.91
C ARG C 84 44.58 18.25 -19.40
N PHE C 85 45.71 17.70 -18.96
CA PHE C 85 45.93 17.52 -17.53
C PHE C 85 45.81 18.84 -16.77
N TYR C 86 46.39 19.91 -17.31
CA TYR C 86 46.41 21.20 -16.63
C TYR C 86 45.14 22.01 -16.90
N MET C 87 44.11 21.39 -17.45
CA MET C 87 42.76 21.92 -17.35
C MET C 87 42.06 21.46 -16.08
N PHE C 88 42.65 20.48 -15.36
CA PHE C 88 42.09 19.95 -14.13
C PHE C 88 42.98 20.19 -12.91
N HIS C 89 44.20 20.67 -13.09
CA HIS C 89 45.12 20.87 -11.97
C HIS C 89 45.91 22.15 -12.20
N SER C 90 46.58 22.60 -11.16
CA SER C 90 47.37 23.83 -11.20
C SER C 90 48.84 23.50 -11.39
N PHE C 91 49.54 24.36 -12.13
CA PHE C 91 50.97 24.18 -12.31
C PHE C 91 51.73 24.34 -11.01
N LYS C 92 51.19 25.10 -10.05
CA LYS C 92 51.90 25.33 -8.80
C LYS C 92 51.96 24.08 -7.93
N GLN C 93 51.01 23.15 -8.09
CA GLN C 93 50.96 21.96 -7.27
C GLN C 93 51.42 20.71 -7.99
N PHE C 94 51.65 20.77 -9.29
CA PHE C 94 52.18 19.64 -10.06
C PHE C 94 53.30 20.15 -10.96
N PRO C 95 54.56 19.96 -10.57
CA PRO C 95 55.66 20.41 -11.44
C PRO C 95 55.49 19.88 -12.85
N ARG C 96 55.72 20.76 -13.83
CA ARG C 96 55.31 20.47 -15.21
C ARG C 96 56.18 19.40 -15.84
N TYR C 97 57.49 19.42 -15.61
CA TYR C 97 58.36 18.46 -16.28
C TYR C 97 58.10 17.04 -15.80
N VAL C 98 57.76 16.86 -14.52
CA VAL C 98 57.36 15.54 -14.04
C VAL C 98 56.12 15.07 -14.78
N THR C 99 55.07 15.89 -14.79
CA THR C 99 53.86 15.56 -15.54
C THR C 99 54.18 15.21 -16.99
N GLY C 100 55.01 16.04 -17.64
CA GLY C 100 55.37 15.76 -19.02
C GLY C 100 56.00 14.39 -19.21
N ALA C 101 56.97 14.07 -18.36
CA ALA C 101 57.62 12.76 -18.44
C ALA C 101 56.60 11.65 -18.24
N CYS C 102 55.70 11.79 -17.26
CA CYS C 102 54.66 10.80 -17.04
C CYS C 102 53.77 10.67 -18.28
N CYS C 103 53.34 11.81 -18.83
CA CYS C 103 52.52 11.76 -20.05
C CYS C 103 53.22 10.96 -21.14
N LEU C 104 54.48 11.28 -21.43
CA LEU C 104 55.20 10.55 -22.46
C LEU C 104 55.29 9.06 -22.11
N PHE C 105 55.60 8.74 -20.84
CA PHE C 105 55.68 7.35 -20.43
C PHE C 105 54.39 6.61 -20.74
N LEU C 106 53.25 7.19 -20.34
CA LEU C 106 51.97 6.58 -20.67
C LEU C 106 51.73 6.57 -22.16
N ALA C 107 52.00 7.69 -22.83
CA ALA C 107 51.80 7.77 -24.28
C ALA C 107 52.50 6.62 -24.98
N GLY C 108 53.70 6.28 -24.53
CA GLY C 108 54.43 5.17 -25.14
C GLY C 108 53.65 3.87 -25.08
N LYS C 109 53.05 3.56 -23.94
CA LYS C 109 52.28 2.33 -23.82
C LYS C 109 50.99 2.39 -24.62
N VAL C 110 50.36 3.56 -24.70
CA VAL C 110 49.13 3.68 -25.46
C VAL C 110 49.40 3.47 -26.95
N GLU C 111 50.32 4.24 -27.50
CA GLU C 111 50.60 4.19 -28.93
C GLU C 111 51.51 3.03 -29.33
N GLU C 112 51.78 2.11 -28.42
CA GLU C 112 52.56 0.90 -28.73
C GLU C 112 53.99 1.25 -29.14
N THR C 113 54.55 2.29 -28.52
CA THR C 113 55.96 2.65 -28.66
C THR C 113 56.57 2.77 -27.27
N PRO C 114 56.57 1.68 -26.50
CA PRO C 114 56.86 1.79 -25.06
C PRO C 114 58.33 2.09 -24.79
N LYS C 115 58.55 2.74 -23.65
CA LYS C 115 59.88 3.00 -23.13
C LYS C 115 59.87 2.76 -21.63
N LYS C 116 61.02 2.32 -21.10
CA LYS C 116 61.15 2.13 -19.66
C LYS C 116 61.27 3.49 -18.98
N CYS C 117 60.60 3.62 -17.84
CA CYS C 117 60.60 4.90 -17.13
C CYS C 117 62.03 5.38 -16.86
N LYS C 118 62.93 4.46 -16.54
CA LYS C 118 64.30 4.86 -16.22
C LYS C 118 64.98 5.52 -17.41
N ASP C 119 64.67 5.06 -18.63
CA ASP C 119 65.25 5.66 -19.82
C ASP C 119 64.75 7.09 -20.04
N ILE C 120 63.45 7.31 -19.78
CA ILE C 120 62.91 8.66 -19.91
C ILE C 120 63.56 9.59 -18.90
N ILE C 121 63.71 9.12 -17.66
CA ILE C 121 64.43 9.91 -16.65
C ILE C 121 65.84 10.21 -17.13
N LYS C 122 66.55 9.19 -17.61
CA LYS C 122 67.89 9.40 -18.15
C LYS C 122 67.91 10.52 -19.17
N THR C 123 66.99 10.46 -20.13
CA THR C 123 66.95 11.48 -21.17
C THR C 123 66.55 12.83 -20.60
N ALA C 124 65.58 12.84 -19.69
CA ALA C 124 65.14 14.10 -19.09
C ALA C 124 66.29 14.79 -18.36
N ARG C 125 67.15 14.00 -17.71
CA ARG C 125 68.28 14.60 -17.01
C ARG C 125 69.29 15.20 -17.98
N SER C 126 69.48 14.54 -19.13
CA SER C 126 70.45 15.05 -20.11
C SER C 126 70.03 16.42 -20.64
N LEU C 127 68.73 16.67 -20.74
CA LEU C 127 68.23 17.89 -21.35
C LEU C 127 67.89 18.98 -20.36
N LEU C 128 67.66 18.63 -19.09
CA LEU C 128 67.32 19.61 -18.06
C LEU C 128 68.56 20.00 -17.27
N ASN C 129 68.60 21.25 -16.83
CA ASN C 129 69.69 21.74 -16.00
C ASN C 129 69.48 21.21 -14.58
N ASP C 130 70.31 21.68 -13.64
CA ASP C 130 70.22 21.18 -12.27
C ASP C 130 68.96 21.70 -11.59
N VAL C 131 68.60 22.96 -11.82
CA VAL C 131 67.41 23.52 -11.18
C VAL C 131 66.15 22.82 -11.70
N GLN C 132 66.03 22.71 -13.03
CA GLN C 132 64.81 22.14 -13.61
C GLN C 132 64.60 20.71 -13.14
N PHE C 133 65.66 19.90 -13.17
CA PHE C 133 65.53 18.51 -12.72
C PHE C 133 65.18 18.40 -11.24
N GLY C 134 65.31 19.49 -10.49
CA GLY C 134 64.93 19.44 -9.08
C GLY C 134 63.48 19.06 -8.87
N GLN C 135 62.63 19.38 -9.84
CA GLN C 135 61.21 19.04 -9.73
C GLN C 135 61.01 17.54 -9.52
N PHE C 136 61.91 16.72 -10.04
CA PHE C 136 61.81 15.27 -9.87
C PHE C 136 62.17 14.82 -8.47
N GLY C 137 62.66 15.71 -7.61
CA GLY C 137 62.91 15.33 -6.24
C GLY C 137 64.03 14.32 -6.10
N ASP C 138 64.00 13.63 -4.95
CA ASP C 138 65.08 12.72 -4.59
C ASP C 138 65.03 11.42 -5.38
N ASP C 139 63.82 10.94 -5.71
CA ASP C 139 63.63 9.71 -6.47
C ASP C 139 62.84 10.06 -7.72
N PRO C 140 63.51 10.40 -8.83
CA PRO C 140 62.78 10.78 -10.05
C PRO C 140 61.80 9.73 -10.54
N LYS C 141 62.25 8.47 -10.69
CA LYS C 141 61.37 7.43 -11.20
C LYS C 141 60.11 7.30 -10.36
N GLU C 142 60.25 7.39 -9.04
CA GLU C 142 59.09 7.25 -8.16
C GLU C 142 58.10 8.39 -8.37
N GLU C 143 58.60 9.63 -8.38
CA GLU C 143 57.71 10.78 -8.58
C GLU C 143 56.90 10.64 -9.85
N VAL C 144 57.44 9.96 -10.87
CA VAL C 144 56.74 9.82 -12.13
C VAL C 144 55.75 8.65 -12.07
N MET C 145 56.24 7.47 -11.72
CA MET C 145 55.36 6.30 -11.66
C MET C 145 54.16 6.55 -10.77
N VAL C 146 54.35 7.31 -9.68
CA VAL C 146 53.24 7.60 -8.78
C VAL C 146 52.21 8.49 -9.46
N LEU C 147 52.63 9.34 -10.38
CA LEU C 147 51.72 10.26 -11.03
C LEU C 147 50.85 9.58 -12.07
N GLU C 148 51.26 8.41 -12.58
CA GLU C 148 50.46 7.72 -13.59
C GLU C 148 49.08 7.35 -13.05
N ARG C 149 48.96 7.16 -11.73
CA ARG C 149 47.65 6.92 -11.14
C ARG C 149 46.71 8.12 -11.37
N ILE C 150 47.21 9.32 -11.10
CA ILE C 150 46.39 10.51 -11.26
C ILE C 150 46.10 10.78 -12.74
N LEU C 151 47.13 10.71 -13.58
CA LEU C 151 46.98 10.99 -15.00
C LEU C 151 45.83 10.19 -15.61
N LEU C 152 45.78 8.89 -15.32
CA LEU C 152 44.73 8.05 -15.89
C LEU C 152 43.35 8.52 -15.43
N GLN C 153 43.20 8.79 -14.14
CA GLN C 153 41.92 9.30 -13.65
C GLN C 153 41.60 10.67 -14.23
N THR C 154 42.62 11.50 -14.46
CA THR C 154 42.37 12.84 -14.96
C THR C 154 41.86 12.81 -16.39
N ILE C 155 42.49 11.99 -17.25
CA ILE C 155 42.08 11.86 -18.63
C ILE C 155 40.84 10.97 -18.73
N LYS C 156 40.29 10.61 -17.57
CA LYS C 156 39.05 9.83 -17.52
C LYS C 156 39.18 8.49 -18.23
N PHE C 157 40.41 8.05 -18.49
CA PHE C 157 40.74 6.79 -19.15
C PHE C 157 40.36 6.77 -20.63
N ASP C 158 40.09 7.93 -21.23
CA ASP C 158 39.93 8.04 -22.68
C ASP C 158 41.33 8.19 -23.28
N LEU C 159 41.96 7.06 -23.54
CA LEU C 159 43.35 7.02 -23.99
C LEU C 159 43.51 7.17 -25.51
N GLN C 160 42.41 7.31 -26.24
CA GLN C 160 42.45 7.41 -27.70
C GLN C 160 42.50 8.88 -28.08
N VAL C 161 43.51 9.26 -28.87
CA VAL C 161 43.71 10.65 -29.27
C VAL C 161 44.11 10.67 -30.74
N GLU C 162 43.22 11.15 -31.60
CA GLU C 162 43.57 11.41 -32.99
C GLU C 162 44.28 12.75 -33.09
N HIS C 163 45.14 12.87 -34.09
CA HIS C 163 46.00 14.03 -34.25
C HIS C 163 45.87 14.60 -35.65
N PRO C 164 46.20 15.88 -35.83
CA PRO C 164 46.08 16.49 -37.17
C PRO C 164 46.88 15.78 -38.25
N TYR C 165 47.91 15.02 -37.89
CA TYR C 165 48.80 14.44 -38.89
C TYR C 165 48.03 13.55 -39.86
N GLN C 166 47.26 12.60 -39.33
CA GLN C 166 46.58 11.65 -40.20
C GLN C 166 45.62 12.35 -41.14
N PHE C 167 44.98 13.44 -40.69
CA PHE C 167 44.06 14.15 -41.55
C PHE C 167 44.77 15.03 -42.58
N LEU C 168 45.92 15.60 -42.21
CA LEU C 168 46.72 16.34 -43.18
C LEU C 168 47.10 15.47 -44.36
N LEU C 169 47.34 14.18 -44.12
CA LEU C 169 47.70 13.27 -45.20
C LEU C 169 46.46 12.75 -45.91
N LYS C 170 45.43 12.34 -45.16
CA LYS C 170 44.22 11.83 -45.79
C LYS C 170 43.63 12.86 -46.75
N TYR C 171 43.68 14.14 -46.38
CA TYR C 171 43.15 15.20 -47.24
C TYR C 171 44.11 15.51 -48.38
N ALA C 172 45.41 15.51 -48.11
CA ALA C 172 46.38 15.79 -49.17
C ALA C 172 46.34 14.73 -50.26
N LYS C 173 46.07 13.48 -49.90
CA LYS C 173 46.02 12.42 -50.90
C LYS C 173 44.97 12.70 -51.95
N GLN C 174 43.87 13.37 -51.58
CA GLN C 174 42.81 13.69 -52.52
C GLN C 174 43.14 14.90 -53.38
N LEU C 175 44.23 15.61 -53.10
CA LEU C 175 44.66 16.71 -53.95
C LEU C 175 45.47 16.16 -55.12
N LYS C 176 45.18 16.66 -56.32
CA LYS C 176 45.89 16.25 -57.53
C LYS C 176 46.35 17.50 -58.26
N GLY C 177 47.62 17.51 -58.65
CA GLY C 177 48.21 18.65 -59.33
C GLY C 177 49.73 18.56 -59.28
N ASP C 178 50.37 19.74 -59.31
CA ASP C 178 51.82 19.82 -59.25
C ASP C 178 52.34 19.10 -58.01
N LYS C 179 53.03 17.97 -58.21
CA LYS C 179 53.55 17.19 -57.08
C LYS C 179 54.37 18.06 -56.14
N ASN C 180 55.18 18.96 -56.69
CA ASN C 180 56.11 19.73 -55.87
C ASN C 180 55.39 20.82 -55.08
N LYS C 181 54.36 21.42 -55.66
CA LYS C 181 53.62 22.45 -54.93
C LYS C 181 52.81 21.83 -53.78
N ILE C 182 52.25 20.64 -54.01
CA ILE C 182 51.48 19.99 -52.95
C ILE C 182 52.39 19.53 -51.83
N GLN C 183 53.58 19.02 -52.18
CA GLN C 183 54.51 18.56 -51.15
C GLN C 183 55.04 19.72 -50.32
N LYS C 184 55.25 20.88 -50.94
CA LYS C 184 55.62 22.06 -50.15
C LYS C 184 54.49 22.45 -49.21
N LEU C 185 53.25 22.36 -49.68
CA LEU C 185 52.11 22.65 -48.82
C LEU C 185 52.07 21.72 -47.62
N VAL C 186 52.32 20.43 -47.84
CA VAL C 186 52.22 19.45 -46.77
C VAL C 186 53.28 19.73 -45.69
N GLN C 187 54.55 19.75 -46.09
CA GLN C 187 55.61 19.95 -45.11
C GLN C 187 55.43 21.24 -44.34
N MET C 188 55.06 22.32 -45.03
CA MET C 188 54.83 23.59 -44.34
C MET C 188 53.68 23.45 -43.34
N ALA C 189 52.61 22.75 -43.75
CA ALA C 189 51.51 22.49 -42.82
C ALA C 189 51.96 21.60 -41.68
N TRP C 190 52.70 20.53 -42.01
CA TRP C 190 53.21 19.63 -40.98
C TRP C 190 54.00 20.41 -39.92
N THR C 191 54.85 21.34 -40.36
CA THR C 191 55.59 22.17 -39.42
C THR C 191 54.64 22.93 -38.51
N PHE C 192 53.53 23.44 -39.06
CA PHE C 192 52.56 24.17 -38.26
C PHE C 192 51.87 23.26 -37.25
N VAL C 193 51.63 22.00 -37.61
CA VAL C 193 51.04 21.06 -36.66
C VAL C 193 51.96 20.91 -35.46
N ASN C 194 53.23 20.62 -35.71
CA ASN C 194 54.20 20.53 -34.61
C ASN C 194 54.17 21.79 -33.76
N ASP C 195 54.08 22.96 -34.40
CA ASP C 195 54.06 24.21 -33.65
C ASP C 195 52.76 24.40 -32.88
N SER C 196 51.68 23.75 -33.31
CA SER C 196 50.40 23.89 -32.61
C SER C 196 50.39 23.10 -31.31
N LEU C 197 51.21 22.05 -31.22
CA LEU C 197 51.26 21.23 -30.02
C LEU C 197 51.74 21.99 -28.80
N CYS C 198 52.31 23.18 -28.99
CA CYS C 198 52.73 24.03 -27.89
C CYS C 198 51.64 24.99 -27.42
N THR C 199 50.45 24.93 -27.99
CA THR C 199 49.41 25.90 -27.67
C THR C 199 48.07 25.21 -27.46
N THR C 200 47.15 25.97 -26.85
CA THR C 200 45.87 25.47 -26.37
C THR C 200 44.89 25.11 -27.48
N LEU C 201 45.27 25.30 -28.74
CA LEU C 201 44.40 24.90 -29.85
C LEU C 201 43.97 23.44 -29.73
N SER C 202 44.87 22.59 -29.26
CA SER C 202 44.53 21.17 -29.14
C SER C 202 43.34 20.95 -28.22
N LEU C 203 43.13 21.85 -27.26
CA LEU C 203 41.99 21.80 -26.36
C LEU C 203 40.80 22.62 -26.86
N GLN C 204 40.95 23.36 -27.95
CA GLN C 204 39.91 24.24 -28.45
C GLN C 204 39.18 23.69 -29.67
N TRP C 205 39.90 23.15 -30.65
CA TRP C 205 39.31 22.70 -31.90
C TRP C 205 39.75 21.27 -32.19
N GLU C 206 38.82 20.47 -32.74
CA GLU C 206 39.10 19.08 -33.04
C GLU C 206 40.29 18.98 -34.02
N PRO C 207 40.89 17.79 -34.13
CA PRO C 207 42.07 17.69 -35.01
C PRO C 207 41.75 17.85 -36.49
N GLU C 208 40.59 17.36 -36.94
CA GLU C 208 40.22 17.54 -38.33
C GLU C 208 40.27 19.01 -38.73
N ILE C 209 39.81 19.89 -37.83
CA ILE C 209 39.81 21.32 -38.14
C ILE C 209 41.24 21.85 -38.16
N ILE C 210 42.09 21.35 -37.27
CA ILE C 210 43.47 21.82 -37.23
C ILE C 210 44.19 21.49 -38.53
N ALA C 211 43.96 20.28 -39.05
CA ALA C 211 44.62 19.89 -40.29
C ALA C 211 44.12 20.70 -41.47
N VAL C 212 42.86 21.12 -41.45
CA VAL C 212 42.38 22.05 -42.46
C VAL C 212 43.00 23.43 -42.23
N ALA C 213 43.03 23.88 -40.98
CA ALA C 213 43.55 25.22 -40.69
C ALA C 213 44.99 25.37 -41.19
N VAL C 214 45.82 24.34 -40.97
CA VAL C 214 47.21 24.44 -41.39
C VAL C 214 47.31 24.44 -42.92
N MET C 215 46.53 23.58 -43.57
CA MET C 215 46.45 23.65 -45.03
C MET C 215 46.04 25.04 -45.47
N TYR C 216 44.99 25.58 -44.83
CA TYR C 216 44.54 26.93 -45.13
C TYR C 216 45.65 27.94 -44.95
N LEU C 217 46.45 27.79 -43.88
CA LEU C 217 47.52 28.74 -43.61
C LEU C 217 48.62 28.63 -44.67
N ALA C 218 49.11 27.41 -44.91
CA ALA C 218 50.17 27.22 -45.89
C ALA C 218 49.75 27.73 -47.26
N GLY C 219 48.48 27.54 -47.62
CA GLY C 219 48.02 28.01 -48.92
C GLY C 219 48.15 29.52 -49.07
N ARG C 220 47.78 30.26 -48.04
CA ARG C 220 47.92 31.72 -48.10
C ARG C 220 49.37 32.12 -48.26
N LEU C 221 50.27 31.51 -47.49
CA LEU C 221 51.66 31.93 -47.50
C LEU C 221 52.34 31.58 -48.83
N CYS C 222 51.99 30.45 -49.41
CA CYS C 222 52.57 30.03 -50.69
C CYS C 222 51.80 30.57 -51.89
N LYS C 223 50.75 31.34 -51.68
CA LYS C 223 49.95 31.90 -52.77
C LYS C 223 49.33 30.80 -53.63
N PHE C 224 48.96 29.69 -53.00
CA PHE C 224 48.31 28.58 -53.68
C PHE C 224 46.79 28.71 -53.53
N GLU C 225 46.06 28.34 -54.57
CA GLU C 225 44.60 28.29 -54.56
C GLU C 225 44.21 26.80 -54.53
N ILE C 226 44.07 26.26 -53.32
CA ILE C 226 43.96 24.82 -53.14
C ILE C 226 42.77 24.25 -53.89
N GLN C 227 41.68 25.01 -54.02
CA GLN C 227 40.49 24.47 -54.66
C GLN C 227 40.83 23.83 -56.01
N GLU C 228 41.77 24.42 -56.74
CA GLU C 228 42.12 23.91 -58.06
C GLU C 228 42.54 22.44 -58.01
N TRP C 229 43.15 22.02 -56.90
CA TRP C 229 43.62 20.64 -56.77
C TRP C 229 42.53 19.68 -56.31
N THR C 230 41.34 20.18 -56.00
CA THR C 230 40.25 19.34 -55.50
C THR C 230 39.44 18.77 -56.67
N SER C 231 38.54 17.85 -56.34
CA SER C 231 37.59 17.35 -57.32
C SER C 231 36.53 18.40 -57.68
N LYS C 232 36.49 19.51 -56.95
CA LYS C 232 35.55 20.61 -57.17
C LYS C 232 36.36 21.88 -57.35
N PRO C 233 37.02 22.04 -58.51
CA PRO C 233 38.01 23.13 -58.67
C PRO C 233 37.41 24.52 -58.63
N MET C 234 36.09 24.66 -58.72
CA MET C 234 35.42 25.95 -58.61
C MET C 234 34.63 26.07 -57.31
N TYR C 235 34.95 25.24 -56.32
CA TYR C 235 34.36 25.31 -54.98
C TYR C 235 35.37 26.05 -54.12
N ARG C 236 35.22 27.38 -54.02
CA ARG C 236 36.27 28.21 -53.44
C ARG C 236 36.50 27.90 -51.96
N ARG C 237 35.46 27.46 -51.25
CA ARG C 237 35.64 26.95 -49.89
C ARG C 237 35.98 25.46 -49.98
N TRP C 238 37.23 25.20 -50.36
CA TRP C 238 37.66 23.85 -50.69
C TRP C 238 37.55 22.90 -49.52
N TRP C 239 37.71 23.41 -48.29
CA TRP C 239 37.80 22.52 -47.14
C TRP C 239 36.45 21.88 -46.82
N GLU C 240 35.34 22.53 -47.17
CA GLU C 240 34.03 22.02 -46.77
C GLU C 240 33.81 20.59 -47.23
N GLN C 241 34.50 20.13 -48.27
CA GLN C 241 34.40 18.74 -48.70
C GLN C 241 35.25 17.81 -47.84
N PHE C 242 36.10 18.35 -46.96
CA PHE C 242 36.84 17.56 -45.98
C PHE C 242 36.23 17.64 -44.60
N VAL C 243 35.83 18.83 -44.16
CA VAL C 243 35.30 19.07 -42.83
C VAL C 243 34.07 19.94 -42.97
N GLN C 244 32.90 19.40 -42.66
CA GLN C 244 31.66 20.14 -42.81
C GLN C 244 31.44 21.08 -41.64
N ASP C 245 30.84 22.23 -41.93
CA ASP C 245 30.39 23.17 -40.90
C ASP C 245 31.54 23.90 -40.23
N VAL C 246 32.55 24.28 -41.01
CA VAL C 246 33.67 25.06 -40.48
C VAL C 246 33.67 26.43 -41.12
N PRO C 247 33.39 27.49 -40.37
CA PRO C 247 33.44 28.84 -40.97
C PRO C 247 34.88 29.34 -41.08
N VAL C 248 35.07 30.28 -41.99
CA VAL C 248 36.38 30.91 -42.12
C VAL C 248 36.78 31.60 -40.82
N ASP C 249 35.79 32.01 -40.03
CA ASP C 249 36.09 32.61 -38.73
C ASP C 249 37.01 31.71 -37.92
N VAL C 250 36.70 30.42 -37.88
CA VAL C 250 37.51 29.49 -37.09
C VAL C 250 38.91 29.37 -37.69
N LEU C 251 38.99 29.07 -38.98
CA LEU C 251 40.30 28.93 -39.61
C LEU C 251 41.16 30.16 -39.38
N GLU C 252 40.55 31.35 -39.44
CA GLU C 252 41.33 32.57 -39.24
C GLU C 252 41.84 32.68 -37.82
N ASP C 253 41.04 32.27 -36.83
CA ASP C 253 41.52 32.29 -35.46
C ASP C 253 42.62 31.25 -35.25
N ILE C 254 42.37 30.00 -35.65
CA ILE C 254 43.40 28.98 -35.51
C ILE C 254 44.71 29.45 -36.11
N CYS C 255 44.64 29.98 -37.33
CA CYS C 255 45.87 30.42 -38.01
C CYS C 255 46.51 31.58 -37.27
N HIS C 256 45.72 32.54 -36.82
CA HIS C 256 46.28 33.69 -36.11
C HIS C 256 47.12 33.25 -34.92
N GLN C 257 46.57 32.35 -34.10
CA GLN C 257 47.29 31.89 -32.92
C GLN C 257 48.57 31.17 -33.30
N ILE C 258 48.52 30.32 -34.33
CA ILE C 258 49.72 29.60 -34.74
C ILE C 258 50.83 30.58 -35.12
N LEU C 259 50.47 31.67 -35.79
CA LEU C 259 51.48 32.62 -36.25
C LEU C 259 51.88 33.64 -35.20
N ASP C 260 51.06 33.86 -34.16
CA ASP C 260 51.50 34.71 -33.07
C ASP C 260 52.74 34.15 -32.40
N LEU C 261 52.81 32.82 -32.27
CA LEU C 261 54.01 32.18 -31.72
C LEU C 261 55.25 32.60 -32.52
N TYR C 262 55.16 32.55 -33.84
CA TYR C 262 56.30 32.93 -34.68
C TYR C 262 56.67 34.40 -34.48
N SER C 263 55.67 35.28 -34.42
CA SER C 263 55.96 36.71 -34.23
C SER C 263 56.68 36.95 -32.91
N GLN C 264 56.14 36.39 -31.82
CA GLN C 264 56.79 36.52 -30.52
C GLN C 264 58.19 35.92 -30.54
N GLY C 265 58.33 34.72 -31.09
CA GLY C 265 59.63 34.13 -31.22
C GLY C 265 60.47 34.82 -32.27
N LYS C 266 61.78 34.63 -32.18
CA LYS C 266 62.67 35.11 -33.22
C LYS C 266 62.49 34.34 -34.53
N GLN C 267 61.94 33.14 -34.46
CA GLN C 267 61.72 32.32 -35.64
C GLN C 267 60.71 32.98 -36.57
N GLN C 268 60.84 32.68 -37.86
CA GLN C 268 59.95 33.23 -38.89
C GLN C 268 59.25 32.07 -39.60
N MET C 269 58.32 32.43 -40.50
CA MET C 269 57.59 31.40 -41.23
C MET C 269 58.56 30.52 -42.01
N PRO C 270 58.32 29.20 -42.07
CA PRO C 270 59.30 28.32 -42.75
C PRO C 270 59.55 28.71 -44.19
N HIS C 271 58.49 28.73 -45.00
CA HIS C 271 58.57 29.03 -46.42
C HIS C 271 59.85 28.48 -47.06
N MET D 5 13.67 52.43 37.01
CA MET D 5 13.44 51.41 35.93
C MET D 5 14.68 50.54 35.74
N SER D 6 15.52 50.92 34.78
CA SER D 6 16.76 50.21 34.47
C SER D 6 17.91 51.18 34.48
N TYR D 7 19.07 50.72 34.93
CA TYR D 7 20.23 51.58 35.13
C TYR D 7 21.47 50.84 34.66
N ASN D 8 22.15 51.38 33.65
CA ASN D 8 23.30 50.74 33.06
C ASN D 8 24.35 51.78 32.68
N TYR D 9 25.56 51.29 32.41
CA TYR D 9 26.75 52.10 32.22
C TYR D 9 27.54 51.48 31.07
N VAL D 10 27.98 52.31 30.13
CA VAL D 10 28.60 51.83 28.90
C VAL D 10 29.91 52.59 28.68
N VAL D 11 31.02 51.85 28.56
CA VAL D 11 32.33 52.43 28.33
C VAL D 11 32.99 51.75 27.15
N THR D 12 33.92 52.47 26.53
CA THR D 12 34.75 51.93 25.46
C THR D 12 36.00 51.32 26.08
N ALA D 13 36.24 50.03 25.81
CA ALA D 13 37.47 49.39 26.25
C ALA D 13 38.56 49.44 25.19
N GLN D 14 38.20 49.39 23.92
CA GLN D 14 39.12 49.57 22.80
C GLN D 14 38.43 50.45 21.77
N LYS D 15 39.07 51.55 21.41
CA LYS D 15 38.47 52.47 20.45
C LYS D 15 38.37 51.81 19.07
N PRO D 16 37.52 52.36 18.19
CA PRO D 16 37.42 51.81 16.84
C PRO D 16 38.77 51.77 16.15
N THR D 17 39.05 50.64 15.49
CA THR D 17 40.31 50.45 14.79
C THR D 17 40.17 50.46 13.28
N ALA D 18 38.98 50.28 12.75
CA ALA D 18 38.78 50.21 11.31
C ALA D 18 38.87 51.59 10.68
N VAL D 19 39.58 51.67 9.57
CA VAL D 19 39.74 52.93 8.86
C VAL D 19 38.53 53.14 7.96
N ASN D 20 37.83 54.25 8.16
CA ASN D 20 36.71 54.61 7.30
C ASN D 20 37.09 55.56 6.19
N GLY D 21 37.98 56.51 6.44
CA GLY D 21 38.48 57.38 5.39
C GLY D 21 39.78 58.05 5.77
N CYS D 22 40.55 58.43 4.75
CA CYS D 22 41.83 59.10 4.94
C CYS D 22 41.99 60.21 3.92
N VAL D 23 42.32 61.41 4.40
CA VAL D 23 42.56 62.56 3.54
C VAL D 23 43.90 63.19 3.93
N THR D 24 44.57 63.78 2.94
CA THR D 24 45.86 64.43 3.14
C THR D 24 45.79 65.89 2.70
N GLY D 25 46.22 66.79 3.57
CA GLY D 25 46.23 68.22 3.28
C GLY D 25 47.06 68.95 4.31
N HIS D 26 47.34 70.22 4.00
CA HIS D 26 48.10 71.09 4.89
C HIS D 26 47.14 71.70 5.92
N PHE D 27 46.79 70.89 6.92
CA PHE D 27 45.78 71.29 7.89
C PHE D 27 46.35 71.94 9.14
N THR D 28 47.45 71.40 9.69
CA THR D 28 48.03 71.98 10.89
C THR D 28 48.88 73.21 10.57
N SER D 29 49.59 73.19 9.45
CA SER D 29 50.38 74.32 9.02
C SER D 29 50.51 74.30 7.50
N ALA D 30 50.64 75.48 6.92
CA ALA D 30 50.83 75.56 5.46
C ALA D 30 52.09 74.82 5.01
N GLU D 31 52.99 74.52 5.94
CA GLU D 31 54.22 73.82 5.61
C GLU D 31 54.12 72.31 5.82
N ASP D 32 53.43 71.88 6.87
CA ASP D 32 53.38 70.46 7.22
C ASP D 32 52.31 69.75 6.41
N LEU D 33 52.70 68.67 5.75
CA LEU D 33 51.73 67.76 5.12
C LEU D 33 51.16 66.84 6.18
N ASN D 34 49.83 66.78 6.27
CA ASN D 34 49.15 66.06 7.34
C ASN D 34 48.22 65.01 6.75
N LEU D 35 48.28 63.81 7.32
CA LEU D 35 47.36 62.73 6.97
C LEU D 35 46.33 62.63 8.09
N LEU D 36 45.08 62.96 7.77
CA LEU D 36 43.96 62.84 8.71
C LEU D 36 43.22 61.54 8.42
N ILE D 37 43.34 60.57 9.33
CA ILE D 37 42.66 59.29 9.25
C ILE D 37 41.40 59.38 10.11
N ALA D 38 40.31 58.76 9.65
CA ALA D 38 39.01 58.91 10.28
C ALA D 38 38.44 57.53 10.64
N LYS D 39 38.32 57.27 11.94
CA LYS D 39 37.62 56.11 12.48
C LYS D 39 36.26 56.55 12.99
N ASN D 40 35.37 55.57 13.15
CA ASN D 40 33.93 55.85 13.26
C ASN D 40 33.63 57.14 14.02
N THR D 41 34.21 57.30 15.21
CA THR D 41 34.01 58.50 16.01
C THR D 41 35.31 59.21 16.36
N ARG D 42 36.45 58.67 15.95
CA ARG D 42 37.75 59.22 16.30
C ARG D 42 38.41 59.82 15.07
N LEU D 43 39.00 61.00 15.24
CA LEU D 43 39.77 61.68 14.20
C LEU D 43 41.23 61.72 14.64
N GLU D 44 42.11 61.15 13.84
CA GLU D 44 43.54 61.12 14.11
C GLU D 44 44.26 62.01 13.12
N ILE D 45 45.18 62.84 13.61
CA ILE D 45 45.93 63.78 12.79
C ILE D 45 47.40 63.41 12.88
N TYR D 46 48.04 63.20 11.74
CA TYR D 46 49.45 62.84 11.67
C TYR D 46 50.21 63.85 10.81
N VAL D 47 51.54 63.76 10.86
CA VAL D 47 52.42 64.57 10.04
C VAL D 47 53.42 63.62 9.38
N VAL D 48 53.49 63.65 8.05
CA VAL D 48 54.31 62.69 7.33
C VAL D 48 55.78 62.98 7.58
N THR D 49 56.56 61.92 7.84
CA THR D 49 58.00 62.02 7.96
C THR D 49 58.63 60.99 7.01
N ALA D 50 59.92 61.19 6.72
CA ALA D 50 60.65 60.20 5.93
C ALA D 50 60.73 58.84 6.62
N GLU D 51 60.36 58.78 7.90
CA GLU D 51 60.41 57.57 8.70
C GLU D 51 59.05 56.88 8.80
N GLY D 52 57.98 57.65 8.90
CA GLY D 52 56.64 57.11 9.05
C GLY D 52 55.60 58.19 9.22
N LEU D 53 54.92 58.19 10.36
CA LEU D 53 53.90 59.21 10.67
C LEU D 53 54.12 59.68 12.10
N ARG D 54 54.08 61.00 12.31
CA ARG D 54 54.23 61.57 13.64
C ARG D 54 52.87 62.03 14.13
N PRO D 55 52.32 61.42 15.19
CA PRO D 55 51.02 61.89 15.70
C PRO D 55 51.12 63.25 16.35
N VAL D 56 50.07 64.05 16.19
CA VAL D 56 50.00 65.40 16.74
C VAL D 56 48.81 65.60 17.65
N LYS D 57 47.64 65.10 17.26
CA LYS D 57 46.41 65.35 18.01
C LYS D 57 45.37 64.33 17.58
N GLU D 58 44.60 63.85 18.55
CA GLU D 58 43.46 62.98 18.31
C GLU D 58 42.27 63.52 19.09
N VAL D 59 41.13 63.66 18.41
CA VAL D 59 39.91 64.19 19.02
C VAL D 59 38.79 63.19 18.81
N GLY D 60 37.83 63.20 19.73
CA GLY D 60 36.61 62.43 19.61
C GLY D 60 35.45 63.35 19.28
N MET D 61 34.59 62.90 18.36
CA MET D 61 33.42 63.65 17.96
C MET D 61 32.15 62.94 18.41
N TYR D 62 31.15 63.72 18.79
CA TYR D 62 29.81 63.20 19.05
C TYR D 62 29.12 63.04 17.71
N GLY D 63 29.23 61.86 17.12
CA GLY D 63 28.69 61.58 15.80
C GLY D 63 29.58 60.66 14.99
N LYS D 64 28.96 60.00 14.01
CA LYS D 64 29.67 59.12 13.08
C LYS D 64 30.16 59.96 11.91
N ILE D 65 31.47 59.95 11.66
CA ILE D 65 32.04 60.75 10.57
C ILE D 65 31.60 60.14 9.25
N ALA D 66 30.82 60.90 8.48
CA ALA D 66 30.35 60.46 7.17
C ALA D 66 31.21 61.02 6.04
N VAL D 67 31.42 62.33 6.00
CA VAL D 67 32.25 62.98 4.98
C VAL D 67 33.33 63.78 5.68
N MET D 68 34.57 63.60 5.23
CA MET D 68 35.71 64.36 5.73
C MET D 68 36.54 64.77 4.53
N GLU D 69 36.69 66.07 4.31
CA GLU D 69 37.47 66.60 3.19
C GLU D 69 38.18 67.87 3.63
N LEU D 70 39.33 68.12 3.02
CA LEU D 70 40.16 69.27 3.34
C LEU D 70 40.11 70.27 2.18
N PHE D 71 39.79 71.52 2.50
CA PHE D 71 39.66 72.59 1.52
C PHE D 71 40.36 73.85 2.03
N ARG D 72 40.88 74.63 1.10
CA ARG D 72 41.58 75.88 1.43
C ARG D 72 40.91 77.03 0.68
N PRO D 73 39.99 77.77 1.30
CA PRO D 73 39.29 78.84 0.58
C PRO D 73 40.17 80.07 0.41
N LYS D 74 39.85 80.84 -0.62
CA LYS D 74 40.57 82.07 -0.93
C LYS D 74 40.71 82.96 0.29
N GLY D 75 41.96 83.23 0.68
CA GLY D 75 42.25 84.08 1.82
C GLY D 75 42.79 83.36 3.04
N GLU D 76 42.75 82.03 3.06
CA GLU D 76 43.19 81.26 4.22
C GLU D 76 44.68 80.92 4.11
N SER D 77 45.34 80.86 5.26
CA SER D 77 46.75 80.53 5.30
C SER D 77 47.00 79.04 5.13
N LYS D 78 46.06 78.20 5.56
CA LYS D 78 46.24 76.76 5.52
C LYS D 78 44.89 76.11 5.32
N ASP D 79 44.92 74.79 5.09
CA ASP D 79 43.70 74.06 4.79
C ASP D 79 42.75 74.06 5.98
N LEU D 80 41.45 74.11 5.69
CA LEU D 80 40.40 73.91 6.67
C LEU D 80 39.76 72.55 6.43
N LEU D 81 39.16 72.00 7.48
CA LEU D 81 38.60 70.65 7.46
C LEU D 81 37.08 70.74 7.52
N PHE D 82 36.42 70.02 6.62
CA PHE D 82 34.97 69.88 6.65
C PHE D 82 34.59 68.44 7.03
N ILE D 83 33.62 68.31 7.93
CA ILE D 83 33.14 67.02 8.38
C ILE D 83 31.61 67.06 8.48
N LEU D 84 30.97 65.97 8.07
CA LEU D 84 29.54 65.78 8.19
C LEU D 84 29.30 64.42 8.83
N THR D 85 28.41 64.36 9.82
CA THR D 85 28.15 63.11 10.51
C THR D 85 26.94 62.40 9.90
N ALA D 86 26.76 61.14 10.31
CA ALA D 86 25.64 60.35 9.80
C ALA D 86 24.30 60.91 10.27
N LYS D 87 24.28 61.61 11.41
CA LYS D 87 23.08 62.31 11.84
C LYS D 87 22.97 63.70 11.23
N TYR D 88 23.82 64.01 10.25
CA TYR D 88 23.73 65.24 9.47
C TYR D 88 24.24 66.46 10.24
N ASN D 89 25.18 66.26 11.16
CA ASN D 89 25.85 67.37 11.83
C ASN D 89 27.03 67.80 10.96
N ALA D 90 27.00 69.04 10.50
CA ALA D 90 28.03 69.59 9.64
C ALA D 90 28.86 70.61 10.43
N CYS D 91 30.12 70.75 10.03
CA CYS D 91 31.02 71.69 10.70
C CYS D 91 32.28 71.86 9.87
N ILE D 92 32.90 73.03 10.01
CA ILE D 92 34.21 73.32 9.45
C ILE D 92 35.17 73.56 10.61
N LEU D 93 36.32 72.91 10.58
CA LEU D 93 37.25 72.88 11.70
C LEU D 93 38.59 73.48 11.30
N GLU D 94 39.23 74.13 12.28
CA GLU D 94 40.55 74.72 12.11
C GLU D 94 41.49 74.20 13.19
N TYR D 95 42.70 73.84 12.79
CA TYR D 95 43.75 73.49 13.75
C TYR D 95 44.43 74.76 14.24
N LYS D 96 44.47 74.95 15.55
CA LYS D 96 45.13 76.10 16.16
C LYS D 96 45.97 75.62 17.33
N GLN D 97 47.26 75.98 17.31
CA GLN D 97 48.20 75.56 18.35
C GLN D 97 49.01 76.76 18.79
N SER D 98 49.04 76.99 20.10
CA SER D 98 49.83 78.06 20.72
C SER D 98 50.79 77.37 21.70
N GLY D 99 52.00 77.09 21.23
CA GLY D 99 52.95 76.35 22.02
C GLY D 99 52.55 74.89 22.17
N GLU D 100 52.33 74.46 23.40
CA GLU D 100 51.90 73.09 23.66
C GLU D 100 50.38 72.95 23.74
N SER D 101 49.64 74.06 23.73
CA SER D 101 48.18 74.02 23.83
C SER D 101 47.60 73.80 22.44
N ILE D 102 47.00 72.64 22.22
CA ILE D 102 46.38 72.29 20.95
C ILE D 102 44.86 72.28 21.13
N ASP D 103 44.16 72.96 20.23
CA ASP D 103 42.71 73.00 20.25
C ASP D 103 42.22 72.91 18.82
N ILE D 104 41.02 72.35 18.64
CA ILE D 104 40.35 72.28 17.35
C ILE D 104 39.16 73.22 17.40
N ILE D 105 39.18 74.25 16.57
CA ILE D 105 38.20 75.32 16.62
C ILE D 105 37.06 75.02 15.68
N THR D 106 35.84 75.34 16.11
CA THR D 106 34.63 75.17 15.29
C THR D 106 34.36 76.52 14.63
N ARG D 107 34.76 76.63 13.35
CA ARG D 107 34.52 77.86 12.61
C ARG D 107 33.05 77.97 12.19
N ALA D 108 32.43 76.86 11.82
CA ALA D 108 31.04 76.83 11.42
C ALA D 108 30.46 75.48 11.83
N HIS D 109 29.15 75.45 12.08
CA HIS D 109 28.51 74.22 12.47
C HIS D 109 27.00 74.34 12.30
N GLY D 110 26.37 73.20 12.05
CA GLY D 110 24.93 73.15 11.85
C GLY D 110 24.52 71.79 11.37
N ASN D 111 23.20 71.56 11.41
CA ASN D 111 22.60 70.29 11.00
C ASN D 111 21.88 70.50 9.67
N VAL D 112 22.24 69.69 8.68
CA VAL D 112 21.78 69.87 7.31
C VAL D 112 20.67 68.89 6.94
N GLN D 113 20.02 68.29 7.92
CA GLN D 113 18.96 67.33 7.64
C GLN D 113 17.71 68.04 7.12
N ASP D 114 17.10 67.45 6.09
CA ASP D 114 15.88 67.97 5.49
C ASP D 114 14.66 67.29 6.12
N ARG D 115 13.58 68.05 6.30
CA ARG D 115 12.37 67.48 6.87
C ARG D 115 11.90 66.28 6.06
N ILE D 116 12.00 66.36 4.73
CA ILE D 116 11.47 65.36 3.83
C ILE D 116 12.54 64.99 2.80
N GLY D 117 12.75 63.69 2.61
CA GLY D 117 13.72 63.20 1.67
C GLY D 117 13.95 61.71 1.86
N ARG D 118 14.37 61.03 0.79
CA ARG D 118 14.68 59.61 0.88
C ARG D 118 16.18 59.42 0.94
N PRO D 119 16.72 58.84 2.01
CA PRO D 119 18.16 58.57 2.04
C PRO D 119 18.61 57.75 0.84
N SER D 120 19.69 58.20 0.19
CA SER D 120 20.13 57.58 -1.04
C SER D 120 20.65 56.17 -0.78
N GLU D 121 20.65 55.35 -1.85
CA GLU D 121 21.05 53.96 -1.71
C GLU D 121 22.55 53.84 -1.46
N THR D 122 23.35 54.60 -2.19
CA THR D 122 24.80 54.52 -2.08
C THR D 122 25.36 55.38 -0.94
N GLY D 123 24.51 55.94 -0.08
CA GLY D 123 24.95 56.62 1.10
C GLY D 123 25.35 58.07 0.84
N ILE D 124 25.64 58.77 1.94
CA ILE D 124 25.99 60.18 1.84
C ILE D 124 27.25 60.34 1.00
N ILE D 125 27.28 61.40 0.19
CA ILE D 125 28.44 61.78 -0.59
C ILE D 125 28.72 63.25 -0.33
N GLY D 126 30.00 63.60 -0.23
CA GLY D 126 30.39 64.99 -0.04
C GLY D 126 31.50 65.41 -0.97
N ILE D 127 31.34 66.56 -1.63
CA ILE D 127 32.33 67.09 -2.55
C ILE D 127 32.45 68.60 -2.35
N ILE D 128 33.61 69.13 -2.68
CA ILE D 128 33.89 70.55 -2.56
C ILE D 128 34.44 71.06 -3.89
N ASP D 129 34.01 72.25 -4.27
CA ASP D 129 34.44 72.84 -5.53
C ASP D 129 35.95 73.03 -5.55
N PRO D 130 36.60 72.85 -6.71
CA PRO D 130 38.05 73.08 -6.75
C PRO D 130 38.45 74.48 -6.32
N GLU D 131 37.65 75.48 -6.67
CA GLU D 131 37.87 76.85 -6.22
C GLU D 131 37.28 77.11 -4.85
N CYS D 132 36.82 76.05 -4.16
CA CYS D 132 36.31 76.15 -2.79
C CYS D 132 35.20 77.20 -2.69
N ARG D 133 34.30 77.19 -3.67
CA ARG D 133 33.17 78.11 -3.66
C ARG D 133 31.97 77.55 -2.93
N MET D 134 31.84 76.22 -2.85
CA MET D 134 30.67 75.61 -2.26
C MET D 134 31.01 74.18 -1.84
N ILE D 135 30.16 73.64 -0.96
CA ILE D 135 30.22 72.25 -0.55
C ILE D 135 29.01 71.54 -1.14
N GLY D 136 29.25 70.46 -1.88
CA GLY D 136 28.18 69.69 -2.49
C GLY D 136 27.86 68.45 -1.66
N LEU D 137 26.56 68.28 -1.39
CA LEU D 137 26.09 67.16 -0.58
C LEU D 137 25.00 66.42 -1.33
N ARG D 138 25.10 65.08 -1.35
CA ARG D 138 24.07 64.20 -1.88
C ARG D 138 23.55 63.40 -0.71
N LEU D 139 22.52 63.92 -0.05
CA LEU D 139 21.92 63.28 1.12
C LEU D 139 20.66 62.49 0.80
N TYR D 140 19.88 62.93 -0.17
CA TYR D 140 18.61 62.28 -0.50
C TYR D 140 18.47 62.12 -2.00
N ASP D 141 17.80 61.06 -2.41
CA ASP D 141 17.55 60.82 -3.82
C ASP D 141 16.83 62.02 -4.42
N GLY D 142 17.24 62.40 -5.62
CA GLY D 142 16.56 63.47 -6.34
C GLY D 142 16.77 64.86 -5.81
N LEU D 143 17.74 65.05 -4.91
CA LEU D 143 18.04 66.38 -4.38
C LEU D 143 19.55 66.55 -4.30
N PHE D 144 20.02 67.76 -4.57
CA PHE D 144 21.41 68.12 -4.42
C PHE D 144 21.49 69.37 -3.54
N LYS D 145 22.12 69.23 -2.37
CA LYS D 145 22.22 70.30 -1.39
C LYS D 145 23.54 71.04 -1.56
N VAL D 146 23.49 72.36 -1.44
CA VAL D 146 24.65 73.22 -1.66
C VAL D 146 24.85 74.08 -0.42
N ILE D 147 26.04 74.01 0.16
CA ILE D 147 26.47 74.93 1.22
C ILE D 147 27.46 75.90 0.59
N PRO D 148 27.08 77.16 0.36
CA PRO D 148 28.04 78.10 -0.23
C PRO D 148 29.14 78.46 0.75
N LEU D 149 30.39 78.41 0.28
CA LEU D 149 31.55 78.72 1.12
C LEU D 149 31.72 80.24 1.21
N ASP D 150 30.75 80.87 1.86
CA ASP D 150 30.78 82.29 2.15
C ASP D 150 31.48 82.52 3.49
N ARG D 151 32.18 83.65 3.57
CA ARG D 151 32.89 83.98 4.82
C ARG D 151 31.92 84.11 5.99
N ASP D 152 30.69 84.55 5.73
CA ASP D 152 29.71 84.78 6.77
C ASP D 152 28.80 83.58 7.02
N ASN D 153 28.93 82.51 6.22
CA ASN D 153 28.07 81.34 6.36
C ASN D 153 28.56 80.48 7.53
N LYS D 154 28.38 81.03 8.73
CA LYS D 154 28.82 80.36 9.95
C LYS D 154 27.83 79.30 10.43
N GLU D 155 26.59 79.32 9.94
CA GLU D 155 25.60 78.32 10.29
C GLU D 155 25.48 77.22 9.24
N LEU D 156 26.26 77.29 8.16
CA LEU D 156 26.22 76.29 7.09
C LEU D 156 24.80 76.15 6.51
N LYS D 157 24.19 77.30 6.22
CA LYS D 157 22.91 77.31 5.54
C LYS D 157 23.06 76.76 4.13
N ALA D 158 22.02 76.08 3.66
CA ALA D 158 22.09 75.40 2.37
C ALA D 158 20.72 75.39 1.70
N PHE D 159 20.76 75.23 0.37
CA PHE D 159 19.56 75.12 -0.46
C PHE D 159 19.67 73.85 -1.29
N ASN D 160 18.51 73.34 -1.71
CA ASN D 160 18.42 72.13 -2.51
C ASN D 160 18.10 72.45 -3.96
N ILE D 161 18.77 71.77 -4.88
CA ILE D 161 18.50 71.84 -6.30
C ILE D 161 17.81 70.53 -6.71
N ARG D 162 16.64 70.64 -7.34
CA ARG D 162 15.96 69.45 -7.80
C ARG D 162 16.83 68.72 -8.82
N LEU D 163 16.87 67.39 -8.70
CA LEU D 163 17.70 66.55 -9.55
C LEU D 163 16.81 65.51 -10.23
N GLU D 164 16.75 65.58 -11.55
CA GLU D 164 15.86 64.69 -12.29
C GLU D 164 16.32 63.24 -12.18
N GLU D 165 17.63 63.01 -12.16
CA GLU D 165 18.18 61.66 -12.02
C GLU D 165 18.16 61.27 -10.55
N LEU D 166 17.29 60.32 -10.20
CA LEU D 166 17.07 60.02 -8.79
C LEU D 166 18.12 59.06 -8.23
N HIS D 167 18.49 58.04 -8.98
CA HIS D 167 19.41 57.01 -8.51
C HIS D 167 20.82 57.35 -9.01
N VAL D 168 21.59 58.01 -8.15
CA VAL D 168 22.96 58.42 -8.45
C VAL D 168 23.93 57.46 -7.81
N ILE D 169 24.98 57.11 -8.54
CA ILE D 169 26.00 56.19 -8.04
C ILE D 169 27.16 56.94 -7.40
N ASP D 170 27.75 57.88 -8.15
CA ASP D 170 28.87 58.66 -7.65
C ASP D 170 28.89 60.00 -8.38
N VAL D 171 29.42 61.02 -7.70
CA VAL D 171 29.48 62.37 -8.25
C VAL D 171 30.75 63.04 -7.76
N LYS D 172 31.28 63.95 -8.60
CA LYS D 172 32.46 64.73 -8.27
C LYS D 172 32.36 66.09 -8.96
N PHE D 173 32.93 67.10 -8.31
CA PHE D 173 33.15 68.38 -8.99
C PHE D 173 34.34 68.25 -9.94
N LEU D 174 34.21 68.81 -11.13
CA LEU D 174 35.26 68.70 -12.13
C LEU D 174 36.27 69.83 -12.01
N TYR D 175 37.41 69.67 -12.68
CA TYR D 175 38.53 70.59 -12.60
C TYR D 175 38.63 71.40 -13.89
N GLY D 176 38.79 72.71 -13.76
CA GLY D 176 39.11 73.56 -14.89
C GLY D 176 37.95 74.15 -15.64
N CYS D 177 36.72 73.79 -15.29
CA CYS D 177 35.55 74.40 -15.92
C CYS D 177 35.35 75.80 -15.38
N GLN D 178 34.96 76.72 -16.28
CA GLN D 178 34.81 78.12 -15.88
C GLN D 178 33.73 78.29 -14.81
N ALA D 179 32.75 77.41 -14.78
CA ALA D 179 31.69 77.43 -13.79
C ALA D 179 31.69 76.13 -13.00
N PRO D 180 31.15 76.13 -11.78
CA PRO D 180 31.09 74.88 -11.00
C PRO D 180 30.33 73.80 -11.78
N THR D 181 30.96 72.64 -11.93
CA THR D 181 30.43 71.55 -12.72
C THR D 181 30.58 70.23 -11.99
N ILE D 182 29.50 69.46 -11.93
CA ILE D 182 29.49 68.14 -11.31
C ILE D 182 29.38 67.08 -12.40
N CYS D 183 30.20 66.04 -12.29
CA CYS D 183 30.15 64.88 -13.16
C CYS D 183 29.63 63.70 -12.33
N PHE D 184 28.50 63.12 -12.75
CA PHE D 184 27.87 62.07 -11.97
C PHE D 184 27.41 60.92 -12.85
N VAL D 185 27.48 59.72 -12.28
CA VAL D 185 26.97 58.50 -12.91
C VAL D 185 25.65 58.15 -12.25
N TYR D 186 24.63 57.87 -13.05
CA TYR D 186 23.29 57.56 -12.55
C TYR D 186 22.79 56.29 -13.22
N GLN D 187 21.88 55.60 -12.52
CA GLN D 187 21.32 54.33 -12.97
C GLN D 187 19.82 54.48 -13.17
N ASP D 188 19.40 54.50 -14.43
CA ASP D 188 18.00 54.47 -14.84
C ASP D 188 17.69 53.13 -15.49
N PRO D 189 16.42 52.86 -15.81
CA PRO D 189 16.08 51.57 -16.42
C PRO D 189 16.86 51.29 -17.70
N GLN D 190 17.43 52.31 -18.34
CA GLN D 190 18.15 52.15 -19.60
C GLN D 190 19.62 51.77 -19.39
N GLY D 191 20.02 51.44 -18.17
CA GLY D 191 21.40 51.13 -17.88
C GLY D 191 22.05 52.19 -17.00
N ARG D 192 23.33 52.49 -17.22
CA ARG D 192 24.01 53.54 -16.50
C ARG D 192 24.62 54.53 -17.48
N HIS D 193 24.48 55.82 -17.16
CA HIS D 193 24.95 56.90 -18.00
C HIS D 193 25.66 57.93 -17.11
N VAL D 194 26.57 58.69 -17.71
CA VAL D 194 27.32 59.74 -17.02
C VAL D 194 26.92 61.08 -17.62
N LYS D 195 26.55 62.03 -16.76
CA LYS D 195 26.02 63.32 -17.16
C LYS D 195 26.67 64.43 -16.34
N THR D 196 26.62 65.65 -16.86
CA THR D 196 27.21 66.80 -16.19
C THR D 196 26.17 67.90 -16.04
N TYR D 197 26.26 68.64 -14.94
CA TYR D 197 25.41 69.79 -14.68
C TYR D 197 26.28 70.93 -14.14
N GLU D 198 25.90 72.16 -14.48
CA GLU D 198 26.57 73.36 -13.96
C GLU D 198 25.77 73.92 -12.79
N VAL D 199 26.47 74.24 -11.71
CA VAL D 199 25.85 74.73 -10.48
C VAL D 199 26.02 76.25 -10.43
N SER D 200 24.91 76.97 -10.31
CA SER D 200 24.91 78.42 -10.21
C SER D 200 24.47 78.82 -8.81
N LEU D 201 25.42 79.27 -7.99
CA LEU D 201 25.08 79.74 -6.65
C LEU D 201 24.14 80.94 -6.71
N ARG D 202 24.27 81.77 -7.74
CA ARG D 202 23.43 82.96 -7.83
C ARG D 202 21.98 82.59 -8.15
N GLU D 203 21.77 81.72 -9.13
CA GLU D 203 20.43 81.30 -9.49
C GLU D 203 19.90 80.20 -8.58
N LYS D 204 20.77 79.48 -7.88
CA LYS D 204 20.37 78.36 -7.04
C LYS D 204 19.64 77.29 -7.87
N GLU D 205 20.28 76.87 -8.95
CA GLU D 205 19.73 75.81 -9.80
C GLU D 205 20.82 75.30 -10.73
N PHE D 206 20.50 74.22 -11.44
CA PHE D 206 21.41 73.64 -12.41
C PHE D 206 21.29 74.34 -13.76
N ASN D 207 22.41 74.41 -14.47
CA ASN D 207 22.44 74.85 -15.85
C ASN D 207 23.04 73.73 -16.71
N LYS D 208 22.83 73.84 -18.01
CA LYS D 208 23.30 72.82 -18.95
C LYS D 208 24.78 72.52 -18.72
N GLY D 209 25.14 71.23 -18.77
CA GLY D 209 26.49 70.79 -18.49
C GLY D 209 27.39 70.91 -19.69
N PRO D 210 28.69 70.81 -19.44
CA PRO D 210 29.63 70.90 -20.57
C PRO D 210 29.39 69.86 -21.65
N TRP D 211 28.93 68.66 -21.32
CA TRP D 211 28.65 67.65 -22.32
C TRP D 211 27.55 66.72 -21.85
N LYS D 212 26.77 66.23 -22.81
CA LYS D 212 25.55 65.49 -22.52
C LYS D 212 25.86 64.05 -22.12
N GLN D 213 24.80 63.30 -21.84
CA GLN D 213 24.92 61.95 -21.28
C GLN D 213 25.57 61.00 -22.27
N GLU D 214 26.37 60.08 -21.74
CA GLU D 214 26.98 58.98 -22.50
C GLU D 214 26.76 57.69 -21.74
N ASN D 215 26.33 56.64 -22.44
CA ASN D 215 26.12 55.35 -21.79
C ASN D 215 27.44 54.77 -21.31
N VAL D 216 27.45 54.23 -20.09
CA VAL D 216 28.65 53.70 -19.46
C VAL D 216 28.35 52.30 -18.93
N GLU D 217 29.41 51.62 -18.51
CA GLU D 217 29.28 50.23 -18.04
C GLU D 217 28.34 50.15 -16.84
N ALA D 218 27.56 49.07 -16.80
CA ALA D 218 26.60 48.91 -15.71
C ALA D 218 27.29 48.77 -14.36
N GLU D 219 28.42 48.09 -14.32
CA GLU D 219 29.16 47.88 -13.08
C GLU D 219 30.03 49.08 -12.69
N ALA D 220 30.05 50.13 -13.51
CA ALA D 220 30.85 51.31 -13.17
C ALA D 220 30.37 51.94 -11.87
N SER D 221 31.32 52.20 -10.97
CA SER D 221 30.97 52.60 -9.61
C SER D 221 31.60 53.90 -9.09
N MET D 222 32.74 54.32 -9.61
CA MET D 222 33.45 55.49 -9.08
C MET D 222 33.79 56.50 -10.15
N VAL D 223 33.77 57.77 -9.77
CA VAL D 223 34.08 58.90 -10.64
C VAL D 223 35.35 59.55 -10.14
N ILE D 224 36.26 59.86 -11.06
CA ILE D 224 37.52 60.52 -10.74
C ILE D 224 37.58 61.84 -11.48
N ALA D 225 37.64 62.94 -10.73
CA ALA D 225 37.81 64.26 -11.31
C ALA D 225 39.29 64.50 -11.62
N VAL D 226 39.58 64.84 -12.87
CA VAL D 226 40.97 64.91 -13.33
C VAL D 226 41.43 66.36 -13.41
N PRO D 227 42.66 66.67 -12.99
CA PRO D 227 43.10 68.07 -12.96
C PRO D 227 43.22 68.74 -14.32
N GLU D 228 43.55 70.03 -14.32
CA GLU D 228 43.49 70.80 -15.56
C GLU D 228 44.41 70.29 -16.65
N PRO D 229 45.61 69.79 -16.36
CA PRO D 229 46.46 69.29 -17.46
C PRO D 229 45.74 68.33 -18.41
N PHE D 230 44.99 67.37 -17.88
CA PHE D 230 44.18 66.47 -18.68
C PHE D 230 42.70 66.85 -18.71
N GLY D 231 42.13 67.20 -17.55
CA GLY D 231 40.74 67.60 -17.47
C GLY D 231 39.79 66.42 -17.54
N GLY D 232 38.50 66.73 -17.47
CA GLY D 232 37.49 65.72 -17.61
C GLY D 232 37.40 64.80 -16.40
N ALA D 233 37.02 63.54 -16.67
CA ALA D 233 36.82 62.56 -15.62
C ALA D 233 37.18 61.17 -16.11
N ILE D 234 37.45 60.27 -15.16
CA ILE D 234 37.66 58.86 -15.42
C ILE D 234 36.59 58.07 -14.68
N ILE D 235 36.06 57.03 -15.32
CA ILE D 235 35.01 56.20 -14.76
C ILE D 235 35.57 54.80 -14.53
N ILE D 236 35.53 54.34 -13.29
CA ILE D 236 36.05 53.03 -12.92
C ILE D 236 34.92 52.01 -13.03
N GLY D 237 35.15 50.93 -13.78
CA GLY D 237 34.20 49.86 -13.88
C GLY D 237 34.87 48.53 -13.61
N GLN D 238 34.04 47.53 -13.30
CA GLN D 238 34.57 46.20 -13.01
C GLN D 238 35.40 45.67 -14.18
N GLU D 239 34.94 45.87 -15.40
CA GLU D 239 35.63 45.35 -16.58
C GLU D 239 36.31 46.40 -17.42
N SER D 240 36.00 47.68 -17.24
CA SER D 240 36.56 48.72 -18.10
C SER D 240 36.78 50.01 -17.34
N ILE D 241 37.72 50.81 -17.85
CA ILE D 241 38.05 52.13 -17.33
C ILE D 241 37.93 53.12 -18.48
N THR D 242 37.13 54.16 -18.30
CA THR D 242 36.86 55.11 -19.38
C THR D 242 37.19 56.53 -18.96
N TYR D 243 37.57 57.35 -19.94
CA TYR D 243 37.84 58.76 -19.76
C TYR D 243 36.88 59.56 -20.61
N HIS D 244 36.28 60.60 -20.03
CA HIS D 244 35.30 61.42 -20.72
C HIS D 244 35.65 62.90 -20.55
N ASN D 245 35.61 63.66 -21.66
CA ASN D 245 35.85 65.11 -21.59
C ASN D 245 35.39 65.70 -22.92
N GLY D 246 34.10 66.06 -22.98
CA GLY D 246 33.57 66.66 -24.20
C GLY D 246 33.65 65.74 -25.39
N ASP D 247 34.50 66.09 -26.36
CA ASP D 247 34.64 65.28 -27.57
C ASP D 247 35.58 64.09 -27.39
N LYS D 248 36.43 64.12 -26.37
CA LYS D 248 37.40 63.04 -26.18
C LYS D 248 36.76 61.87 -25.44
N TYR D 249 37.08 60.66 -25.89
CA TYR D 249 36.58 59.45 -25.25
C TYR D 249 37.64 58.36 -25.39
N LEU D 250 38.06 57.80 -24.26
CA LEU D 250 38.96 56.66 -24.21
C LEU D 250 38.32 55.55 -23.39
N ALA D 251 38.73 54.32 -23.66
CA ALA D 251 38.20 53.16 -22.94
C ALA D 251 39.22 52.04 -22.98
N ILE D 252 39.70 51.64 -21.80
CA ILE D 252 40.63 50.52 -21.66
C ILE D 252 39.95 49.47 -20.79
N ALA D 253 39.99 48.22 -21.24
CA ALA D 253 39.31 47.11 -20.56
C ALA D 253 40.29 45.95 -20.40
N PRO D 254 41.30 46.11 -19.57
CA PRO D 254 42.31 45.05 -19.41
C PRO D 254 41.72 43.86 -18.68
N PRO D 255 42.08 42.63 -19.08
CA PRO D 255 41.47 41.45 -18.46
C PRO D 255 41.83 41.26 -17.00
N ILE D 256 42.78 42.03 -16.47
CA ILE D 256 43.27 41.80 -15.11
C ILE D 256 42.27 42.29 -14.08
N ILE D 257 41.67 43.46 -14.30
CA ILE D 257 40.81 44.05 -13.29
C ILE D 257 39.48 43.30 -13.17
N LYS D 258 39.07 42.57 -14.21
CA LYS D 258 37.83 41.83 -14.16
C LYS D 258 37.86 40.72 -13.12
N GLN D 259 39.04 40.37 -12.62
CA GLN D 259 39.16 39.26 -11.68
C GLN D 259 38.59 39.63 -10.31
N SER D 260 38.75 40.88 -9.88
CA SER D 260 38.18 41.30 -8.60
C SER D 260 37.80 42.78 -8.66
N THR D 261 36.71 43.10 -7.97
CA THR D 261 36.19 44.46 -7.95
C THR D 261 37.23 45.45 -7.44
N ILE D 262 37.35 46.58 -8.13
CA ILE D 262 38.19 47.69 -7.70
C ILE D 262 37.33 48.62 -6.85
N VAL D 263 37.82 48.94 -5.65
CA VAL D 263 37.02 49.70 -4.69
C VAL D 263 37.65 51.03 -4.27
N CYS D 264 38.91 51.32 -4.61
CA CYS D 264 39.55 52.53 -4.13
C CYS D 264 40.41 53.20 -5.21
N HIS D 265 40.55 54.52 -5.10
CA HIS D 265 41.36 55.29 -6.03
C HIS D 265 42.05 56.45 -5.32
N ASN D 266 43.21 56.83 -5.84
CA ASN D 266 44.01 57.94 -5.31
C ASN D 266 44.81 58.56 -6.44
N ARG D 267 45.20 59.82 -6.25
CA ARG D 267 45.95 60.59 -7.25
C ARG D 267 47.40 60.73 -6.80
N VAL D 268 48.30 60.02 -7.48
CA VAL D 268 49.71 60.07 -7.11
C VAL D 268 50.34 61.40 -7.51
N ASP D 269 50.10 61.84 -8.75
CA ASP D 269 50.73 63.05 -9.28
C ASP D 269 49.73 64.19 -9.33
N PRO D 270 50.06 65.37 -8.77
CA PRO D 270 49.10 66.48 -8.81
C PRO D 270 48.58 66.84 -10.20
N ASN D 271 49.38 66.71 -11.25
CA ASN D 271 48.88 67.02 -12.58
C ASN D 271 47.80 66.04 -13.02
N GLY D 272 47.83 64.82 -12.47
CA GLY D 272 46.89 63.79 -12.82
C GLY D 272 47.45 62.68 -13.70
N SER D 273 48.76 62.52 -13.75
CA SER D 273 49.37 61.54 -14.65
C SER D 273 49.27 60.12 -14.12
N ARG D 274 49.24 59.94 -12.80
CA ARG D 274 49.26 58.63 -12.18
C ARG D 274 48.18 58.55 -11.13
N TYR D 275 47.42 57.46 -11.15
CA TYR D 275 46.40 57.19 -10.14
C TYR D 275 46.63 55.81 -9.56
N LEU D 276 46.16 55.61 -8.32
CA LEU D 276 46.37 54.37 -7.58
C LEU D 276 45.04 53.66 -7.38
N LEU D 277 45.01 52.37 -7.69
CA LEU D 277 43.80 51.56 -7.60
C LEU D 277 44.08 50.30 -6.79
N GLY D 278 43.06 49.85 -6.02
CA GLY D 278 43.16 48.61 -5.28
C GLY D 278 41.87 47.82 -5.31
N ASP D 279 41.96 46.50 -5.41
CA ASP D 279 40.78 45.64 -5.52
C ASP D 279 40.62 44.79 -4.26
N MET D 280 39.47 44.13 -4.17
CA MET D 280 39.10 43.42 -2.94
C MET D 280 39.95 42.17 -2.69
N GLU D 281 40.60 41.63 -3.71
CA GLU D 281 41.58 40.57 -3.47
C GLU D 281 42.95 41.12 -3.06
N GLY D 282 43.03 42.42 -2.78
CA GLY D 282 44.20 43.02 -2.18
C GLY D 282 45.21 43.61 -3.16
N ARG D 283 45.01 43.43 -4.46
CA ARG D 283 46.01 43.86 -5.42
C ARG D 283 46.11 45.38 -5.45
N LEU D 284 47.24 45.87 -5.96
CA LEU D 284 47.53 47.30 -6.06
C LEU D 284 47.89 47.61 -7.50
N PHE D 285 47.19 48.58 -8.07
CA PHE D 285 47.36 48.95 -9.47
C PHE D 285 47.73 50.44 -9.57
N MET D 286 48.39 50.79 -10.68
CA MET D 286 48.68 52.18 -11.02
C MET D 286 47.99 52.49 -12.34
N LEU D 287 47.09 53.47 -12.32
CA LEU D 287 46.44 53.96 -13.53
C LEU D 287 47.30 55.07 -14.11
N LEU D 288 47.77 54.89 -15.34
CA LEU D 288 48.67 55.82 -16.00
C LEU D 288 47.92 56.54 -17.12
N LEU D 289 48.06 57.87 -17.16
CA LEU D 289 47.49 58.69 -18.22
C LEU D 289 48.63 59.15 -19.11
N GLU D 290 48.71 58.59 -20.32
CA GLU D 290 49.77 58.93 -21.26
C GLU D 290 49.40 60.22 -21.99
N LYS D 291 50.23 61.25 -21.82
CA LYS D 291 49.98 62.57 -22.37
C LYS D 291 50.49 62.67 -23.81
N GLU D 292 49.90 63.59 -24.57
CA GLU D 292 50.29 63.82 -25.97
C GLU D 292 50.12 65.31 -26.24
N GLU D 293 51.21 66.06 -26.10
CA GLU D 293 51.20 67.46 -26.50
C GLU D 293 51.13 67.55 -28.02
N GLN D 294 50.20 68.35 -28.52
CA GLN D 294 50.03 68.52 -29.96
C GLN D 294 51.02 69.55 -30.51
N MET D 295 51.11 69.61 -31.84
CA MET D 295 51.89 70.67 -32.46
C MET D 295 51.39 72.04 -32.02
N ASP D 296 50.07 72.17 -31.88
CA ASP D 296 49.49 73.40 -31.35
C ASP D 296 50.02 73.71 -29.97
N GLY D 297 50.42 72.68 -29.22
CA GLY D 297 50.86 72.83 -27.86
C GLY D 297 49.83 72.41 -26.83
N THR D 298 48.57 72.23 -27.23
CA THR D 298 47.56 71.70 -26.33
C THR D 298 47.91 70.28 -25.94
N VAL D 299 47.75 69.96 -24.66
CA VAL D 299 48.08 68.64 -24.13
C VAL D 299 46.80 67.81 -24.10
N THR D 300 46.79 66.68 -24.81
CA THR D 300 45.65 65.80 -24.91
C THR D 300 45.98 64.44 -24.33
N LEU D 301 44.98 63.78 -23.75
CA LEU D 301 45.16 62.44 -23.23
C LEU D 301 45.20 61.45 -24.39
N LYS D 302 46.30 60.72 -24.52
CA LYS D 302 46.50 59.82 -25.64
C LYS D 302 45.97 58.42 -25.35
N ASP D 303 46.33 57.86 -24.20
CA ASP D 303 46.00 56.48 -23.91
C ASP D 303 46.03 56.25 -22.41
N LEU D 304 45.38 55.17 -21.98
CA LEU D 304 45.38 54.73 -20.59
C LEU D 304 46.15 53.42 -20.46
N ARG D 305 46.78 53.23 -19.30
CA ARG D 305 47.55 52.03 -19.02
C ARG D 305 47.39 51.66 -17.55
N VAL D 306 47.36 50.36 -17.27
CA VAL D 306 47.21 49.85 -15.91
C VAL D 306 48.34 48.86 -15.65
N GLU D 307 49.00 49.01 -14.49
CA GLU D 307 50.12 48.18 -14.10
C GLU D 307 49.91 47.63 -12.70
N LEU D 308 50.18 46.35 -12.52
CA LEU D 308 50.02 45.70 -11.22
C LEU D 308 51.28 45.91 -10.39
N LEU D 309 51.12 46.52 -9.21
CA LEU D 309 52.27 46.83 -8.37
C LEU D 309 52.55 45.76 -7.31
N GLY D 310 51.53 45.10 -6.79
CA GLY D 310 51.75 44.10 -5.75
C GLY D 310 50.47 43.80 -4.99
N GLU D 311 50.64 43.48 -3.71
CA GLU D 311 49.52 43.13 -2.84
C GLU D 311 49.58 43.98 -1.58
N THR D 312 48.46 44.59 -1.22
CA THR D 312 48.29 45.30 0.03
C THR D 312 47.09 44.67 0.77
N SER D 313 46.83 45.15 1.97
CA SER D 313 45.60 44.76 2.66
C SER D 313 44.40 45.33 1.92
N ILE D 314 43.28 44.58 1.95
CA ILE D 314 42.02 45.06 1.40
C ILE D 314 41.81 46.48 1.91
N ALA D 315 41.68 47.43 0.99
CA ALA D 315 41.78 48.84 1.33
C ALA D 315 40.44 49.54 1.06
N GLU D 316 39.86 50.10 2.12
CA GLU D 316 38.74 51.02 1.95
C GLU D 316 39.22 52.37 1.41
N CYS D 317 40.34 52.86 1.91
CA CYS D 317 40.90 54.13 1.50
C CYS D 317 42.39 53.96 1.20
N LEU D 318 42.85 54.68 0.18
CA LEU D 318 44.25 54.71 -0.20
C LEU D 318 44.72 56.15 -0.33
N THR D 319 45.89 56.47 0.22
CA THR D 319 46.45 57.80 0.14
C THR D 319 47.94 57.73 -0.10
N TYR D 320 48.46 58.66 -0.91
CA TYR D 320 49.87 58.75 -1.24
C TYR D 320 50.51 59.87 -0.41
N LEU D 321 51.60 59.54 0.27
CA LEU D 321 52.25 60.46 1.21
C LEU D 321 53.72 60.59 0.87
N ASP D 322 54.23 61.81 0.81
CA ASP D 322 55.66 62.11 0.62
C ASP D 322 56.16 61.32 -0.59
N ASN D 323 57.22 60.54 -0.47
CA ASN D 323 57.82 59.81 -1.59
C ASN D 323 57.61 58.32 -1.36
N GLY D 324 56.80 57.71 -2.22
CA GLY D 324 56.63 56.27 -2.20
C GLY D 324 56.03 55.71 -0.94
N VAL D 325 55.26 56.48 -0.20
CA VAL D 325 54.59 56.01 1.00
C VAL D 325 53.09 56.10 0.77
N VAL D 326 52.39 54.97 0.92
CA VAL D 326 50.96 54.87 0.66
C VAL D 326 50.32 54.20 1.87
N PHE D 327 49.52 54.94 2.61
CA PHE D 327 48.79 54.40 3.75
C PHE D 327 47.59 53.62 3.26
N VAL D 328 47.53 52.34 3.61
CA VAL D 328 46.49 51.43 3.12
C VAL D 328 45.48 51.31 4.25
N GLY D 329 44.46 52.16 4.23
CA GLY D 329 43.41 52.11 5.23
C GLY D 329 42.43 51.00 4.97
N SER D 330 42.35 50.04 5.89
CA SER D 330 41.51 48.86 5.72
C SER D 330 40.49 48.78 6.85
N ARG D 331 39.22 48.61 6.47
CA ARG D 331 38.15 48.31 7.42
C ARG D 331 37.97 46.82 7.64
N LEU D 332 38.57 45.99 6.79
CA LEU D 332 38.51 44.54 6.91
C LEU D 332 39.81 43.92 7.42
N GLY D 333 40.92 44.66 7.46
CA GLY D 333 42.19 44.10 7.86
C GLY D 333 43.11 45.16 8.42
N ASP D 334 44.32 44.73 8.75
CA ASP D 334 45.32 45.65 9.30
C ASP D 334 45.67 46.72 8.28
N SER D 335 45.68 47.98 8.72
CA SER D 335 46.14 49.07 7.88
C SER D 335 47.66 49.01 7.75
N GLN D 336 48.19 49.72 6.75
CA GLN D 336 49.61 49.59 6.46
C GLN D 336 50.18 50.90 5.94
N LEU D 337 51.51 50.97 6.01
CA LEU D 337 52.32 51.94 5.27
C LEU D 337 53.19 51.13 4.32
N VAL D 338 53.09 51.41 3.01
CA VAL D 338 53.81 50.62 2.01
C VAL D 338 54.73 51.50 1.19
N LYS D 339 55.85 50.91 0.79
CA LYS D 339 56.88 51.57 -0.02
C LYS D 339 56.83 51.00 -1.43
N LEU D 340 56.75 51.88 -2.42
CA LEU D 340 56.75 51.49 -3.83
C LEU D 340 58.14 51.67 -4.40
N ASN D 341 58.71 50.60 -4.94
CA ASN D 341 60.08 50.60 -5.45
C ASN D 341 60.07 50.56 -6.97
N VAL D 342 60.80 51.49 -7.58
CA VAL D 342 60.86 51.57 -9.04
C VAL D 342 61.21 50.21 -9.64
N ASP D 343 62.07 49.45 -8.97
CA ASP D 343 62.43 48.11 -9.40
C ASP D 343 61.66 47.08 -8.58
N SER D 344 61.10 46.09 -9.27
CA SER D 344 60.42 45.00 -8.59
C SER D 344 61.42 44.11 -7.87
N ASN D 345 60.95 43.43 -6.83
CA ASN D 345 61.79 42.51 -6.09
C ASN D 345 61.87 41.18 -6.83
N GLU D 346 62.34 40.14 -6.15
CA GLU D 346 62.52 38.84 -6.79
C GLU D 346 61.19 38.12 -7.05
N GLN D 347 60.09 38.58 -6.45
CA GLN D 347 58.78 37.98 -6.65
C GLN D 347 57.96 38.71 -7.71
N GLY D 348 58.50 39.78 -8.30
CA GLY D 348 57.76 40.59 -9.24
C GLY D 348 56.97 41.71 -8.62
N SER D 349 57.06 41.90 -7.31
CA SER D 349 56.30 42.92 -6.61
C SER D 349 57.10 44.20 -6.48
N TYR D 350 56.43 45.33 -6.70
CA TYR D 350 57.02 46.64 -6.47
C TYR D 350 56.67 47.18 -5.09
N VAL D 351 55.94 46.42 -4.28
CA VAL D 351 55.42 46.90 -3.00
C VAL D 351 56.13 46.16 -1.86
N VAL D 352 56.48 46.91 -0.83
CA VAL D 352 57.12 46.35 0.37
C VAL D 352 56.49 47.02 1.59
N ALA D 353 56.09 46.23 2.57
CA ALA D 353 55.39 46.75 3.74
C ALA D 353 56.38 47.44 4.67
N MET D 354 55.97 48.63 5.16
CA MET D 354 56.78 49.35 6.13
C MET D 354 56.28 49.06 7.54
N GLU D 355 55.08 49.55 7.86
CA GLU D 355 54.49 49.38 9.19
C GLU D 355 53.14 48.69 9.08
N THR D 356 52.72 48.10 10.19
CA THR D 356 51.43 47.42 10.28
C THR D 356 50.67 47.98 11.46
N PHE D 357 49.49 48.55 11.21
CA PHE D 357 48.64 49.12 12.23
C PHE D 357 47.55 48.11 12.59
N THR D 358 47.50 47.72 13.86
CA THR D 358 46.55 46.71 14.30
C THR D 358 45.12 47.20 14.06
N ASN D 359 44.35 46.39 13.35
CA ASN D 359 42.93 46.64 13.13
C ASN D 359 42.17 45.38 13.50
N LEU D 360 41.40 45.44 14.58
CA LEU D 360 40.58 44.29 14.97
C LEU D 360 39.49 43.99 13.96
N GLY D 361 39.36 44.79 12.92
CA GLY D 361 38.45 44.52 11.83
C GLY D 361 37.06 44.17 12.28
N PRO D 362 36.25 43.64 11.37
CA PRO D 362 34.92 43.14 11.77
C PRO D 362 35.08 42.01 12.78
N ILE D 363 34.49 42.19 13.96
CA ILE D 363 34.48 41.15 14.99
C ILE D 363 33.19 40.36 14.79
N VAL D 364 33.31 39.19 14.17
CA VAL D 364 32.13 38.40 13.88
C VAL D 364 31.67 37.64 15.12
N ASP D 365 32.60 37.20 15.95
CA ASP D 365 32.27 36.49 17.19
C ASP D 365 33.46 36.61 18.11
N MET D 366 33.26 36.25 19.38
CA MET D 366 34.35 36.27 20.35
C MET D 366 33.92 35.56 21.62
N CYS D 367 34.91 35.11 22.38
CA CYS D 367 34.69 34.41 23.64
C CYS D 367 35.78 34.80 24.62
N VAL D 368 35.42 34.80 25.90
CA VAL D 368 36.36 35.12 26.98
C VAL D 368 36.84 33.83 27.59
N VAL D 369 38.15 33.73 27.81
CA VAL D 369 38.76 32.53 28.38
C VAL D 369 39.94 32.96 29.22
N ASP D 370 40.13 32.30 30.36
CA ASP D 370 41.27 32.55 31.24
C ASP D 370 42.37 31.57 30.83
N LEU D 371 43.16 31.96 29.82
CA LEU D 371 44.20 31.08 29.31
C LEU D 371 45.27 30.80 30.34
N GLU D 372 45.49 31.73 31.27
CA GLU D 372 46.45 31.55 32.34
C GLU D 372 45.81 30.97 33.61
N ARG D 373 44.55 30.55 33.52
CA ARG D 373 43.81 30.00 34.66
C ARG D 373 43.89 30.94 35.87
N GLN D 374 44.06 32.22 35.61
CA GLN D 374 44.09 33.25 36.63
C GLN D 374 42.78 34.02 36.57
N GLY D 375 42.62 34.95 37.50
CA GLY D 375 41.42 35.78 37.49
C GLY D 375 41.34 36.73 36.31
N GLN D 376 42.43 36.94 35.60
CA GLN D 376 42.48 37.84 34.45
C GLN D 376 42.07 37.08 33.19
N GLY D 377 41.13 37.66 32.44
CA GLY D 377 40.55 37.00 31.28
C GLY D 377 41.03 37.61 29.99
N GLN D 378 41.34 36.75 29.02
CA GLN D 378 41.72 37.17 27.68
C GLN D 378 40.57 36.95 26.72
N LEU D 379 40.51 37.81 25.70
CA LEU D 379 39.42 37.82 24.73
C LEU D 379 39.95 37.36 23.37
N VAL D 380 39.37 36.28 22.84
CA VAL D 380 39.75 35.71 21.56
C VAL D 380 38.63 35.96 20.57
N THR D 381 38.91 36.74 19.53
CA THR D 381 37.90 37.17 18.58
C THR D 381 38.09 36.53 17.22
N CYS D 382 36.99 36.46 16.47
CA CYS D 382 37.02 36.22 15.03
C CYS D 382 37.03 37.57 14.34
N SER D 383 38.17 37.95 13.76
CA SER D 383 38.36 39.29 13.24
C SER D 383 38.76 39.26 11.77
N GLY D 384 38.22 40.19 11.00
CA GLY D 384 38.59 40.34 9.62
C GLY D 384 37.67 39.59 8.68
N ALA D 385 38.03 39.67 7.39
CA ALA D 385 37.31 39.00 6.33
C ALA D 385 38.30 38.62 5.24
N PHE D 386 38.03 37.49 4.60
CA PHE D 386 38.81 37.02 3.44
C PHE D 386 40.26 36.85 3.88
N LYS D 387 41.24 37.33 3.09
CA LYS D 387 42.65 37.09 3.40
C LYS D 387 43.07 37.78 4.69
N GLU D 388 42.38 38.85 5.07
CA GLU D 388 42.66 39.57 6.31
C GLU D 388 42.01 38.91 7.52
N GLY D 389 41.38 37.74 7.34
CA GLY D 389 40.79 37.05 8.47
C GLY D 389 41.84 36.59 9.46
N SER D 390 41.42 36.47 10.71
CA SER D 390 42.36 36.21 11.80
C SER D 390 41.63 36.05 13.12
N LEU D 391 42.28 35.37 14.05
CA LEU D 391 41.93 35.41 15.46
C LEU D 391 42.78 36.45 16.16
N ARG D 392 42.21 37.09 17.17
CA ARG D 392 42.92 38.10 17.96
C ARG D 392 42.76 37.75 19.43
N ILE D 393 43.88 37.54 20.11
CA ILE D 393 43.89 37.31 21.55
C ILE D 393 44.24 38.63 22.22
N ILE D 394 43.36 39.09 23.09
CA ILE D 394 43.44 40.43 23.68
C ILE D 394 43.47 40.28 25.19
N ARG D 395 44.50 40.87 25.80
CA ARG D 395 44.67 40.87 27.25
C ARG D 395 44.71 42.30 27.75
N ASN D 396 44.34 42.48 29.01
CA ASN D 396 44.66 43.73 29.71
C ASN D 396 46.11 43.64 30.17
N GLY D 397 46.90 44.69 29.88
CA GLY D 397 48.31 44.66 30.16
C GLY D 397 48.66 45.26 31.50
N ILE D 398 49.86 44.94 31.97
CA ILE D 398 50.31 45.38 33.29
C ILE D 398 51.73 45.92 33.15
N GLN D 408 49.65 52.40 29.72
CA GLN D 408 48.52 51.47 29.79
C GLN D 408 47.99 51.18 28.38
N LYS D 409 47.97 49.90 28.01
CA LYS D 409 47.53 49.48 26.69
C LYS D 409 47.09 48.02 26.74
N LEU D 410 46.32 47.63 25.74
CA LEU D 410 45.99 46.23 25.51
C LEU D 410 47.04 45.58 24.62
N HIS D 411 47.57 44.43 25.05
CA HIS D 411 48.49 43.65 24.23
C HIS D 411 47.68 42.71 23.34
N ILE D 412 47.94 42.78 22.04
CA ILE D 412 47.11 42.09 21.04
C ILE D 412 48.00 41.16 20.24
N ARG D 413 47.78 39.86 20.40
CA ARG D 413 48.40 38.86 19.54
C ARG D 413 47.51 38.62 18.34
N THR D 414 48.13 38.45 17.17
CA THR D 414 47.41 38.27 15.92
C THR D 414 47.68 36.87 15.37
N VAL D 415 46.63 36.18 14.96
CA VAL D 415 46.73 34.83 14.42
C VAL D 415 46.12 34.82 13.03
N PRO D 416 46.91 35.01 11.97
CA PRO D 416 46.32 35.07 10.63
C PRO D 416 45.74 33.73 10.20
N LEU D 417 44.59 33.79 9.53
CA LEU D 417 43.94 32.61 8.98
C LEU D 417 43.83 32.64 7.45
N TYR D 418 43.86 33.82 6.84
CA TYR D 418 43.78 33.97 5.39
C TYR D 418 42.45 33.49 4.81
N GLU D 419 41.46 33.31 5.67
CA GLU D 419 40.10 33.00 5.26
C GLU D 419 39.16 33.65 6.27
N SER D 420 37.88 33.71 5.93
CA SER D 420 36.94 34.45 6.75
C SER D 420 36.57 33.64 7.99
N PRO D 421 36.84 34.13 9.21
CA PRO D 421 36.32 33.49 10.41
C PRO D 421 34.93 34.02 10.75
N ARG D 422 34.07 33.13 11.25
CA ARG D 422 32.67 33.46 11.50
C ARG D 422 32.25 33.27 12.95
N LYS D 423 32.59 32.14 13.56
CA LYS D 423 32.25 31.91 14.96
C LYS D 423 33.38 31.15 15.64
N ILE D 424 33.46 31.31 16.96
CA ILE D 424 34.50 30.68 17.77
C ILE D 424 33.88 30.14 19.05
N CYS D 425 34.42 29.01 19.52
CA CYS D 425 33.92 28.38 20.72
C CYS D 425 35.05 27.63 21.40
N TYR D 426 35.18 27.80 22.72
CA TYR D 426 36.29 27.26 23.48
C TYR D 426 35.90 25.92 24.11
N GLN D 427 36.79 24.94 24.00
CA GLN D 427 36.58 23.61 24.58
C GLN D 427 37.76 23.31 25.52
N GLU D 428 37.53 23.52 26.82
CA GLU D 428 38.63 23.38 27.78
C GLU D 428 39.15 21.94 27.82
N VAL D 429 38.25 20.95 27.81
CA VAL D 429 38.65 19.56 27.92
C VAL D 429 39.72 19.20 26.89
N SER D 430 39.70 19.85 25.74
CA SER D 430 40.65 19.60 24.67
C SER D 430 41.68 20.71 24.52
N GLN D 431 41.68 21.68 25.44
CA GLN D 431 42.62 22.80 25.40
C GLN D 431 42.73 23.38 23.99
N CYS D 432 41.57 23.62 23.38
CA CYS D 432 41.56 24.10 22.00
C CYS D 432 40.30 24.90 21.74
N PHE D 433 40.33 25.64 20.64
CA PHE D 433 39.18 26.39 20.16
C PHE D 433 38.56 25.68 18.96
N GLY D 434 37.25 25.78 18.84
CA GLY D 434 36.54 25.44 17.62
C GLY D 434 36.14 26.71 16.90
N VAL D 435 36.49 26.79 15.63
CA VAL D 435 36.28 28.00 14.84
C VAL D 435 35.65 27.61 13.49
N LEU D 436 34.50 28.20 13.19
CA LEU D 436 33.89 28.09 11.88
C LEU D 436 34.47 29.15 10.95
N SER D 437 34.75 28.75 9.72
CA SER D 437 35.37 29.67 8.77
C SER D 437 34.90 29.32 7.36
N SER D 438 35.06 30.28 6.46
CA SER D 438 34.68 30.08 5.06
C SER D 438 35.71 30.74 4.17
N ARG D 439 36.08 30.04 3.11
CA ARG D 439 37.00 30.53 2.10
C ARG D 439 36.27 30.59 0.76
N ILE D 440 36.79 31.41 -0.15
CA ILE D 440 36.20 31.59 -1.48
C ILE D 440 36.99 30.74 -2.46
N GLU D 441 36.29 29.85 -3.17
CA GLU D 441 36.83 29.16 -4.33
C GLU D 441 36.00 29.57 -5.55
N VAL D 442 36.60 29.38 -6.73
CA VAL D 442 36.00 29.86 -7.97
C VAL D 442 35.82 28.70 -8.94
N GLN D 443 34.68 28.68 -9.60
CA GLN D 443 34.39 27.65 -10.60
C GLN D 443 35.48 27.62 -11.65
N ASP D 444 36.11 26.47 -11.84
CA ASP D 444 37.22 26.32 -12.75
C ASP D 444 36.85 25.41 -13.91
N THR D 445 37.81 25.21 -14.81
CA THR D 445 37.54 24.46 -16.04
C THR D 445 37.34 22.97 -15.79
N SER D 446 37.73 22.47 -14.63
CA SER D 446 37.55 21.06 -14.32
C SER D 446 36.11 20.73 -13.93
N GLY D 447 35.24 21.73 -13.81
CA GLY D 447 33.92 21.56 -13.26
C GLY D 447 33.86 21.84 -11.77
N GLY D 448 34.95 21.58 -11.05
CA GLY D 448 35.02 21.86 -9.63
C GLY D 448 35.36 23.31 -9.36
N THR D 449 36.04 23.55 -8.24
CA THR D 449 36.45 24.89 -7.85
C THR D 449 37.90 24.88 -7.40
N THR D 450 38.48 26.08 -7.35
CA THR D 450 39.88 26.26 -6.95
C THR D 450 39.96 27.45 -6.00
N ALA D 451 40.79 27.30 -4.97
CA ALA D 451 40.99 28.35 -3.99
C ALA D 451 41.93 29.41 -4.53
N LEU D 452 41.62 30.69 -4.26
CA LEU D 452 42.43 31.78 -4.75
C LEU D 452 43.79 31.84 -4.06
N ARG D 453 43.92 31.25 -2.87
CA ARG D 453 45.16 31.28 -2.10
C ARG D 453 45.07 30.23 -1.02
N PRO D 454 46.20 29.72 -0.54
CA PRO D 454 46.16 28.80 0.60
C PRO D 454 45.72 29.54 1.86
N SER D 455 44.99 28.83 2.71
CA SER D 455 44.47 29.40 3.95
C SER D 455 44.37 28.29 4.99
N ALA D 456 43.87 28.66 6.17
CA ALA D 456 43.90 27.75 7.32
C ALA D 456 43.24 26.42 7.01
N SER D 457 42.08 26.44 6.35
CA SER D 457 41.35 25.22 6.12
C SER D 457 41.98 24.32 5.07
N THR D 458 42.97 24.81 4.32
CA THR D 458 43.66 24.00 3.33
C THR D 458 45.04 23.57 3.77
N GLN D 459 45.67 24.31 4.68
CA GLN D 459 47.00 23.99 5.18
C GLN D 459 46.94 23.30 6.55
N ALA D 460 45.81 22.69 6.88
CA ALA D 460 45.67 22.03 8.16
C ALA D 460 46.47 20.74 8.19
N LEU D 461 46.96 20.40 9.39
CA LEU D 461 47.72 19.16 9.56
C LEU D 461 46.86 17.95 9.19
N SER D 462 45.74 17.77 9.90
CA SER D 462 44.76 16.75 9.58
C SER D 462 43.54 17.41 8.94
N SER D 463 42.89 16.69 8.04
CA SER D 463 41.74 17.24 7.33
C SER D 463 40.71 16.16 7.07
N SER D 464 39.46 16.58 6.88
CA SER D 464 38.36 15.68 6.60
C SER D 464 37.30 16.44 5.82
N VAL D 465 36.50 15.67 5.07
CA VAL D 465 35.43 16.21 4.24
C VAL D 465 34.15 15.46 4.57
N SER D 466 33.08 16.21 4.83
CA SER D 466 31.86 15.58 5.31
C SER D 466 31.34 14.59 4.28
N SER D 467 30.85 13.45 4.78
CA SER D 467 30.37 12.36 3.94
C SER D 467 28.86 12.20 4.00
N SER D 468 28.15 13.17 4.58
CA SER D 468 26.72 13.02 4.80
C SER D 468 25.99 12.82 3.48
N LYS D 469 25.12 11.82 3.43
CA LYS D 469 24.28 11.55 2.28
C LYS D 469 22.85 12.03 2.48
N LEU D 470 22.63 12.91 3.46
CA LEU D 470 21.27 13.25 3.86
C LEU D 470 20.50 13.95 2.76
N PHE D 471 21.17 14.85 2.03
CA PHE D 471 20.47 15.71 1.07
C PHE D 471 20.66 15.30 -0.40
N SER D 472 21.29 14.16 -0.67
CA SER D 472 21.73 13.87 -2.03
C SER D 472 20.55 13.86 -3.01
N SER D 473 19.53 13.04 -2.74
CA SER D 473 18.40 12.96 -3.66
C SER D 473 17.57 14.24 -3.64
N SER D 474 17.41 14.83 -2.46
CA SER D 474 16.57 16.02 -2.35
C SER D 474 17.12 17.18 -3.17
N THR D 475 18.42 17.43 -3.09
CA THR D 475 19.02 18.53 -3.81
C THR D 475 18.88 18.35 -5.32
N ALA D 476 18.52 19.45 -6.00
CA ALA D 476 18.48 19.47 -7.47
C ALA D 476 19.75 20.13 -7.98
N PRO D 477 20.50 19.48 -8.89
CA PRO D 477 21.76 20.08 -9.35
C PRO D 477 21.54 21.46 -9.96
N HIS D 478 22.42 22.39 -9.59
CA HIS D 478 22.30 23.78 -10.01
C HIS D 478 23.41 24.11 -11.01
N GLU D 479 23.04 24.85 -12.05
CA GLU D 479 23.97 25.16 -13.12
C GLU D 479 25.17 25.94 -12.61
N THR D 480 26.37 25.51 -13.02
CA THR D 480 27.62 26.13 -12.63
C THR D 480 28.24 26.79 -13.86
N SER D 481 28.70 28.04 -13.71
CA SER D 481 29.39 28.75 -14.78
C SER D 481 30.78 29.15 -14.32
N PHE D 482 31.75 29.00 -15.22
CA PHE D 482 33.15 29.25 -14.88
C PHE D 482 33.35 30.70 -14.45
N GLY D 483 34.05 30.89 -13.34
CA GLY D 483 34.33 32.21 -12.82
C GLY D 483 33.47 32.64 -11.65
N GLU D 484 32.39 31.91 -11.37
CA GLU D 484 31.54 32.26 -10.24
C GLU D 484 32.24 31.90 -8.94
N GLU D 485 31.96 32.70 -7.90
CA GLU D 485 32.49 32.46 -6.58
C GLU D 485 31.56 31.57 -5.78
N VAL D 486 32.12 30.79 -4.87
CA VAL D 486 31.35 29.98 -3.93
C VAL D 486 32.07 29.98 -2.59
N GLU D 487 31.31 29.79 -1.52
CA GLU D 487 31.85 29.71 -0.17
C GLU D 487 32.00 28.25 0.24
N VAL D 488 33.16 27.92 0.79
CA VAL D 488 33.44 26.59 1.34
C VAL D 488 33.66 26.75 2.84
N HIS D 489 32.80 26.15 3.65
CA HIS D 489 32.84 26.31 5.08
C HIS D 489 33.54 25.13 5.76
N ASN D 490 34.21 25.42 6.87
CA ASN D 490 34.98 24.42 7.58
C ASN D 490 34.88 24.64 9.08
N LEU D 491 35.17 23.56 9.82
CA LEU D 491 35.36 23.61 11.26
C LEU D 491 36.85 23.46 11.52
N LEU D 492 37.43 24.46 12.18
CA LEU D 492 38.86 24.45 12.51
C LEU D 492 39.03 24.16 13.99
N ILE D 493 39.86 23.16 14.29
CA ILE D 493 40.30 22.88 15.65
C ILE D 493 41.67 23.54 15.82
N ILE D 494 41.81 24.37 16.84
CA ILE D 494 42.98 25.24 17.00
C ILE D 494 43.50 25.12 18.43
N ASP D 495 44.80 24.86 18.56
CA ASP D 495 45.43 24.73 19.87
C ASP D 495 45.33 26.06 20.61
N GLN D 496 45.00 26.01 21.90
CA GLN D 496 44.71 27.23 22.63
C GLN D 496 45.96 28.02 23.00
N HIS D 497 47.19 27.51 22.66
CA HIS D 497 48.46 28.15 23.02
C HIS D 497 49.39 28.38 21.83
N THR D 498 49.51 27.42 20.92
CA THR D 498 50.28 27.64 19.71
C THR D 498 49.41 28.19 18.59
N PHE D 499 48.09 27.99 18.66
CA PHE D 499 47.18 28.40 17.60
C PHE D 499 47.56 27.76 16.28
N GLU D 500 48.15 26.57 16.35
CA GLU D 500 48.30 25.72 15.19
C GLU D 500 46.95 25.13 14.83
N VAL D 501 46.67 25.04 13.53
CA VAL D 501 45.43 24.42 13.06
C VAL D 501 45.62 22.91 13.12
N LEU D 502 45.02 22.28 14.12
CA LEU D 502 45.24 20.85 14.33
C LEU D 502 44.41 20.00 13.37
N HIS D 503 43.20 20.44 13.06
CA HIS D 503 42.33 19.70 12.15
C HIS D 503 41.42 20.69 11.44
N ALA D 504 41.03 20.33 10.23
CA ALA D 504 40.10 21.13 9.43
C ALA D 504 39.07 20.18 8.83
N HIS D 505 37.81 20.33 9.21
CA HIS D 505 36.73 19.54 8.66
C HIS D 505 35.92 20.41 7.69
N GLN D 506 35.84 19.97 6.43
CA GLN D 506 35.10 20.69 5.41
C GLN D 506 33.68 20.18 5.31
N PHE D 507 32.71 21.09 5.29
CA PHE D 507 31.30 20.73 5.23
C PHE D 507 30.87 20.48 3.79
N LEU D 508 29.61 20.08 3.62
CA LEU D 508 29.11 19.69 2.32
C LEU D 508 29.12 20.87 1.34
N GLN D 509 29.09 20.52 0.06
CA GLN D 509 29.03 21.53 -0.99
C GLN D 509 27.77 22.36 -0.83
N ASN D 510 27.95 23.68 -0.82
CA ASN D 510 26.88 24.66 -0.65
C ASN D 510 26.31 24.67 0.77
N GLU D 511 27.01 24.08 1.73
CA GLU D 511 26.57 24.08 3.13
C GLU D 511 27.32 25.15 3.90
N TYR D 512 26.56 26.01 4.59
CA TYR D 512 27.14 27.08 5.40
C TYR D 512 27.08 26.70 6.87
N ALA D 513 28.18 26.94 7.58
CA ALA D 513 28.23 26.76 9.02
C ALA D 513 27.82 28.08 9.68
N LEU D 514 26.78 28.03 10.52
CA LEU D 514 26.23 29.23 11.12
C LEU D 514 26.35 29.28 12.63
N SER D 515 26.35 28.14 13.31
CA SER D 515 26.34 28.11 14.77
C SER D 515 27.27 27.01 15.28
N LEU D 516 27.84 27.25 16.46
CA LEU D 516 28.82 26.36 17.04
C LEU D 516 28.72 26.42 18.56
N VAL D 517 28.83 25.26 19.20
CA VAL D 517 28.84 25.16 20.65
C VAL D 517 29.77 24.05 21.08
N SER D 518 30.28 24.17 22.31
CA SER D 518 31.09 23.15 22.95
C SER D 518 30.46 22.84 24.29
N CYS D 519 30.08 21.58 24.50
CA CYS D 519 29.33 21.25 25.70
C CYS D 519 29.17 19.74 25.83
N LYS D 520 28.92 19.31 27.05
CA LYS D 520 28.43 17.97 27.34
C LYS D 520 26.90 17.98 27.22
N LEU D 521 26.33 16.82 26.92
CA LEU D 521 24.89 16.70 26.78
C LEU D 521 24.38 15.47 27.52
N GLY D 522 23.16 15.58 28.02
CA GLY D 522 22.52 14.47 28.71
C GLY D 522 23.45 13.86 29.74
N LYS D 523 23.45 12.52 29.78
CA LYS D 523 24.33 11.77 30.65
C LYS D 523 25.63 11.35 29.96
N ASP D 524 25.92 11.92 28.80
CA ASP D 524 27.17 11.63 28.11
C ASP D 524 28.29 12.49 28.68
N PRO D 525 29.36 11.89 29.22
CA PRO D 525 30.46 12.71 29.76
C PRO D 525 31.36 13.31 28.69
N ASN D 526 31.27 12.84 27.45
CA ASN D 526 32.11 13.36 26.39
C ASN D 526 31.73 14.79 26.04
N THR D 527 32.73 15.65 25.88
CA THR D 527 32.51 17.03 25.47
C THR D 527 32.62 17.15 23.96
N TYR D 528 31.58 17.69 23.33
CA TYR D 528 31.47 17.69 21.88
C TYR D 528 31.51 19.10 21.31
N PHE D 529 32.07 19.22 20.10
CA PHE D 529 31.84 20.38 19.25
C PHE D 529 30.61 20.08 18.40
N ILE D 530 29.60 20.95 18.48
CA ILE D 530 28.34 20.77 17.76
C ILE D 530 28.15 21.97 16.84
N VAL D 531 27.79 21.71 15.58
CA VAL D 531 27.71 22.73 14.55
C VAL D 531 26.33 22.70 13.91
N GLY D 532 25.75 23.88 13.71
CA GLY D 532 24.48 24.03 13.01
C GLY D 532 24.69 24.68 11.65
N THR D 533 24.16 24.04 10.62
CA THR D 533 24.43 24.42 9.23
C THR D 533 23.14 24.75 8.50
N ALA D 534 23.30 25.09 7.22
CA ALA D 534 22.19 25.45 6.35
C ALA D 534 22.63 25.26 4.91
N MET D 535 21.85 24.50 4.15
CA MET D 535 22.10 24.37 2.72
C MET D 535 21.64 25.65 2.03
N VAL D 536 22.59 26.39 1.44
CA VAL D 536 22.32 27.70 0.85
C VAL D 536 22.39 27.57 -0.65
N TYR D 537 21.29 27.90 -1.33
CA TYR D 537 21.21 27.90 -2.77
C TYR D 537 20.73 29.26 -3.24
N PRO D 538 21.28 29.77 -4.35
CA PRO D 538 20.85 31.12 -4.81
C PRO D 538 19.36 31.20 -5.09
N GLU D 539 18.77 30.13 -5.63
CA GLU D 539 17.35 30.16 -5.98
C GLU D 539 16.49 30.35 -4.74
N GLU D 540 16.81 29.65 -3.66
CA GLU D 540 16.00 29.70 -2.44
C GLU D 540 16.30 30.98 -1.68
N ALA D 541 15.27 31.81 -1.47
CA ALA D 541 15.47 33.01 -0.66
C ALA D 541 15.78 32.66 0.78
N GLU D 542 15.11 31.65 1.33
CA GLU D 542 15.33 31.21 2.69
C GLU D 542 15.66 29.72 2.68
N PRO D 543 16.76 29.29 3.32
CA PRO D 543 17.12 27.87 3.27
C PRO D 543 16.03 26.99 3.84
N LYS D 544 15.80 25.87 3.18
CA LYS D 544 14.81 24.88 3.63
C LYS D 544 15.46 23.56 4.05
N GLN D 545 16.78 23.48 4.08
CA GLN D 545 17.50 22.26 4.47
C GLN D 545 18.66 22.63 5.38
N GLY D 546 18.94 21.75 6.34
CA GLY D 546 20.01 22.02 7.28
C GLY D 546 20.35 20.81 8.13
N ARG D 547 21.50 20.91 8.79
CA ARG D 547 22.01 19.85 9.64
C ARG D 547 22.45 20.39 10.99
N ILE D 548 22.36 19.53 12.00
CA ILE D 548 23.06 19.71 13.27
C ILE D 548 24.02 18.53 13.40
N VAL D 549 25.32 18.82 13.46
CA VAL D 549 26.36 17.81 13.44
C VAL D 549 27.09 17.82 14.77
N VAL D 550 27.32 16.64 15.34
CA VAL D 550 28.01 16.49 16.62
C VAL D 550 29.38 15.88 16.34
N PHE D 551 30.43 16.63 16.66
CA PHE D 551 31.80 16.17 16.55
C PHE D 551 32.37 15.88 17.94
N GLN D 552 33.36 14.99 17.98
CA GLN D 552 34.19 14.79 19.15
C GLN D 552 35.64 14.89 18.71
N TYR D 553 36.40 15.78 19.34
CA TYR D 553 37.84 15.88 19.12
C TYR D 553 38.53 15.12 20.24
N SER D 554 39.13 13.97 19.91
CA SER D 554 39.76 13.11 20.89
C SER D 554 40.96 12.43 20.27
N ASP D 555 42.10 12.50 20.95
CA ASP D 555 43.34 11.89 20.46
C ASP D 555 43.72 12.45 19.10
N GLY D 556 43.74 13.78 19.03
CA GLY D 556 44.23 14.49 17.86
C GLY D 556 43.41 14.35 16.60
N LYS D 557 42.22 13.76 16.67
CA LYS D 557 41.40 13.54 15.47
C LYS D 557 39.96 13.87 15.78
N LEU D 558 39.24 14.29 14.74
CA LEU D 558 37.82 14.61 14.82
C LEU D 558 37.00 13.42 14.34
N GLN D 559 36.09 12.96 15.19
CA GLN D 559 35.17 11.88 14.85
C GLN D 559 33.76 12.46 14.75
N THR D 560 33.08 12.16 13.65
CA THR D 560 31.69 12.60 13.47
C THR D 560 30.79 11.69 14.28
N VAL D 561 30.19 12.24 15.34
CA VAL D 561 29.44 11.42 16.29
C VAL D 561 28.01 11.20 15.83
N ALA D 562 27.34 12.25 15.38
CA ALA D 562 25.95 12.13 14.98
C ALA D 562 25.57 13.34 14.13
N GLU D 563 24.51 13.15 13.35
CA GLU D 563 23.98 14.21 12.49
C GLU D 563 22.46 14.17 12.59
N LYS D 564 21.85 15.36 12.67
CA LYS D 564 20.41 15.50 12.74
C LYS D 564 19.97 16.42 11.61
N GLU D 565 19.04 15.95 10.80
CA GLU D 565 18.52 16.76 9.70
C GLU D 565 17.43 17.70 10.22
N VAL D 566 17.42 18.92 9.69
CA VAL D 566 16.38 19.90 10.00
C VAL D 566 15.96 20.55 8.69
N LYS D 567 14.80 21.18 8.71
CA LYS D 567 14.19 21.76 7.52
C LYS D 567 14.39 23.27 7.45
N GLY D 568 15.62 23.72 7.63
CA GLY D 568 15.91 25.14 7.63
C GLY D 568 17.32 25.40 8.08
N ALA D 569 17.60 26.67 8.36
CA ALA D 569 18.93 27.12 8.75
C ALA D 569 19.05 27.19 10.26
N VAL D 570 20.10 26.57 10.80
CA VAL D 570 20.32 26.55 12.25
C VAL D 570 21.11 27.82 12.57
N TYR D 571 20.37 28.92 12.81
CA TYR D 571 21.02 30.21 12.98
C TYR D 571 21.76 30.32 14.31
N SER D 572 21.33 29.60 15.33
CA SER D 572 21.92 29.75 16.65
C SER D 572 21.67 28.50 17.48
N MET D 573 22.63 28.17 18.34
CA MET D 573 22.50 27.08 19.28
C MET D 573 23.12 27.49 20.62
N VAL D 574 22.72 26.80 21.67
CA VAL D 574 23.24 27.08 23.01
C VAL D 574 22.93 25.89 23.92
N GLU D 575 23.88 25.57 24.79
CA GLU D 575 23.67 24.53 25.79
C GLU D 575 22.64 25.00 26.81
N PHE D 576 21.65 24.15 27.08
CA PHE D 576 20.51 24.51 27.94
C PHE D 576 20.25 23.35 28.89
N ASN D 577 20.86 23.42 30.07
CA ASN D 577 20.65 22.45 31.13
C ASN D 577 20.76 21.01 30.60
N GLY D 578 21.92 20.72 30.03
CA GLY D 578 22.19 19.42 29.48
C GLY D 578 21.48 19.11 28.18
N LYS D 579 20.61 19.99 27.70
CA LYS D 579 19.91 19.80 26.44
C LYS D 579 20.40 20.83 25.43
N LEU D 580 20.12 20.56 24.16
CA LEU D 580 20.57 21.41 23.07
C LEU D 580 19.41 22.27 22.59
N LEU D 581 19.55 23.59 22.75
CA LEU D 581 18.57 24.57 22.29
C LEU D 581 19.03 25.16 20.97
N ALA D 582 18.25 24.94 19.92
CA ALA D 582 18.61 25.37 18.57
C ALA D 582 17.45 26.08 17.92
N SER D 583 17.77 27.04 17.05
CA SER D 583 16.77 27.82 16.31
C SER D 583 16.91 27.47 14.84
N ILE D 584 15.83 26.99 14.24
CA ILE D 584 15.79 26.62 12.83
C ILE D 584 14.77 27.53 12.16
N ASN D 585 15.26 28.56 11.47
CA ASN D 585 14.40 29.57 10.84
C ASN D 585 13.48 30.20 11.87
N SER D 586 12.18 29.91 11.78
CA SER D 586 11.22 30.45 12.73
C SER D 586 11.05 29.59 13.98
N THR D 587 11.41 28.31 13.92
CA THR D 587 11.20 27.39 15.02
C THR D 587 12.35 27.43 16.01
N VAL D 588 12.01 27.31 17.29
CA VAL D 588 12.99 27.19 18.37
C VAL D 588 12.77 25.85 19.04
N ARG D 589 13.75 24.95 18.91
CA ARG D 589 13.62 23.57 19.36
C ARG D 589 14.55 23.27 20.54
N LEU D 590 14.11 22.35 21.39
CA LEU D 590 14.93 21.81 22.47
C LEU D 590 15.14 20.34 22.19
N TYR D 591 16.39 19.94 21.97
CA TYR D 591 16.74 18.56 21.70
C TYR D 591 17.27 17.89 22.96
N GLU D 592 17.03 16.60 23.06
CA GLU D 592 17.58 15.76 24.12
C GLU D 592 18.59 14.79 23.52
N TRP D 593 19.62 14.48 24.31
CA TRP D 593 20.73 13.63 23.90
C TRP D 593 20.49 12.24 24.47
N THR D 594 20.11 11.30 23.60
CA THR D 594 19.70 9.97 24.03
C THR D 594 20.92 9.13 24.43
N THR D 595 20.64 7.99 25.04
CA THR D 595 21.69 7.03 25.36
C THR D 595 22.26 6.35 24.12
N GLU D 596 21.61 6.52 22.96
CA GLU D 596 22.13 6.04 21.70
C GLU D 596 22.92 7.11 20.94
N LYS D 597 23.29 8.20 21.62
CA LYS D 597 24.11 9.25 21.04
C LYS D 597 23.49 9.81 19.76
N GLU D 598 22.26 10.29 19.89
CA GLU D 598 21.58 10.98 18.80
C GLU D 598 20.56 11.94 19.39
N LEU D 599 20.22 12.97 18.60
CA LEU D 599 19.36 14.05 19.09
C LEU D 599 17.89 13.74 18.85
N ARG D 600 17.07 14.01 19.87
CA ARG D 600 15.64 13.76 19.83
C ARG D 600 14.91 15.03 20.22
N THR D 601 13.91 15.40 19.42
CA THR D 601 13.15 16.62 19.69
C THR D 601 12.23 16.41 20.88
N GLU D 602 12.23 17.37 21.81
CA GLU D 602 11.32 17.35 22.95
C GLU D 602 10.13 18.28 22.74
N CYS D 603 10.36 19.53 22.37
CA CYS D 603 9.30 20.51 22.22
C CYS D 603 9.78 21.63 21.32
N ASN D 604 8.83 22.35 20.74
CA ASN D 604 9.11 23.41 19.78
C ASN D 604 8.37 24.69 20.16
N HIS D 605 8.85 25.79 19.58
CA HIS D 605 8.19 27.09 19.65
C HIS D 605 8.25 27.72 18.27
N TYR D 606 7.09 28.17 17.77
CA TYR D 606 7.02 28.62 16.39
C TYR D 606 6.69 30.10 16.20
N ASN D 607 6.45 30.85 17.26
CA ASN D 607 6.03 32.24 17.12
C ASN D 607 7.27 33.14 16.99
N ASN D 608 7.87 33.08 15.81
CA ASN D 608 8.98 33.94 15.44
C ASN D 608 8.99 34.14 13.94
N ILE D 609 9.48 35.30 13.51
CA ILE D 609 9.71 35.51 12.09
C ILE D 609 10.99 34.84 11.65
N MET D 610 12.10 35.15 12.30
CA MET D 610 13.36 34.46 12.09
C MET D 610 14.14 34.54 13.40
N ALA D 611 14.34 33.39 14.03
CA ALA D 611 15.01 33.32 15.34
C ALA D 611 16.51 33.32 15.12
N LEU D 612 17.13 34.50 15.22
CA LEU D 612 18.53 34.64 14.86
C LEU D 612 19.48 34.47 16.04
N TYR D 613 19.06 34.85 17.24
CA TYR D 613 19.96 34.89 18.39
C TYR D 613 19.31 34.27 19.61
N LEU D 614 20.09 33.50 20.36
CA LEU D 614 19.60 32.80 21.55
C LEU D 614 20.55 33.02 22.71
N LYS D 615 19.99 33.21 23.91
CA LYS D 615 20.73 33.24 25.15
C LYS D 615 19.87 32.61 26.23
N THR D 616 20.52 32.04 27.25
CA THR D 616 19.79 31.34 28.30
C THR D 616 20.29 31.75 29.68
N LYS D 617 19.43 31.49 30.67
CA LYS D 617 19.79 31.63 32.07
C LYS D 617 18.77 30.82 32.86
N GLY D 618 19.20 29.72 33.48
CA GLY D 618 18.26 28.84 34.14
C GLY D 618 17.36 28.19 33.10
N ASP D 619 16.06 28.20 33.38
CA ASP D 619 15.07 27.68 32.43
C ASP D 619 14.51 28.78 31.53
N PHE D 620 15.06 29.99 31.56
CA PHE D 620 14.56 31.10 30.77
C PHE D 620 15.42 31.28 29.53
N ILE D 621 14.77 31.64 28.42
CA ILE D 621 15.41 31.73 27.12
C ILE D 621 15.10 33.09 26.50
N LEU D 622 16.12 33.74 25.95
CA LEU D 622 15.97 35.00 25.25
C LEU D 622 16.11 34.75 23.74
N VAL D 623 15.06 35.03 22.99
CA VAL D 623 15.04 34.82 21.54
C VAL D 623 15.10 36.18 20.87
N GLY D 624 16.09 36.37 20.00
CA GLY D 624 16.21 37.60 19.24
C GLY D 624 15.70 37.45 17.82
N ASP D 625 14.52 38.00 17.55
CA ASP D 625 13.94 37.87 16.22
C ASP D 625 14.55 38.90 15.27
N LEU D 626 14.39 38.63 13.98
CA LEU D 626 14.89 39.57 12.97
C LEU D 626 14.20 40.92 13.09
N MET D 627 12.88 40.92 13.21
CA MET D 627 12.11 42.16 13.23
C MET D 627 11.17 42.32 14.42
N ARG D 628 11.03 41.31 15.28
CA ARG D 628 10.12 41.38 16.41
C ARG D 628 10.84 41.57 17.74
N SER D 629 12.05 42.13 17.71
CA SER D 629 12.78 42.55 18.91
C SER D 629 13.05 41.33 19.79
N VAL D 630 12.71 41.37 21.08
CA VAL D 630 13.15 40.38 22.05
C VAL D 630 11.94 39.61 22.56
N LEU D 631 12.06 38.29 22.60
CA LEU D 631 11.02 37.39 23.09
C LEU D 631 11.59 36.57 24.22
N LEU D 632 10.89 36.53 25.35
CA LEU D 632 11.30 35.75 26.52
C LEU D 632 10.50 34.45 26.55
N LEU D 633 11.20 33.34 26.73
CA LEU D 633 10.61 32.01 26.77
C LEU D 633 11.09 31.31 28.03
N ALA D 634 10.26 30.44 28.57
CA ALA D 634 10.63 29.60 29.70
C ALA D 634 10.25 28.16 29.39
N TYR D 635 11.21 27.25 29.58
CA TYR D 635 10.94 25.82 29.51
C TYR D 635 10.25 25.40 30.80
N LYS D 636 8.93 25.28 30.78
CA LYS D 636 8.24 24.74 31.95
C LYS D 636 8.58 23.26 32.08
N PRO D 637 9.41 22.85 33.03
CA PRO D 637 9.87 21.44 33.04
C PRO D 637 8.73 20.44 33.12
N MET D 638 7.74 20.72 33.96
CA MET D 638 6.68 19.75 34.22
C MET D 638 5.98 19.35 32.93
N GLU D 639 5.53 20.34 32.17
CA GLU D 639 4.67 20.11 31.02
C GLU D 639 5.44 19.76 29.76
N GLY D 640 6.77 19.82 29.79
CA GLY D 640 7.55 19.50 28.62
C GLY D 640 7.24 20.39 27.42
N ASN D 641 7.06 21.69 27.65
CA ASN D 641 6.70 22.62 26.60
C ASN D 641 7.43 23.93 26.84
N PHE D 642 7.47 24.76 25.80
CA PHE D 642 7.93 26.14 25.93
C PHE D 642 6.73 27.02 26.25
N GLU D 643 6.90 27.97 27.16
CA GLU D 643 5.84 28.91 27.49
C GLU D 643 6.38 30.33 27.36
N GLU D 644 5.83 31.09 26.41
CA GLU D 644 6.17 32.50 26.28
C GLU D 644 5.81 33.23 27.57
N ILE D 645 6.78 33.98 28.11
CA ILE D 645 6.57 34.75 29.33
C ILE D 645 6.30 36.22 29.01
N ALA D 646 7.11 36.82 28.14
CA ALA D 646 6.93 38.23 27.81
C ALA D 646 7.53 38.51 26.44
N ARG D 647 6.97 39.52 25.77
CA ARG D 647 7.37 39.87 24.42
C ARG D 647 7.47 41.39 24.29
N ASP D 648 8.50 41.84 23.58
CA ASP D 648 8.64 43.24 23.22
C ASP D 648 7.91 43.45 21.90
N PHE D 649 6.80 44.19 21.94
CA PHE D 649 5.97 44.36 20.76
C PHE D 649 6.43 45.52 19.87
N ASN D 650 7.52 46.18 20.22
CA ASN D 650 8.12 47.16 19.34
C ASN D 650 8.87 46.46 18.21
N PRO D 651 9.08 47.17 17.08
CA PRO D 651 9.58 46.48 15.88
C PRO D 651 11.08 46.61 15.64
N ASN D 652 11.85 46.98 16.66
CA ASN D 652 13.27 47.20 16.45
C ASN D 652 13.92 45.96 15.85
N TRP D 653 14.79 46.17 14.88
CA TRP D 653 15.61 45.10 14.33
C TRP D 653 16.69 44.71 15.33
N MET D 654 17.13 43.45 15.26
CA MET D 654 18.07 42.92 16.23
C MET D 654 19.35 42.47 15.53
N SER D 655 20.49 42.87 16.12
CA SER D 655 21.80 42.39 15.72
C SER D 655 22.45 41.53 16.79
N ALA D 656 21.99 41.62 18.04
CA ALA D 656 22.49 40.79 19.13
C ALA D 656 21.59 40.99 20.35
N VAL D 657 21.49 39.94 21.16
CA VAL D 657 20.73 39.99 22.41
C VAL D 657 21.60 39.42 23.52
N GLU D 658 21.43 39.93 24.73
CA GLU D 658 22.13 39.44 25.90
C GLU D 658 21.22 39.52 27.11
N ILE D 659 21.30 38.51 27.98
CA ILE D 659 20.61 38.54 29.26
C ILE D 659 21.52 39.20 30.29
N LEU D 660 21.02 40.23 30.95
CA LEU D 660 21.77 40.90 32.02
C LEU D 660 21.49 40.26 33.38
N ASP D 661 20.22 40.06 33.70
CA ASP D 661 19.79 39.41 34.92
C ASP D 661 18.41 38.81 34.68
N ASP D 662 17.82 38.25 35.73
CA ASP D 662 16.53 37.59 35.59
C ASP D 662 15.43 38.51 35.12
N ASP D 663 15.63 39.83 35.17
CA ASP D 663 14.61 40.79 34.76
C ASP D 663 15.01 41.71 33.63
N ASN D 664 16.31 41.94 33.42
CA ASN D 664 16.78 42.86 32.39
C ASN D 664 17.33 42.09 31.20
N PHE D 665 17.05 42.59 30.01
CA PHE D 665 17.51 41.98 28.77
C PHE D 665 18.06 43.07 27.86
N LEU D 666 19.22 42.82 27.28
CA LEU D 666 19.93 43.79 26.47
C LEU D 666 19.83 43.41 25.00
N GLY D 667 19.74 44.42 24.15
CA GLY D 667 19.65 44.20 22.71
C GLY D 667 20.40 45.26 21.93
N ALA D 668 20.88 44.85 20.75
CA ALA D 668 21.55 45.74 19.81
C ALA D 668 20.78 45.79 18.50
N GLU D 669 20.66 46.99 17.95
CA GLU D 669 19.86 47.23 16.76
C GLU D 669 20.75 47.49 15.55
N ASN D 670 20.22 47.19 14.36
CA ASN D 670 20.92 47.52 13.13
C ASN D 670 21.08 49.03 12.94
N ALA D 671 20.40 49.84 13.74
CA ALA D 671 20.49 51.29 13.68
C ALA D 671 21.57 51.84 14.60
N PHE D 672 22.45 50.98 15.11
CA PHE D 672 23.52 51.39 16.02
C PHE D 672 22.97 51.85 17.37
N ASN D 673 21.89 51.23 17.82
CA ASN D 673 21.25 51.57 19.10
C ASN D 673 21.24 50.36 20.02
N LEU D 674 21.41 50.61 21.31
CA LEU D 674 21.28 49.61 22.35
C LEU D 674 20.01 49.87 23.14
N PHE D 675 19.26 48.82 23.46
CA PHE D 675 18.05 48.99 24.25
C PHE D 675 17.91 47.85 25.25
N VAL D 676 17.34 48.19 26.41
CA VAL D 676 17.10 47.25 27.50
C VAL D 676 15.61 47.17 27.75
N CYS D 677 15.08 45.96 27.84
CA CYS D 677 13.67 45.72 28.14
C CYS D 677 13.57 44.86 29.39
N GLN D 678 12.61 45.18 30.25
CA GLN D 678 12.45 44.48 31.52
C GLN D 678 10.97 44.21 31.78
N LYS D 679 10.72 43.26 32.67
CA LYS D 679 9.38 42.96 33.20
C LYS D 679 9.40 43.17 34.70
N ASP D 680 8.75 44.23 35.17
CA ASP D 680 8.60 44.50 36.60
C ASP D 680 7.14 44.72 36.97
N SER D 681 6.21 44.29 36.11
CA SER D 681 4.80 44.61 36.27
C SER D 681 4.19 43.94 37.49
N ALA D 682 4.75 42.83 37.96
CA ALA D 682 4.35 42.19 39.21
C ALA D 682 2.87 41.79 39.21
N ALA D 683 2.43 41.20 38.09
CA ALA D 683 1.13 40.55 38.01
C ALA D 683 -0.02 41.50 38.31
N THR D 684 0.06 42.74 37.79
CA THR D 684 -1.09 43.62 37.86
C THR D 684 -2.23 43.09 36.99
N THR D 685 -1.92 42.64 35.78
CA THR D 685 -2.83 41.89 34.93
C THR D 685 -2.02 40.82 34.21
N ASP D 686 -2.71 39.90 33.53
CA ASP D 686 -2.00 38.91 32.74
C ASP D 686 -1.23 39.59 31.61
N GLU D 687 -1.82 40.61 31.01
CA GLU D 687 -1.20 41.29 29.89
C GLU D 687 0.11 41.96 30.30
N GLU D 688 0.14 42.54 31.50
CA GLU D 688 1.32 43.29 31.92
C GLU D 688 2.53 42.37 32.05
N ARG D 689 2.32 41.14 32.53
CA ARG D 689 3.42 40.18 32.57
C ARG D 689 3.90 39.84 31.17
N GLN D 690 2.96 39.68 30.23
CA GLN D 690 3.28 39.28 28.87
C GLN D 690 3.85 40.41 28.02
N HIS D 691 3.92 41.63 28.55
CA HIS D 691 4.38 42.79 27.80
C HIS D 691 5.72 43.25 28.38
N LEU D 692 6.80 42.93 27.68
CA LEU D 692 8.09 43.53 27.99
C LEU D 692 8.06 45.02 27.65
N GLN D 693 8.76 45.81 28.45
CA GLN D 693 8.75 47.26 28.30
C GLN D 693 10.18 47.76 28.14
N GLU D 694 10.43 48.48 27.05
CA GLU D 694 11.71 49.13 26.87
C GLU D 694 11.91 50.18 27.95
N VAL D 695 12.99 50.03 28.71
CA VAL D 695 13.33 50.93 29.80
C VAL D 695 14.71 51.55 29.65
N GLY D 696 15.43 51.20 28.58
CA GLY D 696 16.70 51.82 28.28
C GLY D 696 16.87 52.01 26.79
N LEU D 697 17.29 53.20 26.39
CA LEU D 697 17.56 53.51 24.99
C LEU D 697 18.87 54.27 24.92
N PHE D 698 19.71 53.94 23.96
CA PHE D 698 21.04 54.54 23.88
C PHE D 698 21.60 54.32 22.47
N HIS D 699 21.99 55.40 21.82
CA HIS D 699 22.64 55.31 20.52
C HIS D 699 24.12 55.01 20.75
N LEU D 700 24.55 53.81 20.35
CA LEU D 700 25.93 53.42 20.57
C LEU D 700 26.87 53.98 19.52
N GLY D 701 26.40 54.12 18.29
CA GLY D 701 27.24 54.55 17.20
C GLY D 701 28.07 53.44 16.56
N GLU D 702 28.02 52.23 17.10
CA GLU D 702 28.70 51.08 16.55
C GLU D 702 27.70 49.98 16.26
N PHE D 703 28.10 49.05 15.41
CA PHE D 703 27.27 47.89 15.06
C PHE D 703 27.75 46.70 15.86
N VAL D 704 26.89 46.19 16.74
CA VAL D 704 27.26 45.14 17.67
C VAL D 704 26.96 43.78 17.04
N ASN D 705 27.98 42.94 16.94
CA ASN D 705 27.81 41.58 16.41
C ASN D 705 27.65 40.54 17.49
N VAL D 706 28.25 40.73 18.67
CA VAL D 706 28.30 39.69 19.68
C VAL D 706 28.36 40.32 21.06
N PHE D 707 27.53 39.80 21.96
CA PHE D 707 27.63 40.07 23.39
C PHE D 707 28.25 38.86 24.08
N CYS D 708 29.02 39.12 25.13
CA CYS D 708 29.74 38.04 25.82
C CYS D 708 30.00 38.45 27.25
N HIS D 709 29.51 37.64 28.19
CA HIS D 709 29.78 37.89 29.60
C HIS D 709 31.26 37.68 29.89
N GLY D 710 31.82 38.55 30.74
CA GLY D 710 33.21 38.43 31.14
C GLY D 710 33.88 39.77 31.30
N SER D 711 35.15 39.77 31.71
CA SER D 711 35.89 41.01 31.85
C SER D 711 37.38 40.73 31.66
N LEU D 712 38.10 41.77 31.25
CA LEU D 712 39.54 41.68 31.04
C LEU D 712 40.34 42.02 32.28
N VAL D 713 39.70 42.53 33.33
CA VAL D 713 40.40 42.90 34.56
C VAL D 713 40.64 41.64 35.39
N MET D 714 41.69 41.69 36.21
CA MET D 714 41.90 40.64 37.20
C MET D 714 40.74 40.64 38.18
N GLN D 715 40.12 39.47 38.35
CA GLN D 715 38.95 39.31 39.21
C GLN D 715 39.35 38.62 40.50
N ASN D 716 39.00 39.21 41.64
CA ASN D 716 39.25 38.63 42.95
C ASN D 716 38.08 37.76 43.36
N LEU D 717 38.38 36.61 43.96
CA LEU D 717 37.31 35.74 44.45
C LEU D 717 36.56 36.38 45.60
N GLY D 718 37.22 37.23 46.37
CA GLY D 718 36.52 37.97 47.42
C GLY D 718 35.43 38.84 46.85
N GLU D 719 34.42 39.11 47.69
CA GLU D 719 33.25 39.86 47.22
C GLU D 719 33.66 41.20 46.62
N THR D 720 34.51 41.94 47.31
CA THR D 720 35.08 43.19 46.79
C THR D 720 34.00 44.05 46.14
N SER D 721 33.04 44.46 46.96
CA SER D 721 31.87 45.17 46.45
C SER D 721 32.29 46.37 45.62
N THR D 722 31.74 46.47 44.41
CA THR D 722 32.10 47.48 43.44
C THR D 722 30.88 48.33 43.08
N PRO D 723 31.10 49.57 42.64
CA PRO D 723 29.96 50.36 42.13
C PRO D 723 29.27 49.69 40.96
N THR D 724 30.05 49.17 40.02
CA THR D 724 29.50 48.47 38.87
C THR D 724 29.16 47.04 39.23
N GLN D 725 27.94 46.61 38.91
CA GLN D 725 27.50 45.23 39.09
C GLN D 725 27.29 44.64 37.70
N GLY D 726 28.10 43.65 37.34
CA GLY D 726 28.02 42.99 36.06
C GLY D 726 29.15 43.39 35.12
N SER D 727 29.34 42.58 34.08
CA SER D 727 30.35 42.86 33.07
C SER D 727 29.98 42.13 31.79
N VAL D 728 29.54 42.86 30.78
CA VAL D 728 29.24 42.33 29.46
C VAL D 728 30.12 43.04 28.44
N LEU D 729 30.92 42.29 27.71
CA LEU D 729 31.70 42.82 26.61
C LEU D 729 30.95 42.63 25.30
N PHE D 730 31.27 43.48 24.32
CA PHE D 730 30.70 43.33 22.98
C PHE D 730 31.72 43.79 21.94
N GLY D 731 31.70 43.12 20.79
CA GLY D 731 32.54 43.46 19.66
C GLY D 731 31.70 44.03 18.53
N THR D 732 32.32 44.84 17.68
CA THR D 732 31.60 45.59 16.66
C THR D 732 32.29 45.47 15.31
N VAL D 733 31.67 46.08 14.31
CA VAL D 733 32.15 45.96 12.93
C VAL D 733 33.42 46.75 12.74
N ASN D 734 33.60 47.84 13.46
CA ASN D 734 34.76 48.71 13.33
C ASN D 734 35.90 48.31 14.25
N GLY D 735 35.82 47.14 14.87
CA GLY D 735 36.84 46.70 15.81
C GLY D 735 36.67 47.22 17.22
N MET D 736 35.77 48.18 17.43
CA MET D 736 35.54 48.72 18.75
C MET D 736 35.03 47.64 19.70
N ILE D 737 35.62 47.60 20.90
CA ILE D 737 35.18 46.71 21.97
C ILE D 737 34.70 47.56 23.13
N GLY D 738 33.47 47.30 23.60
CA GLY D 738 32.89 48.03 24.70
C GLY D 738 32.47 47.12 25.84
N LEU D 739 31.94 47.75 26.89
CA LEU D 739 31.56 47.03 28.11
C LEU D 739 30.30 47.66 28.68
N VAL D 740 29.33 46.81 28.99
CA VAL D 740 28.06 47.22 29.58
C VAL D 740 27.98 46.67 31.00
N THR D 741 27.45 47.48 31.92
CA THR D 741 27.26 47.05 33.30
C THR D 741 26.05 47.77 33.86
N SER D 742 25.50 47.22 34.94
CA SER D 742 24.33 47.79 35.59
C SER D 742 24.73 48.57 36.83
N LEU D 743 23.86 49.50 37.22
CA LEU D 743 24.11 50.40 38.34
C LEU D 743 22.95 50.34 39.32
N SER D 744 23.21 50.79 40.54
CA SER D 744 22.15 51.03 41.51
C SER D 744 21.51 52.39 41.22
N GLU D 745 20.25 52.52 41.63
CA GLU D 745 19.55 53.78 41.38
C GLU D 745 20.33 54.96 41.94
N SER D 746 20.95 54.78 43.10
CA SER D 746 21.76 55.86 43.68
C SER D 746 22.90 56.25 42.74
N TRP D 747 23.56 55.26 42.14
CA TRP D 747 24.71 55.56 41.29
C TRP D 747 24.29 56.15 39.95
N TYR D 748 23.19 55.66 39.39
CA TYR D 748 22.71 56.21 38.12
C TYR D 748 22.45 57.71 38.24
N ASN D 749 21.73 58.12 39.30
CA ASN D 749 21.36 59.52 39.43
C ASN D 749 22.58 60.42 39.55
N LEU D 750 23.58 60.01 40.33
CA LEU D 750 24.80 60.80 40.44
C LEU D 750 25.46 60.99 39.08
N LEU D 751 25.73 59.88 38.38
CA LEU D 751 26.44 59.97 37.11
C LEU D 751 25.65 60.77 36.07
N LEU D 752 24.32 60.62 36.08
CA LEU D 752 23.51 61.38 35.15
C LEU D 752 23.62 62.88 35.41
N ASP D 753 23.57 63.27 36.68
CA ASP D 753 23.72 64.68 37.02
C ASP D 753 25.06 65.23 36.54
N MET D 754 26.11 64.41 36.59
CA MET D 754 27.42 64.87 36.14
C MET D 754 27.47 65.05 34.63
N GLN D 755 26.83 64.15 33.88
CA GLN D 755 26.79 64.29 32.43
C GLN D 755 26.21 65.65 32.04
N ASN D 756 25.04 65.98 32.59
CA ASN D 756 24.45 67.29 32.33
C ASN D 756 25.39 68.42 32.74
N ARG D 757 26.15 68.21 33.81
CA ARG D 757 27.15 69.21 34.21
C ARG D 757 28.35 69.19 33.27
N LEU D 758 28.83 68.01 32.93
CA LEU D 758 30.00 67.91 32.06
C LEU D 758 29.70 68.49 30.69
N ASN D 759 28.48 68.29 30.18
CA ASN D 759 28.14 68.80 28.85
C ASN D 759 28.22 70.32 28.80
N LYS D 760 27.84 70.99 29.89
CA LYS D 760 27.95 72.44 29.94
C LYS D 760 29.39 72.91 29.95
N VAL D 761 30.31 72.07 30.40
CA VAL D 761 31.70 72.49 30.58
C VAL D 761 32.55 72.13 29.37
N ILE D 762 32.37 70.96 28.79
CA ILE D 762 33.26 70.45 27.76
C ILE D 762 32.85 70.99 26.40
N LYS D 763 33.83 71.44 25.63
CA LYS D 763 33.61 71.90 24.26
C LYS D 763 33.74 70.72 23.32
N SER D 764 32.68 70.44 22.57
CA SER D 764 32.68 69.33 21.62
C SER D 764 33.14 69.80 20.25
N VAL D 765 33.79 68.89 19.51
CA VAL D 765 34.23 69.21 18.17
C VAL D 765 33.00 69.36 17.27
N GLY D 766 32.96 70.46 16.52
CA GLY D 766 31.79 70.79 15.74
C GLY D 766 30.62 71.33 16.54
N LYS D 767 30.80 71.51 17.85
CA LYS D 767 29.74 72.00 18.73
C LYS D 767 28.45 71.20 18.53
N ILE D 768 28.60 69.88 18.64
CA ILE D 768 27.47 68.96 18.54
C ILE D 768 26.97 68.66 19.96
N GLU D 769 25.68 68.90 20.19
CA GLU D 769 25.10 68.64 21.51
C GLU D 769 25.22 67.16 21.84
N HIS D 770 25.71 66.87 23.05
CA HIS D 770 25.90 65.48 23.46
C HIS D 770 24.57 64.75 23.57
N SER D 771 23.56 65.40 24.15
CA SER D 771 22.25 64.75 24.30
C SER D 771 21.68 64.34 22.94
N PHE D 772 21.98 65.10 21.89
CA PHE D 772 21.51 64.74 20.55
C PHE D 772 22.25 63.53 20.02
N TRP D 773 23.57 63.47 20.25
CA TRP D 773 24.38 62.40 19.68
C TRP D 773 23.98 61.04 20.25
N ARG D 774 23.80 60.94 21.56
CA ARG D 774 23.46 59.68 22.18
C ARG D 774 21.96 59.39 22.16
N SER D 775 21.15 60.23 21.52
CA SER D 775 19.73 59.97 21.45
C SER D 775 19.44 58.80 20.52
N PHE D 776 18.56 57.89 20.96
CA PHE D 776 18.07 56.81 20.11
C PHE D 776 17.63 57.37 18.77
N HIS D 777 18.08 56.73 17.69
CA HIS D 777 17.80 57.25 16.36
C HIS D 777 17.72 56.12 15.33
N THR D 778 16.56 55.98 14.71
CA THR D 778 16.38 55.24 13.47
C THR D 778 15.95 56.22 12.40
N GLU D 779 15.88 55.75 11.15
CA GLU D 779 15.39 56.59 10.08
C GLU D 779 14.01 57.15 10.39
N ARG D 780 13.26 56.48 11.26
CA ARG D 780 11.87 56.81 11.54
C ARG D 780 11.66 57.43 12.92
N LYS D 781 12.25 56.86 13.96
CA LYS D 781 12.03 57.32 15.32
C LYS D 781 13.33 57.87 15.91
N THR D 782 13.21 58.98 16.63
CA THR D 782 14.31 59.59 17.35
C THR D 782 13.82 59.92 18.75
N GLU D 783 14.42 59.31 19.76
CA GLU D 783 13.99 59.45 21.13
C GLU D 783 15.17 59.82 22.02
N PRO D 784 14.92 60.48 23.15
CA PRO D 784 16.02 60.82 24.06
C PRO D 784 16.54 59.57 24.78
N ALA D 785 17.85 59.52 24.95
CA ALA D 785 18.45 58.40 25.67
C ALA D 785 17.89 58.33 27.09
N THR D 786 17.91 57.13 27.65
CA THR D 786 17.38 56.91 28.99
C THR D 786 17.92 55.59 29.52
N GLY D 787 18.21 55.56 30.82
CA GLY D 787 18.70 54.35 31.45
C GLY D 787 20.12 53.96 31.12
N PHE D 788 20.88 54.85 30.50
CA PHE D 788 22.26 54.58 30.11
C PHE D 788 23.13 55.76 30.48
N ILE D 789 24.33 55.45 30.99
CA ILE D 789 25.34 56.45 31.33
C ILE D 789 26.47 56.34 30.32
N ASP D 790 26.74 57.41 29.58
CA ASP D 790 27.85 57.43 28.64
C ASP D 790 29.16 57.43 29.42
N GLY D 791 29.69 56.24 29.72
CA GLY D 791 30.90 56.16 30.52
C GLY D 791 32.07 56.89 29.91
N ASP D 792 32.11 56.99 28.57
CA ASP D 792 33.20 57.71 27.94
C ASP D 792 33.15 59.20 28.28
N LEU D 793 31.96 59.73 28.55
CA LEU D 793 31.84 61.10 29.01
C LEU D 793 32.24 61.24 30.49
N ILE D 794 31.81 60.30 31.32
CA ILE D 794 32.17 60.34 32.73
C ILE D 794 33.69 60.25 32.90
N GLU D 795 34.32 59.34 32.17
CA GLU D 795 35.77 59.14 32.32
C GLU D 795 36.59 60.29 31.75
N SER D 796 35.96 61.25 31.05
CA SER D 796 36.66 62.44 30.60
C SER D 796 36.75 63.49 31.70
N PHE D 797 35.98 63.36 32.78
CA PHE D 797 36.09 64.28 33.90
C PHE D 797 37.49 64.31 34.47
N LEU D 798 38.22 63.19 34.36
CA LEU D 798 39.60 63.13 34.84
C LEU D 798 40.58 63.83 33.93
N ASP D 799 40.17 64.28 32.75
CA ASP D 799 41.07 64.89 31.79
C ASP D 799 40.83 66.39 31.60
N ILE D 800 39.82 66.97 32.23
CA ILE D 800 39.59 68.40 32.15
C ILE D 800 40.41 69.09 33.23
N SER D 801 40.72 70.36 33.00
CA SER D 801 41.58 71.10 33.92
C SER D 801 40.90 71.26 35.28
N ARG D 802 41.72 71.51 36.30
CA ARG D 802 41.19 71.68 37.65
C ARG D 802 40.14 72.78 37.73
N PRO D 803 40.33 73.96 37.12
CA PRO D 803 39.27 74.98 37.17
C PRO D 803 37.92 74.46 36.71
N LYS D 804 37.91 73.62 35.67
CA LYS D 804 36.65 73.11 35.14
C LYS D 804 36.06 72.02 36.03
N MET D 805 36.92 71.20 36.65
CA MET D 805 36.42 70.22 37.62
C MET D 805 35.63 70.90 38.73
N GLN D 806 36.17 71.99 39.26
CA GLN D 806 35.48 72.73 40.32
C GLN D 806 34.20 73.38 39.81
N GLU D 807 34.17 73.77 38.53
CA GLU D 807 32.94 74.28 37.94
C GLU D 807 31.89 73.19 37.84
N VAL D 808 32.31 71.93 37.71
CA VAL D 808 31.36 70.83 37.59
C VAL D 808 30.69 70.54 38.92
N VAL D 809 31.46 70.57 40.01
CA VAL D 809 30.94 70.21 41.33
C VAL D 809 30.22 71.34 42.03
N ALA D 810 30.08 72.50 41.38
CA ALA D 810 29.39 73.62 42.00
C ALA D 810 27.94 73.26 42.29
N ASN D 811 27.52 73.49 43.53
CA ASN D 811 26.15 73.20 43.98
C ASN D 811 25.80 71.72 43.86
N LEU D 812 26.80 70.84 43.85
CA LEU D 812 26.59 69.40 43.78
C LEU D 812 26.71 68.82 45.17
N GLN D 813 25.79 67.94 45.52
CA GLN D 813 25.80 67.25 46.81
C GLN D 813 26.28 65.82 46.60
N TYR D 814 27.14 65.36 47.51
CA TYR D 814 27.78 64.06 47.42
C TYR D 814 27.10 63.05 48.32
N ASP D 815 27.35 61.76 48.03
CA ASP D 815 26.81 60.65 48.80
C ASP D 815 27.99 59.84 49.33
N ASP D 816 28.15 59.80 50.65
CA ASP D 816 29.28 59.15 51.30
C ASP D 816 29.01 57.69 51.64
N GLY D 817 27.88 57.13 51.19
CA GLY D 817 27.52 55.78 51.53
C GLY D 817 27.20 55.55 53.00
N SER D 818 27.34 56.58 53.84
CA SER D 818 26.97 56.51 55.25
C SER D 818 25.71 57.31 55.53
N GLY D 819 24.88 57.55 54.51
CA GLY D 819 23.69 58.35 54.66
C GLY D 819 23.96 59.83 54.56
N MET D 820 25.17 60.24 54.95
CA MET D 820 25.51 61.65 54.99
C MET D 820 25.57 62.23 53.58
N LYS D 821 24.93 63.38 53.39
CA LYS D 821 24.99 64.13 52.14
C LYS D 821 25.75 65.42 52.40
N ARG D 822 26.75 65.70 51.56
CA ARG D 822 27.58 66.87 51.72
C ARG D 822 27.90 67.48 50.37
N GLU D 823 28.31 68.75 50.38
CA GLU D 823 28.80 69.39 49.17
C GLU D 823 29.97 68.58 48.61
N ALA D 824 30.01 68.48 47.28
CA ALA D 824 31.02 67.66 46.62
C ALA D 824 32.23 68.49 46.25
N THR D 825 33.41 67.90 46.45
CA THR D 825 34.67 68.50 46.05
C THR D 825 35.20 67.78 44.81
N ALA D 826 36.14 68.43 44.13
CA ALA D 826 36.75 67.81 42.96
C ALA D 826 37.42 66.49 43.32
N ASP D 827 37.90 66.35 44.56
CA ASP D 827 38.56 65.12 44.96
C ASP D 827 37.57 64.00 45.26
N ASP D 828 36.35 64.34 45.68
CA ASP D 828 35.34 63.31 45.92
C ASP D 828 35.00 62.57 44.63
N LEU D 829 34.77 63.32 43.54
CA LEU D 829 34.41 62.70 42.28
C LEU D 829 35.61 62.03 41.62
N ILE D 830 36.81 62.59 41.80
CA ILE D 830 38.00 62.00 41.17
C ILE D 830 38.20 60.58 41.66
N LYS D 831 37.95 60.32 42.95
CA LYS D 831 38.01 58.95 43.45
C LYS D 831 36.93 58.09 42.81
N VAL D 832 35.71 58.61 42.70
CA VAL D 832 34.61 57.85 42.14
C VAL D 832 34.93 57.46 40.70
N VAL D 833 35.38 58.42 39.90
CA VAL D 833 35.64 58.13 38.49
C VAL D 833 36.82 57.16 38.35
N GLU D 834 37.89 57.38 39.11
CA GLU D 834 39.00 56.45 39.07
C GLU D 834 38.56 55.03 39.41
N GLU D 835 37.52 54.88 40.25
CA GLU D 835 36.96 53.56 40.50
C GLU D 835 36.27 53.01 39.26
N LEU D 836 35.63 53.87 38.47
CA LEU D 836 34.95 53.43 37.26
C LEU D 836 35.90 53.11 36.12
N THR D 837 37.12 53.65 36.15
CA THR D 837 38.10 53.32 35.12
C THR D 837 38.73 51.95 35.34
N ARG D 838 38.52 51.33 36.50
CA ARG D 838 39.12 50.05 36.82
C ARG D 838 38.28 48.87 36.38
N ILE D 839 37.11 49.10 35.79
CA ILE D 839 36.27 48.00 35.33
C ILE D 839 36.67 47.49 33.95
N HIS D 840 37.67 48.11 33.31
CA HIS D 840 38.08 47.74 31.97
C HIS D 840 39.56 48.04 31.77
N THR E 24 -21.71 31.11 3.34
CA THR E 24 -21.28 32.45 3.73
C THR E 24 -22.14 33.00 4.87
N LYS E 25 -23.37 33.52 4.52
CA LYS E 25 -24.30 34.08 5.49
C LYS E 25 -25.43 33.09 5.79
N PRO E 26 -25.92 33.07 7.03
CA PRO E 26 -26.98 32.11 7.37
C PRO E 26 -28.31 32.51 6.74
N CYS E 27 -29.20 31.53 6.68
CA CYS E 27 -30.56 31.75 6.19
C CYS E 27 -31.47 32.04 7.37
N TRP E 28 -32.10 33.22 7.37
CA TRP E 28 -32.95 33.65 8.46
C TRP E 28 -34.43 33.64 8.09
N TYR E 29 -34.85 32.70 7.24
CA TYR E 29 -36.24 32.68 6.79
C TYR E 29 -36.78 31.26 6.80
N TRP E 30 -37.95 31.09 7.43
CA TRP E 30 -38.65 29.83 7.52
C TRP E 30 -39.98 29.92 6.78
N ASP E 31 -40.60 28.77 6.58
CA ASP E 31 -41.96 28.70 6.03
C ASP E 31 -42.97 28.67 7.17
N LYS E 32 -44.12 29.29 6.93
CA LYS E 32 -45.13 29.37 7.98
C LYS E 32 -45.39 28.00 8.61
N LYS E 33 -45.52 26.97 7.77
CA LYS E 33 -45.79 25.64 8.28
C LYS E 33 -44.73 25.17 9.27
N ASP E 34 -43.52 25.73 9.19
CA ASP E 34 -42.48 25.35 10.14
C ASP E 34 -42.77 25.90 11.54
N LEU E 35 -43.48 27.02 11.63
CA LEU E 35 -43.74 27.64 12.92
C LEU E 35 -44.58 26.75 13.84
N ALA E 36 -45.19 25.70 13.30
CA ALA E 36 -45.85 24.71 14.15
C ALA E 36 -44.86 23.80 14.85
N HIS E 37 -43.56 24.04 14.67
CA HIS E 37 -42.53 23.19 15.27
C HIS E 37 -41.40 24.02 15.88
N THR E 38 -41.74 25.17 16.45
CA THR E 38 -40.76 25.93 17.21
C THR E 38 -40.55 25.27 18.57
N PRO E 39 -39.39 25.49 19.20
CA PRO E 39 -39.20 24.96 20.56
C PRO E 39 -40.38 25.28 21.46
N SER E 40 -40.92 26.50 21.34
CA SER E 40 -42.07 26.89 22.15
C SER E 40 -43.24 25.94 21.92
N GLN E 41 -43.63 25.75 20.67
CA GLN E 41 -44.74 24.86 20.37
C GLN E 41 -44.49 23.47 20.95
N LEU E 42 -43.29 22.93 20.74
CA LEU E 42 -43.04 21.53 21.09
C LEU E 42 -42.94 21.31 22.58
N GLU E 43 -42.82 22.36 23.38
CA GLU E 43 -42.88 22.23 24.83
C GLU E 43 -44.30 22.44 25.37
N GLY E 44 -45.31 22.40 24.50
CA GLY E 44 -46.69 22.46 24.92
C GLY E 44 -47.38 23.80 24.73
N LEU E 45 -46.67 24.82 24.27
CA LEU E 45 -47.29 26.12 24.04
C LEU E 45 -48.13 26.07 22.77
N ASP E 46 -49.37 26.54 22.86
CA ASP E 46 -50.27 26.48 21.71
C ASP E 46 -50.02 27.63 20.75
N PRO E 47 -50.48 27.51 19.50
CA PRO E 47 -50.13 28.54 18.50
C PRO E 47 -50.54 29.94 18.92
N ALA E 48 -51.76 30.10 19.45
CA ALA E 48 -52.21 31.43 19.84
C ALA E 48 -51.27 32.04 20.87
N THR E 49 -50.85 31.26 21.86
CA THR E 49 -50.04 31.83 22.93
C THR E 49 -48.70 32.33 22.42
N GLU E 50 -48.01 31.52 21.59
CA GLU E 50 -46.74 31.99 21.07
C GLU E 50 -46.92 33.29 20.29
N ALA E 51 -47.98 33.36 19.47
CA ALA E 51 -48.25 34.58 18.73
C ALA E 51 -48.46 35.75 19.69
N ARG E 52 -49.26 35.54 20.73
CA ARG E 52 -49.47 36.60 21.71
C ARG E 52 -48.15 37.02 22.37
N TYR E 53 -47.31 36.05 22.71
CA TYR E 53 -46.03 36.38 23.35
C TYR E 53 -45.15 37.22 22.43
N ARG E 54 -45.15 36.91 21.13
CA ARG E 54 -44.35 37.71 20.20
C ARG E 54 -44.88 39.14 20.12
N ARG E 55 -46.20 39.31 20.03
CA ARG E 55 -46.75 40.66 20.05
C ARG E 55 -46.40 41.35 21.35
N GLU E 56 -46.62 40.68 22.48
CA GLU E 56 -46.33 41.29 23.78
C GLU E 56 -44.86 41.67 23.90
N GLY E 57 -43.97 40.89 23.30
CA GLY E 57 -42.56 41.15 23.42
C GLY E 57 -42.09 42.21 22.45
N ALA E 58 -42.54 42.10 21.21
CA ALA E 58 -42.21 43.13 20.23
C ALA E 58 -42.65 44.50 20.72
N ARG E 59 -43.86 44.58 21.27
CA ARG E 59 -44.35 45.86 21.77
C ARG E 59 -43.56 46.31 23.00
N PHE E 60 -43.20 45.37 23.88
CA PHE E 60 -42.29 45.71 24.98
C PHE E 60 -41.06 46.42 24.44
N ILE E 61 -40.37 45.78 23.48
CA ILE E 61 -39.22 46.39 22.84
C ILE E 61 -39.61 47.73 22.20
N PHE E 62 -40.72 47.73 21.47
CA PHE E 62 -41.14 48.95 20.78
C PHE E 62 -41.42 50.07 21.77
N ASP E 63 -42.19 49.78 22.82
CA ASP E 63 -42.54 50.82 23.78
C ASP E 63 -41.32 51.26 24.59
N VAL E 64 -40.51 50.29 25.04
CA VAL E 64 -39.33 50.64 25.84
C VAL E 64 -38.39 51.54 25.05
N GLY E 65 -38.06 51.14 23.82
CA GLY E 65 -37.17 51.93 23.00
C GLY E 65 -37.74 53.28 22.63
N THR E 66 -39.05 53.36 22.41
CA THR E 66 -39.67 54.65 22.11
C THR E 66 -39.55 55.59 23.30
N ARG E 67 -39.78 55.08 24.50
CA ARG E 67 -39.63 55.90 25.69
C ARG E 67 -38.21 56.45 25.80
N LEU E 68 -37.21 55.64 25.44
CA LEU E 68 -35.83 56.07 25.49
C LEU E 68 -35.43 56.95 24.31
N GLY E 69 -36.35 57.24 23.40
CA GLY E 69 -36.06 58.11 22.26
C GLY E 69 -35.16 57.50 21.22
N LEU E 70 -35.39 56.24 20.87
CA LEU E 70 -34.51 55.53 19.97
C LEU E 70 -35.00 55.62 18.52
N HIS E 71 -34.05 55.66 17.61
CA HIS E 71 -34.33 55.65 16.17
C HIS E 71 -35.20 54.45 15.83
N TYR E 72 -35.96 54.56 14.73
CA TYR E 72 -36.88 53.49 14.39
C TYR E 72 -36.14 52.22 13.98
N ASP E 73 -34.99 52.36 13.33
CA ASP E 73 -34.22 51.17 12.96
C ASP E 73 -33.79 50.38 14.19
N THR E 74 -33.38 51.08 15.25
CA THR E 74 -32.93 50.38 16.46
C THR E 74 -34.04 49.52 17.04
N LEU E 75 -35.25 50.06 17.10
CA LEU E 75 -36.38 49.26 17.58
C LEU E 75 -36.52 47.98 16.77
N ALA E 76 -36.58 48.10 15.44
CA ALA E 76 -36.79 46.91 14.62
C ALA E 76 -35.68 45.89 14.82
N THR E 77 -34.42 46.34 14.84
CA THR E 77 -33.31 45.41 15.00
C THR E 77 -33.52 44.54 16.23
N GLY E 78 -33.80 45.16 17.37
CA GLY E 78 -34.07 44.39 18.57
C GLY E 78 -35.24 43.42 18.39
N ILE E 79 -36.32 43.90 17.77
CA ILE E 79 -37.48 43.03 17.55
C ILE E 79 -37.08 41.82 16.71
N ILE E 80 -36.24 42.03 15.69
CA ILE E 80 -35.88 40.92 14.82
C ILE E 80 -34.89 39.99 15.51
N TYR E 81 -34.02 40.51 16.38
CA TYR E 81 -33.28 39.63 17.27
C TYR E 81 -34.23 38.82 18.14
N PHE E 82 -35.26 39.47 18.67
CA PHE E 82 -36.23 38.79 19.53
C PHE E 82 -36.99 37.72 18.76
N HIS E 83 -37.42 38.03 17.53
CA HIS E 83 -38.17 37.05 16.76
C HIS E 83 -37.31 35.86 16.34
N ARG E 84 -36.04 36.10 16.05
CA ARG E 84 -35.14 35.00 15.71
C ARG E 84 -34.78 34.18 16.95
N PHE E 85 -34.57 34.86 18.08
CA PHE E 85 -34.11 34.18 19.28
C PHE E 85 -35.03 33.02 19.66
N TYR E 86 -36.33 33.17 19.43
CA TYR E 86 -37.31 32.17 19.84
C TYR E 86 -37.62 31.16 18.74
N MET E 87 -36.90 31.20 17.63
CA MET E 87 -36.85 30.07 16.72
C MET E 87 -35.80 29.05 17.16
N PHE E 88 -35.03 29.36 18.20
CA PHE E 88 -34.02 28.46 18.73
C PHE E 88 -34.23 28.13 20.20
N HIS E 89 -35.17 28.79 20.88
CA HIS E 89 -35.42 28.57 22.29
C HIS E 89 -36.92 28.71 22.54
N SER E 90 -37.35 28.25 23.70
CA SER E 90 -38.77 28.24 24.05
C SER E 90 -39.10 29.43 24.96
N PHE E 91 -40.26 30.03 24.73
CA PHE E 91 -40.72 31.10 25.60
C PHE E 91 -40.81 30.64 27.05
N LYS E 92 -41.16 29.37 27.27
CA LYS E 92 -41.36 28.87 28.63
C LYS E 92 -40.03 28.82 29.40
N GLN E 93 -38.95 28.44 28.72
CA GLN E 93 -37.67 28.30 29.39
C GLN E 93 -36.88 29.62 29.47
N PHE E 94 -36.94 30.45 28.42
CA PHE E 94 -36.30 31.77 28.43
C PHE E 94 -37.36 32.86 28.47
N PRO E 95 -37.43 33.70 29.51
CA PRO E 95 -38.55 34.64 29.61
C PRO E 95 -38.59 35.64 28.47
N ARG E 96 -39.79 36.14 28.19
CA ARG E 96 -39.99 37.02 27.05
C ARG E 96 -39.35 38.39 27.28
N TYR E 97 -39.68 39.01 28.41
CA TYR E 97 -39.29 40.40 28.62
C TYR E 97 -37.80 40.52 28.89
N VAL E 98 -37.19 39.55 29.57
CA VAL E 98 -35.74 39.59 29.73
C VAL E 98 -35.06 39.54 28.36
N THR E 99 -35.46 38.59 27.52
CA THR E 99 -34.93 38.55 26.15
C THR E 99 -35.19 39.87 25.43
N GLY E 100 -36.39 40.43 25.62
CA GLY E 100 -36.73 41.67 24.94
C GLY E 100 -35.75 42.78 25.23
N ALA E 101 -35.46 42.99 26.51
CA ALA E 101 -34.56 44.07 26.88
C ALA E 101 -33.12 43.78 26.42
N CYS E 102 -32.69 42.52 26.51
CA CYS E 102 -31.38 42.16 26.00
C CYS E 102 -31.26 42.50 24.53
N CYS E 103 -32.28 42.14 23.74
CA CYS E 103 -32.25 42.44 22.31
C CYS E 103 -32.12 43.93 22.05
N LEU E 104 -32.92 44.73 22.75
CA LEU E 104 -32.76 46.18 22.63
C LEU E 104 -31.35 46.59 22.98
N PHE E 105 -30.87 46.16 24.16
CA PHE E 105 -29.54 46.54 24.62
C PHE E 105 -28.48 46.27 23.56
N LEU E 106 -28.52 45.09 22.96
CA LEU E 106 -27.54 44.76 21.92
C LEU E 106 -27.83 45.54 20.64
N ALA E 107 -29.10 45.70 20.30
CA ALA E 107 -29.47 46.49 19.14
C ALA E 107 -28.93 47.91 19.23
N GLY E 108 -28.97 48.49 20.42
CA GLY E 108 -28.42 49.82 20.61
C GLY E 108 -26.95 49.90 20.22
N LYS E 109 -26.19 48.85 20.52
CA LYS E 109 -24.78 48.83 20.15
C LYS E 109 -24.58 48.44 18.69
N VAL E 110 -25.44 47.59 18.14
CA VAL E 110 -25.29 47.26 16.72
C VAL E 110 -25.54 48.51 15.87
N GLU E 111 -26.61 49.26 16.17
CA GLU E 111 -27.03 50.38 15.36
C GLU E 111 -26.48 51.72 15.83
N GLU E 112 -25.45 51.71 16.66
CA GLU E 112 -24.74 52.92 17.08
C GLU E 112 -25.69 53.93 17.74
N THR E 113 -26.66 53.42 18.50
CA THR E 113 -27.54 54.24 19.33
C THR E 113 -27.60 53.63 20.73
N PRO E 114 -26.47 53.60 21.44
CA PRO E 114 -26.41 52.82 22.69
C PRO E 114 -27.18 53.48 23.83
N LYS E 115 -27.65 52.63 24.74
CA LYS E 115 -28.28 53.04 26.00
C LYS E 115 -27.75 52.14 27.10
N LYS E 116 -27.53 52.72 28.29
CA LYS E 116 -27.02 51.95 29.41
C LYS E 116 -28.06 50.93 29.87
N CYS E 117 -27.59 49.73 30.24
CA CYS E 117 -28.52 48.68 30.64
C CYS E 117 -29.41 49.13 31.78
N LYS E 118 -28.85 49.87 32.74
CA LYS E 118 -29.64 50.32 33.89
C LYS E 118 -30.76 51.27 33.45
N ASP E 119 -30.60 51.95 32.32
CA ASP E 119 -31.69 52.75 31.79
C ASP E 119 -32.79 51.87 31.19
N ILE E 120 -32.39 50.80 30.49
CA ILE E 120 -33.39 49.91 29.90
C ILE E 120 -34.17 49.20 31.00
N ILE E 121 -33.48 48.78 32.06
CA ILE E 121 -34.17 48.14 33.18
C ILE E 121 -35.17 49.11 33.80
N LYS E 122 -34.74 50.35 34.03
CA LYS E 122 -35.65 51.34 34.62
C LYS E 122 -36.90 51.51 33.75
N THR E 123 -36.70 51.71 32.45
CA THR E 123 -37.84 51.88 31.55
C THR E 123 -38.76 50.67 31.59
N ALA E 124 -38.19 49.47 31.69
CA ALA E 124 -39.01 48.28 31.79
C ALA E 124 -39.88 48.30 33.04
N ARG E 125 -39.33 48.74 34.17
CA ARG E 125 -40.10 48.76 35.39
C ARG E 125 -41.33 49.65 35.26
N SER E 126 -41.17 50.79 34.58
CA SER E 126 -42.30 51.70 34.40
C SER E 126 -43.38 51.09 33.51
N LEU E 127 -42.99 50.30 32.51
CA LEU E 127 -43.93 49.77 31.53
C LEU E 127 -44.44 48.37 31.87
N LEU E 128 -43.93 47.74 32.92
CA LEU E 128 -44.29 46.38 33.28
C LEU E 128 -44.91 46.35 34.67
N ASN E 129 -45.86 45.43 34.87
CA ASN E 129 -46.41 45.22 36.21
C ASN E 129 -45.51 44.30 37.02
N ASP E 130 -45.74 44.30 38.34
CA ASP E 130 -44.82 43.59 39.23
C ASP E 130 -44.64 42.14 38.81
N VAL E 131 -45.74 41.47 38.44
CA VAL E 131 -45.66 40.07 38.05
C VAL E 131 -44.76 39.94 36.82
N GLN E 132 -44.95 40.80 35.83
CA GLN E 132 -44.15 40.73 34.62
C GLN E 132 -42.67 41.00 34.92
N PHE E 133 -42.38 42.02 35.74
CA PHE E 133 -41.00 42.31 36.08
C PHE E 133 -40.38 41.24 36.94
N GLY E 134 -41.19 40.45 37.64
CA GLY E 134 -40.66 39.35 38.42
C GLY E 134 -39.76 38.44 37.62
N GLN E 135 -39.95 38.39 36.29
CA GLN E 135 -39.06 37.60 35.46
C GLN E 135 -37.61 38.05 35.62
N PHE E 136 -37.39 39.35 35.78
CA PHE E 136 -36.03 39.87 35.88
C PHE E 136 -35.34 39.47 37.17
N GLY E 137 -36.06 38.85 38.12
CA GLY E 137 -35.41 38.33 39.31
C GLY E 137 -34.91 39.41 40.25
N ASP E 138 -33.98 39.00 41.12
CA ASP E 138 -33.47 39.90 42.15
C ASP E 138 -32.51 40.94 41.59
N ASP E 139 -31.76 40.59 40.54
CA ASP E 139 -30.80 41.49 39.91
C ASP E 139 -31.16 41.62 38.44
N PRO E 140 -32.03 42.56 38.07
CA PRO E 140 -32.45 42.65 36.66
C PRO E 140 -31.30 42.88 35.71
N LYS E 141 -30.36 43.77 36.06
CA LYS E 141 -29.27 44.08 35.15
C LYS E 141 -28.49 42.82 34.78
N GLU E 142 -28.10 42.03 35.78
CA GLU E 142 -27.28 40.85 35.51
C GLU E 142 -28.00 39.86 34.60
N GLU E 143 -29.31 39.67 34.80
CA GLU E 143 -30.05 38.71 33.99
C GLU E 143 -30.05 39.12 32.51
N VAL E 144 -30.23 40.40 32.23
CA VAL E 144 -30.16 40.86 30.85
C VAL E 144 -28.76 40.66 30.30
N MET E 145 -27.73 41.00 31.09
CA MET E 145 -26.37 40.91 30.60
C MET E 145 -25.98 39.47 30.28
N VAL E 146 -26.32 38.53 31.16
CA VAL E 146 -25.88 37.15 30.94
C VAL E 146 -26.53 36.57 29.69
N LEU E 147 -27.74 36.99 29.37
CA LEU E 147 -28.42 36.49 28.18
C LEU E 147 -27.75 36.97 26.89
N GLU E 148 -26.99 38.07 26.95
CA GLU E 148 -26.37 38.60 25.75
C GLU E 148 -25.44 37.58 25.11
N ARG E 149 -24.64 36.89 25.92
CA ARG E 149 -23.79 35.82 25.40
C ARG E 149 -24.63 34.83 24.61
N ILE E 150 -25.70 34.31 25.20
CA ILE E 150 -26.58 33.40 24.49
C ILE E 150 -27.15 34.07 23.25
N LEU E 151 -27.58 35.33 23.39
CA LEU E 151 -28.19 36.03 22.26
C LEU E 151 -27.22 36.11 21.08
N LEU E 152 -25.98 36.52 21.34
CA LEU E 152 -25.00 36.59 20.26
C LEU E 152 -24.79 35.21 19.62
N GLN E 153 -24.67 34.17 20.44
CA GLN E 153 -24.49 32.82 19.88
C GLN E 153 -25.72 32.40 19.08
N THR E 154 -26.92 32.81 19.52
CA THR E 154 -28.13 32.35 18.85
C THR E 154 -28.32 33.02 17.50
N ILE E 155 -28.03 34.33 17.42
CA ILE E 155 -28.17 35.04 16.15
C ILE E 155 -26.89 34.87 15.34
N LYS E 156 -26.03 33.95 15.76
CA LYS E 156 -24.86 33.55 14.97
C LYS E 156 -23.96 34.73 14.64
N PHE E 157 -24.00 35.77 15.48
CA PHE E 157 -23.20 36.98 15.31
C PHE E 157 -23.47 37.69 13.99
N ASP E 158 -24.61 37.42 13.35
CA ASP E 158 -25.03 38.17 12.17
C ASP E 158 -25.72 39.43 12.66
N LEU E 159 -24.90 40.43 13.00
CA LEU E 159 -25.41 41.63 13.66
C LEU E 159 -26.17 42.53 12.69
N GLN E 160 -25.70 42.63 11.45
CA GLN E 160 -26.34 43.51 10.47
C GLN E 160 -27.74 43.04 10.13
N VAL E 161 -28.70 43.97 10.11
CA VAL E 161 -30.08 43.64 9.78
C VAL E 161 -30.71 44.81 9.04
N GLU E 162 -31.26 44.56 7.86
CA GLU E 162 -32.00 45.57 7.11
C GLU E 162 -33.49 45.41 7.36
N HIS E 163 -34.23 46.52 7.26
CA HIS E 163 -35.64 46.56 7.57
C HIS E 163 -36.45 47.10 6.40
N PRO E 164 -37.75 46.81 6.35
CA PRO E 164 -38.56 47.29 5.22
C PRO E 164 -38.55 48.80 5.07
N TYR E 165 -38.25 49.56 6.12
CA TYR E 165 -38.35 51.02 6.04
C TYR E 165 -37.54 51.56 4.87
N GLN E 166 -36.23 51.30 4.87
CA GLN E 166 -35.37 51.91 3.86
C GLN E 166 -35.87 51.62 2.45
N PHE E 167 -36.41 50.41 2.22
CA PHE E 167 -36.91 50.09 0.89
C PHE E 167 -38.22 50.79 0.59
N LEU E 168 -39.07 50.96 1.60
CA LEU E 168 -40.31 51.70 1.38
C LEU E 168 -40.00 53.12 0.88
N LEU E 169 -38.93 53.72 1.37
CA LEU E 169 -38.56 55.05 0.91
C LEU E 169 -37.84 55.00 -0.43
N LYS E 170 -36.90 54.05 -0.59
CA LYS E 170 -36.19 53.89 -1.85
C LYS E 170 -37.15 53.74 -3.01
N TYR E 171 -38.22 52.97 -2.82
CA TYR E 171 -39.20 52.79 -3.89
C TYR E 171 -40.10 54.01 -4.03
N ALA E 172 -40.43 54.66 -2.91
CA ALA E 172 -41.33 55.81 -2.98
C ALA E 172 -40.71 56.94 -3.78
N LYS E 173 -39.39 57.16 -3.64
CA LYS E 173 -38.78 58.29 -4.33
C LYS E 173 -38.89 58.16 -5.84
N GLN E 174 -38.95 56.93 -6.35
CA GLN E 174 -39.07 56.73 -7.79
C GLN E 174 -40.51 56.92 -8.30
N LEU E 175 -41.46 57.16 -7.41
CA LEU E 175 -42.82 57.46 -7.82
C LEU E 175 -42.96 58.96 -8.09
N LYS E 176 -43.61 59.29 -9.20
CA LYS E 176 -43.86 60.69 -9.57
C LYS E 176 -45.35 60.87 -9.77
N GLY E 177 -45.91 61.92 -9.18
CA GLY E 177 -47.33 62.18 -9.30
C GLY E 177 -47.79 63.09 -8.18
N ASP E 178 -49.08 62.99 -7.87
CA ASP E 178 -49.67 63.80 -6.81
C ASP E 178 -48.89 63.59 -5.51
N LYS E 179 -48.11 64.60 -5.13
CA LYS E 179 -47.26 64.47 -3.95
C LYS E 179 -48.06 64.12 -2.71
N ASN E 180 -49.30 64.62 -2.61
CA ASN E 180 -50.08 64.37 -1.41
C ASN E 180 -50.62 62.95 -1.40
N LYS E 181 -51.03 62.42 -2.56
CA LYS E 181 -51.48 61.03 -2.60
C LYS E 181 -50.33 60.08 -2.28
N ILE E 182 -49.14 60.35 -2.82
CA ILE E 182 -48.01 59.47 -2.57
C ILE E 182 -47.62 59.50 -1.09
N GLN E 183 -47.68 60.69 -0.47
CA GLN E 183 -47.34 60.79 0.94
C GLN E 183 -48.33 59.98 1.79
N LYS E 184 -49.62 60.03 1.45
CA LYS E 184 -50.58 59.21 2.18
C LYS E 184 -50.23 57.73 2.05
N LEU E 185 -49.84 57.32 0.84
CA LEU E 185 -49.43 55.93 0.65
C LEU E 185 -48.28 55.56 1.57
N VAL E 186 -47.28 56.43 1.69
CA VAL E 186 -46.10 56.11 2.47
C VAL E 186 -46.48 55.90 3.94
N GLN E 187 -47.11 56.91 4.54
CA GLN E 187 -47.41 56.83 5.97
C GLN E 187 -48.23 55.58 6.28
N MET E 188 -49.26 55.32 5.48
CA MET E 188 -50.07 54.13 5.71
C MET E 188 -49.22 52.87 5.59
N ALA E 189 -48.33 52.83 4.60
CA ALA E 189 -47.42 51.69 4.47
C ALA E 189 -46.47 51.63 5.64
N TRP E 190 -45.89 52.77 6.02
CA TRP E 190 -45.04 52.79 7.21
C TRP E 190 -45.76 52.20 8.41
N THR E 191 -46.98 52.67 8.68
CA THR E 191 -47.72 52.17 9.83
C THR E 191 -47.87 50.65 9.75
N PHE E 192 -48.06 50.11 8.54
CA PHE E 192 -48.15 48.66 8.39
C PHE E 192 -46.82 47.99 8.73
N VAL E 193 -45.70 48.57 8.29
CA VAL E 193 -44.40 48.01 8.65
C VAL E 193 -44.29 47.91 10.17
N ASN E 194 -44.58 49.00 10.87
CA ASN E 194 -44.54 48.96 12.33
C ASN E 194 -45.41 47.83 12.87
N ASP E 195 -46.62 47.68 12.33
CA ASP E 195 -47.49 46.59 12.78
C ASP E 195 -46.94 45.24 12.35
N SER E 196 -46.21 45.18 11.24
CA SER E 196 -45.67 43.90 10.79
C SER E 196 -44.67 43.33 11.78
N LEU E 197 -44.01 44.20 12.56
CA LEU E 197 -43.00 43.74 13.50
C LEU E 197 -43.58 42.89 14.61
N CYS E 198 -44.89 42.93 14.83
CA CYS E 198 -45.54 42.03 15.77
C CYS E 198 -45.88 40.68 15.14
N THR E 199 -45.63 40.52 13.84
CA THR E 199 -45.90 39.29 13.11
C THR E 199 -44.59 38.58 12.80
N THR E 200 -44.70 37.28 12.55
CA THR E 200 -43.55 36.49 12.13
C THR E 200 -43.03 36.88 10.75
N LEU E 201 -43.70 37.81 10.06
CA LEU E 201 -43.32 38.17 8.70
C LEU E 201 -41.82 38.47 8.60
N SER E 202 -41.24 39.07 9.63
CA SER E 202 -39.80 39.29 9.61
C SER E 202 -39.02 38.01 9.41
N LEU E 203 -39.61 36.87 9.73
CA LEU E 203 -38.97 35.57 9.56
C LEU E 203 -39.40 34.85 8.29
N GLN E 204 -40.36 35.38 7.54
CA GLN E 204 -40.89 34.69 6.38
C GLN E 204 -40.40 35.27 5.06
N TRP E 205 -40.23 36.59 4.98
CA TRP E 205 -39.96 37.25 3.71
C TRP E 205 -38.89 38.31 3.89
N GLU E 206 -38.01 38.42 2.89
CA GLU E 206 -36.97 39.43 2.89
C GLU E 206 -37.59 40.81 3.10
N PRO E 207 -36.84 41.78 3.64
CA PRO E 207 -37.45 43.10 3.90
C PRO E 207 -37.96 43.77 2.65
N GLU E 208 -37.27 43.59 1.53
CA GLU E 208 -37.71 44.19 0.28
C GLU E 208 -39.13 43.76 -0.08
N ILE E 209 -39.46 42.49 0.18
CA ILE E 209 -40.80 41.99 -0.15
C ILE E 209 -41.84 42.61 0.77
N ILE E 210 -41.53 42.73 2.07
CA ILE E 210 -42.47 43.36 3.00
C ILE E 210 -42.77 44.78 2.54
N ALA E 211 -41.71 45.55 2.22
CA ALA E 211 -41.89 46.93 1.80
C ALA E 211 -42.86 47.03 0.63
N VAL E 212 -42.71 46.16 -0.36
CA VAL E 212 -43.64 46.15 -1.48
C VAL E 212 -45.05 45.80 -0.97
N ALA E 213 -45.15 44.77 -0.14
CA ALA E 213 -46.47 44.32 0.32
C ALA E 213 -47.23 45.47 0.99
N VAL E 214 -46.56 46.27 1.82
CA VAL E 214 -47.25 47.35 2.51
C VAL E 214 -47.66 48.44 1.51
N MET E 215 -46.84 48.70 0.51
CA MET E 215 -47.27 49.57 -0.59
C MET E 215 -48.51 48.97 -1.26
N TYR E 216 -48.46 47.67 -1.56
CA TYR E 216 -49.57 47.00 -2.23
C TYR E 216 -50.85 47.13 -1.42
N LEU E 217 -50.75 47.02 -0.10
CA LEU E 217 -51.93 47.13 0.75
C LEU E 217 -52.40 48.58 0.86
N ALA E 218 -51.47 49.50 1.12
CA ALA E 218 -51.84 50.90 1.18
C ALA E 218 -52.48 51.35 -0.13
N GLY E 219 -51.95 50.89 -1.26
CA GLY E 219 -52.55 51.23 -2.54
C GLY E 219 -54.00 50.77 -2.62
N ARG E 220 -54.25 49.52 -2.25
CA ARG E 220 -55.60 48.99 -2.33
C ARG E 220 -56.56 49.80 -1.47
N LEU E 221 -56.17 50.05 -0.21
CA LEU E 221 -57.07 50.74 0.70
C LEU E 221 -57.31 52.18 0.26
N CYS E 222 -56.29 52.84 -0.27
CA CYS E 222 -56.43 54.22 -0.71
C CYS E 222 -57.01 54.34 -2.13
N LYS E 223 -57.34 53.22 -2.78
CA LYS E 223 -57.86 53.22 -4.14
C LYS E 223 -56.87 53.84 -5.11
N PHE E 224 -55.58 53.56 -4.91
CA PHE E 224 -54.51 54.11 -5.74
C PHE E 224 -54.05 53.10 -6.76
N GLU E 225 -53.71 53.60 -7.97
CA GLU E 225 -53.12 52.78 -9.02
C GLU E 225 -51.63 53.10 -9.07
N ILE E 226 -50.87 52.44 -8.19
CA ILE E 226 -49.45 52.78 -8.04
C ILE E 226 -48.74 52.78 -9.37
N GLN E 227 -49.15 51.91 -10.29
CA GLN E 227 -48.47 51.81 -11.58
C GLN E 227 -48.35 53.16 -12.28
N GLU E 228 -49.38 54.01 -12.16
CA GLU E 228 -49.36 55.28 -12.89
C GLU E 228 -48.18 56.16 -12.48
N TRP E 229 -47.71 56.01 -11.25
CA TRP E 229 -46.60 56.81 -10.75
C TRP E 229 -45.23 56.24 -11.10
N THR E 230 -45.18 55.08 -11.76
CA THR E 230 -43.92 54.46 -12.12
C THR E 230 -43.41 55.03 -13.45
N SER E 231 -42.21 54.59 -13.84
CA SER E 231 -41.69 54.95 -15.16
C SER E 231 -42.51 54.31 -16.28
N LYS E 232 -43.03 53.11 -16.03
CA LYS E 232 -43.89 52.38 -16.96
C LYS E 232 -45.32 52.56 -16.50
N PRO E 233 -46.07 53.53 -17.04
CA PRO E 233 -47.40 53.83 -16.49
C PRO E 233 -48.43 52.76 -16.81
N MET E 234 -48.09 51.80 -17.68
CA MET E 234 -49.03 50.79 -18.13
C MET E 234 -48.58 49.38 -17.81
N TYR E 235 -47.60 49.21 -16.93
CA TYR E 235 -47.17 47.89 -16.46
C TYR E 235 -47.91 47.64 -15.15
N ARG E 236 -48.96 46.83 -15.20
CA ARG E 236 -49.85 46.68 -14.05
C ARG E 236 -49.13 46.03 -12.86
N ARG E 237 -48.05 45.30 -13.12
CA ARG E 237 -47.26 44.69 -12.05
C ARG E 237 -46.12 45.64 -11.66
N TRP E 238 -46.50 46.73 -10.98
CA TRP E 238 -45.52 47.75 -10.62
C TRP E 238 -44.41 47.18 -9.74
N TRP E 239 -44.61 46.03 -9.11
CA TRP E 239 -43.59 45.53 -8.19
C TRP E 239 -42.34 45.06 -8.92
N GLU E 240 -42.49 44.48 -10.13
CA GLU E 240 -41.33 43.92 -10.80
C GLU E 240 -40.28 44.97 -11.19
N GLN E 241 -40.60 46.26 -11.05
CA GLN E 241 -39.59 47.30 -11.21
C GLN E 241 -38.70 47.37 -9.97
N PHE E 242 -39.28 47.20 -8.79
CA PHE E 242 -38.53 47.30 -7.54
C PHE E 242 -37.97 45.95 -7.11
N VAL E 243 -38.83 44.95 -6.94
CA VAL E 243 -38.41 43.62 -6.50
C VAL E 243 -38.82 42.61 -7.55
N GLN E 244 -37.86 41.86 -8.06
CA GLN E 244 -38.12 40.88 -9.11
C GLN E 244 -38.59 39.55 -8.52
N ASP E 245 -39.39 38.83 -9.29
CA ASP E 245 -39.84 37.48 -8.96
C ASP E 245 -40.54 37.45 -7.60
N VAL E 246 -41.59 38.26 -7.48
CA VAL E 246 -42.43 38.23 -6.29
C VAL E 246 -43.86 37.91 -6.72
N PRO E 247 -44.38 36.73 -6.42
CA PRO E 247 -45.75 36.40 -6.83
C PRO E 247 -46.78 37.29 -6.14
N VAL E 248 -47.87 37.55 -6.86
CA VAL E 248 -48.96 38.30 -6.25
C VAL E 248 -49.48 37.57 -5.02
N ASP E 249 -49.52 36.24 -5.09
CA ASP E 249 -49.98 35.45 -3.95
C ASP E 249 -49.17 35.74 -2.69
N VAL E 250 -47.85 35.84 -2.84
CA VAL E 250 -47.01 36.18 -1.69
C VAL E 250 -47.45 37.52 -1.10
N LEU E 251 -47.66 38.51 -1.95
CA LEU E 251 -48.10 39.81 -1.46
C LEU E 251 -49.45 39.68 -0.76
N GLU E 252 -50.36 38.90 -1.32
CA GLU E 252 -51.68 38.73 -0.70
C GLU E 252 -51.57 38.04 0.66
N ASP E 253 -50.69 37.04 0.76
CA ASP E 253 -50.48 36.39 2.06
C ASP E 253 -50.02 37.41 3.09
N ILE E 254 -49.07 38.27 2.73
CA ILE E 254 -48.57 39.27 3.67
C ILE E 254 -49.69 40.25 4.04
N CYS E 255 -50.39 40.77 3.03
CA CYS E 255 -51.51 41.66 3.32
C CYS E 255 -52.51 40.99 4.26
N HIS E 256 -52.79 39.70 4.03
CA HIS E 256 -53.76 39.02 4.86
C HIS E 256 -53.31 38.98 6.32
N GLN E 257 -52.03 38.68 6.55
CA GLN E 257 -51.54 38.59 7.93
C GLN E 257 -51.57 39.96 8.62
N ILE E 258 -51.24 41.02 7.88
CA ILE E 258 -51.28 42.36 8.47
C ILE E 258 -52.70 42.70 8.89
N LEU E 259 -53.67 42.48 8.00
CA LEU E 259 -55.04 42.84 8.31
C LEU E 259 -55.64 41.96 9.40
N ASP E 260 -55.20 40.71 9.51
CA ASP E 260 -55.69 39.85 10.58
C ASP E 260 -55.40 40.45 11.95
N LEU E 261 -54.24 41.10 12.09
CA LEU E 261 -53.94 41.82 13.33
C LEU E 261 -54.99 42.89 13.61
N TYR E 262 -55.36 43.66 12.58
CA TYR E 262 -56.26 44.78 12.79
C TYR E 262 -57.65 44.31 13.22
N SER E 263 -58.14 43.21 12.63
CA SER E 263 -59.47 42.74 12.98
C SER E 263 -59.49 42.10 14.37
N GLN E 264 -58.42 41.41 14.74
CA GLN E 264 -58.35 40.76 16.05
C GLN E 264 -58.41 41.80 17.17
N GLY E 265 -57.57 42.83 17.08
CA GLY E 265 -57.48 43.83 18.11
C GLY E 265 -58.63 44.82 18.06
N LYS E 266 -58.53 45.84 18.91
CA LYS E 266 -59.50 46.93 18.89
C LYS E 266 -59.23 47.92 17.76
N GLN E 267 -58.02 47.94 17.22
CA GLN E 267 -57.69 48.90 16.19
C GLN E 267 -58.37 48.53 14.87
N GLN E 268 -58.44 49.50 13.96
CA GLN E 268 -58.99 49.31 12.63
C GLN E 268 -58.00 49.84 11.61
N MET E 269 -58.36 49.73 10.33
CA MET E 269 -57.45 50.15 9.27
C MET E 269 -57.15 51.64 9.40
N PRO E 270 -55.90 52.07 9.16
CA PRO E 270 -55.57 53.48 9.41
C PRO E 270 -56.42 54.46 8.62
N HIS E 271 -56.45 54.33 7.29
CA HIS E 271 -57.15 55.27 6.42
C HIS E 271 -57.00 56.72 6.88
N MET F 5 -44.38 -36.04 28.75
CA MET F 5 -42.92 -36.17 28.99
C MET F 5 -42.44 -35.13 30.00
N SER F 6 -42.99 -33.93 29.91
CA SER F 6 -42.69 -32.83 30.84
C SER F 6 -43.97 -32.36 31.49
N TYR F 7 -43.84 -31.87 32.73
CA TYR F 7 -44.99 -31.47 33.55
C TYR F 7 -44.67 -30.15 34.23
N ASN F 8 -45.49 -29.14 33.98
CA ASN F 8 -45.32 -27.81 34.56
C ASN F 8 -46.67 -27.25 35.00
N TYR F 9 -46.61 -26.22 35.86
CA TYR F 9 -47.76 -25.63 36.52
C TYR F 9 -47.70 -24.12 36.37
N VAL F 10 -48.76 -23.51 35.85
CA VAL F 10 -48.81 -22.07 35.60
C VAL F 10 -49.98 -21.48 36.38
N VAL F 11 -49.71 -20.46 37.18
CA VAL F 11 -50.71 -19.81 38.02
C VAL F 11 -50.63 -18.30 37.86
N THR F 12 -51.79 -17.64 37.86
CA THR F 12 -51.88 -16.20 37.61
C THR F 12 -51.71 -15.44 38.91
N ALA F 13 -50.47 -15.05 39.20
CA ALA F 13 -50.19 -14.36 40.46
C ALA F 13 -50.84 -12.98 40.50
N GLN F 14 -50.75 -12.23 39.41
CA GLN F 14 -51.38 -10.92 39.28
C GLN F 14 -52.34 -10.97 38.10
N LYS F 15 -53.56 -10.52 38.30
CA LYS F 15 -54.51 -10.47 37.22
C LYS F 15 -54.10 -9.40 36.21
N PRO F 16 -54.67 -9.43 35.01
CA PRO F 16 -54.45 -8.33 34.07
C PRO F 16 -54.85 -6.99 34.67
N THR F 17 -54.10 -5.95 34.30
CA THR F 17 -54.36 -4.60 34.77
C THR F 17 -54.73 -3.63 33.67
N ALA F 18 -54.29 -3.87 32.44
CA ALA F 18 -54.55 -2.95 31.35
C ALA F 18 -56.00 -3.03 30.91
N VAL F 19 -56.60 -1.86 30.66
CA VAL F 19 -57.99 -1.77 30.22
C VAL F 19 -58.01 -1.88 28.70
N ASN F 20 -58.78 -2.83 28.17
CA ASN F 20 -58.94 -3.00 26.73
C ASN F 20 -60.23 -2.37 26.22
N GLY F 21 -61.35 -2.56 26.91
CA GLY F 21 -62.60 -1.96 26.49
C GLY F 21 -63.44 -1.53 27.68
N CYS F 22 -64.22 -0.48 27.48
CA CYS F 22 -65.11 0.06 28.50
C CYS F 22 -66.45 0.42 27.89
N VAL F 23 -67.55 0.00 28.54
CA VAL F 23 -68.90 0.28 28.07
C VAL F 23 -69.79 0.68 29.24
N THR F 24 -70.84 1.43 28.92
CA THR F 24 -71.81 1.92 29.89
C THR F 24 -73.22 1.55 29.48
N GLY F 25 -74.07 1.31 30.47
CA GLY F 25 -75.45 0.95 30.19
C GLY F 25 -76.20 0.63 31.46
N HIS F 26 -77.26 -0.18 31.31
CA HIS F 26 -78.12 -0.60 32.42
C HIS F 26 -78.21 -2.13 32.38
N PHE F 27 -77.15 -2.78 32.85
CA PHE F 27 -77.00 -4.23 32.72
C PHE F 27 -77.49 -5.00 33.93
N THR F 28 -77.20 -4.53 35.14
CA THR F 28 -77.65 -5.25 36.33
C THR F 28 -79.11 -4.95 36.64
N SER F 29 -79.56 -3.72 36.42
CA SER F 29 -80.96 -3.36 36.61
C SER F 29 -81.29 -2.20 35.67
N ALA F 30 -82.56 -2.14 35.26
CA ALA F 30 -82.99 -1.09 34.35
C ALA F 30 -82.79 0.30 34.94
N GLU F 31 -82.63 0.41 36.26
CA GLU F 31 -82.48 1.68 36.94
C GLU F 31 -81.03 2.08 37.18
N ASP F 32 -80.17 1.14 37.56
CA ASP F 32 -78.78 1.47 37.84
C ASP F 32 -78.04 1.82 36.55
N LEU F 33 -76.98 2.64 36.71
CA LEU F 33 -76.06 2.96 35.62
C LEU F 33 -74.76 2.20 35.89
N ASN F 34 -74.46 1.23 35.03
CA ASN F 34 -73.36 0.31 35.24
C ASN F 34 -72.27 0.52 34.20
N LEU F 35 -71.03 0.52 34.66
CA LEU F 35 -69.85 0.57 33.80
C LEU F 35 -69.18 -0.79 33.83
N LEU F 36 -68.96 -1.38 32.66
CA LEU F 36 -68.31 -2.68 32.53
C LEU F 36 -66.92 -2.49 31.94
N ILE F 37 -65.91 -2.98 32.64
CA ILE F 37 -64.51 -2.85 32.25
C ILE F 37 -64.00 -4.23 31.88
N ALA F 38 -63.31 -4.32 30.75
CA ALA F 38 -62.80 -5.58 30.23
C ALA F 38 -61.28 -5.52 30.15
N LYS F 39 -60.62 -6.29 31.00
CA LYS F 39 -59.20 -6.60 30.90
C LYS F 39 -59.09 -8.01 30.34
N ASN F 40 -57.99 -8.30 29.65
CA ASN F 40 -57.89 -9.58 28.96
C ASN F 40 -58.23 -10.72 29.91
N THR F 41 -59.24 -11.51 29.56
CA THR F 41 -59.74 -12.67 30.28
C THR F 41 -60.60 -12.30 31.50
N ARG F 42 -60.83 -11.02 31.79
CA ARG F 42 -61.57 -10.63 32.98
C ARG F 42 -62.58 -9.53 32.66
N LEU F 43 -63.80 -9.70 33.16
CA LEU F 43 -64.85 -8.69 33.06
C LEU F 43 -65.17 -8.17 34.45
N GLU F 44 -65.22 -6.85 34.61
CA GLU F 44 -65.49 -6.20 35.88
C GLU F 44 -66.77 -5.37 35.76
N ILE F 45 -67.69 -5.58 36.69
CA ILE F 45 -68.99 -4.92 36.70
C ILE F 45 -69.03 -3.95 37.87
N TYR F 46 -69.36 -2.69 37.59
CA TYR F 46 -69.48 -1.66 38.61
C TYR F 46 -70.85 -1.00 38.52
N VAL F 47 -71.19 -0.24 39.56
CA VAL F 47 -72.40 0.59 39.58
C VAL F 47 -71.97 2.02 39.81
N VAL F 48 -72.47 2.93 38.98
CA VAL F 48 -72.09 4.33 39.05
C VAL F 48 -72.86 5.00 40.18
N THR F 49 -72.14 5.70 41.05
CA THR F 49 -72.72 6.45 42.15
C THR F 49 -72.34 7.91 42.01
N ALA F 50 -72.75 8.72 42.98
CA ALA F 50 -72.34 10.12 43.03
C ALA F 50 -70.94 10.29 43.61
N GLU F 51 -70.38 9.24 44.22
CA GLU F 51 -69.06 9.28 44.82
C GLU F 51 -67.98 8.67 43.93
N GLY F 52 -68.32 7.59 43.22
CA GLY F 52 -67.36 6.89 42.38
C GLY F 52 -67.94 5.63 41.79
N LEU F 53 -67.20 4.53 41.88
CA LEU F 53 -67.63 3.23 41.36
C LEU F 53 -67.80 2.25 42.51
N ARG F 54 -68.88 1.48 42.46
CA ARG F 54 -69.17 0.46 43.46
C ARG F 54 -69.11 -0.92 42.81
N PRO F 55 -68.16 -1.77 43.18
CA PRO F 55 -68.04 -3.07 42.49
C PRO F 55 -69.22 -3.97 42.78
N VAL F 56 -69.56 -4.79 41.78
CA VAL F 56 -70.70 -5.71 41.84
C VAL F 56 -70.26 -7.15 41.69
N LYS F 57 -69.51 -7.45 40.63
CA LYS F 57 -69.12 -8.82 40.33
C LYS F 57 -67.97 -8.81 39.35
N GLU F 58 -67.02 -9.71 39.53
CA GLU F 58 -65.97 -9.95 38.57
C GLU F 58 -65.98 -11.42 38.18
N VAL F 59 -65.85 -11.68 36.88
CA VAL F 59 -65.92 -13.03 36.34
C VAL F 59 -64.70 -13.27 35.46
N GLY F 60 -64.40 -14.55 35.27
CA GLY F 60 -63.35 -14.95 34.35
C GLY F 60 -63.92 -15.67 33.14
N MET F 61 -63.75 -15.09 31.95
CA MET F 61 -64.10 -15.75 30.71
C MET F 61 -62.90 -16.54 30.22
N TYR F 62 -63.17 -17.70 29.60
CA TYR F 62 -62.13 -18.53 29.01
C TYR F 62 -61.92 -18.07 27.57
N GLY F 63 -61.07 -17.07 27.40
CA GLY F 63 -60.87 -16.44 26.11
C GLY F 63 -60.43 -15.00 26.31
N LYS F 64 -60.10 -14.36 25.20
CA LYS F 64 -59.67 -12.97 25.21
C LYS F 64 -60.81 -12.09 24.72
N ILE F 65 -61.34 -11.26 25.60
CA ILE F 65 -62.45 -10.38 25.24
C ILE F 65 -61.99 -9.41 24.16
N ALA F 66 -62.62 -9.50 22.99
CA ALA F 66 -62.30 -8.63 21.86
C ALA F 66 -63.39 -7.62 21.52
N VAL F 67 -64.65 -8.02 21.61
CA VAL F 67 -65.78 -7.13 21.42
C VAL F 67 -66.68 -7.22 22.65
N MET F 68 -66.99 -6.07 23.24
CA MET F 68 -67.92 -5.98 24.35
C MET F 68 -68.92 -4.87 24.03
N GLU F 69 -70.20 -5.23 23.97
CA GLU F 69 -71.23 -4.28 23.57
C GLU F 69 -72.51 -4.58 24.31
N LEU F 70 -73.14 -3.52 24.84
CA LEU F 70 -74.41 -3.65 25.55
C LEU F 70 -75.55 -3.30 24.60
N PHE F 71 -76.64 -4.06 24.69
CA PHE F 71 -77.81 -3.84 23.85
C PHE F 71 -79.05 -4.28 24.61
N ARG F 72 -80.19 -3.73 24.21
CA ARG F 72 -81.47 -4.01 24.87
C ARG F 72 -82.52 -4.33 23.80
N PRO F 73 -82.82 -5.61 23.58
CA PRO F 73 -83.83 -5.96 22.58
C PRO F 73 -85.25 -5.75 23.09
N LYS F 74 -86.15 -5.46 22.16
CA LYS F 74 -87.55 -5.23 22.50
C LYS F 74 -88.11 -6.40 23.30
N GLY F 75 -88.67 -6.08 24.46
CA GLY F 75 -89.23 -7.07 25.35
C GLY F 75 -88.41 -7.35 26.59
N GLU F 76 -87.17 -6.91 26.63
CA GLU F 76 -86.31 -7.12 27.79
C GLU F 76 -86.44 -5.96 28.77
N SER F 77 -86.36 -6.30 30.06
CA SER F 77 -86.44 -5.28 31.10
C SER F 77 -85.15 -4.49 31.22
N LYS F 78 -84.01 -5.09 30.89
CA LYS F 78 -82.71 -4.48 31.09
C LYS F 78 -81.77 -4.88 29.97
N ASP F 79 -80.60 -4.26 29.96
CA ASP F 79 -79.64 -4.49 28.89
C ASP F 79 -79.05 -5.89 28.96
N LEU F 80 -78.78 -6.46 27.81
CA LEU F 80 -78.03 -7.70 27.68
C LEU F 80 -76.63 -7.39 27.15
N LEU F 81 -75.70 -8.30 27.42
CA LEU F 81 -74.30 -8.11 27.07
C LEU F 81 -73.90 -9.08 25.96
N PHE F 82 -73.25 -8.55 24.93
CA PHE F 82 -72.65 -9.36 23.88
C PHE F 82 -71.15 -9.32 24.00
N ILE F 83 -70.50 -10.49 23.91
CA ILE F 83 -69.05 -10.59 23.95
C ILE F 83 -68.59 -11.56 22.88
N LEU F 84 -67.47 -11.23 22.23
CA LEU F 84 -66.82 -12.10 21.26
C LEU F 84 -65.34 -12.17 21.61
N THR F 85 -64.82 -13.39 21.72
CA THR F 85 -63.44 -13.58 22.11
C THR F 85 -62.52 -13.60 20.90
N ALA F 86 -61.21 -13.56 21.16
CA ALA F 86 -60.23 -13.55 20.08
C ALA F 86 -60.25 -14.86 19.30
N LYS F 87 -60.66 -15.96 19.93
CA LYS F 87 -60.85 -17.23 19.26
C LYS F 87 -62.23 -17.37 18.63
N TYR F 88 -63.01 -16.28 18.59
CA TYR F 88 -64.31 -16.23 17.94
C TYR F 88 -65.39 -16.95 18.72
N ASN F 89 -65.28 -16.98 20.04
CA ASN F 89 -66.34 -17.49 20.91
C ASN F 89 -67.32 -16.36 21.19
N ALA F 90 -68.57 -16.51 20.74
CA ALA F 90 -69.59 -15.51 20.92
C ALA F 90 -70.58 -15.96 21.99
N CYS F 91 -71.24 -14.99 22.62
CA CYS F 91 -72.24 -15.29 23.64
C CYS F 91 -73.00 -14.02 23.97
N ILE F 92 -74.25 -14.21 24.41
CA ILE F 92 -75.08 -13.13 24.94
C ILE F 92 -75.37 -13.46 26.40
N LEU F 93 -75.08 -12.52 27.29
CA LEU F 93 -75.09 -12.75 28.72
C LEU F 93 -76.15 -11.88 29.40
N GLU F 94 -76.73 -12.43 30.46
CA GLU F 94 -77.71 -11.74 31.27
C GLU F 94 -77.25 -11.75 32.72
N TYR F 95 -77.38 -10.61 33.39
CA TYR F 95 -77.10 -10.52 34.82
C TYR F 95 -78.36 -10.91 35.58
N LYS F 96 -78.23 -11.89 36.47
CA LYS F 96 -79.35 -12.35 37.28
C LYS F 96 -78.83 -12.58 38.70
N GLN F 97 -79.45 -11.93 39.68
CA GLN F 97 -78.98 -11.96 41.06
C GLN F 97 -80.15 -12.27 41.99
N SER F 98 -80.03 -13.36 42.74
CA SER F 98 -80.99 -13.73 43.78
C SER F 98 -80.29 -13.62 45.13
N GLY F 99 -80.70 -12.64 45.93
CA GLY F 99 -80.11 -12.48 47.25
C GLY F 99 -78.61 -12.28 47.16
N GLU F 100 -77.87 -12.98 48.02
CA GLU F 100 -76.41 -12.86 48.02
C GLU F 100 -75.80 -13.44 46.76
N SER F 101 -76.34 -14.55 46.26
CA SER F 101 -75.77 -15.22 45.10
C SER F 101 -75.89 -14.36 43.86
N ILE F 102 -74.82 -14.34 43.06
CA ILE F 102 -74.74 -13.56 41.83
C ILE F 102 -74.40 -14.52 40.69
N ASP F 103 -75.14 -14.44 39.59
CA ASP F 103 -74.96 -15.34 38.47
C ASP F 103 -75.06 -14.57 37.16
N ILE F 104 -74.23 -14.96 36.20
CA ILE F 104 -74.26 -14.42 34.84
C ILE F 104 -74.74 -15.54 33.92
N ILE F 105 -75.92 -15.37 33.36
CA ILE F 105 -76.59 -16.42 32.59
C ILE F 105 -76.22 -16.29 31.12
N THR F 106 -75.95 -17.43 30.49
CA THR F 106 -75.62 -17.50 29.07
C THR F 106 -76.89 -17.84 28.30
N ARG F 107 -77.54 -16.81 27.74
CA ARG F 107 -78.77 -17.04 26.99
C ARG F 107 -78.51 -17.63 25.61
N ALA F 108 -77.38 -17.28 25.00
CA ALA F 108 -77.01 -17.81 23.70
C ALA F 108 -75.49 -17.90 23.62
N HIS F 109 -75.01 -18.86 22.83
CA HIS F 109 -73.57 -19.04 22.69
C HIS F 109 -73.29 -19.82 21.42
N GLY F 110 -72.09 -19.61 20.88
CA GLY F 110 -71.67 -20.29 19.66
C GLY F 110 -70.36 -19.73 19.18
N ASN F 111 -69.77 -20.44 18.23
CA ASN F 111 -68.50 -20.05 17.63
C ASN F 111 -68.74 -19.59 16.20
N VAL F 112 -68.25 -18.40 15.88
CA VAL F 112 -68.58 -17.75 14.61
C VAL F 112 -67.40 -17.79 13.63
N GLN F 113 -66.42 -18.65 13.87
CA GLN F 113 -65.26 -18.72 13.00
C GLN F 113 -65.66 -19.31 11.64
N ASP F 114 -65.13 -18.70 10.57
CA ASP F 114 -65.38 -19.18 9.22
C ASP F 114 -64.24 -20.11 8.80
N ARG F 115 -64.59 -21.15 8.04
CA ARG F 115 -63.57 -22.09 7.59
C ARG F 115 -62.53 -21.40 6.72
N ILE F 116 -62.95 -20.45 5.89
CA ILE F 116 -62.07 -19.75 4.97
C ILE F 116 -62.29 -18.25 5.08
N GLY F 117 -61.20 -17.51 5.23
CA GLY F 117 -61.27 -16.06 5.32
C GLY F 117 -59.94 -15.47 5.72
N ARG F 118 -59.66 -14.24 5.27
CA ARG F 118 -58.43 -13.57 5.65
C ARG F 118 -58.68 -12.66 6.83
N PRO F 119 -58.04 -12.89 7.99
CA PRO F 119 -58.23 -11.95 9.11
C PRO F 119 -57.88 -10.53 8.70
N SER F 120 -58.80 -9.60 9.00
CA SER F 120 -58.65 -8.23 8.54
C SER F 120 -57.50 -7.53 9.25
N GLU F 121 -57.02 -6.46 8.62
CA GLU F 121 -55.85 -5.75 9.16
C GLU F 121 -56.19 -4.99 10.42
N THR F 122 -57.34 -4.31 10.44
CA THR F 122 -57.71 -3.47 11.57
C THR F 122 -58.38 -4.24 12.70
N GLY F 123 -58.42 -5.57 12.64
CA GLY F 123 -58.86 -6.38 13.76
C GLY F 123 -60.36 -6.55 13.83
N ILE F 124 -60.78 -7.43 14.75
CA ILE F 124 -62.20 -7.72 14.91
C ILE F 124 -62.96 -6.45 15.22
N ILE F 125 -64.14 -6.31 14.62
CA ILE F 125 -65.05 -5.20 14.90
C ILE F 125 -66.41 -5.78 15.22
N GLY F 126 -67.05 -5.23 16.25
CA GLY F 126 -68.37 -5.65 16.64
C GLY F 126 -69.31 -4.48 16.84
N ILE F 127 -70.45 -4.51 16.15
CA ILE F 127 -71.44 -3.43 16.21
C ILE F 127 -72.82 -4.05 16.28
N ILE F 128 -73.75 -3.34 16.89
CA ILE F 128 -75.12 -3.81 17.08
C ILE F 128 -76.08 -2.75 16.57
N ASP F 129 -77.12 -3.19 15.86
CA ASP F 129 -78.11 -2.29 15.32
C ASP F 129 -78.78 -1.50 16.44
N PRO F 130 -79.09 -0.22 16.22
CA PRO F 130 -79.87 0.50 17.25
C PRO F 130 -81.19 -0.19 17.56
N GLU F 131 -81.90 -0.64 16.54
CA GLU F 131 -83.11 -1.41 16.69
C GLU F 131 -82.85 -2.82 17.22
N CYS F 132 -81.59 -3.15 17.54
CA CYS F 132 -81.22 -4.45 18.06
C CYS F 132 -81.81 -5.58 17.21
N ARG F 133 -81.73 -5.37 15.89
CA ARG F 133 -82.20 -6.35 14.92
C ARG F 133 -81.14 -7.39 14.58
N MET F 134 -79.87 -7.03 14.71
CA MET F 134 -78.78 -7.90 14.29
C MET F 134 -77.49 -7.44 14.95
N ILE F 135 -76.53 -8.35 15.01
CA ILE F 135 -75.16 -8.05 15.43
C ILE F 135 -74.28 -8.10 14.20
N GLY F 136 -73.54 -7.01 13.96
CA GLY F 136 -72.63 -6.94 12.83
C GLY F 136 -71.20 -7.24 13.27
N LEU F 137 -70.56 -8.14 12.54
CA LEU F 137 -69.17 -8.52 12.81
C LEU F 137 -68.36 -8.38 11.52
N ARG F 138 -67.20 -7.74 11.63
CA ARG F 138 -66.23 -7.68 10.53
C ARG F 138 -65.03 -8.52 11.00
N LEU F 139 -65.03 -9.79 10.61
CA LEU F 139 -63.98 -10.72 11.02
C LEU F 139 -62.94 -10.95 9.93
N TYR F 140 -63.32 -10.87 8.66
CA TYR F 140 -62.42 -11.18 7.57
C TYR F 140 -62.55 -10.13 6.49
N ASP F 141 -61.46 -9.93 5.75
CA ASP F 141 -61.49 -9.03 4.60
C ASP F 141 -62.52 -9.50 3.60
N GLY F 142 -63.31 -8.55 3.08
CA GLY F 142 -64.26 -8.87 2.04
C GLY F 142 -65.44 -9.69 2.48
N LEU F 143 -65.72 -9.75 3.79
CA LEU F 143 -66.88 -10.45 4.30
C LEU F 143 -67.48 -9.64 5.45
N PHE F 144 -68.81 -9.65 5.53
CA PHE F 144 -69.55 -9.04 6.63
C PHE F 144 -70.51 -10.10 7.18
N LYS F 145 -70.35 -10.44 8.44
CA LYS F 145 -71.13 -11.49 9.09
C LYS F 145 -72.28 -10.87 9.86
N VAL F 146 -73.45 -11.50 9.78
CA VAL F 146 -74.66 -11.00 10.42
C VAL F 146 -75.24 -12.11 11.29
N ILE F 147 -75.42 -11.82 12.57
CA ILE F 147 -76.14 -12.68 13.49
C ILE F 147 -77.53 -12.07 13.72
N PRO F 148 -78.60 -12.61 13.14
CA PRO F 148 -79.93 -12.03 13.38
C PRO F 148 -80.37 -12.26 14.82
N LEU F 149 -80.82 -11.17 15.46
CA LEU F 149 -81.22 -11.22 16.87
C LEU F 149 -82.67 -11.71 16.98
N ASP F 150 -82.85 -12.98 16.66
CA ASP F 150 -84.11 -13.67 16.86
C ASP F 150 -84.12 -14.30 18.24
N ARG F 151 -85.28 -14.29 18.90
CA ARG F 151 -85.35 -14.80 20.26
C ARG F 151 -85.00 -16.28 20.32
N ASP F 152 -85.21 -17.02 19.24
CA ASP F 152 -84.90 -18.44 19.20
C ASP F 152 -83.46 -18.72 18.79
N ASN F 153 -82.69 -17.69 18.40
CA ASN F 153 -81.32 -17.88 17.92
C ASN F 153 -80.37 -18.00 19.10
N LYS F 154 -80.53 -19.09 19.85
CA LYS F 154 -79.72 -19.33 21.04
C LYS F 154 -78.38 -19.99 20.71
N GLU F 155 -78.19 -20.46 19.49
CA GLU F 155 -76.89 -20.97 19.04
C GLU F 155 -76.10 -19.95 18.23
N LEU F 156 -76.67 -18.75 18.02
CA LEU F 156 -75.98 -17.67 17.32
C LEU F 156 -75.55 -18.10 15.92
N LYS F 157 -76.47 -18.68 15.17
CA LYS F 157 -76.21 -19.00 13.77
C LYS F 157 -76.11 -17.72 12.96
N ALA F 158 -75.24 -17.71 11.95
CA ALA F 158 -74.95 -16.49 11.23
C ALA F 158 -74.64 -16.81 9.77
N PHE F 159 -74.79 -15.78 8.93
CA PHE F 159 -74.49 -15.85 7.51
C PHE F 159 -73.54 -14.71 7.15
N ASN F 160 -72.83 -14.89 6.05
CA ASN F 160 -71.90 -13.89 5.54
C ASN F 160 -72.49 -13.19 4.32
N ILE F 161 -72.31 -11.88 4.25
CA ILE F 161 -72.66 -11.09 3.08
C ILE F 161 -71.37 -10.66 2.41
N ARG F 162 -71.27 -10.88 1.11
CA ARG F 162 -70.07 -10.50 0.37
C ARG F 162 -69.87 -8.99 0.45
N LEU F 163 -68.63 -8.57 0.67
CA LEU F 163 -68.26 -7.17 0.87
C LEU F 163 -67.28 -6.77 -0.22
N GLU F 164 -67.71 -5.87 -1.11
CA GLU F 164 -66.89 -5.51 -2.26
C GLU F 164 -65.56 -4.89 -1.82
N GLU F 165 -65.62 -3.97 -0.85
CA GLU F 165 -64.44 -3.27 -0.39
C GLU F 165 -63.65 -4.18 0.55
N LEU F 166 -62.51 -4.67 0.08
CA LEU F 166 -61.79 -5.70 0.84
C LEU F 166 -61.14 -5.11 2.10
N HIS F 167 -60.54 -3.93 1.99
CA HIS F 167 -59.74 -3.35 3.07
C HIS F 167 -60.56 -2.30 3.80
N VAL F 168 -61.26 -2.73 4.86
CA VAL F 168 -62.13 -1.87 5.63
C VAL F 168 -61.39 -1.37 6.87
N ILE F 169 -61.65 -0.14 7.25
CA ILE F 169 -60.97 0.51 8.37
C ILE F 169 -61.81 0.50 9.64
N ASP F 170 -63.06 0.96 9.54
CA ASP F 170 -63.94 0.99 10.70
C ASP F 170 -65.37 1.08 10.20
N VAL F 171 -66.29 0.50 10.96
CA VAL F 171 -67.69 0.43 10.57
C VAL F 171 -68.56 0.50 11.81
N LYS F 172 -69.61 1.32 11.73
CA LYS F 172 -70.59 1.48 12.79
C LYS F 172 -71.99 1.44 12.18
N PHE F 173 -72.94 0.91 12.94
CA PHE F 173 -74.34 0.99 12.53
C PHE F 173 -74.83 2.43 12.67
N LEU F 174 -75.46 2.95 11.62
CA LEU F 174 -75.96 4.32 11.64
C LEU F 174 -77.29 4.41 12.39
N TYR F 175 -77.55 5.59 12.93
CA TYR F 175 -78.73 5.86 13.72
C TYR F 175 -79.74 6.65 12.89
N GLY F 176 -81.02 6.39 13.14
CA GLY F 176 -82.09 7.14 12.51
C GLY F 176 -82.39 6.79 11.08
N CYS F 177 -81.73 5.78 10.52
CA CYS F 177 -81.97 5.38 9.15
C CYS F 177 -83.26 4.57 9.04
N GLN F 178 -83.90 4.69 7.88
CA GLN F 178 -85.18 4.02 7.67
C GLN F 178 -85.05 2.51 7.82
N ALA F 179 -83.97 1.95 7.28
CA ALA F 179 -83.63 0.54 7.35
C ALA F 179 -82.23 0.41 7.92
N PRO F 180 -81.92 -0.72 8.55
CA PRO F 180 -80.57 -0.88 9.14
C PRO F 180 -79.49 -0.58 8.12
N THR F 181 -78.56 0.29 8.50
CA THR F 181 -77.56 0.82 7.59
C THR F 181 -76.20 0.83 8.26
N ILE F 182 -75.16 0.48 7.50
CA ILE F 182 -73.79 0.50 7.99
C ILE F 182 -73.02 1.57 7.21
N CYS F 183 -72.23 2.36 7.94
CA CYS F 183 -71.35 3.38 7.36
C CYS F 183 -69.91 3.02 7.70
N PHE F 184 -69.09 2.81 6.68
CA PHE F 184 -67.73 2.33 6.87
C PHE F 184 -66.76 3.11 6.01
N VAL F 185 -65.55 3.31 6.55
CA VAL F 185 -64.41 3.87 5.81
C VAL F 185 -63.55 2.70 5.33
N TYR F 186 -63.21 2.70 4.04
CA TYR F 186 -62.40 1.66 3.45
C TYR F 186 -61.27 2.28 2.66
N GLN F 187 -60.23 1.50 2.42
CA GLN F 187 -59.06 1.96 1.68
C GLN F 187 -58.86 1.13 0.42
N ASP F 188 -58.71 1.82 -0.72
CA ASP F 188 -58.38 1.22 -2.00
C ASP F 188 -57.24 2.02 -2.61
N PRO F 189 -56.69 1.63 -3.76
CA PRO F 189 -55.55 2.37 -4.31
C PRO F 189 -55.84 3.82 -4.63
N GLN F 190 -57.12 4.21 -4.71
CA GLN F 190 -57.48 5.59 -5.03
C GLN F 190 -57.57 6.49 -3.81
N GLY F 191 -57.11 6.04 -2.65
CA GLY F 191 -57.25 6.75 -1.41
C GLY F 191 -58.19 6.03 -0.46
N ARG F 192 -58.55 6.72 0.62
CA ARG F 192 -59.55 6.22 1.55
C ARG F 192 -60.88 6.93 1.28
N HIS F 193 -61.98 6.19 1.47
CA HIS F 193 -63.30 6.67 1.13
C HIS F 193 -64.28 6.19 2.20
N VAL F 194 -65.49 6.75 2.19
CA VAL F 194 -66.56 6.35 3.09
C VAL F 194 -67.79 6.01 2.23
N LYS F 195 -68.50 4.95 2.61
CA LYS F 195 -69.61 4.42 1.83
C LYS F 195 -70.71 3.96 2.81
N THR F 196 -71.87 3.61 2.25
CA THR F 196 -72.98 3.10 3.04
C THR F 196 -73.65 1.94 2.32
N TYR F 197 -74.20 1.01 3.10
CA TYR F 197 -75.03 -0.07 2.59
C TYR F 197 -76.25 -0.23 3.49
N GLU F 198 -77.27 -0.91 2.96
CA GLU F 198 -78.42 -1.34 3.75
C GLU F 198 -78.39 -2.86 3.87
N VAL F 199 -78.78 -3.36 5.04
CA VAL F 199 -78.72 -4.79 5.34
C VAL F 199 -80.14 -5.35 5.36
N SER F 200 -80.37 -6.39 4.56
CA SER F 200 -81.67 -7.05 4.47
C SER F 200 -81.54 -8.46 5.07
N LEU F 201 -82.06 -8.63 6.28
CA LEU F 201 -82.07 -9.95 6.89
C LEU F 201 -82.87 -10.95 6.06
N ARG F 202 -83.90 -10.47 5.36
CA ARG F 202 -84.72 -11.36 4.55
C ARG F 202 -83.96 -11.87 3.34
N GLU F 203 -83.32 -10.97 2.60
CA GLU F 203 -82.60 -11.34 1.39
C GLU F 203 -81.20 -11.86 1.67
N LYS F 204 -80.62 -11.53 2.82
CA LYS F 204 -79.25 -11.91 3.16
C LYS F 204 -78.26 -11.35 2.15
N GLU F 205 -78.35 -10.04 1.92
CA GLU F 205 -77.41 -9.37 1.02
C GLU F 205 -77.49 -7.87 1.28
N PHE F 206 -76.56 -7.14 0.68
CA PHE F 206 -76.53 -5.69 0.78
C PHE F 206 -77.40 -5.07 -0.32
N ASN F 207 -77.98 -3.92 0.00
CA ASN F 207 -78.67 -3.08 -0.95
C ASN F 207 -78.00 -1.71 -0.93
N LYS F 208 -78.25 -0.93 -1.99
CA LYS F 208 -77.61 0.38 -2.10
C LYS F 208 -77.86 1.20 -0.83
N GLY F 209 -76.83 1.92 -0.40
CA GLY F 209 -76.89 2.68 0.83
C GLY F 209 -77.63 3.99 0.69
N PRO F 210 -78.01 4.58 1.82
CA PRO F 210 -78.81 5.82 1.74
C PRO F 210 -78.10 6.99 1.06
N TRP F 211 -76.78 7.10 1.13
CA TRP F 211 -76.12 8.25 0.54
C TRP F 211 -74.80 7.88 -0.13
N LYS F 212 -74.30 8.84 -0.91
CA LYS F 212 -73.18 8.63 -1.82
C LYS F 212 -71.86 8.49 -1.06
N GLN F 213 -70.91 7.80 -1.69
CA GLN F 213 -69.57 7.77 -1.15
C GLN F 213 -68.99 9.18 -1.09
N GLU F 214 -67.93 9.33 -0.31
CA GLU F 214 -67.16 10.58 -0.26
C GLU F 214 -65.68 10.23 -0.09
N ASN F 215 -64.83 10.89 -0.87
CA ASN F 215 -63.38 10.79 -0.67
C ASN F 215 -63.00 11.47 0.63
N VAL F 216 -62.24 10.77 1.47
CA VAL F 216 -61.96 11.22 2.83
C VAL F 216 -60.45 11.29 3.04
N GLU F 217 -60.06 11.73 4.24
CA GLU F 217 -58.65 11.94 4.55
C GLU F 217 -57.87 10.63 4.43
N ALA F 218 -56.60 10.75 4.06
CA ALA F 218 -55.79 9.58 3.79
C ALA F 218 -55.62 8.70 5.03
N GLU F 219 -55.63 9.31 6.21
CA GLU F 219 -55.49 8.58 7.46
C GLU F 219 -56.78 8.64 8.29
N ALA F 220 -57.93 8.59 7.62
CA ALA F 220 -59.20 8.47 8.32
C ALA F 220 -59.20 7.21 9.18
N SER F 221 -59.40 7.38 10.49
CA SER F 221 -59.17 6.30 11.44
C SER F 221 -60.44 5.71 12.02
N MET F 222 -61.41 6.53 12.39
CA MET F 222 -62.55 6.07 13.17
C MET F 222 -63.86 6.62 12.63
N VAL F 223 -64.94 5.89 12.89
CA VAL F 223 -66.29 6.27 12.49
C VAL F 223 -67.12 6.44 13.75
N ILE F 224 -67.88 7.54 13.83
CA ILE F 224 -68.77 7.81 14.94
C ILE F 224 -70.19 7.89 14.41
N ALA F 225 -71.04 6.95 14.84
CA ALA F 225 -72.47 7.08 14.61
C ALA F 225 -73.01 8.26 15.40
N VAL F 226 -73.87 9.05 14.78
CA VAL F 226 -74.49 10.21 15.39
C VAL F 226 -75.97 9.94 15.61
N PRO F 227 -76.51 10.21 16.79
CA PRO F 227 -77.90 9.82 17.08
C PRO F 227 -78.92 10.56 16.22
N GLU F 228 -80.17 10.12 16.35
CA GLU F 228 -81.23 10.56 15.44
C GLU F 228 -81.38 12.07 15.32
N PRO F 229 -81.28 12.86 16.40
CA PRO F 229 -81.45 14.31 16.21
C PRO F 229 -80.60 14.90 15.09
N PHE F 230 -79.31 14.60 15.09
CA PHE F 230 -78.45 15.02 13.99
C PHE F 230 -78.42 13.97 12.88
N GLY F 231 -78.16 12.72 13.25
CA GLY F 231 -78.01 11.66 12.27
C GLY F 231 -76.65 11.71 11.60
N GLY F 232 -76.44 10.78 10.68
CA GLY F 232 -75.20 10.73 9.93
C GLY F 232 -74.07 10.18 10.78
N ALA F 233 -72.84 10.51 10.37
CA ALA F 233 -71.65 9.97 11.00
C ALA F 233 -70.52 10.97 10.90
N ILE F 234 -69.65 10.95 11.92
CA ILE F 234 -68.44 11.77 11.98
C ILE F 234 -67.25 10.85 11.75
N ILE F 235 -66.28 11.31 10.97
CA ILE F 235 -65.07 10.57 10.66
C ILE F 235 -63.87 11.32 11.21
N ILE F 236 -63.09 10.66 12.06
CA ILE F 236 -61.95 11.27 12.74
C ILE F 236 -60.68 10.78 12.06
N GLY F 237 -59.84 11.72 11.61
CA GLY F 237 -58.56 11.37 11.03
C GLY F 237 -57.39 11.98 11.78
N GLN F 238 -56.26 12.17 11.09
CA GLN F 238 -55.08 12.75 11.72
C GLN F 238 -55.13 14.28 11.69
N GLU F 239 -55.63 14.85 10.60
CA GLU F 239 -55.64 16.30 10.44
C GLU F 239 -57.02 16.95 10.44
N SER F 240 -58.07 16.20 10.10
CA SER F 240 -59.38 16.80 9.94
C SER F 240 -60.49 15.87 10.39
N ILE F 241 -61.61 16.47 10.80
CA ILE F 241 -62.80 15.77 11.26
C ILE F 241 -63.95 16.17 10.34
N THR F 242 -64.62 15.18 9.75
CA THR F 242 -65.69 15.43 8.79
C THR F 242 -66.99 14.79 9.25
N TYR F 243 -68.09 15.50 9.03
CA TYR F 243 -69.43 14.98 9.27
C TYR F 243 -70.13 14.71 7.95
N HIS F 244 -70.79 13.56 7.84
CA HIS F 244 -71.45 13.14 6.62
C HIS F 244 -72.89 12.75 6.91
N ASN F 245 -73.81 13.23 6.07
CA ASN F 245 -75.19 12.71 6.08
C ASN F 245 -75.85 13.18 4.78
N GLY F 246 -75.78 12.32 3.77
CA GLY F 246 -76.44 12.61 2.49
C GLY F 246 -75.78 13.79 1.80
N ASP F 247 -76.56 14.86 1.61
CA ASP F 247 -76.05 16.07 0.97
C ASP F 247 -75.27 16.94 1.92
N LYS F 248 -75.43 16.76 3.22
CA LYS F 248 -74.73 17.57 4.21
C LYS F 248 -73.29 17.09 4.38
N TYR F 249 -72.36 18.03 4.43
CA TYR F 249 -70.94 17.71 4.57
C TYR F 249 -70.26 18.85 5.31
N LEU F 250 -69.65 18.55 6.45
CA LEU F 250 -68.87 19.51 7.20
C LEU F 250 -67.43 19.01 7.32
N ALA F 251 -66.51 19.94 7.54
CA ALA F 251 -65.10 19.58 7.67
C ALA F 251 -64.38 20.68 8.45
N ILE F 252 -63.89 20.32 9.64
CA ILE F 252 -63.06 21.22 10.45
C ILE F 252 -61.70 20.55 10.64
N ALA F 253 -60.64 21.33 10.51
CA ALA F 253 -59.27 20.83 10.57
C ALA F 253 -58.44 21.70 11.52
N PRO F 254 -58.60 21.51 12.82
CA PRO F 254 -57.84 22.32 13.79
C PRO F 254 -56.39 21.87 13.89
N PRO F 255 -55.47 22.79 14.22
CA PRO F 255 -54.06 22.38 14.36
C PRO F 255 -53.80 21.44 15.51
N ILE F 256 -54.51 21.62 16.63
CA ILE F 256 -54.22 20.83 17.83
C ILE F 256 -54.37 19.34 17.55
N ILE F 257 -55.42 18.95 16.80
CA ILE F 257 -55.59 17.53 16.55
C ILE F 257 -54.48 17.01 15.63
N LYS F 258 -53.94 17.86 14.76
CA LYS F 258 -52.87 17.43 13.86
C LYS F 258 -51.63 16.99 14.63
N GLN F 259 -51.40 17.60 15.81
CA GLN F 259 -50.16 17.35 16.54
C GLN F 259 -50.06 15.89 17.00
N SER F 260 -51.17 15.29 17.42
CA SER F 260 -51.15 13.95 17.97
C SER F 260 -52.32 13.13 17.42
N THR F 261 -52.06 11.85 17.19
CA THR F 261 -53.06 10.94 16.66
C THR F 261 -54.16 10.68 17.69
N ILE F 262 -55.41 10.98 17.34
CA ILE F 262 -56.54 10.67 18.20
C ILE F 262 -56.84 9.18 18.08
N VAL F 263 -56.91 8.50 19.22
CA VAL F 263 -57.08 7.05 19.23
C VAL F 263 -58.38 6.60 19.88
N CYS F 264 -59.10 7.47 20.60
CA CYS F 264 -60.33 7.04 21.27
C CYS F 264 -61.39 8.13 21.18
N HIS F 265 -62.64 7.70 21.34
CA HIS F 265 -63.78 8.60 21.23
C HIS F 265 -64.94 8.04 22.05
N ASN F 266 -65.76 8.95 22.57
CA ASN F 266 -66.95 8.55 23.33
C ASN F 266 -67.98 9.66 23.29
N ARG F 267 -69.26 9.24 23.34
CA ARG F 267 -70.39 10.15 23.30
C ARG F 267 -70.76 10.57 24.70
N VAL F 268 -70.96 11.88 24.90
CA VAL F 268 -71.31 12.42 26.21
C VAL F 268 -72.82 12.62 26.26
N ASP F 269 -73.35 13.50 25.42
CA ASP F 269 -74.77 13.81 25.42
C ASP F 269 -75.52 12.84 24.53
N PRO F 270 -76.54 12.14 25.03
CA PRO F 270 -77.29 11.23 24.16
C PRO F 270 -77.84 11.89 22.90
N ASN F 271 -78.21 13.17 22.94
CA ASN F 271 -78.65 13.82 21.71
C ASN F 271 -77.57 13.81 20.65
N GLY F 272 -76.31 13.87 21.06
CA GLY F 272 -75.19 13.86 20.16
C GLY F 272 -74.45 15.17 20.03
N SER F 273 -74.70 16.12 20.91
CA SER F 273 -74.10 17.44 20.79
C SER F 273 -72.63 17.46 21.20
N ARG F 274 -72.20 16.55 22.07
CA ARG F 274 -70.84 16.58 22.60
C ARG F 274 -70.23 15.19 22.68
N TYR F 275 -68.99 15.09 22.19
CA TYR F 275 -68.17 13.90 22.32
C TYR F 275 -66.81 14.30 22.91
N LEU F 276 -66.09 13.33 23.46
CA LEU F 276 -64.74 13.56 23.99
C LEU F 276 -63.74 12.67 23.27
N LEU F 277 -62.60 13.25 22.92
CA LEU F 277 -61.57 12.60 22.13
C LEU F 277 -60.22 12.71 22.84
N GLY F 278 -59.49 11.61 22.88
CA GLY F 278 -58.16 11.60 23.49
C GLY F 278 -57.12 11.06 22.55
N ASP F 279 -55.93 11.63 22.62
CA ASP F 279 -54.84 11.32 21.69
C ASP F 279 -53.67 10.66 22.42
N MET F 280 -52.60 10.39 21.65
CA MET F 280 -51.44 9.67 22.18
C MET F 280 -50.65 10.49 23.19
N GLU F 281 -50.74 11.81 23.16
CA GLU F 281 -50.09 12.64 24.17
C GLU F 281 -50.95 12.80 25.43
N GLY F 282 -52.08 12.09 25.50
CA GLY F 282 -52.97 12.19 26.63
C GLY F 282 -53.90 13.39 26.62
N ARG F 283 -53.71 14.32 25.68
CA ARG F 283 -54.57 15.49 25.63
C ARG F 283 -56.01 15.09 25.37
N LEU F 284 -56.91 15.60 26.21
CA LEU F 284 -58.34 15.34 26.11
C LEU F 284 -59.03 16.50 25.41
N PHE F 285 -59.80 16.20 24.38
CA PHE F 285 -60.50 17.21 23.58
C PHE F 285 -62.00 16.98 23.66
N MET F 286 -62.75 18.05 23.43
CA MET F 286 -64.22 18.01 23.40
C MET F 286 -64.69 18.33 21.99
N LEU F 287 -65.51 17.45 21.43
CA LEU F 287 -66.09 17.64 20.11
C LEU F 287 -67.51 18.20 20.28
N LEU F 288 -67.77 19.35 19.69
CA LEU F 288 -69.04 20.05 19.84
C LEU F 288 -69.75 20.13 18.49
N LEU F 289 -71.01 19.71 18.46
CA LEU F 289 -71.84 19.79 17.27
C LEU F 289 -72.76 21.01 17.42
N GLU F 290 -72.52 22.03 16.61
CA GLU F 290 -73.25 23.30 16.71
C GLU F 290 -74.45 23.27 15.76
N LYS F 291 -75.65 23.36 16.34
CA LYS F 291 -76.90 23.17 15.64
C LYS F 291 -77.69 24.47 15.64
N GLU F 292 -78.16 24.88 14.46
CA GLU F 292 -79.15 25.94 14.34
C GLU F 292 -80.53 25.29 14.33
N GLU F 293 -81.24 25.38 15.46
CA GLU F 293 -82.53 24.71 15.59
C GLU F 293 -83.58 25.52 14.82
N GLN F 294 -84.17 24.91 13.80
CA GLN F 294 -85.21 25.58 13.06
C GLN F 294 -86.56 25.41 13.78
N MET F 295 -87.54 26.20 13.35
CA MET F 295 -88.73 26.43 14.18
C MET F 295 -89.56 25.16 14.31
N ASP F 296 -89.75 24.42 13.22
CA ASP F 296 -90.54 23.20 13.27
C ASP F 296 -89.91 22.16 14.17
N GLY F 297 -88.60 21.94 14.04
CA GLY F 297 -87.94 20.84 14.69
C GLY F 297 -86.96 20.06 13.82
N THR F 298 -86.85 20.38 12.52
CA THR F 298 -85.76 19.81 11.73
C THR F 298 -84.44 20.33 12.29
N VAL F 299 -83.46 19.45 12.40
CA VAL F 299 -82.15 19.82 12.94
C VAL F 299 -81.13 19.75 11.82
N THR F 300 -80.58 20.91 11.47
CA THR F 300 -79.51 21.05 10.49
C THR F 300 -78.24 21.44 11.24
N LEU F 301 -77.22 20.60 11.16
CA LEU F 301 -75.95 20.91 11.78
C LEU F 301 -75.30 22.11 11.11
N LYS F 302 -74.80 23.04 11.92
CA LYS F 302 -74.21 24.28 11.41
C LYS F 302 -72.69 24.20 11.28
N ASP F 303 -71.99 23.86 12.35
CA ASP F 303 -70.53 23.75 12.34
C ASP F 303 -70.09 22.91 13.53
N LEU F 304 -68.82 22.52 13.50
CA LEU F 304 -68.22 21.69 14.54
C LEU F 304 -67.09 22.44 15.23
N ARG F 305 -66.83 22.10 16.49
CA ARG F 305 -65.80 22.77 17.27
C ARG F 305 -65.07 21.75 18.12
N VAL F 306 -63.76 21.93 18.26
CA VAL F 306 -62.91 21.07 19.07
C VAL F 306 -62.15 21.94 20.06
N GLU F 307 -62.21 21.59 21.34
CA GLU F 307 -61.56 22.38 22.38
C GLU F 307 -60.81 21.48 23.35
N LEU F 308 -59.59 21.89 23.68
CA LEU F 308 -58.76 21.13 24.61
C LEU F 308 -59.29 21.27 26.02
N LEU F 309 -59.48 20.13 26.69
CA LEU F 309 -59.90 20.11 28.08
C LEU F 309 -58.76 19.97 29.07
N GLY F 310 -57.71 19.24 28.71
CA GLY F 310 -56.58 19.00 29.60
C GLY F 310 -55.82 17.77 29.15
N GLU F 311 -55.24 17.07 30.12
CA GLU F 311 -54.43 15.88 29.85
C GLU F 311 -54.81 14.77 30.82
N THR F 312 -55.00 13.57 30.28
CA THR F 312 -55.26 12.38 31.05
C THR F 312 -54.14 11.37 30.81
N SER F 313 -54.23 10.21 31.45
CA SER F 313 -53.36 9.11 31.08
C SER F 313 -53.68 8.68 29.65
N ILE F 314 -52.64 8.36 28.87
CA ILE F 314 -52.82 7.97 27.48
C ILE F 314 -53.89 6.88 27.44
N ALA F 315 -54.99 7.14 26.75
CA ALA F 315 -56.22 6.39 26.92
C ALA F 315 -56.49 5.51 25.70
N GLU F 316 -56.67 4.21 25.94
CA GLU F 316 -57.13 3.31 24.89
C GLU F 316 -58.63 3.43 24.68
N CYS F 317 -59.38 3.62 25.76
CA CYS F 317 -60.83 3.76 25.71
C CYS F 317 -61.25 4.88 26.66
N LEU F 318 -62.33 5.58 26.28
CA LEU F 318 -62.91 6.64 27.10
C LEU F 318 -64.39 6.36 27.30
N THR F 319 -64.89 6.64 28.50
CA THR F 319 -66.32 6.47 28.79
C THR F 319 -66.75 7.57 29.76
N TYR F 320 -67.87 8.21 29.44
CA TYR F 320 -68.43 9.30 30.22
C TYR F 320 -69.47 8.76 31.19
N LEU F 321 -69.33 9.13 32.46
CA LEU F 321 -70.27 8.74 33.51
C LEU F 321 -71.13 9.94 33.90
N ASP F 322 -72.06 9.71 34.83
CA ASP F 322 -72.94 10.78 35.27
C ASP F 322 -72.17 11.81 36.08
N ASN F 323 -72.66 13.06 36.03
CA ASN F 323 -72.15 14.14 36.88
C ASN F 323 -70.70 14.50 36.52
N GLY F 324 -70.46 14.74 35.24
CA GLY F 324 -69.18 15.26 34.79
C GLY F 324 -67.98 14.38 35.10
N VAL F 325 -68.21 13.13 35.46
CA VAL F 325 -67.14 12.18 35.75
C VAL F 325 -66.89 11.32 34.53
N VAL F 326 -65.62 11.06 34.24
CA VAL F 326 -65.19 10.29 33.07
C VAL F 326 -64.15 9.28 33.52
N PHE F 327 -64.31 8.03 33.08
CA PHE F 327 -63.33 6.98 33.35
C PHE F 327 -62.38 6.88 32.17
N VAL F 328 -61.09 6.90 32.46
CA VAL F 328 -60.04 6.84 31.45
C VAL F 328 -59.38 5.48 31.56
N GLY F 329 -59.57 4.64 30.57
CA GLY F 329 -58.97 3.33 30.52
C GLY F 329 -57.72 3.36 29.66
N SER F 330 -56.58 2.99 30.29
CA SER F 330 -55.28 3.10 29.63
C SER F 330 -54.57 1.76 29.71
N ARG F 331 -54.26 1.20 28.54
CA ARG F 331 -53.39 0.04 28.46
C ARG F 331 -51.94 0.41 28.68
N LEU F 332 -51.57 1.65 28.37
CA LEU F 332 -50.18 2.08 28.54
C LEU F 332 -49.90 2.51 29.97
N GLY F 333 -50.85 3.16 30.63
CA GLY F 333 -50.61 3.65 31.98
C GLY F 333 -51.77 3.47 32.95
N ASP F 334 -51.66 4.10 34.12
CA ASP F 334 -52.69 3.96 35.15
C ASP F 334 -54.03 4.49 34.65
N SER F 335 -55.07 3.66 34.78
CA SER F 335 -56.42 4.10 34.52
C SER F 335 -56.90 5.01 35.65
N GLN F 336 -57.93 5.80 35.37
CA GLN F 336 -58.33 6.83 36.32
C GLN F 336 -59.79 7.20 36.13
N LEU F 337 -60.37 7.74 37.21
CA LEU F 337 -61.57 8.55 37.14
C LEU F 337 -61.15 10.02 37.20
N VAL F 338 -61.70 10.84 36.32
CA VAL F 338 -61.35 12.25 36.27
C VAL F 338 -62.61 13.09 36.35
N LYS F 339 -62.47 14.30 36.89
CA LYS F 339 -63.57 15.26 37.00
C LYS F 339 -63.42 16.29 35.89
N LEU F 340 -64.45 16.42 35.07
CA LEU F 340 -64.50 17.45 34.04
C LEU F 340 -65.20 18.67 34.62
N ASN F 341 -64.48 19.79 34.70
CA ASN F 341 -64.98 20.99 35.33
C ASN F 341 -65.33 22.05 34.29
N VAL F 342 -66.38 22.82 34.59
CA VAL F 342 -66.67 24.01 33.79
C VAL F 342 -65.60 25.06 34.01
N ASP F 343 -64.97 25.06 35.19
CA ASP F 343 -63.98 26.04 35.57
C ASP F 343 -62.58 25.47 35.34
N SER F 344 -61.73 26.26 34.69
CA SER F 344 -60.33 25.87 34.52
C SER F 344 -59.57 26.05 35.83
N ASN F 345 -58.51 25.26 36.00
CA ASN F 345 -57.70 25.34 37.21
C ASN F 345 -56.63 26.42 37.03
N GLU F 346 -55.60 26.41 37.88
CA GLU F 346 -54.56 27.42 37.81
C GLU F 346 -53.68 27.26 36.59
N GLN F 347 -53.69 26.10 35.95
CA GLN F 347 -52.87 25.84 34.77
C GLN F 347 -53.64 25.96 33.47
N GLY F 348 -54.94 26.29 33.53
CA GLY F 348 -55.76 26.34 32.35
C GLY F 348 -56.45 25.03 32.00
N SER F 349 -56.29 24.00 32.82
CA SER F 349 -56.88 22.70 32.54
C SER F 349 -58.25 22.58 33.20
N TYR F 350 -59.17 21.96 32.48
CA TYR F 350 -60.52 21.69 32.98
C TYR F 350 -60.65 20.29 33.57
N VAL F 351 -59.55 19.54 33.63
CA VAL F 351 -59.57 18.15 34.07
C VAL F 351 -58.87 18.06 35.43
N VAL F 352 -59.43 17.26 36.32
CA VAL F 352 -58.87 17.04 37.64
C VAL F 352 -59.04 15.57 38.00
N ALA F 353 -57.96 14.93 38.45
CA ALA F 353 -57.99 13.51 38.74
C ALA F 353 -58.71 13.24 40.05
N MET F 354 -59.62 12.26 40.04
CA MET F 354 -60.31 11.83 41.25
C MET F 354 -59.60 10.63 41.85
N GLU F 355 -59.62 9.51 41.13
CA GLU F 355 -59.02 8.26 41.60
C GLU F 355 -57.98 7.78 40.58
N THR F 356 -57.05 6.97 41.08
CA THR F 356 -55.98 6.40 40.25
C THR F 356 -55.99 4.89 40.44
N PHE F 357 -56.22 4.17 39.35
CA PHE F 357 -56.27 2.72 39.35
C PHE F 357 -54.94 2.18 38.83
N THR F 358 -54.21 1.47 39.68
CA THR F 358 -52.88 0.99 39.32
C THR F 358 -52.96 0.12 38.08
N ASN F 359 -52.13 0.44 37.08
CA ASN F 359 -51.98 -0.38 35.89
C ASN F 359 -50.50 -0.69 35.72
N LEU F 360 -50.14 -1.96 35.92
CA LEU F 360 -48.76 -2.37 35.65
C LEU F 360 -48.39 -2.25 34.18
N GLY F 361 -49.32 -1.78 33.34
CA GLY F 361 -49.04 -1.49 31.95
C GLY F 361 -48.22 -2.56 31.28
N PRO F 362 -47.66 -2.25 30.12
CA PRO F 362 -46.76 -3.21 29.47
C PRO F 362 -45.52 -3.42 30.33
N ILE F 363 -45.31 -4.66 30.75
CA ILE F 363 -44.13 -5.02 31.54
C ILE F 363 -43.06 -5.43 30.54
N VAL F 364 -42.18 -4.49 30.21
CA VAL F 364 -41.18 -4.75 29.18
C VAL F 364 -40.00 -5.54 29.73
N ASP F 365 -39.68 -5.37 31.01
CA ASP F 365 -38.61 -6.11 31.65
C ASP F 365 -38.85 -6.09 33.15
N MET F 366 -38.13 -6.95 33.87
CA MET F 366 -38.24 -6.97 35.33
C MET F 366 -37.11 -7.84 35.89
N CYS F 367 -36.80 -7.59 37.17
CA CYS F 367 -35.81 -8.36 37.90
C CYS F 367 -36.27 -8.51 39.35
N VAL F 368 -35.81 -9.58 39.99
CA VAL F 368 -36.15 -9.86 41.39
C VAL F 368 -34.93 -9.57 42.25
N VAL F 369 -35.15 -8.92 43.39
CA VAL F 369 -34.06 -8.46 44.25
C VAL F 369 -34.52 -8.57 45.70
N ASP F 370 -33.64 -9.11 46.55
CA ASP F 370 -33.87 -9.18 47.99
C ASP F 370 -33.20 -7.96 48.61
N LEU F 371 -33.95 -6.86 48.68
CA LEU F 371 -33.36 -5.59 49.10
C LEU F 371 -32.89 -5.63 50.55
N GLU F 372 -33.72 -6.15 51.44
CA GLU F 372 -33.41 -6.20 52.86
C GLU F 372 -32.94 -7.58 53.32
N ARG F 373 -32.54 -8.44 52.38
CA ARG F 373 -32.21 -9.83 52.68
C ARG F 373 -33.37 -10.48 53.46
N GLN F 374 -34.59 -10.16 53.04
CA GLN F 374 -35.77 -10.69 53.71
C GLN F 374 -35.86 -12.20 53.59
N GLY F 375 -35.32 -12.77 52.51
CA GLY F 375 -35.58 -14.13 52.15
C GLY F 375 -36.84 -14.33 51.35
N GLN F 376 -37.52 -13.24 50.98
CA GLN F 376 -38.71 -13.27 50.14
C GLN F 376 -38.41 -12.74 48.74
N GLY F 377 -37.97 -11.49 48.65
CA GLY F 377 -37.69 -10.88 47.37
C GLY F 377 -38.82 -9.96 46.91
N GLN F 378 -38.47 -9.02 46.05
CA GLN F 378 -39.40 -8.02 45.55
C GLN F 378 -39.24 -7.90 44.05
N LEU F 379 -40.35 -7.68 43.35
CA LEU F 379 -40.36 -7.59 41.89
C LEU F 379 -40.31 -6.13 41.47
N VAL F 380 -39.23 -5.74 40.78
CA VAL F 380 -39.06 -4.40 40.24
C VAL F 380 -39.25 -4.49 38.73
N THR F 381 -40.27 -3.81 38.21
CA THR F 381 -40.64 -3.89 36.81
C THR F 381 -40.40 -2.57 36.10
N CYS F 382 -40.25 -2.67 34.76
CA CYS F 382 -40.22 -1.52 33.87
C CYS F 382 -41.58 -1.45 33.19
N SER F 383 -42.48 -0.63 33.70
CA SER F 383 -43.88 -0.68 33.32
C SER F 383 -44.34 0.63 32.70
N GLY F 384 -45.17 0.51 31.66
CA GLY F 384 -45.70 1.68 30.99
C GLY F 384 -44.87 2.10 29.80
N ALA F 385 -45.37 3.13 29.10
CA ALA F 385 -44.65 3.69 27.97
C ALA F 385 -45.00 5.16 27.82
N PHE F 386 -44.06 5.91 27.24
CA PHE F 386 -44.20 7.35 26.96
C PHE F 386 -44.46 8.07 28.28
N LYS F 387 -45.42 9.00 28.32
CA LYS F 387 -45.69 9.77 29.53
C LYS F 387 -45.96 8.87 30.72
N GLU F 388 -46.65 7.77 30.48
CA GLU F 388 -47.05 6.85 31.54
C GLU F 388 -45.92 5.93 31.99
N GLY F 389 -44.72 6.08 31.44
CA GLY F 389 -43.62 5.22 31.83
C GLY F 389 -43.37 5.28 33.34
N SER F 390 -43.15 4.12 33.93
CA SER F 390 -43.01 4.03 35.38
C SER F 390 -42.20 2.79 35.75
N LEU F 391 -41.87 2.70 37.03
CA LEU F 391 -41.24 1.53 37.64
C LEU F 391 -42.13 1.08 38.77
N ARG F 392 -42.26 -0.22 38.97
CA ARG F 392 -43.20 -0.76 39.95
C ARG F 392 -42.48 -1.73 40.87
N ILE F 393 -42.47 -1.42 42.16
CA ILE F 393 -41.93 -2.31 43.19
C ILE F 393 -43.09 -3.12 43.75
N ILE F 394 -42.96 -4.44 43.75
CA ILE F 394 -44.05 -5.34 44.09
C ILE F 394 -43.55 -6.34 45.13
N ARG F 395 -44.33 -6.52 46.19
CA ARG F 395 -44.01 -7.48 47.24
C ARG F 395 -45.30 -7.95 47.90
N ASN F 396 -45.29 -9.19 48.38
CA ASN F 396 -46.46 -9.74 49.04
C ASN F 396 -46.69 -9.04 50.38
N GLY F 397 -47.96 -8.97 50.77
CA GLY F 397 -48.34 -8.38 52.04
C GLY F 397 -48.46 -9.41 53.14
N ILE F 398 -47.52 -9.39 54.08
CA ILE F 398 -47.44 -10.39 55.13
C ILE F 398 -47.82 -9.77 56.47
N LYS F 409 -52.94 -9.72 49.53
CA LYS F 409 -52.81 -8.85 48.38
C LYS F 409 -51.39 -8.34 48.22
N LEU F 410 -51.08 -7.75 47.07
CA LEU F 410 -49.75 -7.25 46.76
C LEU F 410 -49.67 -5.76 47.05
N HIS F 411 -48.59 -5.34 47.71
CA HIS F 411 -48.29 -3.93 47.91
C HIS F 411 -47.42 -3.46 46.74
N ILE F 412 -47.91 -2.48 45.99
CA ILE F 412 -47.29 -2.04 44.75
C ILE F 412 -47.03 -0.54 44.86
N ARG F 413 -45.78 -0.14 44.66
CA ARG F 413 -45.37 1.26 44.76
C ARG F 413 -44.88 1.74 43.40
N THR F 414 -45.43 2.88 42.96
CA THR F 414 -45.12 3.46 41.66
C THR F 414 -44.00 4.47 41.77
N VAL F 415 -43.08 4.43 40.81
CA VAL F 415 -41.96 5.37 40.71
C VAL F 415 -41.99 6.01 39.33
N PRO F 416 -42.89 6.94 39.05
CA PRO F 416 -43.04 7.45 37.68
C PRO F 416 -41.74 8.01 37.12
N LEU F 417 -41.40 7.57 35.90
CA LEU F 417 -40.25 8.09 35.17
C LEU F 417 -40.61 9.15 34.16
N TYR F 418 -41.86 9.18 33.68
CA TYR F 418 -42.30 10.13 32.67
C TYR F 418 -41.58 9.92 31.34
N GLU F 419 -40.95 8.76 31.16
CA GLU F 419 -40.37 8.37 29.89
C GLU F 419 -40.42 6.84 29.80
N SER F 420 -40.26 6.33 28.60
CA SER F 420 -40.45 4.90 28.37
C SER F 420 -39.33 4.07 28.99
N PRO F 421 -39.62 3.16 29.90
CA PRO F 421 -38.59 2.21 30.37
C PRO F 421 -38.48 1.02 29.45
N ARG F 422 -37.26 0.47 29.38
CA ARG F 422 -37.02 -0.63 28.46
C ARG F 422 -36.42 -1.87 29.13
N LYS F 423 -35.42 -1.69 29.99
CA LYS F 423 -34.76 -2.80 30.67
C LYS F 423 -34.46 -2.39 32.11
N ILE F 424 -34.02 -3.36 32.91
CA ILE F 424 -33.60 -3.07 34.29
C ILE F 424 -32.63 -4.14 34.75
N CYS F 425 -31.67 -3.72 35.58
CA CYS F 425 -30.70 -4.63 36.19
C CYS F 425 -30.28 -4.00 37.50
N TYR F 426 -29.89 -4.84 38.46
CA TYR F 426 -29.58 -4.38 39.80
C TYR F 426 -28.12 -4.66 40.14
N GLN F 427 -27.43 -3.63 40.63
CA GLN F 427 -26.04 -3.72 41.06
C GLN F 427 -26.00 -3.52 42.56
N GLU F 428 -25.66 -4.58 43.30
CA GLU F 428 -25.63 -4.48 44.76
C GLU F 428 -24.47 -3.62 45.23
N VAL F 429 -23.33 -3.69 44.54
CA VAL F 429 -22.14 -2.97 44.99
C VAL F 429 -22.42 -1.48 45.08
N SER F 430 -23.06 -0.93 44.04
CA SER F 430 -23.47 0.47 44.04
C SER F 430 -24.84 0.68 44.66
N GLN F 431 -25.52 -0.38 45.08
CA GLN F 431 -26.84 -0.29 45.70
C GLN F 431 -27.79 0.57 44.86
N CYS F 432 -27.77 0.36 43.55
CA CYS F 432 -28.61 1.10 42.62
C CYS F 432 -29.13 0.16 41.55
N PHE F 433 -30.28 0.53 40.98
CA PHE F 433 -30.86 -0.19 39.84
C PHE F 433 -30.51 0.55 38.56
N GLY F 434 -29.91 -0.16 37.61
CA GLY F 434 -29.71 0.40 36.28
C GLY F 434 -30.95 0.18 35.42
N VAL F 435 -31.42 1.24 34.78
CA VAL F 435 -32.62 1.20 33.94
C VAL F 435 -32.29 1.85 32.60
N LEU F 436 -32.65 1.16 31.51
CA LEU F 436 -32.55 1.72 30.17
C LEU F 436 -33.87 2.37 29.79
N SER F 437 -33.80 3.55 29.18
CA SER F 437 -35.02 4.31 28.88
C SER F 437 -34.83 5.12 27.61
N SER F 438 -35.97 5.51 27.03
CA SER F 438 -35.99 6.31 25.80
C SER F 438 -37.12 7.33 25.88
N ARG F 439 -36.83 8.55 25.44
CA ARG F 439 -37.80 9.63 25.42
C ARG F 439 -37.96 10.13 24.00
N ILE F 440 -39.16 10.59 23.67
CA ILE F 440 -39.44 11.08 22.32
C ILE F 440 -39.24 12.59 22.28
N GLU F 441 -38.30 13.03 21.46
CA GLU F 441 -38.11 14.44 21.13
C GLU F 441 -38.50 14.67 19.67
N VAL F 442 -38.72 15.93 19.31
CA VAL F 442 -39.23 16.28 17.99
C VAL F 442 -38.27 17.26 17.34
N GLN F 443 -38.05 17.09 16.04
CA GLN F 443 -37.23 18.01 15.27
C GLN F 443 -37.86 19.40 15.29
N ASP F 444 -37.09 20.39 15.73
CA ASP F 444 -37.58 21.75 15.88
C ASP F 444 -36.88 22.67 14.88
N THR F 445 -37.30 23.94 14.90
CA THR F 445 -36.84 24.89 13.90
C THR F 445 -35.37 25.24 14.05
N SER F 446 -34.76 24.95 15.20
CA SER F 446 -33.35 25.26 15.38
C SER F 446 -32.44 24.27 14.68
N GLY F 447 -32.99 23.25 14.04
CA GLY F 447 -32.22 22.15 13.51
C GLY F 447 -32.03 21.03 14.50
N GLY F 448 -31.98 21.34 15.79
CA GLY F 448 -31.93 20.34 16.83
C GLY F 448 -33.28 19.76 17.13
N THR F 449 -33.44 19.27 18.36
CA THR F 449 -34.69 18.66 18.80
C THR F 449 -35.09 19.26 20.14
N THR F 450 -36.38 19.11 20.47
CA THR F 450 -36.94 19.65 21.71
C THR F 450 -37.81 18.59 22.37
N ALA F 451 -37.61 18.38 23.66
CA ALA F 451 -38.39 17.40 24.41
C ALA F 451 -39.78 17.96 24.69
N LEU F 452 -40.78 17.10 24.52
CA LEU F 452 -42.16 17.52 24.73
C LEU F 452 -42.48 17.78 26.20
N ARG F 453 -41.70 17.21 27.12
CA ARG F 453 -41.96 17.30 28.55
C ARG F 453 -40.70 16.93 29.29
N PRO F 454 -40.56 17.38 30.54
CA PRO F 454 -39.40 16.94 31.35
C PRO F 454 -39.48 15.44 31.64
N SER F 455 -38.31 14.80 31.68
CA SER F 455 -38.24 13.38 31.93
C SER F 455 -37.02 13.08 32.79
N ALA F 456 -36.99 11.87 33.33
CA ALA F 456 -35.91 11.46 34.24
C ALA F 456 -34.56 11.40 33.55
N SER F 457 -34.54 11.35 32.21
CA SER F 457 -33.27 11.45 31.49
C SER F 457 -32.71 12.87 31.51
N THR F 458 -33.51 13.84 31.95
CA THR F 458 -33.14 15.25 31.97
C THR F 458 -33.20 15.85 33.37
N GLN F 459 -34.04 15.34 34.24
CA GLN F 459 -34.19 15.81 35.61
C GLN F 459 -33.44 14.91 36.58
N ALA F 460 -32.17 14.67 36.29
CA ALA F 460 -31.30 13.84 37.10
C ALA F 460 -30.24 14.70 37.77
N LEU F 461 -29.90 14.34 39.02
CA LEU F 461 -28.96 15.14 39.78
C LEU F 461 -27.69 15.41 38.98
N SER F 462 -27.11 14.37 38.41
CA SER F 462 -25.97 14.46 37.51
C SER F 462 -26.33 13.82 36.18
N SER F 463 -25.63 14.24 35.13
CA SER F 463 -25.92 13.73 33.80
C SER F 463 -24.67 13.79 32.93
N SER F 464 -24.67 12.98 31.87
CA SER F 464 -23.55 12.90 30.95
C SER F 464 -24.08 12.47 29.59
N VAL F 465 -23.26 12.69 28.56
CA VAL F 465 -23.61 12.42 27.18
C VAL F 465 -22.45 11.71 26.51
N SER F 466 -22.74 10.65 25.76
CA SER F 466 -21.69 9.84 25.17
C SER F 466 -20.91 10.64 24.14
N SER F 467 -19.60 10.39 24.07
CA SER F 467 -18.68 11.15 23.24
C SER F 467 -18.05 10.30 22.14
N SER F 468 -18.59 9.11 21.89
CA SER F 468 -17.90 8.15 21.07
C SER F 468 -17.74 8.65 19.64
N LYS F 469 -16.49 8.72 19.18
CA LYS F 469 -16.19 8.91 17.77
C LYS F 469 -15.98 7.60 17.04
N LEU F 470 -16.35 6.48 17.66
CA LEU F 470 -16.16 5.17 17.05
C LEU F 470 -16.86 5.09 15.70
N PHE F 471 -18.14 5.48 15.67
CA PHE F 471 -18.84 5.57 14.40
C PHE F 471 -18.40 6.80 13.61
N SER F 472 -17.91 7.83 14.31
CA SER F 472 -17.30 9.01 13.70
C SER F 472 -18.33 9.63 12.74
N SER F 473 -17.89 10.09 11.57
CA SER F 473 -18.85 10.51 10.55
C SER F 473 -19.80 9.38 10.19
N SER F 474 -19.25 8.18 10.01
CA SER F 474 -20.02 7.04 9.50
C SER F 474 -20.50 7.30 8.08
N THR F 475 -20.12 8.46 7.53
CA THR F 475 -20.44 8.84 6.15
C THR F 475 -21.91 8.57 5.82
N ALA F 476 -22.79 8.99 6.71
CA ALA F 476 -24.23 8.78 6.53
C ALA F 476 -24.97 10.12 6.46
N PRO F 477 -25.60 10.45 5.32
CA PRO F 477 -26.39 11.69 5.27
C PRO F 477 -27.87 11.46 5.53
N HIS F 478 -28.43 12.08 6.56
CA HIS F 478 -29.83 11.90 6.93
C HIS F 478 -30.49 13.27 7.08
N GLU F 479 -31.61 13.44 6.37
CA GLU F 479 -32.30 14.72 6.31
C GLU F 479 -33.21 14.87 7.52
N THR F 480 -33.01 15.93 8.29
CA THR F 480 -33.80 16.19 9.50
C THR F 480 -34.96 17.09 9.11
N SER F 481 -36.16 16.54 9.05
CA SER F 481 -37.36 17.26 8.64
C SER F 481 -38.17 17.69 9.86
N PHE F 482 -38.58 18.96 9.86
CA PHE F 482 -39.28 19.51 11.02
C PHE F 482 -40.58 18.75 11.28
N GLY F 483 -40.80 18.40 12.54
CA GLY F 483 -41.99 17.68 12.95
C GLY F 483 -41.82 16.19 13.13
N GLU F 484 -40.68 15.64 12.70
CA GLU F 484 -40.41 14.22 12.87
C GLU F 484 -40.03 13.91 14.30
N GLU F 485 -40.47 12.76 14.80
CA GLU F 485 -40.12 12.31 16.14
C GLU F 485 -38.80 11.54 16.11
N VAL F 486 -38.08 11.58 17.23
CA VAL F 486 -36.88 10.79 17.41
C VAL F 486 -36.86 10.26 18.83
N GLU F 487 -36.17 9.14 19.02
CA GLU F 487 -35.98 8.56 20.34
C GLU F 487 -34.58 8.88 20.83
N VAL F 488 -34.47 9.26 22.11
CA VAL F 488 -33.20 9.50 22.76
C VAL F 488 -33.07 8.48 23.89
N HIS F 489 -32.05 7.64 23.83
CA HIS F 489 -31.88 6.55 24.78
C HIS F 489 -30.88 6.92 25.85
N ASN F 490 -31.14 6.46 27.07
CA ASN F 490 -30.31 6.80 28.21
C ASN F 490 -30.16 5.60 29.14
N LEU F 491 -29.13 5.64 29.97
CA LEU F 491 -28.94 4.70 31.07
C LEU F 491 -29.12 5.46 32.36
N LEU F 492 -30.15 5.09 33.13
CA LEU F 492 -30.50 5.77 34.37
C LEU F 492 -30.06 4.94 35.56
N ILE F 493 -29.33 5.58 36.47
CA ILE F 493 -28.98 4.97 37.75
C ILE F 493 -30.01 5.41 38.78
N ILE F 494 -30.72 4.45 39.35
CA ILE F 494 -31.83 4.69 40.26
C ILE F 494 -31.48 4.06 41.61
N ASP F 495 -31.71 4.78 42.69
CA ASP F 495 -31.34 4.28 44.01
C ASP F 495 -32.24 3.11 44.42
N GLN F 496 -31.71 2.26 45.30
CA GLN F 496 -32.48 1.11 45.77
C GLN F 496 -33.51 1.49 46.83
N HIS F 497 -33.37 2.66 47.47
CA HIS F 497 -34.33 3.15 48.45
C HIS F 497 -35.00 4.43 47.98
N THR F 498 -34.22 5.48 47.69
CA THR F 498 -34.80 6.74 47.26
C THR F 498 -35.43 6.65 45.88
N PHE F 499 -34.99 5.69 45.06
CA PHE F 499 -35.46 5.57 43.68
C PHE F 499 -35.42 6.93 42.99
N GLU F 500 -34.28 7.60 43.15
CA GLU F 500 -34.00 8.90 42.57
C GLU F 500 -32.98 8.73 41.46
N VAL F 501 -33.08 9.57 40.43
CA VAL F 501 -32.19 9.45 39.28
C VAL F 501 -30.84 10.07 39.62
N LEU F 502 -29.95 9.28 40.22
CA LEU F 502 -28.66 9.81 40.64
C LEU F 502 -27.84 10.26 39.44
N HIS F 503 -27.87 9.49 38.36
CA HIS F 503 -27.09 9.81 37.16
C HIS F 503 -27.89 9.39 35.94
N ALA F 504 -27.65 10.09 34.83
CA ALA F 504 -28.32 9.81 33.56
C ALA F 504 -27.31 10.00 32.43
N HIS F 505 -27.02 8.93 31.72
CA HIS F 505 -26.09 8.95 30.59
C HIS F 505 -26.88 8.83 29.30
N GLN F 506 -26.73 9.82 28.42
CA GLN F 506 -27.41 9.82 27.13
C GLN F 506 -26.52 9.21 26.06
N PHE F 507 -27.09 8.32 25.25
CA PHE F 507 -26.33 7.62 24.24
C PHE F 507 -26.24 8.46 22.95
N LEU F 508 -25.49 7.93 21.98
CA LEU F 508 -25.22 8.67 20.76
C LEU F 508 -26.50 8.97 19.99
N GLN F 509 -26.42 9.98 19.14
CA GLN F 509 -27.54 10.35 18.28
C GLN F 509 -27.95 9.16 17.41
N ASN F 510 -29.23 8.82 17.46
CA ASN F 510 -29.82 7.71 16.71
C ASN F 510 -29.38 6.35 17.23
N GLU F 511 -28.83 6.28 18.44
CA GLU F 511 -28.38 5.02 19.04
C GLU F 511 -29.47 4.50 19.97
N TYR F 512 -29.85 3.24 19.80
CA TYR F 512 -30.83 2.58 20.65
C TYR F 512 -30.12 1.66 21.64
N ALA F 513 -30.52 1.73 22.90
CA ALA F 513 -30.04 0.81 23.92
C ALA F 513 -31.00 -0.37 23.99
N LEU F 514 -30.46 -1.58 23.85
CA LEU F 514 -31.29 -2.77 23.76
C LEU F 514 -31.07 -3.78 24.86
N SER F 515 -29.89 -3.84 25.46
CA SER F 515 -29.56 -4.87 26.43
C SER F 515 -28.75 -4.27 27.56
N LEU F 516 -28.90 -4.87 28.75
CA LEU F 516 -28.25 -4.35 29.96
C LEU F 516 -27.95 -5.49 30.91
N VAL F 517 -26.76 -5.45 31.51
CA VAL F 517 -26.36 -6.42 32.52
C VAL F 517 -25.48 -5.72 33.55
N SER F 518 -25.46 -6.27 34.75
CA SER F 518 -24.56 -5.85 35.82
C SER F 518 -23.79 -7.09 36.26
N CYS F 519 -22.47 -7.03 36.20
CA CYS F 519 -21.67 -8.22 36.45
C CYS F 519 -20.20 -7.85 36.52
N LYS F 520 -19.43 -8.73 37.17
CA LYS F 520 -17.99 -8.71 37.09
C LYS F 520 -17.54 -9.60 35.94
N LEU F 521 -16.38 -9.26 35.35
CA LEU F 521 -15.85 -9.99 34.21
C LEU F 521 -14.39 -10.33 34.43
N GLY F 522 -13.99 -11.48 33.91
CA GLY F 522 -12.62 -11.94 34.07
C GLY F 522 -12.20 -11.93 35.53
N LYS F 523 -10.98 -11.47 35.77
CA LYS F 523 -10.47 -11.29 37.12
C LYS F 523 -10.58 -9.84 37.60
N ASP F 524 -11.38 -9.03 36.92
CA ASP F 524 -11.59 -7.64 37.31
C ASP F 524 -12.58 -7.60 38.47
N PRO F 525 -12.20 -7.05 39.63
CA PRO F 525 -13.14 -7.03 40.76
C PRO F 525 -14.21 -5.97 40.65
N ASN F 526 -14.04 -4.99 39.76
CA ASN F 526 -15.04 -3.93 39.62
C ASN F 526 -16.32 -4.46 39.02
N THR F 527 -17.45 -4.05 39.58
CA THR F 527 -18.77 -4.41 39.07
C THR F 527 -19.19 -3.34 38.06
N TYR F 528 -19.50 -3.78 36.84
CA TYR F 528 -19.78 -2.86 35.75
C TYR F 528 -21.23 -2.95 35.30
N PHE F 529 -21.75 -1.83 34.80
CA PHE F 529 -22.95 -1.81 33.98
C PHE F 529 -22.52 -1.88 32.52
N ILE F 530 -23.04 -2.86 31.78
CA ILE F 530 -22.68 -3.08 30.39
C ILE F 530 -23.93 -2.95 29.54
N VAL F 531 -23.82 -2.20 28.45
CA VAL F 531 -24.96 -1.89 27.59
C VAL F 531 -24.63 -2.28 26.16
N GLY F 532 -25.62 -2.85 25.47
CA GLY F 532 -25.50 -3.16 24.05
C GLY F 532 -26.47 -2.30 23.26
N THR F 533 -25.96 -1.66 22.22
CA THR F 533 -26.71 -0.67 21.46
C THR F 533 -26.79 -1.05 19.99
N ALA F 534 -27.53 -0.23 19.24
CA ALA F 534 -27.69 -0.41 17.81
C ALA F 534 -27.93 0.95 17.18
N MET F 535 -27.29 1.20 16.04
CA MET F 535 -27.48 2.43 15.28
C MET F 535 -28.70 2.24 14.39
N VAL F 536 -29.76 2.97 14.69
CA VAL F 536 -31.07 2.80 14.06
C VAL F 536 -31.28 3.95 13.08
N TYR F 537 -31.31 3.62 11.80
CA TYR F 537 -31.64 4.58 10.76
C TYR F 537 -32.84 4.06 9.97
N PRO F 538 -33.85 4.88 9.71
CA PRO F 538 -35.03 4.38 8.98
C PRO F 538 -34.71 3.75 7.65
N GLU F 539 -33.59 4.11 7.02
CA GLU F 539 -33.25 3.55 5.73
C GLU F 539 -32.83 2.09 5.84
N GLU F 540 -32.25 1.69 6.97
CA GLU F 540 -31.73 0.34 7.13
C GLU F 540 -32.83 -0.62 7.53
N ALA F 541 -32.91 -1.75 6.82
CA ALA F 541 -33.88 -2.77 7.17
C ALA F 541 -33.48 -3.52 8.43
N GLU F 542 -32.18 -3.59 8.72
CA GLU F 542 -31.66 -4.26 9.89
C GLU F 542 -30.40 -3.47 10.24
N PRO F 543 -30.23 -3.06 11.49
CA PRO F 543 -29.06 -2.24 11.83
C PRO F 543 -27.76 -2.92 11.46
N LYS F 544 -26.80 -2.12 11.00
CA LYS F 544 -25.48 -2.62 10.62
C LYS F 544 -24.37 -2.09 11.50
N GLN F 545 -24.66 -1.22 12.46
CA GLN F 545 -23.68 -0.66 13.38
C GLN F 545 -24.21 -0.75 14.80
N GLY F 546 -23.33 -1.10 15.73
CA GLY F 546 -23.72 -1.23 17.12
C GLY F 546 -22.54 -1.08 18.04
N ARG F 547 -22.83 -1.11 19.35
CA ARG F 547 -21.81 -0.88 20.35
C ARG F 547 -22.11 -1.67 21.61
N ILE F 548 -21.06 -2.23 22.20
CA ILE F 548 -21.09 -2.74 23.57
C ILE F 548 -20.24 -1.79 24.40
N VAL F 549 -20.83 -1.20 25.43
CA VAL F 549 -20.18 -0.19 26.26
C VAL F 549 -20.14 -0.68 27.70
N VAL F 550 -18.98 -0.56 28.33
CA VAL F 550 -18.77 -0.97 29.72
C VAL F 550 -18.71 0.28 30.58
N PHE F 551 -19.65 0.41 31.51
CA PHE F 551 -19.70 1.53 32.44
C PHE F 551 -19.36 1.05 33.85
N GLN F 552 -18.86 1.97 34.67
CA GLN F 552 -18.72 1.75 36.11
C GLN F 552 -19.32 2.95 36.84
N TYR F 553 -20.25 2.68 37.74
CA TYR F 553 -20.82 3.71 38.59
C TYR F 553 -20.03 3.76 39.89
N SER F 554 -19.34 4.88 40.14
CA SER F 554 -18.49 5.02 41.31
C SER F 554 -18.52 6.47 41.78
N ASP F 555 -18.80 6.67 43.07
CA ASP F 555 -18.80 7.99 43.67
C ASP F 555 -19.75 8.92 42.92
N GLY F 556 -20.99 8.46 42.75
CA GLY F 556 -22.03 9.27 42.16
C GLY F 556 -21.82 9.64 40.71
N LYS F 557 -20.92 8.98 40.00
CA LYS F 557 -20.64 9.29 38.60
C LYS F 557 -20.53 8.01 37.80
N LEU F 558 -20.90 8.11 36.51
CA LEU F 558 -20.81 7.00 35.58
C LEU F 558 -19.58 7.18 34.70
N GLN F 559 -18.71 6.18 34.69
CA GLN F 559 -17.45 6.23 33.95
C GLN F 559 -17.47 5.21 32.83
N THR F 560 -17.15 5.65 31.61
CA THR F 560 -17.04 4.75 30.47
C THR F 560 -15.70 4.03 30.54
N VAL F 561 -15.74 2.71 30.73
CA VAL F 561 -14.51 1.94 30.92
C VAL F 561 -13.97 1.42 29.59
N ALA F 562 -14.84 0.91 28.72
CA ALA F 562 -14.36 0.39 27.44
C ALA F 562 -15.51 0.34 26.45
N GLU F 563 -15.13 0.20 25.17
CA GLU F 563 -16.04 0.28 24.05
C GLU F 563 -15.68 -0.82 23.06
N LYS F 564 -16.68 -1.52 22.53
CA LYS F 564 -16.47 -2.49 21.46
C LYS F 564 -17.45 -2.18 20.34
N GLU F 565 -16.93 -2.08 19.12
CA GLU F 565 -17.76 -1.86 17.95
C GLU F 565 -18.22 -3.21 17.39
N VAL F 566 -19.52 -3.32 17.15
CA VAL F 566 -20.10 -4.54 16.59
C VAL F 566 -20.88 -4.14 15.33
N LYS F 567 -21.00 -5.09 14.40
CA LYS F 567 -21.61 -4.82 13.10
C LYS F 567 -23.08 -5.25 13.09
N GLY F 568 -23.84 -4.70 14.02
CA GLY F 568 -25.26 -5.04 14.12
C GLY F 568 -25.85 -4.55 15.42
N ALA F 569 -27.01 -5.11 15.77
CA ALA F 569 -27.72 -4.74 16.99
C ALA F 569 -27.45 -5.78 18.06
N VAL F 570 -27.11 -5.31 19.26
CA VAL F 570 -26.84 -6.20 20.40
C VAL F 570 -28.16 -6.42 21.11
N TYR F 571 -28.92 -7.41 20.63
CA TYR F 571 -30.27 -7.62 21.14
C TYR F 571 -30.27 -8.15 22.57
N SER F 572 -29.24 -8.88 22.98
CA SER F 572 -29.26 -9.51 24.29
C SER F 572 -27.84 -9.79 24.76
N MET F 573 -27.64 -9.67 26.09
CA MET F 573 -26.36 -9.98 26.71
C MET F 573 -26.62 -10.68 28.03
N VAL F 574 -25.60 -11.39 28.52
CA VAL F 574 -25.72 -12.13 29.78
C VAL F 574 -24.31 -12.51 30.24
N GLU F 575 -24.12 -12.50 31.56
CA GLU F 575 -22.85 -12.95 32.14
C GLU F 575 -22.72 -14.45 31.95
N PHE F 576 -21.55 -14.89 31.52
CA PHE F 576 -21.32 -16.31 31.22
C PHE F 576 -19.93 -16.69 31.74
N ASN F 577 -19.90 -17.17 32.99
CA ASN F 577 -18.69 -17.69 33.60
C ASN F 577 -17.52 -16.71 33.41
N GLY F 578 -17.70 -15.52 33.98
CA GLY F 578 -16.70 -14.48 33.87
C GLY F 578 -16.52 -13.89 32.48
N LYS F 579 -17.23 -14.40 31.48
CA LYS F 579 -17.17 -13.91 30.12
C LYS F 579 -18.51 -13.30 29.73
N LEU F 580 -18.48 -12.45 28.71
CA LEU F 580 -19.66 -11.73 28.25
C LEU F 580 -20.23 -12.40 27.00
N LEU F 581 -21.44 -12.93 27.12
CA LEU F 581 -22.14 -13.56 26.01
C LEU F 581 -23.14 -12.57 25.43
N ALA F 582 -22.97 -12.22 24.16
CA ALA F 582 -23.80 -11.22 23.51
C ALA F 582 -24.27 -11.75 22.17
N SER F 583 -25.45 -11.28 21.74
CA SER F 583 -26.04 -11.63 20.46
C SER F 583 -26.07 -10.39 19.58
N ILE F 584 -25.37 -10.45 18.46
CA ILE F 584 -25.28 -9.33 17.53
C ILE F 584 -25.96 -9.75 16.22
N ASN F 585 -27.24 -9.42 16.08
CA ASN F 585 -28.05 -9.81 14.92
C ASN F 585 -28.03 -11.34 14.83
N SER F 586 -27.53 -11.91 13.74
CA SER F 586 -27.51 -13.37 13.58
C SER F 586 -26.46 -14.02 14.47
N THR F 587 -25.38 -13.32 14.78
CA THR F 587 -24.23 -13.91 15.44
C THR F 587 -24.44 -13.93 16.96
N VAL F 588 -24.11 -15.07 17.56
CA VAL F 588 -24.04 -15.21 19.02
C VAL F 588 -22.56 -15.33 19.38
N ARG F 589 -22.06 -14.35 20.12
CA ARG F 589 -20.63 -14.17 20.35
C ARG F 589 -20.33 -14.27 21.83
N LEU F 590 -19.12 -14.76 22.14
CA LEU F 590 -18.62 -14.84 23.51
C LEU F 590 -17.35 -14.00 23.61
N TYR F 591 -17.39 -12.96 24.44
CA TYR F 591 -16.26 -12.07 24.64
C TYR F 591 -15.52 -12.42 25.91
N GLU F 592 -14.22 -12.16 25.92
CA GLU F 592 -13.39 -12.27 27.12
C GLU F 592 -13.02 -10.87 27.59
N TRP F 593 -12.88 -10.75 28.92
CA TRP F 593 -12.49 -9.49 29.55
C TRP F 593 -11.00 -9.58 29.89
N THR F 594 -10.18 -8.86 29.13
CA THR F 594 -8.74 -9.00 29.24
C THR F 594 -8.20 -8.24 30.45
N THR F 595 -6.93 -8.45 30.73
CA THR F 595 -6.23 -7.67 31.74
C THR F 595 -6.07 -6.21 31.34
N GLU F 596 -6.35 -5.86 30.08
CA GLU F 596 -6.27 -4.50 29.59
C GLU F 596 -7.61 -3.78 29.62
N LYS F 597 -8.61 -4.35 30.31
CA LYS F 597 -9.93 -3.75 30.43
C LYS F 597 -10.54 -3.48 29.05
N GLU F 598 -10.59 -4.52 28.22
CA GLU F 598 -11.24 -4.42 26.92
C GLU F 598 -11.73 -5.80 26.51
N LEU F 599 -12.74 -5.81 25.65
CA LEU F 599 -13.41 -7.05 25.25
C LEU F 599 -12.72 -7.66 24.03
N ARG F 600 -12.50 -8.97 24.08
CA ARG F 600 -11.84 -9.72 23.02
C ARG F 600 -12.70 -10.91 22.64
N THR F 601 -12.90 -11.09 21.34
CA THR F 601 -13.76 -12.17 20.85
C THR F 601 -13.05 -13.52 21.00
N GLU F 602 -13.77 -14.50 21.52
CA GLU F 602 -13.25 -15.87 21.61
C GLU F 602 -13.81 -16.78 20.53
N CYS F 603 -15.15 -16.84 20.40
CA CYS F 603 -15.77 -17.78 19.48
C CYS F 603 -17.13 -17.23 19.05
N ASN F 604 -17.64 -17.77 17.95
CA ASN F 604 -18.85 -17.25 17.33
C ASN F 604 -19.77 -18.40 16.91
N HIS F 605 -21.06 -18.07 16.79
CA HIS F 605 -22.08 -18.97 16.27
C HIS F 605 -23.03 -18.15 15.40
N TYR F 606 -23.32 -18.63 14.20
CA TYR F 606 -24.04 -17.82 13.23
C TYR F 606 -25.39 -18.36 12.77
N ASN F 607 -25.77 -19.58 13.15
CA ASN F 607 -26.97 -20.19 12.57
C ASN F 607 -28.24 -19.76 13.30
N ASN F 608 -28.49 -18.45 13.27
CA ASN F 608 -29.72 -17.88 13.80
C ASN F 608 -30.16 -16.75 12.88
N ILE F 609 -31.47 -16.71 12.60
CA ILE F 609 -32.01 -15.60 11.83
C ILE F 609 -31.89 -14.30 12.62
N MET F 610 -32.26 -14.33 13.90
CA MET F 610 -32.08 -13.19 14.78
C MET F 610 -32.08 -13.69 16.22
N ALA F 611 -30.97 -13.46 16.92
CA ALA F 611 -30.81 -13.96 18.29
C ALA F 611 -31.36 -12.93 19.26
N LEU F 612 -32.68 -12.95 19.42
CA LEU F 612 -33.34 -11.91 20.21
C LEU F 612 -33.21 -12.13 21.71
N TYR F 613 -33.09 -13.38 22.16
CA TYR F 613 -33.11 -13.67 23.59
C TYR F 613 -32.04 -14.69 23.94
N LEU F 614 -31.44 -14.53 25.13
CA LEU F 614 -30.38 -15.40 25.60
C LEU F 614 -30.60 -15.75 27.07
N LYS F 615 -30.32 -17.00 27.42
CA LYS F 615 -30.29 -17.46 28.81
C LYS F 615 -29.21 -18.53 28.91
N THR F 616 -28.62 -18.64 30.10
CA THR F 616 -27.53 -19.59 30.32
C THR F 616 -27.74 -20.38 31.60
N LYS F 617 -27.05 -21.51 31.69
CA LYS F 617 -27.06 -22.35 32.89
C LYS F 617 -25.82 -23.25 32.81
N GLY F 618 -24.83 -22.97 33.65
CA GLY F 618 -23.56 -23.67 33.52
C GLY F 618 -22.89 -23.25 32.22
N ASP F 619 -22.49 -24.25 31.42
CA ASP F 619 -21.93 -24.00 30.10
C ASP F 619 -22.99 -24.11 29.00
N PHE F 620 -24.27 -24.24 29.36
CA PHE F 620 -25.34 -24.33 28.38
C PHE F 620 -25.91 -22.93 28.09
N ILE F 621 -26.38 -22.75 26.86
CA ILE F 621 -26.94 -21.49 26.40
C ILE F 621 -28.21 -21.78 25.62
N LEU F 622 -29.30 -21.09 25.97
CA LEU F 622 -30.57 -21.19 25.27
C LEU F 622 -30.76 -19.92 24.44
N VAL F 623 -30.83 -20.08 23.12
CA VAL F 623 -30.99 -18.96 22.20
C VAL F 623 -32.41 -19.00 21.63
N GLY F 624 -33.12 -17.88 21.77
CA GLY F 624 -34.45 -17.77 21.21
C GLY F 624 -34.47 -16.95 19.93
N ASP F 625 -34.70 -17.60 18.80
CA ASP F 625 -34.68 -16.91 17.52
C ASP F 625 -36.01 -16.21 17.28
N LEU F 626 -36.01 -15.31 16.30
CA LEU F 626 -37.26 -14.67 15.91
C LEU F 626 -38.26 -15.68 15.37
N MET F 627 -37.81 -16.58 14.51
CA MET F 627 -38.69 -17.52 13.84
C MET F 627 -38.30 -18.98 13.98
N ARG F 628 -37.14 -19.30 14.53
CA ARG F 628 -36.65 -20.67 14.59
C ARG F 628 -36.72 -21.24 16.00
N SER F 629 -37.64 -20.74 16.82
CA SER F 629 -37.92 -21.25 18.18
C SER F 629 -36.63 -21.21 18.99
N VAL F 630 -36.22 -22.29 19.65
CA VAL F 630 -35.10 -22.25 20.59
C VAL F 630 -34.04 -23.25 20.17
N LEU F 631 -32.79 -22.85 20.25
CA LEU F 631 -31.63 -23.70 19.98
C LEU F 631 -30.80 -23.76 21.25
N LEU F 632 -30.68 -24.95 21.83
CA LEU F 632 -29.80 -25.16 22.97
C LEU F 632 -28.36 -25.25 22.47
N LEU F 633 -27.53 -24.32 22.91
CA LEU F 633 -26.10 -24.34 22.60
C LEU F 633 -25.32 -24.82 23.83
N ALA F 634 -24.05 -25.14 23.60
CA ALA F 634 -23.14 -25.54 24.66
C ALA F 634 -21.76 -24.95 24.37
N TYR F 635 -21.14 -24.38 25.40
CA TYR F 635 -19.74 -24.01 25.32
C TYR F 635 -18.91 -25.29 25.39
N LYS F 636 -18.14 -25.58 24.35
CA LYS F 636 -17.24 -26.73 24.46
C LYS F 636 -15.95 -26.21 25.09
N PRO F 637 -15.80 -26.39 26.41
CA PRO F 637 -14.73 -25.66 27.12
C PRO F 637 -13.34 -26.02 26.64
N MET F 638 -13.12 -27.30 26.32
CA MET F 638 -11.80 -27.79 25.96
C MET F 638 -11.36 -27.36 24.58
N GLU F 639 -12.29 -26.87 23.75
CA GLU F 639 -11.98 -26.43 22.40
C GLU F 639 -12.07 -24.93 22.22
N GLY F 640 -12.73 -24.23 23.14
CA GLY F 640 -12.92 -22.80 23.02
C GLY F 640 -13.85 -22.43 21.87
N ASN F 641 -15.01 -23.08 21.82
CA ASN F 641 -15.96 -22.87 20.74
C ASN F 641 -17.35 -23.25 21.25
N PHE F 642 -18.34 -23.09 20.39
CA PHE F 642 -19.71 -23.51 20.67
C PHE F 642 -20.01 -24.83 19.97
N GLU F 643 -21.01 -25.54 20.48
CA GLU F 643 -21.52 -26.75 19.85
C GLU F 643 -23.04 -26.74 19.89
N GLU F 644 -23.66 -27.11 18.78
CA GLU F 644 -25.11 -27.20 18.70
C GLU F 644 -25.56 -28.50 19.34
N ILE F 645 -26.27 -28.40 20.46
CA ILE F 645 -26.73 -29.59 21.16
C ILE F 645 -28.07 -30.01 20.59
N ALA F 646 -29.06 -29.11 20.62
CA ALA F 646 -30.40 -29.45 20.19
C ALA F 646 -31.14 -28.21 19.72
N ARG F 647 -32.04 -28.40 18.76
CA ARG F 647 -32.83 -27.32 18.19
C ARG F 647 -34.27 -27.78 18.03
N ASP F 648 -35.20 -26.86 18.26
CA ASP F 648 -36.62 -27.08 17.96
C ASP F 648 -36.88 -26.65 16.53
N PHE F 649 -37.14 -27.61 15.65
CA PHE F 649 -37.33 -27.30 14.24
C PHE F 649 -38.73 -26.79 13.92
N ASN F 650 -39.61 -26.69 14.91
CA ASN F 650 -40.90 -26.05 14.71
C ASN F 650 -40.71 -24.56 14.49
N PRO F 651 -41.66 -23.92 13.81
CA PRO F 651 -41.44 -22.53 13.38
C PRO F 651 -42.04 -21.48 14.30
N ASN F 652 -42.36 -21.84 15.53
CA ASN F 652 -43.02 -20.90 16.43
C ASN F 652 -42.17 -19.65 16.63
N TRP F 653 -42.82 -18.48 16.56
CA TRP F 653 -42.18 -17.22 16.87
C TRP F 653 -41.97 -17.09 18.38
N MET F 654 -40.98 -16.29 18.77
CA MET F 654 -40.57 -16.19 20.15
C MET F 654 -40.69 -14.76 20.66
N SER F 655 -41.23 -14.63 21.88
CA SER F 655 -41.26 -13.38 22.62
C SER F 655 -40.45 -13.41 23.91
N ALA F 656 -40.12 -14.60 24.42
CA ALA F 656 -39.26 -14.75 25.59
C ALA F 656 -38.89 -16.22 25.74
N VAL F 657 -37.72 -16.47 26.33
CA VAL F 657 -37.23 -17.82 26.58
C VAL F 657 -36.69 -17.90 27.99
N GLU F 658 -36.89 -19.05 28.64
CA GLU F 658 -36.37 -19.29 29.98
C GLU F 658 -35.90 -20.73 30.10
N ILE F 659 -34.83 -20.92 30.86
CA ILE F 659 -34.32 -22.26 31.17
C ILE F 659 -34.96 -22.70 32.48
N LEU F 660 -35.58 -23.89 32.47
CA LEU F 660 -36.16 -24.46 33.68
C LEU F 660 -35.16 -25.38 34.39
N ASP F 661 -34.55 -26.30 33.65
CA ASP F 661 -33.51 -27.18 34.17
C ASP F 661 -32.65 -27.61 32.98
N ASP F 662 -31.68 -28.47 33.26
CA ASP F 662 -30.72 -28.87 32.23
C ASP F 662 -31.37 -29.55 31.04
N ASP F 663 -32.62 -30.01 31.17
CA ASP F 663 -33.30 -30.74 30.11
C ASP F 663 -34.57 -30.06 29.61
N ASN F 664 -35.25 -29.27 30.44
CA ASN F 664 -36.49 -28.61 30.05
C ASN F 664 -36.24 -27.15 29.75
N PHE F 665 -36.90 -26.65 28.70
CA PHE F 665 -36.77 -25.26 28.28
C PHE F 665 -38.15 -24.70 27.99
N LEU F 666 -38.39 -23.47 28.47
CA LEU F 666 -39.68 -22.82 28.36
C LEU F 666 -39.62 -21.70 27.32
N GLY F 667 -40.73 -21.49 26.63
CA GLY F 667 -40.79 -20.48 25.59
C GLY F 667 -42.16 -19.82 25.53
N ALA F 668 -42.15 -18.55 25.12
CA ALA F 668 -43.35 -17.77 24.91
C ALA F 668 -43.48 -17.43 23.44
N GLU F 669 -44.69 -17.49 22.92
CA GLU F 669 -44.94 -17.28 21.50
C GLU F 669 -45.67 -15.96 21.28
N ASN F 670 -45.47 -15.39 20.09
CA ASN F 670 -46.18 -14.18 19.70
C ASN F 670 -47.68 -14.39 19.59
N ALA F 671 -48.14 -15.64 19.56
CA ALA F 671 -49.56 -15.96 19.46
C ALA F 671 -50.21 -16.15 20.82
N PHE F 672 -49.55 -15.71 21.90
CA PHE F 672 -50.03 -15.89 23.27
C PHE F 672 -49.99 -17.35 23.69
N ASN F 673 -49.01 -18.11 23.23
CA ASN F 673 -48.86 -19.51 23.56
C ASN F 673 -47.57 -19.76 24.33
N LEU F 674 -47.56 -20.85 25.08
CA LEU F 674 -46.40 -21.28 25.86
C LEU F 674 -46.07 -22.71 25.47
N PHE F 675 -44.77 -23.03 25.38
CA PHE F 675 -44.36 -24.39 25.06
C PHE F 675 -43.06 -24.72 25.80
N VAL F 676 -42.85 -26.02 26.00
CA VAL F 676 -41.66 -26.55 26.68
C VAL F 676 -41.02 -27.61 25.79
N CYS F 677 -39.70 -27.63 25.75
CA CYS F 677 -38.93 -28.57 24.95
C CYS F 677 -38.02 -29.40 25.82
N GLN F 678 -37.97 -30.71 25.57
CA GLN F 678 -37.15 -31.65 26.33
C GLN F 678 -35.96 -32.11 25.50
N LYS F 679 -34.84 -32.38 26.19
CA LYS F 679 -33.59 -32.70 25.52
C LYS F 679 -33.59 -34.07 24.84
N ASP F 680 -34.65 -34.87 24.98
CA ASP F 680 -34.78 -36.20 24.37
C ASP F 680 -34.03 -37.26 25.17
N SER F 681 -33.51 -36.92 26.35
CA SER F 681 -33.02 -37.88 27.33
C SER F 681 -31.95 -38.82 26.75
N ALA F 682 -30.95 -38.24 26.12
CA ALA F 682 -29.69 -38.91 25.82
C ALA F 682 -29.90 -40.25 25.10
N ALA F 683 -30.64 -40.21 23.99
CA ALA F 683 -30.62 -41.34 23.08
C ALA F 683 -29.34 -41.29 22.25
N THR F 684 -28.91 -42.44 21.75
CA THR F 684 -27.59 -42.55 21.13
C THR F 684 -27.59 -42.29 19.63
N THR F 685 -28.76 -42.07 19.01
CA THR F 685 -28.80 -41.52 17.66
C THR F 685 -28.55 -40.02 17.75
N ASP F 686 -27.55 -39.53 17.01
CA ASP F 686 -27.22 -38.11 17.08
C ASP F 686 -28.35 -37.25 16.55
N GLU F 687 -29.09 -37.74 15.54
CA GLU F 687 -30.28 -37.04 15.11
C GLU F 687 -31.28 -36.91 16.25
N GLU F 688 -31.43 -37.96 17.06
CA GLU F 688 -32.33 -37.90 18.20
C GLU F 688 -31.89 -36.86 19.22
N ARG F 689 -30.58 -36.79 19.49
CA ARG F 689 -30.08 -35.79 20.42
C ARG F 689 -30.37 -34.38 19.90
N GLN F 690 -30.05 -34.12 18.63
CA GLN F 690 -30.17 -32.79 18.06
C GLN F 690 -31.63 -32.36 17.85
N HIS F 691 -32.58 -33.20 18.22
CA HIS F 691 -34.01 -32.86 18.15
C HIS F 691 -34.47 -32.42 19.54
N LEU F 692 -35.17 -31.30 19.59
CA LEU F 692 -35.83 -30.82 20.81
C LEU F 692 -37.30 -31.21 20.73
N GLN F 693 -37.69 -32.26 21.46
CA GLN F 693 -39.07 -32.71 21.44
C GLN F 693 -39.93 -31.70 22.19
N GLU F 694 -40.84 -31.04 21.48
CA GLU F 694 -41.81 -30.17 22.14
C GLU F 694 -42.74 -31.03 22.98
N VAL F 695 -42.72 -30.81 24.29
CA VAL F 695 -43.43 -31.67 25.23
C VAL F 695 -44.56 -30.96 25.98
N GLY F 696 -44.53 -29.64 26.07
CA GLY F 696 -45.59 -28.89 26.74
C GLY F 696 -46.16 -27.83 25.82
N LEU F 697 -47.49 -27.67 25.86
CA LEU F 697 -48.19 -26.67 25.05
C LEU F 697 -49.34 -26.10 25.87
N PHE F 698 -49.47 -24.78 25.87
CA PHE F 698 -50.45 -24.08 26.69
C PHE F 698 -50.69 -22.70 26.09
N HIS F 699 -51.93 -22.24 26.16
CA HIS F 699 -52.32 -20.92 25.64
C HIS F 699 -52.49 -19.98 26.83
N LEU F 700 -51.49 -19.13 27.06
CA LEU F 700 -51.55 -18.23 28.22
C LEU F 700 -52.64 -17.19 28.05
N GLY F 701 -52.87 -16.73 26.83
CA GLY F 701 -53.74 -15.60 26.59
C GLY F 701 -53.08 -14.25 26.74
N GLU F 702 -51.80 -14.22 27.11
CA GLU F 702 -51.06 -12.99 27.34
C GLU F 702 -49.80 -12.99 26.51
N PHE F 703 -49.24 -11.80 26.32
CA PHE F 703 -48.00 -11.62 25.57
C PHE F 703 -46.87 -11.49 26.58
N VAL F 704 -45.96 -12.46 26.60
CA VAL F 704 -44.90 -12.52 27.60
C VAL F 704 -43.68 -11.78 27.07
N ASN F 705 -43.22 -10.79 27.83
CA ASN F 705 -42.03 -10.03 27.47
C ASN F 705 -40.78 -10.47 28.23
N VAL F 706 -40.93 -11.03 29.42
CA VAL F 706 -39.77 -11.32 30.27
C VAL F 706 -40.08 -12.52 31.15
N PHE F 707 -39.13 -13.46 31.18
CA PHE F 707 -39.09 -14.53 32.17
C PHE F 707 -38.00 -14.21 33.20
N CYS F 708 -38.25 -14.59 34.45
CA CYS F 708 -37.33 -14.25 35.53
C CYS F 708 -37.46 -15.25 36.67
N HIS F 709 -36.37 -15.93 36.99
CA HIS F 709 -36.35 -16.83 38.14
C HIS F 709 -36.53 -16.03 39.43
N GLY F 710 -37.31 -16.57 40.35
CA GLY F 710 -37.55 -15.95 41.64
C GLY F 710 -38.96 -16.21 42.12
N SER F 711 -39.17 -15.90 43.39
CA SER F 711 -40.48 -16.03 44.01
C SER F 711 -40.73 -14.83 44.90
N LEU F 712 -42.01 -14.49 45.06
CA LEU F 712 -42.43 -13.41 45.94
C LEU F 712 -42.94 -13.90 47.28
N VAL F 713 -42.71 -15.16 47.61
CA VAL F 713 -43.18 -15.74 48.86
C VAL F 713 -42.03 -15.76 49.86
N MET F 714 -42.38 -15.95 51.13
CA MET F 714 -41.38 -16.12 52.17
C MET F 714 -40.84 -17.55 52.13
N GLN F 715 -39.52 -17.68 52.08
CA GLN F 715 -38.86 -18.96 51.88
C GLN F 715 -38.22 -19.44 53.18
N ASN F 716 -37.79 -20.70 53.17
CA ASN F 716 -37.06 -21.29 54.28
C ASN F 716 -35.95 -22.19 53.74
N LEU F 717 -34.77 -22.09 54.34
CA LEU F 717 -33.68 -23.00 54.00
C LEU F 717 -34.02 -24.45 54.29
N GLY F 718 -35.01 -24.69 55.14
CA GLY F 718 -35.36 -26.06 55.47
C GLY F 718 -35.78 -26.88 54.26
N GLU F 719 -36.52 -26.27 53.34
CA GLU F 719 -36.97 -26.93 52.12
C GLU F 719 -37.68 -28.24 52.48
N THR F 720 -38.73 -28.12 53.30
CA THR F 720 -39.63 -29.24 53.52
C THR F 720 -40.24 -29.63 52.18
N SER F 721 -40.27 -30.94 51.90
CA SER F 721 -40.61 -31.40 50.56
C SER F 721 -41.94 -30.81 50.08
N THR F 722 -41.88 -30.15 48.92
CA THR F 722 -43.02 -29.54 48.25
C THR F 722 -43.13 -30.09 46.84
N PRO F 723 -44.34 -30.41 46.37
CA PRO F 723 -44.44 -30.90 44.98
C PRO F 723 -43.84 -29.95 43.95
N THR F 724 -44.29 -28.69 43.96
CA THR F 724 -43.75 -27.70 43.03
C THR F 724 -42.27 -27.51 43.26
N GLN F 725 -41.50 -27.50 42.17
CA GLN F 725 -40.05 -27.32 42.23
C GLN F 725 -39.66 -26.18 41.30
N GLY F 726 -38.97 -25.18 41.83
CA GLY F 726 -38.53 -24.04 41.06
C GLY F 726 -39.62 -22.98 40.93
N SER F 727 -39.18 -21.75 40.68
CA SER F 727 -40.09 -20.63 40.50
C SER F 727 -39.62 -19.76 39.35
N VAL F 728 -40.47 -19.59 38.35
CA VAL F 728 -40.21 -18.71 37.21
C VAL F 728 -41.36 -17.73 37.12
N LEU F 729 -41.05 -16.44 37.13
CA LEU F 729 -42.04 -15.38 37.03
C LEU F 729 -41.98 -14.74 35.65
N PHE F 730 -43.15 -14.41 35.09
CA PHE F 730 -43.21 -13.76 33.79
C PHE F 730 -44.14 -12.57 33.79
N GLY F 731 -43.73 -11.51 33.11
CA GLY F 731 -44.52 -10.29 32.96
C GLY F 731 -45.05 -10.18 31.54
N THR F 732 -46.18 -9.50 31.39
CA THR F 732 -46.88 -9.47 30.12
C THR F 732 -47.27 -8.04 29.74
N VAL F 733 -47.85 -7.92 28.54
CA VAL F 733 -48.19 -6.61 27.99
C VAL F 733 -49.41 -6.02 28.68
N ASN F 734 -50.32 -6.86 29.17
CA ASN F 734 -51.52 -6.39 29.83
C ASN F 734 -51.34 -6.25 31.34
N GLY F 735 -50.11 -6.34 31.85
CA GLY F 735 -49.84 -6.20 33.25
C GLY F 735 -49.93 -7.47 34.07
N MET F 736 -50.44 -8.55 33.49
CA MET F 736 -50.54 -9.81 34.20
C MET F 736 -49.14 -10.35 34.53
N ILE F 737 -48.98 -10.83 35.77
CA ILE F 737 -47.76 -11.49 36.22
C ILE F 737 -48.12 -12.92 36.62
N GLY F 738 -47.28 -13.88 36.21
CA GLY F 738 -47.57 -15.28 36.43
C GLY F 738 -46.34 -16.05 36.86
N LEU F 739 -46.57 -17.31 37.25
CA LEU F 739 -45.54 -18.18 37.79
C LEU F 739 -45.60 -19.55 37.13
N VAL F 740 -44.43 -20.10 36.81
CA VAL F 740 -44.29 -21.43 36.24
C VAL F 740 -43.43 -22.27 37.18
N THR F 741 -43.86 -23.51 37.46
CA THR F 741 -43.09 -24.41 38.30
C THR F 741 -43.25 -25.85 37.82
N SER F 742 -42.21 -26.64 38.03
CA SER F 742 -42.20 -28.04 37.62
C SER F 742 -42.96 -28.90 38.63
N LEU F 743 -43.40 -30.07 38.16
CA LEU F 743 -44.22 -30.98 38.95
C LEU F 743 -43.77 -32.42 38.71
N SER F 744 -44.00 -33.26 39.72
CA SER F 744 -43.72 -34.68 39.59
C SER F 744 -44.85 -35.37 38.82
N GLU F 745 -44.53 -36.53 38.23
CA GLU F 745 -45.54 -37.24 37.44
C GLU F 745 -46.79 -37.51 38.25
N SER F 746 -46.62 -38.02 39.48
CA SER F 746 -47.76 -38.36 40.32
C SER F 746 -48.66 -37.15 40.53
N TRP F 747 -48.07 -35.97 40.74
CA TRP F 747 -48.86 -34.79 40.98
C TRP F 747 -49.52 -34.26 39.70
N TYR F 748 -48.78 -34.27 38.59
CA TYR F 748 -49.38 -33.88 37.31
C TYR F 748 -50.63 -34.72 37.04
N ASN F 749 -50.48 -36.04 37.03
CA ASN F 749 -51.61 -36.92 36.79
C ASN F 749 -52.77 -36.58 37.71
N LEU F 750 -52.48 -36.51 39.01
CA LEU F 750 -53.53 -36.23 40.00
C LEU F 750 -54.21 -34.90 39.72
N LEU F 751 -53.44 -33.86 39.43
CA LEU F 751 -54.03 -32.55 39.18
C LEU F 751 -54.74 -32.51 37.83
N LEU F 752 -54.13 -33.11 36.80
CA LEU F 752 -54.82 -33.22 35.52
C LEU F 752 -56.15 -33.96 35.67
N ASP F 753 -56.15 -35.05 36.44
CA ASP F 753 -57.41 -35.75 36.70
C ASP F 753 -58.44 -34.83 37.34
N MET F 754 -58.00 -34.04 38.33
CA MET F 754 -58.91 -33.07 38.94
C MET F 754 -59.34 -32.01 37.93
N GLN F 755 -58.43 -31.61 37.05
CA GLN F 755 -58.75 -30.58 36.08
C GLN F 755 -59.92 -30.99 35.19
N ASN F 756 -59.76 -32.08 34.42
CA ASN F 756 -60.85 -32.55 33.58
C ASN F 756 -62.08 -32.90 34.40
N ARG F 757 -61.87 -33.29 35.67
CA ARG F 757 -63.00 -33.46 36.57
C ARG F 757 -63.70 -32.13 36.85
N LEU F 758 -62.92 -31.10 37.13
CA LEU F 758 -63.49 -29.81 37.54
C LEU F 758 -64.26 -29.17 36.39
N ASN F 759 -63.74 -29.26 35.17
CA ASN F 759 -64.41 -28.65 34.02
C ASN F 759 -65.84 -29.14 33.90
N LYS F 760 -66.10 -30.40 34.21
CA LYS F 760 -67.45 -30.92 34.16
C LYS F 760 -68.36 -30.27 35.20
N VAL F 761 -67.79 -29.72 36.27
CA VAL F 761 -68.58 -29.12 37.34
C VAL F 761 -68.74 -27.62 37.14
N ILE F 762 -67.68 -26.94 36.72
CA ILE F 762 -67.67 -25.48 36.71
C ILE F 762 -68.34 -24.97 35.43
N LYS F 763 -69.22 -23.98 35.59
CA LYS F 763 -69.86 -23.32 34.45
C LYS F 763 -69.08 -22.06 34.11
N SER F 764 -68.59 -21.99 32.87
CA SER F 764 -67.84 -20.83 32.40
C SER F 764 -68.77 -19.83 31.74
N VAL F 765 -68.39 -18.55 31.80
CA VAL F 765 -69.16 -17.50 31.16
C VAL F 765 -69.11 -17.70 29.65
N GLY F 766 -70.27 -17.68 29.01
CA GLY F 766 -70.36 -17.93 27.58
C GLY F 766 -70.36 -19.38 27.20
N LYS F 767 -70.38 -20.30 28.16
CA LYS F 767 -70.36 -21.73 27.88
C LYS F 767 -69.19 -22.09 26.97
N ILE F 768 -68.00 -21.64 27.35
CA ILE F 768 -66.77 -21.90 26.61
C ILE F 768 -66.04 -23.05 27.27
N GLU F 769 -65.55 -23.97 26.45
CA GLU F 769 -64.78 -25.10 26.98
C GLU F 769 -63.39 -24.63 27.39
N HIS F 770 -62.95 -25.07 28.57
CA HIS F 770 -61.60 -24.80 29.06
C HIS F 770 -60.56 -25.66 28.36
N SER F 771 -60.98 -26.65 27.59
CA SER F 771 -60.06 -27.43 26.77
C SER F 771 -59.76 -26.78 25.44
N PHE F 772 -60.66 -25.92 24.95
CA PHE F 772 -60.48 -25.15 23.74
C PHE F 772 -59.71 -23.86 23.99
N TRP F 773 -60.06 -23.15 25.06
CA TRP F 773 -59.41 -21.90 25.39
C TRP F 773 -57.92 -22.10 25.64
N ARG F 774 -57.57 -23.11 26.45
CA ARG F 774 -56.17 -23.36 26.78
C ARG F 774 -55.44 -24.15 25.70
N SER F 775 -56.10 -24.52 24.61
CA SER F 775 -55.45 -25.29 23.56
C SER F 775 -54.61 -24.36 22.68
N PHE F 776 -53.36 -24.78 22.46
CA PHE F 776 -52.42 -24.09 21.58
C PHE F 776 -53.11 -23.60 20.32
N HIS F 777 -52.91 -22.32 19.99
CA HIS F 777 -53.64 -21.72 18.88
C HIS F 777 -52.82 -20.63 18.21
N THR F 778 -52.51 -20.85 16.93
CA THR F 778 -52.08 -19.82 16.01
C THR F 778 -53.12 -19.70 14.90
N GLU F 779 -53.00 -18.69 14.06
CA GLU F 779 -53.91 -18.60 12.93
C GLU F 779 -53.88 -19.85 12.07
N ARG F 780 -52.80 -20.62 12.11
CA ARG F 780 -52.62 -21.77 11.25
C ARG F 780 -52.89 -23.09 11.96
N LYS F 781 -52.32 -23.33 13.14
CA LYS F 781 -52.53 -24.58 13.85
C LYS F 781 -53.21 -24.32 15.19
N THR F 782 -54.03 -25.32 15.63
CA THR F 782 -54.77 -25.23 16.88
C THR F 782 -54.73 -26.59 17.60
N GLU F 783 -53.54 -27.00 18.04
CA GLU F 783 -53.35 -28.24 18.77
C GLU F 783 -53.84 -28.10 20.21
N PRO F 784 -53.92 -29.21 20.94
CA PRO F 784 -54.43 -29.16 22.31
C PRO F 784 -53.32 -29.00 23.34
N ALA F 785 -53.70 -28.54 24.52
CA ALA F 785 -52.72 -28.33 25.58
C ALA F 785 -52.22 -29.67 26.13
N THR F 786 -50.97 -29.66 26.58
CA THR F 786 -50.34 -30.86 27.12
C THR F 786 -49.16 -30.43 27.97
N GLY F 787 -48.92 -31.16 29.05
CA GLY F 787 -47.82 -30.87 29.94
C GLY F 787 -47.99 -29.65 30.81
N PHE F 788 -49.15 -28.99 30.77
CA PHE F 788 -49.38 -27.75 31.49
C PHE F 788 -50.68 -27.82 32.28
N ILE F 789 -50.62 -27.35 33.52
CA ILE F 789 -51.76 -27.36 34.44
C ILE F 789 -52.12 -25.92 34.76
N ASP F 790 -53.39 -25.56 34.50
CA ASP F 790 -53.87 -24.22 34.81
C ASP F 790 -54.03 -24.08 36.33
N GLY F 791 -53.21 -23.23 36.94
CA GLY F 791 -53.32 -23.01 38.37
C GLY F 791 -54.66 -22.41 38.76
N ASP F 792 -55.19 -21.53 37.92
CA ASP F 792 -56.47 -20.88 38.23
C ASP F 792 -57.59 -21.91 38.34
N LEU F 793 -57.60 -22.89 37.45
CA LEU F 793 -58.62 -23.94 37.52
C LEU F 793 -58.44 -24.77 38.78
N ILE F 794 -57.22 -25.22 39.06
CA ILE F 794 -56.98 -26.06 40.23
C ILE F 794 -57.15 -25.28 41.52
N GLU F 795 -56.92 -23.97 41.50
CA GLU F 795 -57.09 -23.14 42.68
C GLU F 795 -58.48 -22.52 42.77
N SER F 796 -59.41 -22.95 41.91
CA SER F 796 -60.82 -22.63 42.06
C SER F 796 -61.57 -23.70 42.84
N PHE F 797 -60.92 -24.84 43.10
CA PHE F 797 -61.56 -25.90 43.89
C PHE F 797 -61.87 -25.45 45.30
N LEU F 798 -61.11 -24.49 45.83
CA LEU F 798 -61.38 -23.97 47.16
C LEU F 798 -62.59 -23.04 47.20
N ASP F 799 -63.13 -22.68 46.04
CA ASP F 799 -64.27 -21.78 45.96
C ASP F 799 -65.56 -22.47 45.51
N ILE F 800 -65.51 -23.75 45.16
CA ILE F 800 -66.72 -24.48 44.81
C ILE F 800 -67.40 -24.97 46.08
N SER F 801 -68.72 -25.11 46.03
CA SER F 801 -69.47 -25.57 47.19
C SER F 801 -69.11 -27.02 47.52
N ARG F 802 -69.25 -27.37 48.79
CA ARG F 802 -68.89 -28.72 49.22
C ARG F 802 -69.65 -29.81 48.48
N PRO F 803 -70.95 -29.68 48.20
CA PRO F 803 -71.62 -30.73 47.39
C PRO F 803 -70.90 -31.01 46.09
N LYS F 804 -70.34 -29.99 45.44
CA LYS F 804 -69.62 -30.18 44.19
C LYS F 804 -68.23 -30.76 44.42
N MET F 805 -67.60 -30.46 45.55
CA MET F 805 -66.36 -31.14 45.91
C MET F 805 -66.56 -32.65 45.94
N GLN F 806 -67.72 -33.11 46.43
CA GLN F 806 -68.00 -34.54 46.46
C GLN F 806 -68.08 -35.11 45.04
N GLU F 807 -68.60 -34.34 44.09
CA GLU F 807 -68.57 -34.78 42.71
C GLU F 807 -67.14 -34.93 42.20
N VAL F 808 -66.21 -34.16 42.75
CA VAL F 808 -64.83 -34.22 42.31
C VAL F 808 -64.05 -35.32 42.99
N VAL F 809 -64.38 -35.66 44.25
CA VAL F 809 -63.63 -36.68 44.97
C VAL F 809 -64.22 -38.08 44.80
N ALA F 810 -65.23 -38.24 43.95
CA ALA F 810 -65.83 -39.55 43.73
C ALA F 810 -65.01 -40.34 42.72
N ASN F 811 -64.81 -41.63 42.99
CA ASN F 811 -63.98 -42.50 42.17
C ASN F 811 -62.55 -41.99 42.07
N LEU F 812 -62.12 -41.23 43.07
CA LEU F 812 -60.80 -40.61 43.12
C LEU F 812 -60.00 -41.26 44.23
N GLN F 813 -58.80 -41.73 43.90
CA GLN F 813 -57.90 -42.35 44.86
C GLN F 813 -56.66 -41.46 45.02
N TYR F 814 -56.54 -40.82 46.19
CA TYR F 814 -55.33 -40.09 46.52
C TYR F 814 -54.14 -41.04 46.58
N ASP F 815 -52.95 -40.49 46.52
CA ASP F 815 -51.72 -41.27 46.60
C ASP F 815 -50.96 -40.87 47.86
N ASP F 816 -50.77 -41.85 48.75
CA ASP F 816 -49.94 -41.71 49.95
C ASP F 816 -48.67 -42.50 49.70
N GLY F 817 -47.54 -41.81 49.60
CA GLY F 817 -46.30 -42.50 49.27
C GLY F 817 -46.43 -43.22 47.94
N SER F 818 -46.11 -44.51 47.95
CA SER F 818 -46.17 -45.33 46.75
C SER F 818 -46.82 -46.67 47.06
N GLY F 819 -47.77 -47.06 46.21
CA GLY F 819 -48.47 -48.32 46.37
C GLY F 819 -49.66 -48.30 47.31
N MET F 820 -49.98 -47.15 47.91
CA MET F 820 -51.12 -47.00 48.79
C MET F 820 -52.03 -45.93 48.21
N LYS F 821 -53.25 -46.33 47.84
CA LYS F 821 -54.25 -45.41 47.31
C LYS F 821 -55.43 -45.37 48.28
N ARG F 822 -55.63 -44.22 48.92
CA ARG F 822 -56.77 -43.97 49.78
C ARG F 822 -57.69 -42.99 49.08
N GLU F 823 -58.99 -43.29 49.04
CA GLU F 823 -59.95 -42.39 48.39
C GLU F 823 -59.76 -40.98 48.94
N ALA F 824 -59.53 -40.04 48.04
CA ALA F 824 -59.21 -38.68 48.44
C ALA F 824 -60.38 -38.07 49.23
N THR F 825 -60.09 -37.59 50.42
CA THR F 825 -61.06 -36.85 51.21
C THR F 825 -61.24 -35.47 50.63
N ALA F 826 -62.47 -34.94 50.74
CA ALA F 826 -62.71 -33.58 50.30
C ALA F 826 -61.78 -32.61 51.03
N ASP F 827 -61.61 -32.81 52.34
CA ASP F 827 -60.66 -32.00 53.10
C ASP F 827 -59.23 -32.27 52.69
N ASP F 828 -58.91 -33.51 52.33
CA ASP F 828 -57.57 -33.84 51.89
C ASP F 828 -57.20 -33.06 50.63
N LEU F 829 -58.12 -32.99 49.67
CA LEU F 829 -57.89 -32.16 48.49
C LEU F 829 -57.81 -30.68 48.86
N ILE F 830 -58.67 -30.24 49.78
CA ILE F 830 -58.63 -28.85 50.22
C ILE F 830 -57.21 -28.48 50.68
N LYS F 831 -56.56 -29.39 51.41
CA LYS F 831 -55.20 -29.11 51.87
C LYS F 831 -54.24 -29.00 50.69
N VAL F 832 -54.33 -29.93 49.74
CA VAL F 832 -53.44 -29.92 48.59
C VAL F 832 -53.55 -28.59 47.85
N VAL F 833 -54.77 -28.18 47.52
CA VAL F 833 -54.97 -26.95 46.77
C VAL F 833 -54.51 -25.75 47.59
N GLU F 834 -54.77 -25.76 48.89
CA GLU F 834 -54.30 -24.67 49.75
C GLU F 834 -52.79 -24.54 49.70
N GLU F 835 -52.07 -25.65 49.78
CA GLU F 835 -50.61 -25.58 49.69
C GLU F 835 -50.16 -25.09 48.33
N LEU F 836 -50.94 -25.39 47.28
CA LEU F 836 -50.61 -24.87 45.95
C LEU F 836 -50.78 -23.36 45.89
N THR F 837 -51.80 -22.82 46.56
CA THR F 837 -51.99 -21.37 46.52
C THR F 837 -50.85 -20.63 47.22
N ARG F 838 -50.04 -21.32 48.02
CA ARG F 838 -48.95 -20.64 48.71
C ARG F 838 -47.87 -20.17 47.74
N ILE F 839 -47.66 -20.90 46.64
CA ILE F 839 -46.67 -20.44 45.65
C ILE F 839 -47.16 -19.18 44.96
N HIS F 840 -48.47 -19.10 44.71
CA HIS F 840 -49.11 -17.93 44.10
C HIS F 840 -48.75 -16.66 44.87
N THR G 24 -20.77 -28.72 -16.63
CA THR G 24 -22.03 -29.11 -16.02
C THR G 24 -22.11 -30.62 -15.80
N LYS G 25 -22.41 -31.38 -16.88
CA LYS G 25 -22.50 -32.84 -16.81
C LYS G 25 -21.32 -33.48 -17.57
N PRO G 26 -20.86 -34.64 -17.13
CA PRO G 26 -19.63 -35.21 -17.69
C PRO G 26 -19.84 -35.81 -19.07
N CYS G 27 -18.73 -35.98 -19.77
CA CYS G 27 -18.71 -36.61 -21.09
C CYS G 27 -18.37 -38.08 -20.93
N TRP G 28 -19.24 -38.95 -21.45
CA TRP G 28 -19.12 -40.39 -21.26
C TRP G 28 -18.77 -41.14 -22.54
N TYR G 29 -17.98 -40.53 -23.42
CA TYR G 29 -17.68 -41.15 -24.71
C TYR G 29 -16.21 -40.99 -25.06
N TRP G 30 -15.60 -42.11 -25.43
CA TRP G 30 -14.20 -42.17 -25.83
C TRP G 30 -14.09 -42.56 -27.29
N ASP G 31 -12.87 -42.44 -27.84
CA ASP G 31 -12.59 -42.93 -29.17
C ASP G 31 -12.05 -44.36 -29.10
N LYS G 32 -12.31 -45.13 -30.15
CA LYS G 32 -11.86 -46.52 -30.19
C LYS G 32 -10.38 -46.63 -29.80
N LYS G 33 -9.55 -45.75 -30.35
CA LYS G 33 -8.12 -45.82 -30.06
C LYS G 33 -7.84 -45.77 -28.57
N ASP G 34 -8.72 -45.13 -27.79
CA ASP G 34 -8.45 -44.94 -26.37
C ASP G 34 -8.54 -46.24 -25.60
N LEU G 35 -9.30 -47.21 -26.08
CA LEU G 35 -9.47 -48.45 -25.35
C LEU G 35 -8.17 -49.22 -25.19
N ALA G 36 -7.13 -48.87 -25.94
CA ALA G 36 -5.82 -49.47 -25.75
C ALA G 36 -5.14 -48.96 -24.49
N HIS G 37 -5.78 -48.06 -23.73
CA HIS G 37 -5.18 -47.43 -22.55
C HIS G 37 -6.13 -47.45 -21.36
N THR G 38 -6.96 -48.48 -21.23
CA THR G 38 -7.76 -48.63 -20.03
C THR G 38 -6.88 -49.12 -18.88
N PRO G 39 -7.33 -48.91 -17.64
CA PRO G 39 -6.56 -49.47 -16.50
C PRO G 39 -6.28 -50.96 -16.65
N SER G 40 -7.24 -51.71 -17.21
CA SER G 40 -7.03 -53.13 -17.41
C SER G 40 -5.86 -53.39 -18.34
N GLN G 41 -5.84 -52.72 -19.50
CA GLN G 41 -4.74 -52.92 -20.43
C GLN G 41 -3.39 -52.64 -19.77
N LEU G 42 -3.30 -51.51 -19.07
CA LEU G 42 -2.02 -51.06 -18.53
C LEU G 42 -1.55 -51.89 -17.34
N GLU G 43 -2.40 -52.74 -16.77
CA GLU G 43 -1.97 -53.68 -15.74
C GLU G 43 -1.57 -55.03 -16.32
N GLY G 44 -1.38 -55.13 -17.63
CA GLY G 44 -0.90 -56.34 -18.26
C GLY G 44 -1.95 -57.15 -18.97
N LEU G 45 -3.22 -56.78 -18.87
CA LEU G 45 -4.29 -57.52 -19.52
C LEU G 45 -4.27 -57.22 -21.02
N ASP G 46 -4.33 -58.26 -21.84
CA ASP G 46 -4.29 -58.07 -23.28
C ASP G 46 -5.68 -57.72 -23.81
N PRO G 47 -5.75 -57.14 -25.02
CA PRO G 47 -7.05 -56.68 -25.52
C PRO G 47 -8.11 -57.78 -25.57
N ALA G 48 -7.75 -58.97 -26.06
CA ALA G 48 -8.74 -60.04 -26.15
C ALA G 48 -9.35 -60.34 -24.79
N THR G 49 -8.53 -60.41 -23.75
CA THR G 49 -9.04 -60.80 -22.43
C THR G 49 -10.03 -59.78 -21.89
N GLU G 50 -9.71 -58.49 -22.00
CA GLU G 50 -10.64 -57.49 -21.50
C GLU G 50 -11.96 -57.56 -22.24
N ALA G 51 -11.92 -57.68 -23.57
CA ALA G 51 -13.16 -57.83 -24.33
C ALA G 51 -13.97 -59.01 -23.80
N ARG G 52 -13.30 -60.16 -23.60
CA ARG G 52 -13.98 -61.31 -23.04
C ARG G 52 -14.60 -60.98 -21.69
N TYR G 53 -13.81 -60.43 -20.76
CA TYR G 53 -14.35 -60.08 -19.45
C TYR G 53 -15.55 -59.14 -19.59
N ARG G 54 -15.49 -58.21 -20.55
CA ARG G 54 -16.62 -57.31 -20.74
C ARG G 54 -17.85 -58.07 -21.20
N ARG G 55 -17.71 -58.95 -22.19
CA ARG G 55 -18.83 -59.78 -22.59
C ARG G 55 -19.34 -60.60 -21.41
N GLU G 56 -18.44 -61.28 -20.71
CA GLU G 56 -18.84 -62.13 -19.59
C GLU G 56 -19.58 -61.33 -18.54
N GLY G 57 -19.04 -60.16 -18.17
CA GLY G 57 -19.73 -59.32 -17.22
C GLY G 57 -21.06 -58.83 -17.74
N ALA G 58 -21.09 -58.39 -18.99
CA ALA G 58 -22.32 -57.88 -19.57
C ALA G 58 -23.41 -58.95 -19.56
N ARG G 59 -23.10 -60.13 -20.11
CA ARG G 59 -24.10 -61.20 -20.17
C ARG G 59 -24.46 -61.72 -18.78
N PHE G 60 -23.52 -61.67 -17.84
CA PHE G 60 -23.84 -62.03 -16.46
C PHE G 60 -24.92 -61.11 -15.91
N ILE G 61 -24.78 -59.80 -16.13
CA ILE G 61 -25.83 -58.87 -15.72
C ILE G 61 -27.12 -59.18 -16.45
N PHE G 62 -27.05 -59.39 -17.77
CA PHE G 62 -28.24 -59.65 -18.56
C PHE G 62 -28.99 -60.87 -18.04
N ASP G 63 -28.27 -61.98 -17.86
CA ASP G 63 -28.94 -63.22 -17.44
C ASP G 63 -29.49 -63.11 -16.03
N VAL G 64 -28.73 -62.50 -15.11
CA VAL G 64 -29.20 -62.41 -13.73
C VAL G 64 -30.50 -61.62 -13.67
N GLY G 65 -30.53 -60.45 -14.29
CA GLY G 65 -31.73 -59.62 -14.24
C GLY G 65 -32.92 -60.23 -14.93
N THR G 66 -32.69 -60.99 -16.01
CA THR G 66 -33.80 -61.61 -16.73
C THR G 66 -34.51 -62.63 -15.84
N ARG G 67 -33.75 -63.41 -15.08
CA ARG G 67 -34.37 -64.36 -14.16
C ARG G 67 -35.25 -63.63 -13.15
N LEU G 68 -34.81 -62.46 -12.69
CA LEU G 68 -35.57 -61.66 -11.74
C LEU G 68 -36.73 -60.92 -12.38
N GLY G 69 -36.91 -61.03 -13.69
CA GLY G 69 -38.04 -60.41 -14.36
C GLY G 69 -37.91 -58.91 -14.51
N LEU G 70 -36.70 -58.42 -14.81
CA LEU G 70 -36.43 -56.99 -14.82
C LEU G 70 -36.66 -56.40 -16.21
N HIS G 71 -37.22 -55.18 -16.22
CA HIS G 71 -37.39 -54.42 -17.46
C HIS G 71 -36.07 -54.37 -18.21
N TYR G 72 -36.17 -54.23 -19.53
CA TYR G 72 -34.96 -54.24 -20.37
C TYR G 72 -34.10 -53.01 -20.09
N ASP G 73 -34.73 -51.85 -19.85
CA ASP G 73 -33.96 -50.66 -19.55
C ASP G 73 -33.06 -50.87 -18.33
N THR G 74 -33.59 -51.55 -17.31
CA THR G 74 -32.81 -51.77 -16.09
C THR G 74 -31.57 -52.60 -16.37
N LEU G 75 -31.70 -53.64 -17.19
CA LEU G 75 -30.53 -54.41 -17.59
C LEU G 75 -29.49 -53.52 -18.25
N ALA G 76 -29.90 -52.74 -19.24
CA ALA G 76 -28.96 -51.89 -19.96
C ALA G 76 -28.28 -50.91 -19.01
N THR G 77 -29.07 -50.25 -18.16
CA THR G 77 -28.49 -49.30 -17.21
C THR G 77 -27.36 -49.95 -16.41
N GLY G 78 -27.62 -51.15 -15.87
CA GLY G 78 -26.58 -51.83 -15.14
C GLY G 78 -25.36 -52.13 -15.99
N ILE G 79 -25.59 -52.56 -17.23
CA ILE G 79 -24.47 -52.90 -18.12
C ILE G 79 -23.63 -51.67 -18.42
N ILE G 80 -24.27 -50.51 -18.61
CA ILE G 80 -23.51 -49.31 -18.94
C ILE G 80 -22.72 -48.84 -17.72
N TYR G 81 -23.32 -48.90 -16.53
CA TYR G 81 -22.54 -48.70 -15.32
C TYR G 81 -21.32 -49.63 -15.32
N PHE G 82 -21.52 -50.90 -15.68
CA PHE G 82 -20.42 -51.85 -15.71
C PHE G 82 -19.34 -51.44 -16.69
N HIS G 83 -19.72 -51.14 -17.94
CA HIS G 83 -18.73 -50.78 -18.95
C HIS G 83 -17.98 -49.52 -18.57
N ARG G 84 -18.68 -48.50 -18.08
CA ARG G 84 -18.01 -47.29 -17.64
C ARG G 84 -17.08 -47.58 -16.46
N PHE G 85 -17.53 -48.42 -15.53
CA PHE G 85 -16.71 -48.69 -14.36
C PHE G 85 -15.29 -49.09 -14.76
N TYR G 86 -15.16 -49.98 -15.72
CA TYR G 86 -13.85 -50.49 -16.13
C TYR G 86 -13.15 -49.61 -17.13
N MET G 87 -13.63 -48.38 -17.32
CA MET G 87 -12.83 -47.30 -17.88
C MET G 87 -12.05 -46.56 -16.80
N PHE G 88 -12.38 -46.81 -15.52
CA PHE G 88 -11.72 -46.15 -14.41
C PHE G 88 -11.02 -47.13 -13.46
N HIS G 89 -11.17 -48.44 -13.67
CA HIS G 89 -10.56 -49.42 -12.80
C HIS G 89 -10.14 -50.62 -13.63
N SER G 90 -9.34 -51.49 -13.02
CA SER G 90 -8.80 -52.66 -13.69
C SER G 90 -9.59 -53.91 -13.29
N PHE G 91 -9.78 -54.80 -14.26
CA PHE G 91 -10.43 -56.08 -13.96
C PHE G 91 -9.62 -56.91 -12.97
N LYS G 92 -8.30 -56.69 -12.90
CA LYS G 92 -7.48 -57.45 -11.96
C LYS G 92 -7.72 -57.03 -10.52
N GLN G 93 -8.19 -55.80 -10.29
CA GLN G 93 -8.42 -55.30 -8.94
C GLN G 93 -9.87 -55.38 -8.51
N PHE G 94 -10.80 -55.56 -9.44
CA PHE G 94 -12.23 -55.65 -9.14
C PHE G 94 -12.81 -56.85 -9.89
N PRO G 95 -13.04 -57.97 -9.21
CA PRO G 95 -13.61 -59.14 -9.90
C PRO G 95 -14.89 -58.77 -10.62
N ARG G 96 -15.01 -59.24 -11.87
CA ARG G 96 -16.02 -58.70 -12.78
C ARG G 96 -17.44 -59.04 -12.32
N TYR G 97 -17.67 -60.27 -11.87
CA TYR G 97 -19.04 -60.64 -11.52
C TYR G 97 -19.54 -59.90 -10.30
N VAL G 98 -18.66 -59.60 -9.34
CA VAL G 98 -19.05 -58.77 -8.20
C VAL G 98 -19.46 -57.38 -8.67
N THR G 99 -18.61 -56.74 -9.46
CA THR G 99 -18.98 -55.46 -10.04
C THR G 99 -20.34 -55.54 -10.71
N GLY G 100 -20.53 -56.54 -11.58
CA GLY G 100 -21.80 -56.67 -12.27
C GLY G 100 -22.98 -56.71 -11.33
N ALA G 101 -22.94 -57.60 -10.34
CA ALA G 101 -24.04 -57.67 -9.38
C ALA G 101 -24.30 -56.32 -8.74
N CYS G 102 -23.24 -55.60 -8.35
CA CYS G 102 -23.38 -54.28 -7.77
C CYS G 102 -24.04 -53.32 -8.75
N CYS G 103 -23.58 -53.31 -10.00
CA CYS G 103 -24.18 -52.45 -11.01
C CYS G 103 -25.68 -52.69 -11.12
N LEU G 104 -26.09 -53.95 -11.26
CA LEU G 104 -27.51 -54.24 -11.39
C LEU G 104 -28.27 -53.75 -10.16
N PHE G 105 -27.76 -54.05 -8.96
CA PHE G 105 -28.43 -53.61 -7.74
C PHE G 105 -28.70 -52.12 -7.75
N LEU G 106 -27.70 -51.32 -8.11
CA LEU G 106 -27.92 -49.89 -8.20
C LEU G 106 -28.88 -49.55 -9.33
N ALA G 107 -28.72 -50.20 -10.49
CA ALA G 107 -29.61 -49.94 -11.61
C ALA G 107 -31.07 -50.13 -11.19
N GLY G 108 -31.35 -51.15 -10.39
CA GLY G 108 -32.71 -51.37 -9.95
C GLY G 108 -33.28 -50.17 -9.22
N LYS G 109 -32.52 -49.62 -8.28
CA LYS G 109 -32.99 -48.46 -7.54
C LYS G 109 -33.09 -47.24 -8.43
N VAL G 110 -32.20 -47.10 -9.41
CA VAL G 110 -32.24 -45.93 -10.29
C VAL G 110 -33.50 -45.96 -11.15
N GLU G 111 -33.72 -47.06 -11.87
CA GLU G 111 -34.82 -47.17 -12.80
C GLU G 111 -36.13 -47.61 -12.14
N GLU G 112 -36.21 -47.53 -10.81
CA GLU G 112 -37.43 -47.83 -10.07
C GLU G 112 -37.92 -49.25 -10.29
N THR G 113 -36.99 -50.20 -10.48
CA THR G 113 -37.29 -51.63 -10.50
C THR G 113 -36.41 -52.32 -9.46
N PRO G 114 -36.54 -51.94 -8.18
CA PRO G 114 -35.56 -52.40 -7.19
C PRO G 114 -35.68 -53.87 -6.87
N LYS G 115 -34.55 -54.47 -6.50
CA LYS G 115 -34.48 -55.83 -6.02
C LYS G 115 -33.58 -55.88 -4.79
N LYS G 116 -33.83 -56.84 -3.92
CA LYS G 116 -33.01 -56.99 -2.72
C LYS G 116 -31.66 -57.60 -3.07
N CYS G 117 -30.60 -57.03 -2.48
CA CYS G 117 -29.26 -57.57 -2.71
C CYS G 117 -29.25 -59.07 -2.44
N LYS G 118 -29.99 -59.51 -1.43
CA LYS G 118 -30.10 -60.94 -1.10
C LYS G 118 -30.59 -61.73 -2.30
N ASP G 119 -31.57 -61.20 -3.03
CA ASP G 119 -32.09 -61.94 -4.18
C ASP G 119 -31.06 -62.02 -5.31
N ILE G 120 -30.32 -60.94 -5.55
CA ILE G 120 -29.36 -60.93 -6.65
C ILE G 120 -28.26 -61.95 -6.41
N ILE G 121 -27.76 -62.02 -5.17
CA ILE G 121 -26.74 -63.01 -4.85
C ILE G 121 -27.26 -64.42 -5.08
N LYS G 122 -28.46 -64.70 -4.56
CA LYS G 122 -29.06 -66.02 -4.73
C LYS G 122 -29.15 -66.38 -6.21
N THR G 123 -29.61 -65.45 -7.03
CA THR G 123 -29.70 -65.72 -8.47
C THR G 123 -28.32 -65.88 -9.09
N ALA G 124 -27.36 -65.05 -8.66
CA ALA G 124 -26.00 -65.16 -9.18
C ALA G 124 -25.41 -66.54 -8.90
N ARG G 125 -25.76 -67.14 -7.77
CA ARG G 125 -25.24 -68.47 -7.45
C ARG G 125 -25.81 -69.51 -8.43
N SER G 126 -27.06 -69.34 -8.84
CA SER G 126 -27.67 -70.30 -9.77
C SER G 126 -26.94 -70.33 -11.11
N LEU G 127 -26.42 -69.19 -11.55
CA LEU G 127 -25.81 -69.07 -12.87
C LEU G 127 -24.30 -69.24 -12.86
N LEU G 128 -23.64 -68.97 -11.73
CA LEU G 128 -22.20 -69.10 -11.64
C LEU G 128 -21.82 -70.46 -11.05
N ASN G 129 -20.72 -71.01 -11.52
CA ASN G 129 -20.20 -72.26 -10.99
C ASN G 129 -19.48 -71.95 -9.66
N ASP G 130 -18.82 -72.96 -9.09
CA ASP G 130 -18.13 -72.75 -7.83
C ASP G 130 -16.89 -71.88 -8.00
N VAL G 131 -16.18 -72.02 -9.12
CA VAL G 131 -15.00 -71.21 -9.36
C VAL G 131 -15.39 -69.74 -9.53
N GLN G 132 -16.38 -69.48 -10.39
CA GLN G 132 -16.78 -68.11 -10.66
C GLN G 132 -17.31 -67.43 -9.41
N PHE G 133 -18.18 -68.11 -8.67
CA PHE G 133 -18.77 -67.53 -7.46
C PHE G 133 -17.73 -67.28 -6.38
N GLY G 134 -16.53 -67.86 -6.50
CA GLY G 134 -15.49 -67.60 -5.52
C GLY G 134 -15.12 -66.13 -5.44
N GLN G 135 -15.30 -65.39 -6.53
CA GLN G 135 -15.02 -63.96 -6.50
C GLN G 135 -15.77 -63.27 -5.38
N PHE G 136 -16.96 -63.75 -5.04
CA PHE G 136 -17.77 -63.11 -4.00
C PHE G 136 -17.23 -63.38 -2.59
N GLY G 137 -16.22 -64.23 -2.44
CA GLY G 137 -15.58 -64.37 -1.15
C GLY G 137 -16.48 -65.01 -0.10
N ASP G 138 -16.19 -64.68 1.15
CA ASP G 138 -16.91 -65.31 2.28
C ASP G 138 -18.31 -64.73 2.46
N ASP G 139 -18.48 -63.43 2.22
CA ASP G 139 -19.75 -62.74 2.42
C ASP G 139 -20.15 -62.07 1.12
N PRO G 140 -20.87 -62.77 0.23
CA PRO G 140 -21.24 -62.16 -1.05
C PRO G 140 -21.97 -60.83 -0.92
N LYS G 141 -23.04 -60.79 -0.13
CA LYS G 141 -23.82 -59.56 -0.02
C LYS G 141 -22.92 -58.38 0.37
N GLU G 142 -22.02 -58.58 1.33
CA GLU G 142 -21.20 -57.48 1.80
C GLU G 142 -20.25 -57.00 0.71
N GLU G 143 -19.61 -57.93 -0.01
CA GLU G 143 -18.73 -57.54 -1.10
C GLU G 143 -19.44 -56.64 -2.09
N VAL G 144 -20.75 -56.80 -2.26
CA VAL G 144 -21.49 -55.98 -3.21
C VAL G 144 -21.86 -54.64 -2.60
N MET G 145 -22.60 -54.66 -1.48
CA MET G 145 -23.01 -53.41 -0.84
C MET G 145 -21.82 -52.47 -0.66
N VAL G 146 -20.64 -53.03 -0.36
CA VAL G 146 -19.47 -52.21 -0.13
C VAL G 146 -18.96 -51.57 -1.41
N LEU G 147 -19.20 -52.21 -2.56
CA LEU G 147 -18.75 -51.65 -3.84
C LEU G 147 -19.66 -50.54 -4.34
N GLU G 148 -20.90 -50.46 -3.83
CA GLU G 148 -21.81 -49.41 -4.28
C GLU G 148 -21.19 -48.02 -4.14
N ARG G 149 -20.51 -47.78 -3.01
CA ARG G 149 -19.91 -46.47 -2.80
C ARG G 149 -18.95 -46.13 -3.94
N ILE G 150 -18.05 -47.05 -4.28
CA ILE G 150 -17.04 -46.75 -5.28
C ILE G 150 -17.68 -46.72 -6.68
N LEU G 151 -18.75 -47.49 -6.87
CA LEU G 151 -19.49 -47.40 -8.13
C LEU G 151 -20.13 -46.03 -8.28
N LEU G 152 -20.80 -45.56 -7.24
CA LEU G 152 -21.41 -44.23 -7.28
C LEU G 152 -20.36 -43.16 -7.54
N GLN G 153 -19.25 -43.21 -6.80
CA GLN G 153 -18.18 -42.25 -7.04
C GLN G 153 -17.60 -42.41 -8.44
N THR G 154 -17.51 -43.65 -8.92
CA THR G 154 -16.89 -43.88 -10.22
C THR G 154 -17.73 -43.31 -11.35
N ILE G 155 -19.05 -43.51 -11.30
CA ILE G 155 -19.93 -43.01 -12.34
C ILE G 155 -20.31 -41.57 -12.05
N LYS G 156 -19.58 -40.94 -11.12
CA LYS G 156 -19.74 -39.51 -10.84
C LYS G 156 -21.18 -39.15 -10.51
N PHE G 157 -21.93 -40.09 -9.94
CA PHE G 157 -23.32 -39.89 -9.55
C PHE G 157 -24.20 -39.44 -10.71
N ASP G 158 -23.75 -39.64 -11.95
CA ASP G 158 -24.55 -39.35 -13.14
C ASP G 158 -25.39 -40.58 -13.45
N LEU G 159 -26.52 -40.68 -12.77
CA LEU G 159 -27.28 -41.92 -12.72
C LEU G 159 -28.27 -42.11 -13.87
N GLN G 160 -28.56 -41.08 -14.65
CA GLN G 160 -29.51 -41.20 -15.74
C GLN G 160 -28.79 -41.62 -17.00
N VAL G 161 -29.18 -42.77 -17.56
CA VAL G 161 -28.65 -43.28 -18.81
C VAL G 161 -29.82 -43.51 -19.75
N GLU G 162 -29.68 -43.06 -20.99
CA GLU G 162 -30.67 -43.26 -22.04
C GLU G 162 -30.15 -44.34 -22.98
N HIS G 163 -31.02 -45.25 -23.38
CA HIS G 163 -30.58 -46.43 -24.12
C HIS G 163 -31.14 -46.47 -25.53
N PRO G 164 -30.43 -47.16 -26.45
CA PRO G 164 -30.88 -47.19 -27.85
C PRO G 164 -32.31 -47.67 -28.05
N TYR G 165 -32.84 -48.45 -27.10
CA TYR G 165 -34.17 -49.03 -27.28
C TYR G 165 -35.20 -47.93 -27.55
N GLN G 166 -35.28 -46.94 -26.66
CA GLN G 166 -36.34 -45.95 -26.78
C GLN G 166 -36.27 -45.19 -28.09
N PHE G 167 -35.06 -44.97 -28.61
CA PHE G 167 -34.92 -44.28 -29.89
C PHE G 167 -35.25 -45.20 -31.06
N LEU G 168 -34.94 -46.49 -30.94
CA LEU G 168 -35.34 -47.44 -31.98
C LEU G 168 -36.85 -47.41 -32.18
N LEU G 169 -37.61 -47.25 -31.08
CA LEU G 169 -39.06 -47.16 -31.17
C LEU G 169 -39.51 -45.80 -31.64
N LYS G 170 -38.91 -44.73 -31.10
CA LYS G 170 -39.28 -43.38 -31.48
C LYS G 170 -39.13 -43.17 -32.98
N TYR G 171 -38.06 -43.70 -33.57
CA TYR G 171 -37.82 -43.49 -34.99
C TYR G 171 -38.68 -44.41 -35.85
N ALA G 172 -38.82 -45.67 -35.47
CA ALA G 172 -39.65 -46.58 -36.24
C ALA G 172 -41.11 -46.13 -36.24
N LYS G 173 -41.57 -45.52 -35.14
CA LYS G 173 -42.95 -45.08 -35.05
C LYS G 173 -43.30 -44.08 -36.15
N GLN G 174 -42.31 -43.32 -36.62
CA GLN G 174 -42.50 -42.37 -37.70
C GLN G 174 -42.42 -43.02 -39.08
N LEU G 175 -42.12 -44.31 -39.16
CA LEU G 175 -42.12 -45.03 -40.42
C LEU G 175 -43.52 -45.52 -40.74
N LYS G 176 -43.93 -45.36 -42.00
CA LYS G 176 -45.23 -45.79 -42.47
C LYS G 176 -45.05 -46.68 -43.70
N GLY G 177 -45.73 -47.82 -43.70
CA GLY G 177 -45.64 -48.75 -44.82
C GLY G 177 -46.10 -50.14 -44.38
N ASP G 178 -45.57 -51.14 -45.07
CA ASP G 178 -45.84 -52.53 -44.72
C ASP G 178 -45.54 -52.76 -43.25
N LYS G 179 -46.57 -52.93 -42.43
CA LYS G 179 -46.36 -53.03 -41.00
C LYS G 179 -45.48 -54.22 -40.65
N ASN G 180 -45.62 -55.33 -41.36
CA ASN G 180 -44.84 -56.52 -41.03
C ASN G 180 -43.38 -56.36 -41.41
N LYS G 181 -43.08 -55.66 -42.51
CA LYS G 181 -41.69 -55.37 -42.82
C LYS G 181 -41.09 -54.44 -41.78
N ILE G 182 -41.85 -53.45 -41.31
CA ILE G 182 -41.37 -52.54 -40.28
C ILE G 182 -41.17 -53.29 -38.97
N GLN G 183 -42.08 -54.20 -38.64
CA GLN G 183 -41.93 -54.97 -37.41
C GLN G 183 -40.70 -55.86 -37.47
N LYS G 184 -40.42 -56.45 -38.63
CA LYS G 184 -39.22 -57.26 -38.77
C LYS G 184 -37.97 -56.42 -38.57
N LEU G 185 -37.96 -55.20 -39.12
CA LEU G 185 -36.85 -54.30 -38.90
C LEU G 185 -36.62 -54.06 -37.41
N VAL G 186 -37.69 -53.77 -36.68
CA VAL G 186 -37.55 -53.44 -35.26
C VAL G 186 -37.01 -54.64 -34.48
N GLN G 187 -37.66 -55.79 -34.64
CA GLN G 187 -37.23 -56.97 -33.89
C GLN G 187 -35.76 -57.30 -34.14
N MET G 188 -35.35 -57.29 -35.41
CA MET G 188 -33.97 -57.60 -35.72
C MET G 188 -33.03 -56.55 -35.13
N ALA G 189 -33.41 -55.27 -35.22
CA ALA G 189 -32.58 -54.21 -34.62
C ALA G 189 -32.52 -54.37 -33.10
N TRP G 190 -33.68 -54.62 -32.47
CA TRP G 190 -33.69 -54.85 -31.03
C TRP G 190 -32.72 -55.96 -30.64
N THR G 191 -32.72 -57.05 -31.42
CA THR G 191 -31.75 -58.11 -31.18
C THR G 191 -30.33 -57.59 -31.28
N PHE G 192 -30.07 -56.71 -32.26
CA PHE G 192 -28.73 -56.16 -32.41
C PHE G 192 -28.37 -55.26 -31.23
N VAL G 193 -29.34 -54.49 -30.71
CA VAL G 193 -29.08 -53.66 -29.54
C VAL G 193 -28.65 -54.53 -28.37
N ASN G 194 -29.41 -55.59 -28.11
CA ASN G 194 -29.03 -56.51 -27.03
C ASN G 194 -27.61 -57.03 -27.23
N ASP G 195 -27.21 -57.31 -28.47
CA ASP G 195 -25.87 -57.81 -28.73
C ASP G 195 -24.82 -56.72 -28.54
N SER G 196 -25.17 -55.47 -28.84
CA SER G 196 -24.21 -54.38 -28.72
C SER G 196 -23.85 -54.10 -27.27
N LEU G 197 -24.69 -54.51 -26.32
CA LEU G 197 -24.39 -54.29 -24.91
C LEU G 197 -23.15 -55.06 -24.49
N CYS G 198 -22.87 -56.18 -25.14
CA CYS G 198 -21.67 -56.97 -24.86
C CYS G 198 -20.39 -56.30 -25.36
N THR G 199 -20.51 -55.15 -26.02
CA THR G 199 -19.39 -54.44 -26.61
C THR G 199 -19.23 -53.06 -26.00
N THR G 200 -18.13 -52.39 -26.36
CA THR G 200 -17.82 -51.05 -25.88
C THR G 200 -18.53 -49.97 -26.67
N LEU G 201 -19.38 -50.34 -27.63
CA LEU G 201 -20.14 -49.34 -28.37
C LEU G 201 -20.91 -48.42 -27.43
N SER G 202 -21.40 -48.95 -26.30
CA SER G 202 -22.05 -48.09 -25.32
C SER G 202 -21.16 -46.95 -24.89
N LEU G 203 -19.85 -47.08 -25.04
CA LEU G 203 -18.90 -46.06 -24.62
C LEU G 203 -18.41 -45.19 -25.77
N GLN G 204 -18.74 -45.53 -27.02
CA GLN G 204 -18.20 -44.82 -28.16
C GLN G 204 -19.19 -43.85 -28.79
N TRP G 205 -20.47 -44.18 -28.83
CA TRP G 205 -21.45 -43.40 -29.57
C TRP G 205 -22.70 -43.23 -28.72
N GLU G 206 -23.32 -42.05 -28.83
CA GLU G 206 -24.55 -41.76 -28.11
C GLU G 206 -25.59 -42.83 -28.45
N PRO G 207 -26.59 -43.03 -27.59
CA PRO G 207 -27.59 -44.08 -27.88
C PRO G 207 -28.39 -43.81 -29.15
N GLU G 208 -28.70 -42.54 -29.42
CA GLU G 208 -29.42 -42.20 -30.63
C GLU G 208 -28.70 -42.74 -31.86
N ILE G 209 -27.37 -42.64 -31.88
CA ILE G 209 -26.59 -43.12 -33.01
C ILE G 209 -26.67 -44.65 -33.10
N ILE G 210 -26.60 -45.33 -31.96
CA ILE G 210 -26.71 -46.79 -31.96
C ILE G 210 -28.06 -47.21 -32.53
N ALA G 211 -29.13 -46.56 -32.08
CA ALA G 211 -30.47 -46.90 -32.55
C ALA G 211 -30.56 -46.81 -34.07
N VAL G 212 -29.97 -45.78 -34.66
CA VAL G 212 -29.98 -45.65 -36.12
C VAL G 212 -29.13 -46.76 -36.74
N ALA G 213 -27.94 -46.99 -36.20
CA ALA G 213 -27.03 -47.97 -36.79
C ALA G 213 -27.70 -49.34 -36.91
N VAL G 214 -28.45 -49.76 -35.89
CA VAL G 214 -29.06 -51.09 -35.93
C VAL G 214 -30.17 -51.13 -36.97
N MET G 215 -30.98 -50.06 -37.05
CA MET G 215 -31.94 -49.96 -38.15
C MET G 215 -31.22 -50.05 -39.49
N TYR G 216 -30.12 -49.31 -39.64
CA TYR G 216 -29.32 -49.36 -40.86
C TYR G 216 -28.86 -50.78 -41.17
N LEU G 217 -28.46 -51.53 -40.13
CA LEU G 217 -28.01 -52.90 -40.36
C LEU G 217 -29.19 -53.80 -40.73
N ALA G 218 -30.28 -53.75 -39.94
CA ALA G 218 -31.45 -54.55 -40.24
C ALA G 218 -31.96 -54.25 -41.65
N GLY G 219 -31.93 -52.99 -42.06
CA GLY G 219 -32.35 -52.66 -43.41
C GLY G 219 -31.50 -53.33 -44.46
N ARG G 220 -30.18 -53.34 -44.27
CA ARG G 220 -29.30 -54.00 -45.21
C ARG G 220 -29.58 -55.50 -45.26
N LEU G 221 -29.71 -56.14 -44.10
CA LEU G 221 -29.90 -57.58 -44.07
C LEU G 221 -31.26 -57.97 -44.66
N CYS G 222 -32.29 -57.19 -44.37
CA CYS G 222 -33.63 -57.45 -44.90
C CYS G 222 -33.84 -56.89 -46.29
N LYS G 223 -32.84 -56.23 -46.87
CA LYS G 223 -32.94 -55.67 -48.21
C LYS G 223 -34.08 -54.65 -48.30
N PHE G 224 -34.26 -53.88 -47.23
CA PHE G 224 -35.26 -52.82 -47.17
C PHE G 224 -34.66 -51.49 -47.56
N GLU G 225 -35.47 -50.65 -48.20
CA GLU G 225 -35.10 -49.28 -48.56
C GLU G 225 -35.84 -48.36 -47.58
N ILE G 226 -35.24 -48.15 -46.40
CA ILE G 226 -35.96 -47.54 -45.29
C ILE G 226 -36.50 -46.18 -45.67
N GLN G 227 -35.81 -45.45 -46.54
CA GLN G 227 -36.24 -44.09 -46.85
C GLN G 227 -37.71 -44.07 -47.29
N GLU G 228 -38.14 -45.10 -48.01
CA GLU G 228 -39.49 -45.10 -48.57
C GLU G 228 -40.56 -44.98 -47.48
N TRP G 229 -40.28 -45.48 -46.28
CA TRP G 229 -41.25 -45.41 -45.20
C TRP G 229 -41.24 -44.08 -44.46
N THR G 230 -40.34 -43.17 -44.83
CA THR G 230 -40.22 -41.90 -44.13
C THR G 230 -41.12 -40.84 -44.80
N SER G 231 -41.19 -39.68 -44.15
CA SER G 231 -41.88 -38.54 -44.73
C SER G 231 -41.12 -37.92 -45.90
N LYS G 232 -39.88 -38.35 -46.13
CA LYS G 232 -39.04 -37.87 -47.23
C LYS G 232 -38.53 -39.09 -47.97
N PRO G 233 -39.38 -39.73 -48.78
CA PRO G 233 -39.02 -41.04 -49.34
C PRO G 233 -37.93 -41.00 -50.40
N MET G 234 -37.53 -39.82 -50.88
CA MET G 234 -36.44 -39.71 -51.84
C MET G 234 -35.20 -39.09 -51.22
N TYR G 235 -35.15 -38.98 -49.89
CA TYR G 235 -33.96 -38.56 -49.15
C TYR G 235 -33.22 -39.83 -48.73
N ARG G 236 -32.27 -40.25 -49.55
CA ARG G 236 -31.68 -41.58 -49.39
C ARG G 236 -30.90 -41.72 -48.08
N ARG G 237 -30.40 -40.63 -47.51
CA ARG G 237 -29.82 -40.66 -46.18
C ARG G 237 -30.95 -40.40 -45.17
N TRP G 238 -31.76 -41.44 -44.99
CA TRP G 238 -33.02 -41.30 -44.25
C TRP G 238 -32.80 -40.91 -42.80
N TRP G 239 -31.71 -41.37 -42.19
CA TRP G 239 -31.54 -41.17 -40.75
C TRP G 239 -31.35 -39.72 -40.39
N GLU G 240 -30.79 -38.91 -41.29
CA GLU G 240 -30.44 -37.54 -40.95
C GLU G 240 -31.61 -36.74 -40.40
N GLN G 241 -32.85 -37.16 -40.66
CA GLN G 241 -33.99 -36.50 -40.07
C GLN G 241 -34.26 -36.97 -38.64
N PHE G 242 -33.61 -38.05 -38.21
CA PHE G 242 -33.67 -38.51 -36.83
C PHE G 242 -32.45 -38.10 -36.02
N VAL G 243 -31.26 -38.24 -36.59
CA VAL G 243 -30.00 -37.96 -35.92
C VAL G 243 -29.16 -37.10 -36.87
N GLN G 244 -28.96 -35.84 -36.52
CA GLN G 244 -28.23 -34.93 -37.39
C GLN G 244 -26.74 -35.18 -37.31
N ASP G 245 -26.07 -34.99 -38.46
CA ASP G 245 -24.60 -34.94 -38.52
C ASP G 245 -23.95 -36.28 -38.21
N VAL G 246 -24.48 -37.36 -38.77
CA VAL G 246 -23.92 -38.69 -38.60
C VAL G 246 -23.42 -39.17 -39.98
N PRO G 247 -22.12 -39.34 -40.17
CA PRO G 247 -21.63 -39.85 -41.45
C PRO G 247 -21.82 -41.35 -41.56
N VAL G 248 -21.88 -41.82 -42.80
CA VAL G 248 -22.06 -43.25 -43.05
C VAL G 248 -20.88 -44.04 -42.50
N ASP G 249 -19.70 -43.42 -42.44
CA ASP G 249 -18.54 -44.09 -41.87
C ASP G 249 -18.83 -44.62 -40.47
N VAL G 250 -19.50 -43.81 -39.65
CA VAL G 250 -19.80 -44.21 -38.28
C VAL G 250 -20.76 -45.39 -38.26
N LEU G 251 -21.86 -45.28 -39.01
CA LEU G 251 -22.82 -46.37 -39.07
C LEU G 251 -22.17 -47.67 -39.53
N GLU G 252 -21.23 -47.58 -40.46
CA GLU G 252 -20.53 -48.78 -40.93
C GLU G 252 -19.58 -49.31 -39.85
N ASP G 253 -18.90 -48.41 -39.13
CA ASP G 253 -18.06 -48.84 -38.01
C ASP G 253 -18.89 -49.60 -36.99
N ILE G 254 -20.06 -49.07 -36.65
CA ILE G 254 -20.92 -49.71 -35.65
C ILE G 254 -21.39 -51.07 -36.15
N CYS G 255 -21.95 -51.11 -37.37
CA CYS G 255 -22.42 -52.38 -37.91
C CYS G 255 -21.31 -53.41 -37.90
N HIS G 256 -20.08 -53.01 -38.24
CA HIS G 256 -18.99 -53.97 -38.36
C HIS G 256 -18.73 -54.68 -37.04
N GLN G 257 -18.75 -53.94 -35.93
CA GLN G 257 -18.45 -54.57 -34.65
C GLN G 257 -19.51 -55.58 -34.26
N ILE G 258 -20.79 -55.29 -34.55
CA ILE G 258 -21.84 -56.25 -34.27
C ILE G 258 -21.63 -57.51 -35.09
N LEU G 259 -21.45 -57.36 -36.41
CA LEU G 259 -21.23 -58.52 -37.27
C LEU G 259 -19.97 -59.28 -36.87
N ASP G 260 -18.99 -58.58 -36.29
CA ASP G 260 -17.78 -59.27 -35.81
C ASP G 260 -18.12 -60.25 -34.70
N LEU G 261 -19.09 -59.90 -33.85
CA LEU G 261 -19.48 -60.80 -32.77
C LEU G 261 -20.10 -62.08 -33.33
N TYR G 262 -21.00 -61.94 -34.30
CA TYR G 262 -21.67 -63.11 -34.86
C TYR G 262 -20.69 -64.01 -35.59
N SER G 263 -19.81 -63.43 -36.41
CA SER G 263 -18.85 -64.24 -37.15
C SER G 263 -17.81 -64.86 -36.22
N GLN G 264 -17.39 -64.11 -35.20
CA GLN G 264 -16.41 -64.63 -34.25
C GLN G 264 -16.93 -65.88 -33.55
N GLY G 265 -18.13 -65.80 -32.98
CA GLY G 265 -18.71 -66.92 -32.26
C GLY G 265 -19.35 -67.93 -33.20
N LYS G 266 -20.13 -68.82 -32.59
CA LYS G 266 -20.91 -69.80 -33.36
C LYS G 266 -22.30 -69.29 -33.70
N GLN G 267 -22.79 -68.27 -33.00
CA GLN G 267 -24.07 -67.67 -33.31
C GLN G 267 -24.02 -67.03 -34.69
N GLN G 268 -25.19 -66.97 -35.35
CA GLN G 268 -25.30 -66.47 -36.71
C GLN G 268 -26.26 -65.28 -36.74
N MET G 269 -26.27 -64.58 -37.88
CA MET G 269 -27.11 -63.40 -38.02
C MET G 269 -28.57 -63.79 -37.85
N PRO G 270 -29.39 -62.96 -37.18
CA PRO G 270 -30.81 -63.32 -37.02
C PRO G 270 -31.53 -63.51 -38.34
N HIS G 271 -31.49 -62.50 -39.21
CA HIS G 271 -32.19 -62.52 -40.49
C HIS G 271 -33.55 -63.20 -40.40
N THR H 7 -23.79 24.14 10.83
CA THR H 7 -23.37 24.70 9.55
C THR H 7 -22.22 25.67 9.74
N GLU H 8 -21.72 26.24 8.63
CA GLU H 8 -20.59 27.15 8.71
C GLU H 8 -20.96 28.48 9.35
N SER H 9 -22.25 28.84 9.36
CA SER H 9 -22.69 30.14 9.86
C SER H 9 -22.94 30.14 11.36
N ASP H 10 -22.97 28.97 12.01
CA ASP H 10 -23.23 28.89 13.45
C ASP H 10 -21.98 29.30 14.22
N TRP H 11 -21.74 30.60 14.22
CA TRP H 11 -20.62 31.17 14.96
C TRP H 11 -20.93 31.18 16.45
N GLY H 12 -19.88 31.20 17.27
CA GLY H 12 -20.01 31.31 18.70
C GLY H 12 -20.01 29.99 19.45
N LYS H 13 -20.30 28.88 18.77
CA LYS H 13 -20.39 27.59 19.43
C LYS H 13 -19.11 26.77 19.33
N ARG H 14 -18.41 26.83 18.21
CA ARG H 14 -17.17 26.08 18.08
C ARG H 14 -16.17 26.52 19.15
N CYS H 15 -15.51 25.54 19.76
CA CYS H 15 -14.58 25.80 20.84
C CYS H 15 -13.20 26.11 20.29
N VAL H 16 -12.46 26.95 21.02
CA VAL H 16 -11.10 27.27 20.62
C VAL H 16 -10.16 26.08 20.69
N ASP H 17 -10.61 24.98 21.30
CA ASP H 17 -9.80 23.76 21.31
C ASP H 17 -9.34 23.39 19.91
N LYS H 18 -10.09 23.79 18.89
CA LYS H 18 -9.80 23.41 17.51
C LYS H 18 -8.63 24.20 16.92
N PHE H 19 -7.95 25.04 17.71
CA PHE H 19 -6.80 25.80 17.25
C PHE H 19 -5.63 25.55 18.17
N ASP H 20 -4.52 25.07 17.61
CA ASP H 20 -3.26 25.02 18.34
C ASP H 20 -2.67 26.42 18.38
N ILE H 21 -2.46 26.95 19.59
CA ILE H 21 -2.00 28.31 19.75
C ILE H 21 -0.48 28.35 19.58
N ILE H 22 0.00 29.19 18.67
CA ILE H 22 1.42 29.30 18.41
C ILE H 22 2.08 30.34 19.30
N GLY H 23 1.42 31.47 19.52
CA GLY H 23 1.97 32.51 20.36
C GLY H 23 1.05 33.72 20.35
N ILE H 24 1.49 34.76 21.03
CA ILE H 24 0.73 36.01 21.14
C ILE H 24 1.35 37.01 20.17
N ILE H 25 0.60 37.35 19.11
CA ILE H 25 1.12 38.28 18.11
C ILE H 25 0.98 39.72 18.58
N GLY H 26 -0.09 40.05 19.31
CA GLY H 26 -0.29 41.42 19.73
C GLY H 26 -1.19 41.53 20.94
N GLU H 27 -1.17 42.70 21.55
CA GLU H 27 -1.98 43.03 22.72
C GLU H 27 -3.04 44.04 22.32
N GLY H 28 -4.28 43.81 22.75
CA GLY H 28 -5.39 44.68 22.42
C GLY H 28 -6.04 45.29 23.65
N THR H 29 -7.05 46.12 23.40
CA THR H 29 -7.74 46.82 24.48
C THR H 29 -8.59 45.86 25.32
N TYR H 30 -9.42 45.07 24.66
CA TYR H 30 -10.32 44.16 25.35
C TYR H 30 -9.82 42.72 25.35
N GLY H 31 -8.56 42.49 25.03
CA GLY H 31 -8.00 41.15 25.10
C GLY H 31 -6.64 41.08 24.45
N GLN H 32 -6.22 39.86 24.14
CA GLN H 32 -4.92 39.58 23.57
C GLN H 32 -5.07 38.85 22.23
N VAL H 33 -4.25 39.24 21.25
CA VAL H 33 -4.31 38.68 19.90
C VAL H 33 -3.26 37.58 19.80
N TYR H 34 -3.68 36.40 19.36
CA TYR H 34 -2.79 35.25 19.23
C TYR H 34 -2.73 34.78 17.78
N LYS H 35 -1.66 34.07 17.45
CA LYS H 35 -1.51 33.32 16.21
C LYS H 35 -1.78 31.85 16.49
N ALA H 36 -2.38 31.16 15.52
CA ALA H 36 -2.77 29.78 15.77
C ALA H 36 -2.95 29.02 14.47
N LYS H 37 -2.94 27.68 14.58
CA LYS H 37 -3.14 26.77 13.47
C LYS H 37 -4.44 26.00 13.70
N ASP H 38 -5.21 25.82 12.62
CA ASP H 38 -6.45 25.05 12.69
C ASP H 38 -6.13 23.57 12.72
N LYS H 39 -6.61 22.87 13.75
CA LYS H 39 -6.25 21.47 13.91
C LYS H 39 -6.78 20.61 12.76
N ASP H 40 -7.91 20.99 12.18
CA ASP H 40 -8.55 20.16 11.16
C ASP H 40 -8.04 20.44 9.76
N THR H 41 -7.75 21.70 9.43
CA THR H 41 -7.33 22.06 8.10
C THR H 41 -5.87 22.47 7.99
N GLY H 42 -5.22 22.78 9.11
CA GLY H 42 -3.86 23.26 9.07
C GLY H 42 -3.70 24.72 8.70
N GLU H 43 -4.79 25.42 8.45
CA GLU H 43 -4.70 26.84 8.11
C GLU H 43 -4.18 27.64 9.29
N LEU H 44 -3.40 28.68 8.99
CA LEU H 44 -2.93 29.61 10.01
C LEU H 44 -3.97 30.73 10.17
N VAL H 45 -4.26 31.08 11.42
CA VAL H 45 -5.28 32.08 11.73
C VAL H 45 -4.77 32.97 12.87
N ALA H 46 -5.42 34.13 12.99
CA ALA H 46 -5.13 35.08 14.07
C ALA H 46 -6.38 35.27 14.90
N LEU H 47 -6.26 35.10 16.20
CA LEU H 47 -7.39 35.13 17.13
C LEU H 47 -7.29 36.38 17.99
N LYS H 48 -8.20 37.33 17.76
CA LYS H 48 -8.39 38.45 18.68
C LYS H 48 -9.33 38.02 19.80
N LYS H 49 -8.94 38.27 21.04
CA LYS H 49 -9.73 37.86 22.21
C LYS H 49 -10.64 39.00 22.65
N VAL H 50 -11.90 38.66 22.94
CA VAL H 50 -12.88 39.58 23.48
C VAL H 50 -13.37 39.02 24.81
N ARG H 51 -13.11 39.74 25.89
CA ARG H 51 -13.45 39.28 27.23
C ARG H 51 -14.73 39.98 27.67
N LEU H 52 -15.80 39.21 27.82
CA LEU H 52 -17.00 39.70 28.47
C LEU H 52 -16.93 39.60 29.98
N ASP H 53 -15.83 39.07 30.53
CA ASP H 53 -15.78 38.75 31.95
C ASP H 53 -15.67 40.01 32.81
N ASN H 54 -15.09 41.10 32.29
CA ASN H 54 -15.15 42.35 33.03
C ASN H 54 -16.60 42.85 33.13
N GLU H 55 -17.37 42.70 32.05
CA GLU H 55 -18.81 42.95 32.08
C GLU H 55 -19.14 44.35 32.57
N LYS H 56 -18.32 45.33 32.18
CA LYS H 56 -18.62 46.71 32.51
C LYS H 56 -19.93 47.13 31.86
N GLU H 57 -20.09 46.85 30.57
CA GLU H 57 -21.32 47.14 29.84
C GLU H 57 -21.46 46.17 28.66
N GLY H 58 -21.50 44.87 28.95
CA GLY H 58 -21.74 43.87 27.92
C GLY H 58 -20.56 43.68 26.97
N PHE H 59 -20.87 43.04 25.85
CA PHE H 59 -19.90 42.88 24.77
C PHE H 59 -19.38 44.25 24.36
N PRO H 60 -18.06 44.43 24.26
CA PRO H 60 -17.53 45.76 23.91
C PRO H 60 -18.11 46.29 22.60
N ILE H 61 -18.69 47.50 22.67
CA ILE H 61 -19.22 48.13 21.47
C ILE H 61 -18.14 48.22 20.41
N THR H 62 -16.88 48.43 20.80
CA THR H 62 -15.79 48.50 19.84
C THR H 62 -15.73 47.23 19.02
N ALA H 63 -15.76 46.07 19.69
CA ALA H 63 -15.75 44.81 18.96
C ALA H 63 -16.98 44.71 18.06
N ILE H 64 -18.14 45.10 18.58
CA ILE H 64 -19.38 44.96 17.81
C ILE H 64 -19.28 45.68 16.48
N ARG H 65 -18.65 46.86 16.46
CA ARG H 65 -18.45 47.55 15.20
C ARG H 65 -17.60 46.72 14.25
N GLU H 66 -16.51 46.13 14.75
CA GLU H 66 -15.69 45.31 13.88
C GLU H 66 -16.44 44.07 13.42
N ILE H 67 -17.21 43.44 14.32
CA ILE H 67 -17.94 42.23 13.94
C ILE H 67 -18.96 42.55 12.85
N LYS H 68 -19.66 43.68 12.98
CA LYS H 68 -20.68 44.03 12.01
C LYS H 68 -20.06 44.44 10.68
N ILE H 69 -19.00 45.25 10.71
CA ILE H 69 -18.41 45.74 9.48
C ILE H 69 -17.75 44.60 8.71
N LEU H 70 -16.92 43.81 9.39
CA LEU H 70 -16.07 42.84 8.71
C LEU H 70 -16.72 41.47 8.50
N ARG H 71 -17.92 41.23 9.02
CA ARG H 71 -18.66 40.05 8.59
C ARG H 71 -19.31 40.28 7.22
N GLN H 72 -19.51 41.53 6.84
CA GLN H 72 -20.05 41.89 5.53
C GLN H 72 -18.96 42.00 4.48
N LEU H 73 -17.81 42.59 4.82
CA LEU H 73 -16.75 42.84 3.85
C LEU H 73 -15.97 41.56 3.56
N ILE H 74 -15.85 41.22 2.27
CA ILE H 74 -15.10 40.04 1.87
C ILE H 74 -14.08 40.39 0.79
N HIS H 75 -13.76 41.67 0.65
CA HIS H 75 -12.86 42.09 -0.43
C HIS H 75 -11.47 41.48 -0.26
N ARG H 76 -10.77 41.33 -1.38
CA ARG H 76 -9.40 40.80 -1.35
C ARG H 76 -8.50 41.64 -0.47
N SER H 77 -8.76 42.94 -0.38
CA SER H 77 -7.87 43.88 0.29
C SER H 77 -8.32 44.23 1.69
N VAL H 78 -9.10 43.36 2.34
CA VAL H 78 -9.52 43.53 3.72
C VAL H 78 -9.33 42.22 4.45
N VAL H 79 -8.92 42.29 5.72
CA VAL H 79 -8.85 41.09 6.55
C VAL H 79 -10.26 40.63 6.86
N ASN H 80 -10.49 39.32 6.77
CA ASN H 80 -11.84 38.78 6.92
C ASN H 80 -11.94 37.88 8.14
N MET H 81 -13.07 37.97 8.83
CA MET H 81 -13.33 37.17 10.02
C MET H 81 -13.87 35.82 9.58
N LYS H 82 -13.06 34.78 9.73
CA LYS H 82 -13.52 33.44 9.36
C LYS H 82 -14.64 32.97 10.29
N GLU H 83 -14.46 33.14 11.59
CA GLU H 83 -15.43 32.64 12.57
C GLU H 83 -15.10 33.21 13.94
N ILE H 84 -16.01 32.96 14.87
CA ILE H 84 -15.89 33.39 16.26
C ILE H 84 -16.04 32.17 17.14
N VAL H 85 -15.02 31.89 17.96
CA VAL H 85 -15.03 30.70 18.81
C VAL H 85 -15.06 31.11 20.29
N THR H 86 -15.14 30.12 21.18
CA THR H 86 -15.28 30.39 22.60
C THR H 86 -14.45 29.40 23.41
N ASP H 87 -14.19 29.76 24.66
CA ASP H 87 -13.53 28.87 25.61
C ASP H 87 -14.49 27.77 26.05
N LYS H 88 -13.95 26.78 26.77
CA LYS H 88 -14.78 25.72 27.35
C LYS H 88 -15.86 26.33 28.22
N GLN H 89 -17.12 26.16 27.82
CA GLN H 89 -18.25 26.76 28.52
C GLN H 89 -18.90 25.73 29.44
N ASP H 90 -19.35 26.19 30.61
CA ASP H 90 -20.04 25.32 31.55
C ASP H 90 -21.41 24.95 31.00
N ALA H 91 -21.77 23.67 31.13
CA ALA H 91 -23.00 23.17 30.54
C ALA H 91 -24.20 23.59 31.36
N LEU H 92 -25.20 24.17 30.68
CA LEU H 92 -26.45 24.59 31.31
C LEU H 92 -26.21 25.59 32.44
N ASP H 93 -25.12 26.35 32.33
CA ASP H 93 -24.78 27.39 33.30
C ASP H 93 -24.39 28.67 32.57
N PHE H 94 -25.32 29.19 31.75
CA PHE H 94 -24.96 30.34 30.90
C PHE H 94 -24.76 31.59 31.75
N LYS H 95 -25.52 31.74 32.83
CA LYS H 95 -25.29 32.85 33.74
C LYS H 95 -23.93 32.72 34.42
N LYS H 96 -23.57 31.50 34.82
CA LYS H 96 -22.29 31.30 35.51
C LYS H 96 -21.11 31.48 34.55
N ASP H 97 -21.27 31.10 33.28
CA ASP H 97 -20.16 31.13 32.35
C ASP H 97 -19.64 32.56 32.17
N LYS H 98 -18.34 32.72 32.34
CA LYS H 98 -17.65 33.99 32.11
C LYS H 98 -16.56 33.82 31.05
N GLY H 99 -16.70 32.82 30.19
CA GLY H 99 -15.70 32.56 29.18
C GLY H 99 -15.62 33.65 28.15
N ALA H 100 -14.46 33.72 27.49
CA ALA H 100 -14.21 34.75 26.50
C ALA H 100 -14.55 34.24 25.10
N PHE H 101 -14.60 35.17 24.14
CA PHE H 101 -14.78 34.88 22.73
C PHE H 101 -13.52 35.27 21.96
N TYR H 102 -13.27 34.56 20.87
CA TYR H 102 -12.11 34.83 20.02
C TYR H 102 -12.61 35.04 18.59
N LEU H 103 -12.15 36.08 17.93
CA LEU H 103 -12.51 36.37 16.54
C LEU H 103 -11.39 35.87 15.64
N VAL H 104 -11.72 34.90 14.78
CA VAL H 104 -10.73 34.32 13.88
C VAL H 104 -10.56 35.22 12.67
N PHE H 105 -9.30 35.56 12.36
CA PHE H 105 -8.96 36.44 11.26
C PHE H 105 -7.94 35.77 10.34
N GLU H 106 -8.01 36.08 9.05
CA GLU H 106 -6.97 35.63 8.12
C GLU H 106 -5.61 36.11 8.60
N TYR H 107 -4.65 35.20 8.69
CA TYR H 107 -3.33 35.54 9.21
C TYR H 107 -2.47 36.18 8.12
N MET H 108 -1.91 37.35 8.41
CA MET H 108 -0.99 38.06 7.54
C MET H 108 0.37 38.14 8.20
N ASP H 109 1.42 37.89 7.41
CA ASP H 109 2.74 37.66 8.01
C ASP H 109 3.34 38.95 8.56
N HIS H 110 3.26 40.06 7.83
CA HIS H 110 3.97 41.28 8.17
C HIS H 110 3.05 42.48 8.22
N ASP H 111 3.60 43.61 8.68
CA ASP H 111 2.92 44.90 8.73
C ASP H 111 3.84 45.97 8.16
N LEU H 112 3.23 47.04 7.63
CA LEU H 112 4.02 48.07 6.98
C LEU H 112 5.00 48.72 7.94
N MET H 113 4.55 49.00 9.17
CA MET H 113 5.44 49.64 10.14
C MET H 113 6.72 48.83 10.32
N GLY H 114 6.60 47.51 10.36
CA GLY H 114 7.75 46.65 10.58
C GLY H 114 8.75 46.69 9.46
N LEU H 115 8.33 46.30 8.26
CA LEU H 115 9.26 46.22 7.13
C LEU H 115 9.93 47.55 6.87
N LEU H 116 9.18 48.65 6.94
CA LEU H 116 9.77 49.96 6.70
C LEU H 116 10.80 50.31 7.75
N GLU H 117 10.61 49.85 9.00
CA GLU H 117 11.50 50.25 10.08
C GLU H 117 12.96 49.93 9.76
N SER H 118 13.22 48.76 9.18
CA SER H 118 14.60 48.39 8.88
C SER H 118 15.24 49.38 7.92
N GLY H 119 14.50 49.83 6.91
CA GLY H 119 15.06 50.60 5.84
C GLY H 119 15.82 49.79 4.82
N LEU H 120 16.03 48.50 5.07
CA LEU H 120 16.61 47.63 4.08
C LEU H 120 15.68 47.43 2.90
N VAL H 121 14.36 47.37 3.17
CA VAL H 121 13.40 47.16 2.09
C VAL H 121 13.41 48.36 1.14
N HIS H 122 13.33 48.06 -0.15
CA HIS H 122 13.22 49.08 -1.19
C HIS H 122 11.86 48.91 -1.86
N PHE H 123 10.98 49.88 -1.66
CA PHE H 123 9.67 49.90 -2.32
C PHE H 123 9.83 50.65 -3.63
N SER H 124 9.95 49.89 -4.73
CA SER H 124 10.07 50.52 -6.04
C SER H 124 8.75 51.19 -6.42
N GLU H 125 8.79 51.95 -7.52
CA GLU H 125 7.58 52.60 -8.00
C GLU H 125 6.51 51.57 -8.30
N ASP H 126 6.86 50.51 -9.01
CA ASP H 126 5.89 49.46 -9.33
C ASP H 126 5.38 48.79 -8.07
N HIS H 127 6.26 48.55 -7.09
CA HIS H 127 5.80 47.99 -5.83
C HIS H 127 4.76 48.90 -5.18
N ILE H 128 5.01 50.21 -5.17
CA ILE H 128 4.08 51.15 -4.54
C ILE H 128 2.76 51.19 -5.31
N LYS H 129 2.82 51.10 -6.63
CA LYS H 129 1.59 51.06 -7.42
C LYS H 129 0.74 49.86 -7.02
N SER H 130 1.34 48.68 -6.99
CA SER H 130 0.60 47.49 -6.55
C SER H 130 0.04 47.69 -5.14
N PHE H 131 0.86 48.23 -4.23
CA PHE H 131 0.42 48.47 -2.87
C PHE H 131 -0.78 49.41 -2.84
N MET H 132 -0.62 50.60 -3.40
CA MET H 132 -1.68 51.61 -3.28
C MET H 132 -2.97 51.16 -3.95
N LYS H 133 -2.88 50.52 -5.12
CA LYS H 133 -4.10 50.12 -5.82
C LYS H 133 -4.93 49.17 -4.97
N GLN H 134 -4.27 48.16 -4.38
CA GLN H 134 -4.98 47.29 -3.45
C GLN H 134 -5.54 48.11 -2.28
N LEU H 135 -4.72 48.99 -1.72
CA LEU H 135 -5.17 49.80 -0.60
C LEU H 135 -6.44 50.58 -0.96
N MET H 136 -6.40 51.28 -2.09
CA MET H 136 -7.56 52.10 -2.46
C MET H 136 -8.74 51.24 -2.88
N GLU H 137 -8.49 50.15 -3.61
CA GLU H 137 -9.59 49.26 -3.98
C GLU H 137 -10.31 48.74 -2.74
N GLY H 138 -9.55 48.43 -1.68
CA GLY H 138 -10.20 48.04 -0.44
C GLY H 138 -10.96 49.18 0.19
N LEU H 139 -10.37 50.38 0.19
CA LEU H 139 -11.05 51.52 0.76
C LEU H 139 -12.30 51.90 -0.04
N GLU H 140 -12.22 51.82 -1.37
CA GLU H 140 -13.38 52.11 -2.21
C GLU H 140 -14.54 51.19 -1.86
N TYR H 141 -14.27 49.90 -1.70
CA TYR H 141 -15.33 48.94 -1.39
C TYR H 141 -16.02 49.31 -0.08
N CYS H 142 -15.24 49.50 0.99
CA CYS H 142 -15.82 49.82 2.29
C CYS H 142 -16.52 51.16 2.27
N HIS H 143 -15.93 52.14 1.57
CA HIS H 143 -16.55 53.46 1.49
C HIS H 143 -17.89 53.39 0.75
N LYS H 144 -17.99 52.55 -0.27
CA LYS H 144 -19.25 52.43 -1.01
C LYS H 144 -20.30 51.69 -0.20
N LYS H 145 -19.89 50.82 0.71
CA LYS H 145 -20.81 50.23 1.68
C LYS H 145 -21.08 51.17 2.85
N ASN H 146 -20.53 52.40 2.81
CA ASN H 146 -20.70 53.39 3.87
C ASN H 146 -20.12 52.92 5.19
N PHE H 147 -19.10 52.07 5.14
CA PHE H 147 -18.30 51.71 6.31
C PHE H 147 -16.97 52.44 6.22
N LEU H 148 -16.62 53.17 7.27
CA LEU H 148 -15.40 53.98 7.29
C LEU H 148 -14.44 53.47 8.36
N HIS H 149 -13.18 53.29 7.97
CA HIS H 149 -12.11 52.92 8.88
C HIS H 149 -11.47 54.21 9.40
N ARG H 150 -11.85 54.60 10.61
CA ARG H 150 -11.49 55.95 11.08
C ARG H 150 -9.99 56.08 11.31
N ASP H 151 -9.33 55.03 11.78
CA ASP H 151 -7.89 55.05 12.05
C ASP H 151 -7.18 54.17 11.02
N ILE H 152 -6.44 54.80 10.11
CA ILE H 152 -5.61 54.09 9.13
C ILE H 152 -4.17 54.48 9.43
N LYS H 153 -3.37 53.51 9.85
CA LYS H 153 -1.98 53.75 10.20
C LYS H 153 -1.12 52.59 9.68
N CYS H 154 0.19 52.79 9.73
CA CYS H 154 1.13 51.77 9.25
C CYS H 154 0.94 50.45 9.99
N SER H 155 0.63 50.52 11.27
CA SER H 155 0.36 49.30 12.03
C SER H 155 -0.89 48.59 11.50
N ASN H 156 -1.90 49.34 11.10
CA ASN H 156 -3.15 48.73 10.67
C ASN H 156 -3.05 48.08 9.29
N ILE H 157 -2.19 48.61 8.42
CA ILE H 157 -2.00 47.99 7.11
C ILE H 157 -1.14 46.74 7.26
N LEU H 158 -1.63 45.63 6.75
CA LEU H 158 -0.95 44.34 6.87
C LEU H 158 -0.68 43.79 5.47
N LEU H 159 0.52 43.23 5.27
CA LEU H 159 0.85 42.62 3.99
C LEU H 159 1.59 41.31 4.20
N ASN H 160 1.20 40.30 3.43
CA ASN H 160 1.86 38.99 3.45
C ASN H 160 3.09 39.03 2.54
N ASN H 161 3.79 37.89 2.46
CA ASN H 161 4.97 37.82 1.61
C ASN H 161 4.61 37.77 0.12
N SER H 162 3.37 37.37 -0.20
CA SER H 162 2.99 37.24 -1.60
C SER H 162 2.80 38.59 -2.28
N GLY H 163 2.55 39.65 -1.51
CA GLY H 163 2.31 40.97 -2.06
C GLY H 163 0.90 41.50 -1.85
N GLN H 164 0.03 40.76 -1.16
CA GLN H 164 -1.31 41.24 -0.88
C GLN H 164 -1.27 42.24 0.27
N ILE H 165 -2.01 43.34 0.10
CA ILE H 165 -2.14 44.39 1.11
C ILE H 165 -3.56 44.32 1.64
N LYS H 166 -3.71 44.22 2.96
CA LYS H 166 -5.03 44.10 3.57
C LYS H 166 -5.17 45.10 4.71
N LEU H 167 -6.27 45.84 4.70
CA LEU H 167 -6.64 46.73 5.80
C LEU H 167 -7.17 45.90 6.97
N ALA H 168 -6.91 46.38 8.18
CA ALA H 168 -7.26 45.62 9.37
C ALA H 168 -7.54 46.56 10.54
N ASP H 169 -7.88 45.95 11.68
CA ASP H 169 -8.12 46.68 12.92
C ASP H 169 -9.18 47.77 12.72
N PHE H 170 -10.28 47.41 12.06
CA PHE H 170 -11.42 48.31 11.98
C PHE H 170 -11.97 48.61 13.37
N GLY H 171 -12.02 47.59 14.23
CA GLY H 171 -12.25 47.77 15.65
C GLY H 171 -11.34 46.84 16.42
N LEU H 172 -11.28 47.05 17.73
CA LEU H 172 -10.49 46.20 18.60
C LEU H 172 -9.02 46.17 18.15
N ALA H 173 -8.44 47.36 17.96
CA ALA H 173 -7.09 47.44 17.43
C ALA H 173 -6.09 46.78 18.37
N ARG H 174 -5.02 46.24 17.77
CA ARG H 174 -4.07 45.39 18.48
C ARG H 174 -2.87 46.22 18.95
N LEU H 175 -3.09 47.03 19.99
CA LEU H 175 -1.99 47.83 20.53
C LEU H 175 -2.22 48.08 22.02
N TYR H 176 -1.13 48.14 22.76
CA TYR H 176 -1.18 48.32 24.22
C TYR H 176 0.19 48.76 24.71
N ASN H 177 0.20 49.80 25.54
CA ASN H 177 1.43 50.27 26.16
C ASN H 177 1.11 50.85 27.53
N SER H 178 2.00 50.60 28.49
CA SER H 178 1.95 51.27 29.79
C SER H 178 3.39 51.59 30.19
N GLU H 179 3.55 52.70 30.91
CA GLU H 179 4.85 53.33 31.06
C GLU H 179 4.69 54.46 32.06
N GLU H 180 5.75 54.76 32.80
CA GLU H 180 5.75 55.98 33.60
C GLU H 180 6.18 57.12 32.68
N SER H 181 5.25 58.03 32.40
CA SER H 181 5.43 59.28 31.69
C SER H 181 5.55 59.12 30.18
N ARG H 182 5.38 57.92 29.62
CA ARG H 182 5.32 57.73 28.16
C ARG H 182 4.26 56.71 27.82
N PRO H 183 2.98 57.09 27.96
CA PRO H 183 1.90 56.17 27.58
C PRO H 183 1.33 56.48 26.20
N TYR H 184 0.20 55.86 25.86
CA TYR H 184 -0.48 56.10 24.59
C TYR H 184 0.40 56.05 23.34
N ASN H 186 -0.53 54.12 21.02
CA ASN H 186 -1.61 53.97 20.04
C ASN H 186 -2.02 55.36 19.56
N LYS H 187 -2.09 56.32 20.48
CA LYS H 187 -2.50 57.68 20.12
C LYS H 187 -1.46 58.36 19.25
N VAL H 188 -0.19 58.26 19.62
CA VAL H 188 0.85 58.98 18.88
C VAL H 188 0.87 58.53 17.43
N ILE H 189 0.78 57.22 17.20
CA ILE H 189 0.82 56.72 15.82
C ILE H 189 -0.41 57.17 15.06
N THR H 190 -1.59 57.08 15.68
CA THR H 190 -2.81 57.55 15.04
C THR H 190 -2.70 59.02 14.66
N LEU H 191 -2.13 59.84 15.55
CA LEU H 191 -2.03 61.27 15.28
C LEU H 191 -1.19 61.54 14.03
N TRP H 192 -0.10 60.79 13.84
CA TRP H 192 0.74 61.02 12.67
C TRP H 192 -0.04 60.97 11.37
N TYR H 193 -1.22 60.32 11.38
CA TYR H 193 -2.05 60.16 10.20
C TYR H 193 -3.41 60.84 10.32
N ARG H 194 -3.69 61.54 11.41
CA ARG H 194 -4.99 62.16 11.58
C ARG H 194 -5.15 63.34 10.61
N PRO H 195 -6.35 63.53 10.06
CA PRO H 195 -6.56 64.62 9.08
C PRO H 195 -6.62 65.98 9.76
N PRO H 196 -6.33 67.06 9.01
CA PRO H 196 -6.38 68.40 9.61
C PRO H 196 -7.74 68.76 10.16
N GLU H 197 -8.80 68.37 9.45
CA GLU H 197 -10.16 68.66 9.92
C GLU H 197 -10.39 68.10 11.31
N LEU H 198 -9.97 66.85 11.55
CA LEU H 198 -10.22 66.23 12.85
C LEU H 198 -9.46 66.95 13.96
N LEU H 199 -8.25 67.41 13.67
CA LEU H 199 -7.49 68.16 14.66
C LEU H 199 -8.21 69.45 15.04
N LEU H 200 -8.71 70.17 14.03
CA LEU H 200 -9.43 71.41 14.29
C LEU H 200 -10.72 71.16 15.05
N GLY H 201 -11.44 70.09 14.70
CA GLY H 201 -12.62 69.70 15.44
C GLY H 201 -13.02 68.28 15.10
N GLU H 202 -13.51 67.56 16.11
CA GLU H 202 -13.99 66.20 15.87
C GLU H 202 -15.09 66.20 14.81
N GLU H 203 -16.00 67.15 14.89
CA GLU H 203 -16.97 67.43 13.83
C GLU H 203 -17.74 66.14 13.52
N ARG H 204 -18.07 65.90 12.26
CA ARG H 204 -18.73 64.69 11.80
C ARG H 204 -17.73 63.87 11.00
N TYR H 205 -17.66 62.57 11.30
CA TYR H 205 -16.76 61.68 10.58
C TYR H 205 -17.12 61.67 9.09
N THR H 206 -16.15 62.02 8.25
CA THR H 206 -16.32 62.01 6.80
C THR H 206 -15.48 60.91 6.17
N PRO H 207 -15.77 60.55 4.91
CA PRO H 207 -14.90 59.59 4.23
C PRO H 207 -13.49 60.11 4.01
N ALA H 208 -13.32 61.43 3.93
CA ALA H 208 -12.01 62.00 3.62
C ALA H 208 -10.98 61.73 4.70
N ILE H 209 -11.41 61.37 5.92
CA ILE H 209 -10.44 61.10 6.97
C ILE H 209 -9.61 59.87 6.64
N ASP H 210 -10.23 58.88 5.99
CA ASP H 210 -9.46 57.71 5.54
C ASP H 210 -8.50 58.08 4.41
N VAL H 211 -9.00 58.83 3.42
CA VAL H 211 -8.18 59.12 2.26
C VAL H 211 -6.93 59.90 2.65
N TRP H 212 -7.10 60.90 3.51
CA TRP H 212 -5.95 61.67 4.00
C TRP H 212 -4.91 60.75 4.61
N SER H 213 -5.33 59.95 5.60
CA SER H 213 -4.44 58.97 6.20
C SER H 213 -3.68 58.20 5.13
N CYS H 214 -4.40 57.68 4.13
CA CYS H 214 -3.75 56.90 3.08
C CYS H 214 -2.76 57.75 2.30
N GLY H 215 -3.08 59.02 2.08
CA GLY H 215 -2.12 59.90 1.43
C GLY H 215 -0.83 60.03 2.23
N CYS H 216 -0.95 60.20 3.55
CA CYS H 216 0.24 60.17 4.40
C CYS H 216 1.05 58.92 4.13
N ILE H 217 0.39 57.77 3.98
CA ILE H 217 1.10 56.53 3.71
C ILE H 217 1.82 56.61 2.38
N LEU H 218 1.16 57.16 1.37
CA LEU H 218 1.77 57.26 0.04
C LEU H 218 3.14 57.93 0.11
N GLY H 219 3.20 59.13 0.68
CA GLY H 219 4.47 59.80 0.83
C GLY H 219 5.45 58.98 1.65
N GLU H 220 4.97 58.33 2.70
CA GLU H 220 5.84 57.52 3.55
C GLU H 220 6.48 56.39 2.77
N LEU H 221 5.78 55.87 1.74
CA LEU H 221 6.36 54.80 0.94
C LEU H 221 7.47 55.30 0.02
N PHE H 222 7.53 56.60 -0.26
CA PHE H 222 8.60 57.17 -1.06
C PHE H 222 9.76 57.69 -0.20
N THR H 223 9.52 57.92 1.08
CA THR H 223 10.54 58.38 2.00
C THR H 223 10.99 57.30 2.97
N LYS H 224 10.11 56.34 3.27
CA LYS H 224 10.30 55.33 4.31
C LYS H 224 10.28 55.91 5.71
N LYS H 225 9.95 57.19 5.83
CA LYS H 225 9.73 57.90 7.07
C LYS H 225 8.36 58.55 7.04
N PRO H 226 7.59 58.46 8.12
CA PRO H 226 6.31 59.19 8.15
C PRO H 226 6.52 60.67 7.86
N ILE H 227 5.48 61.30 7.34
CA ILE H 227 5.60 62.70 6.91
C ILE H 227 5.38 63.65 8.08
N PHE H 228 4.32 63.41 8.86
CA PHE H 228 3.95 64.30 9.97
C PHE H 228 4.13 63.53 11.27
N GLN H 229 5.26 63.76 11.94
CA GLN H 229 5.55 63.14 13.24
C GLN H 229 5.59 64.23 14.30
N ALA H 230 4.57 64.23 15.17
CA ALA H 230 4.49 65.18 16.27
C ALA H 230 3.94 64.46 17.48
N ASN H 231 4.02 65.14 18.64
CA ASN H 231 3.48 64.61 19.88
C ASN H 231 2.20 65.30 20.32
N LEU H 232 1.95 66.52 19.87
CA LEU H 232 0.81 67.32 20.29
C LEU H 232 0.05 67.81 19.08
N GLU H 233 -1.25 67.99 19.25
CA GLU H 233 -2.12 68.33 18.12
C GLU H 233 -1.69 69.64 17.46
N LEU H 234 -1.25 70.61 18.25
CA LEU H 234 -0.80 71.86 17.65
C LEU H 234 0.47 71.66 16.83
N ALA H 235 1.47 70.99 17.42
CA ALA H 235 2.70 70.71 16.69
C ALA H 235 2.42 69.96 15.39
N GLN H 236 1.33 69.18 15.34
CA GLN H 236 1.01 68.44 14.14
C GLN H 236 0.43 69.35 13.06
N LEU H 237 -0.56 70.17 13.43
CA LEU H 237 -1.12 71.10 12.45
C LEU H 237 -0.05 71.96 11.79
N GLU H 238 0.99 72.31 12.53
CA GLU H 238 2.08 73.11 11.97
C GLU H 238 2.87 72.29 10.96
N LEU H 239 3.29 71.08 11.33
CA LEU H 239 4.05 70.24 10.41
C LEU H 239 3.29 70.05 9.10
N ILE H 240 1.96 70.01 9.17
CA ILE H 240 1.15 69.97 7.96
C ILE H 240 1.18 71.32 7.25
N SER H 241 1.18 72.41 8.02
CA SER H 241 1.12 73.74 7.40
C SER H 241 2.42 74.09 6.70
N ARG H 242 3.56 73.68 7.25
CA ARG H 242 4.84 73.94 6.60
C ARG H 242 4.90 73.29 5.22
N LEU H 243 4.11 72.24 4.98
CA LEU H 243 4.11 71.50 3.73
C LEU H 243 2.89 71.79 2.86
N CYS H 244 1.69 71.69 3.43
CA CYS H 244 0.46 71.85 2.66
C CYS H 244 -0.05 73.28 2.62
N GLY H 245 0.49 74.16 3.45
CA GLY H 245 -0.05 75.50 3.58
C GLY H 245 -1.01 75.59 4.75
N SER H 246 -0.98 76.71 5.45
CA SER H 246 -1.81 76.87 6.64
C SER H 246 -3.29 76.82 6.27
N PRO H 247 -4.12 76.16 7.08
CA PRO H 247 -5.56 76.24 6.83
C PRO H 247 -6.03 77.68 6.87
N CYS H 248 -6.71 78.09 5.81
CA CYS H 248 -7.18 79.47 5.69
C CYS H 248 -8.51 79.46 4.96
N PRO H 249 -9.30 80.53 5.10
CA PRO H 249 -10.63 80.52 4.45
C PRO H 249 -10.58 80.33 2.95
N ALA H 250 -9.58 80.89 2.28
CA ALA H 250 -9.52 80.80 0.82
C ALA H 250 -9.36 79.35 0.37
N VAL H 251 -8.41 78.62 0.98
CA VAL H 251 -8.22 77.22 0.58
C VAL H 251 -9.37 76.37 1.11
N TRP H 252 -9.91 76.69 2.28
CA TRP H 252 -10.96 75.90 2.91
C TRP H 252 -12.07 76.82 3.39
N PRO H 253 -13.22 76.84 2.71
CA PRO H 253 -14.27 77.80 3.12
C PRO H 253 -14.83 77.54 4.52
N ASP H 254 -15.11 76.28 4.86
CA ASP H 254 -15.75 75.95 6.13
C ASP H 254 -14.74 75.81 7.27
N VAL H 255 -13.50 76.26 7.07
CA VAL H 255 -12.50 76.16 8.13
C VAL H 255 -12.91 76.97 9.34
N ILE H 256 -13.68 78.05 9.14
CA ILE H 256 -14.06 78.89 10.26
C ILE H 256 -15.19 78.28 11.08
N ARG H 257 -15.95 77.35 10.52
CA ARG H 257 -16.95 76.64 11.32
C ARG H 257 -16.30 75.62 12.25
N LEU H 258 -15.14 75.10 11.88
CA LEU H 258 -14.46 74.15 12.74
C LEU H 258 -14.10 74.80 14.07
N PRO H 259 -14.27 74.09 15.19
CA PRO H 259 -14.17 74.77 16.50
C PRO H 259 -12.83 75.44 16.79
N TYR H 260 -11.70 74.76 16.56
CA TYR H 260 -10.43 75.28 17.04
C TYR H 260 -9.63 76.04 15.99
N PHE H 261 -10.26 76.47 14.88
CA PHE H 261 -9.50 77.15 13.84
C PHE H 261 -8.74 78.36 14.40
N ASN H 262 -9.43 79.20 15.16
CA ASN H 262 -8.79 80.38 15.72
C ASN H 262 -7.85 80.00 16.86
N THR H 263 -8.30 79.12 17.75
CA THR H 263 -7.50 78.76 18.91
C THR H 263 -6.24 77.99 18.50
N MET H 264 -6.41 76.95 17.67
CA MET H 264 -5.29 76.21 17.11
C MET H 264 -4.91 76.84 15.79
N LYS H 265 -3.81 77.59 15.77
CA LYS H 265 -3.42 78.30 14.56
C LYS H 265 -1.93 78.10 14.28
N PRO H 266 -1.56 77.94 13.01
CA PRO H 266 -0.14 77.82 12.66
C PRO H 266 0.74 78.92 13.22
N LYS H 267 2.04 78.62 13.36
CA LYS H 267 3.01 79.63 13.76
C LYS H 267 2.93 80.86 12.87
N LYS H 268 2.91 80.66 11.56
CA LYS H 268 2.74 81.71 10.58
C LYS H 268 2.02 81.12 9.38
N GLN H 269 1.06 81.88 8.83
CA GLN H 269 0.34 81.41 7.65
C GLN H 269 1.34 80.99 6.57
N TYR H 270 1.36 79.69 6.27
CA TYR H 270 2.33 79.10 5.37
C TYR H 270 1.77 78.92 3.97
N ARG H 271 2.66 78.90 2.99
CA ARG H 271 2.29 78.57 1.63
C ARG H 271 2.47 77.05 1.43
N ARG H 272 2.10 76.55 0.27
CA ARG H 272 2.16 75.13 -0.04
C ARG H 272 3.47 74.82 -0.75
N ARG H 273 4.28 73.96 -0.14
CA ARG H 273 5.55 73.55 -0.70
C ARG H 273 5.58 72.06 -1.06
N LEU H 274 4.41 71.40 -1.06
CA LEU H 274 4.38 69.95 -1.21
C LEU H 274 5.15 69.49 -2.44
N ARG H 275 4.95 70.17 -3.57
CA ARG H 275 5.61 69.75 -4.81
C ARG H 275 7.11 70.03 -4.77
N GLU H 276 7.54 71.02 -4.00
CA GLU H 276 8.97 71.30 -3.89
C GLU H 276 9.67 70.27 -3.02
N GLU H 277 9.14 70.02 -1.82
CA GLU H 277 9.78 69.09 -0.89
C GLU H 277 9.62 67.64 -1.33
N PHE H 278 8.68 67.35 -2.23
CA PHE H 278 8.53 66.02 -2.82
C PHE H 278 8.91 66.02 -4.30
N SER H 279 9.84 66.88 -4.69
CA SER H 279 10.23 67.00 -6.08
C SER H 279 10.90 65.75 -6.62
N PHE H 280 11.35 64.85 -5.74
CA PHE H 280 12.00 63.63 -6.18
C PHE H 280 11.02 62.50 -6.49
N ILE H 281 9.72 62.74 -6.40
CA ILE H 281 8.72 61.71 -6.64
C ILE H 281 8.30 61.76 -8.11
N PRO H 282 7.99 60.62 -8.73
CA PRO H 282 7.49 60.65 -10.11
C PRO H 282 6.27 61.56 -10.25
N SER H 283 6.12 62.12 -11.46
CA SER H 283 5.09 63.12 -11.70
C SER H 283 3.70 62.54 -11.47
N ALA H 284 3.43 61.38 -12.06
CA ALA H 284 2.12 60.76 -11.90
C ALA H 284 1.78 60.56 -10.42
N ALA H 285 2.76 60.17 -9.62
CA ALA H 285 2.53 59.95 -8.19
C ALA H 285 2.35 61.27 -7.46
N LEU H 286 3.28 62.21 -7.66
CA LEU H 286 3.21 63.49 -6.98
C LEU H 286 1.85 64.14 -7.17
N ASP H 287 1.26 64.01 -8.36
CA ASP H 287 -0.07 64.55 -8.60
C ASP H 287 -1.12 63.85 -7.73
N LEU H 288 -0.92 62.57 -7.44
CA LEU H 288 -1.83 61.86 -6.55
C LEU H 288 -1.65 62.33 -5.11
N LEU H 289 -0.40 62.48 -4.66
CA LEU H 289 -0.15 62.97 -3.32
C LEU H 289 -0.75 64.36 -3.14
N ASP H 290 -0.54 65.25 -4.12
CA ASP H 290 -1.07 66.60 -4.03
C ASP H 290 -2.58 66.59 -3.85
N HIS H 291 -3.27 65.67 -4.53
CA HIS H 291 -4.72 65.60 -4.43
C HIS H 291 -5.19 64.94 -3.15
N MET H 292 -4.44 63.95 -2.65
CA MET H 292 -4.85 63.26 -1.44
C MET H 292 -4.61 64.07 -0.17
N LEU H 293 -3.72 65.05 -0.23
CA LEU H 293 -3.41 65.91 0.92
C LEU H 293 -4.05 67.29 0.77
N THR H 294 -5.24 67.33 0.18
CA THR H 294 -6.03 68.56 0.13
C THR H 294 -6.62 68.82 1.52
N LEU H 295 -6.45 70.05 2.01
CA LEU H 295 -6.90 70.35 3.37
C LEU H 295 -8.42 70.26 3.47
N ASP H 296 -9.13 70.82 2.52
CA ASP H 296 -10.58 70.82 2.55
C ASP H 296 -11.11 69.40 2.38
N PRO H 297 -11.90 68.87 3.31
CA PRO H 297 -12.54 67.57 3.04
C PRO H 297 -13.30 67.55 1.72
N SER H 298 -13.95 68.65 1.37
CA SER H 298 -14.72 68.71 0.14
C SER H 298 -13.83 68.52 -1.08
N LYS H 299 -12.71 69.24 -1.12
CA LYS H 299 -11.81 69.18 -2.27
C LYS H 299 -10.90 67.96 -2.26
N ARG H 300 -10.98 67.11 -1.24
CA ARG H 300 -10.08 65.96 -1.14
C ARG H 300 -10.59 64.82 -2.03
N CYS H 301 -9.70 64.31 -2.86
CA CYS H 301 -10.07 63.28 -3.82
C CYS H 301 -10.70 62.08 -3.13
N THR H 302 -11.77 61.56 -3.72
CA THR H 302 -12.39 60.36 -3.18
C THR H 302 -11.53 59.13 -3.50
N ALA H 303 -11.97 57.97 -3.03
CA ALA H 303 -11.25 56.73 -3.32
C ALA H 303 -11.34 56.38 -4.80
N GLU H 304 -12.55 56.33 -5.36
CA GLU H 304 -12.69 56.06 -6.79
C GLU H 304 -11.74 56.95 -7.59
N GLN H 305 -11.73 58.24 -7.26
CA GLN H 305 -10.87 59.18 -7.97
C GLN H 305 -9.41 58.75 -7.93
N THR H 306 -8.96 58.27 -6.77
CA THR H 306 -7.58 57.80 -6.67
C THR H 306 -7.35 56.57 -7.53
N LEU H 307 -8.34 55.68 -7.61
CA LEU H 307 -8.25 54.50 -8.47
C LEU H 307 -8.32 54.86 -9.95
N GLN H 308 -8.73 56.08 -10.29
CA GLN H 308 -8.72 56.56 -11.66
C GLN H 308 -7.55 57.52 -11.91
N SER H 309 -6.59 57.56 -11.00
CA SER H 309 -5.42 58.41 -11.18
C SER H 309 -4.55 57.88 -12.31
N ASP H 310 -3.69 58.76 -12.82
CA ASP H 310 -2.69 58.31 -13.80
C ASP H 310 -1.77 57.26 -13.18
N PHE H 311 -1.46 57.42 -11.89
CA PHE H 311 -0.57 56.50 -11.21
C PHE H 311 -1.16 55.10 -11.16
N LEU H 312 -2.40 54.97 -10.69
CA LEU H 312 -2.96 53.67 -10.35
C LEU H 312 -3.96 53.12 -11.37
N LYS H 313 -4.39 53.93 -12.35
CA LYS H 313 -5.45 53.49 -13.25
C LYS H 313 -5.02 52.28 -14.07
N ASP H 314 -3.82 52.34 -14.63
CA ASP H 314 -3.32 51.31 -15.54
C ASP H 314 -2.40 50.31 -14.85
N VAL H 315 -2.42 50.28 -13.52
CA VAL H 315 -1.68 49.25 -12.79
C VAL H 315 -2.36 47.91 -12.99
N GLU H 316 -1.58 46.89 -13.34
CA GLU H 316 -2.11 45.56 -13.62
C GLU H 316 -2.21 44.76 -12.34
N LEU H 317 -3.45 44.44 -11.95
CA LEU H 317 -3.67 43.67 -10.73
C LEU H 317 -3.05 42.28 -10.85
N SER H 318 -3.08 41.69 -12.04
CA SER H 318 -2.53 40.36 -12.24
C SER H 318 -1.02 40.34 -11.97
N LYS H 319 -0.31 41.39 -12.36
CA LYS H 319 1.13 41.47 -12.15
C LYS H 319 1.38 41.87 -10.70
N MET H 320 1.36 40.85 -9.83
CA MET H 320 1.59 41.10 -8.41
C MET H 320 2.95 41.74 -8.17
N ALA H 321 3.95 41.37 -8.98
CA ALA H 321 5.31 41.89 -8.81
C ALA H 321 5.73 41.72 -7.36
N PRO H 322 6.06 40.50 -6.93
CA PRO H 322 6.30 40.24 -5.50
C PRO H 322 7.32 41.21 -4.92
N PRO H 323 7.02 41.81 -3.77
CA PRO H 323 7.98 42.73 -3.16
C PRO H 323 9.24 42.00 -2.71
N ASP H 324 10.34 42.75 -2.64
CA ASP H 324 11.65 42.20 -2.27
C ASP H 324 11.86 42.43 -0.77
N LEU H 325 11.69 41.37 0.02
CA LEU H 325 11.84 41.38 1.46
C LEU H 325 13.02 40.53 1.86
N PRO H 326 13.92 41.01 2.71
CA PRO H 326 15.16 40.25 2.99
C PRO H 326 14.88 38.91 3.65
N HIS H 327 15.51 37.87 3.13
CA HIS H 327 15.37 36.54 3.72
C HIS H 327 16.72 35.83 3.90
N TRP H 328 17.71 36.18 3.09
CA TRP H 328 19.06 35.67 3.29
C TRP H 328 20.05 36.83 3.20
N GLN H 329 21.17 36.68 3.89
CA GLN H 329 22.20 37.70 4.12
C GLN H 329 21.71 38.79 5.06
N ASP H 330 20.46 38.70 5.55
CA ASP H 330 20.03 39.54 6.65
C ASP H 330 20.65 39.07 7.97
N CYS H 331 20.87 37.76 8.10
CA CYS H 331 21.49 37.24 9.32
C CYS H 331 22.91 37.75 9.50
N HIS H 332 23.70 37.76 8.43
CA HIS H 332 25.12 38.09 8.47
C HIS H 332 25.36 39.40 7.75
N GLU H 333 25.89 40.38 8.47
CA GLU H 333 26.24 41.66 7.86
C GLU H 333 27.26 41.44 6.75
N LEU H 334 27.04 42.09 5.61
CA LEU H 334 27.87 41.87 4.42
C LEU H 334 29.12 42.75 4.52
N TRP H 335 30.26 42.12 4.71
CA TRP H 335 31.53 42.83 4.77
C TRP H 335 31.85 43.41 3.40
N THR I 7 -12.14 -32.39 -12.37
CA THR I 7 -13.05 -31.45 -13.01
C THR I 7 -14.27 -31.19 -12.13
N GLU I 8 -15.19 -30.34 -12.62
CA GLU I 8 -16.38 -30.00 -11.85
C GLU I 8 -17.39 -31.15 -11.80
N SER I 9 -17.30 -32.10 -12.72
CA SER I 9 -18.25 -33.20 -12.79
C SER I 9 -17.85 -34.41 -11.95
N ASP I 10 -16.59 -34.50 -11.52
CA ASP I 10 -16.12 -35.62 -10.72
C ASP I 10 -16.68 -35.45 -9.29
N TRP I 11 -17.95 -35.80 -9.14
CA TRP I 11 -18.61 -35.73 -7.85
C TRP I 11 -18.19 -36.92 -6.98
N GLY I 12 -18.49 -36.83 -5.69
CA GLY I 12 -18.25 -37.92 -4.79
C GLY I 12 -16.85 -38.02 -4.25
N LYS I 13 -15.94 -37.15 -4.66
CA LYS I 13 -14.55 -37.19 -4.19
C LYS I 13 -14.18 -36.01 -3.31
N ARG I 14 -14.66 -34.80 -3.62
CA ARG I 14 -14.34 -33.65 -2.78
C ARG I 14 -14.83 -33.90 -1.36
N CYS I 15 -13.98 -33.54 -0.39
CA CYS I 15 -14.27 -33.75 1.01
C CYS I 15 -15.08 -32.59 1.57
N VAL I 16 -15.95 -32.90 2.54
CA VAL I 16 -16.73 -31.87 3.20
C VAL I 16 -15.84 -30.89 3.97
N ASP I 17 -14.55 -31.20 4.14
CA ASP I 17 -13.63 -30.28 4.79
C ASP I 17 -13.68 -28.89 4.17
N LYS I 18 -14.08 -28.80 2.90
CA LYS I 18 -14.10 -27.55 2.16
C LYS I 18 -15.27 -26.66 2.53
N PHE I 19 -16.07 -27.03 3.52
CA PHE I 19 -17.20 -26.23 3.96
C PHE I 19 -17.11 -26.00 5.46
N ASP I 20 -17.11 -24.74 5.87
CA ASP I 20 -17.29 -24.38 7.27
C ASP I 20 -18.77 -24.55 7.62
N ILE I 21 -19.06 -25.43 8.57
CA ILE I 21 -20.44 -25.71 8.94
C ILE I 21 -20.94 -24.62 9.89
N ILE I 22 -22.07 -24.03 9.55
CA ILE I 22 -22.64 -22.96 10.38
C ILE I 22 -23.63 -23.50 11.39
N GLY I 23 -24.42 -24.51 11.01
CA GLY I 23 -25.39 -25.06 11.93
C GLY I 23 -26.24 -26.11 11.23
N ILE I 24 -27.22 -26.63 11.97
CA ILE I 24 -28.14 -27.63 11.46
C ILE I 24 -29.48 -26.95 11.22
N ILE I 25 -29.90 -26.89 9.96
CA ILE I 25 -31.13 -26.21 9.57
C ILE I 25 -32.31 -27.15 9.43
N GLY I 26 -32.06 -28.44 9.21
CA GLY I 26 -33.15 -29.39 9.05
C GLY I 26 -32.70 -30.79 9.40
N GLU I 27 -33.70 -31.64 9.64
CA GLU I 27 -33.48 -33.06 9.91
C GLU I 27 -34.33 -33.88 8.95
N GLY I 28 -33.69 -34.77 8.21
CA GLY I 28 -34.33 -35.50 7.14
C GLY I 28 -34.53 -36.97 7.43
N THR I 29 -35.09 -37.66 6.43
CA THR I 29 -35.40 -39.07 6.57
C THR I 29 -34.15 -39.88 6.92
N TYR I 30 -33.07 -39.68 6.17
CA TYR I 30 -31.85 -40.44 6.35
C TYR I 30 -30.66 -39.58 6.77
N GLY I 31 -30.84 -38.28 6.99
CA GLY I 31 -29.74 -37.44 7.36
C GLY I 31 -30.18 -36.11 7.92
N GLN I 32 -29.22 -35.20 8.01
CA GLN I 32 -29.40 -33.87 8.58
C GLN I 32 -29.00 -32.83 7.54
N VAL I 33 -29.73 -31.72 7.49
CA VAL I 33 -29.45 -30.64 6.57
C VAL I 33 -28.71 -29.54 7.32
N TYR I 34 -27.55 -29.13 6.79
CA TYR I 34 -26.67 -28.18 7.44
C TYR I 34 -26.47 -26.95 6.56
N LYS I 35 -26.53 -25.77 7.17
CA LYS I 35 -26.06 -24.54 6.53
C LYS I 35 -24.55 -24.48 6.63
N ALA I 36 -23.88 -24.13 5.53
CA ALA I 36 -22.42 -24.10 5.52
C ALA I 36 -21.90 -23.10 4.50
N LYS I 37 -20.68 -22.65 4.72
CA LYS I 37 -20.00 -21.69 3.85
C LYS I 37 -18.87 -22.42 3.13
N ASP I 38 -18.69 -22.12 1.85
CA ASP I 38 -17.61 -22.70 1.06
C ASP I 38 -16.31 -21.99 1.40
N LYS I 39 -15.30 -22.76 1.82
CA LYS I 39 -14.05 -22.15 2.28
C LYS I 39 -13.32 -21.42 1.15
N ASP I 40 -13.48 -21.89 -0.09
CA ASP I 40 -12.74 -21.33 -1.21
C ASP I 40 -13.46 -20.15 -1.86
N THR I 41 -14.79 -20.20 -1.94
CA THR I 41 -15.55 -19.15 -2.61
C THR I 41 -16.38 -18.28 -1.66
N GLY I 42 -16.62 -18.75 -0.44
CA GLY I 42 -17.46 -18.01 0.48
C GLY I 42 -18.94 -18.15 0.25
N GLU I 43 -19.35 -18.92 -0.75
CA GLU I 43 -20.77 -19.11 -1.03
C GLU I 43 -21.45 -19.87 0.11
N LEU I 44 -22.70 -19.52 0.38
CA LEU I 44 -23.52 -20.24 1.34
C LEU I 44 -24.25 -21.37 0.64
N VAL I 45 -24.26 -22.55 1.28
CA VAL I 45 -24.87 -23.76 0.71
C VAL I 45 -25.62 -24.48 1.82
N ALA I 46 -26.37 -25.51 1.41
CA ALA I 46 -27.06 -26.40 2.34
C ALA I 46 -26.69 -27.83 1.99
N LEU I 47 -26.20 -28.58 2.98
CA LEU I 47 -25.69 -29.94 2.78
C LEU I 47 -26.68 -30.92 3.41
N LYS I 48 -27.46 -31.60 2.57
CA LYS I 48 -28.27 -32.72 3.03
C LYS I 48 -27.39 -33.96 3.15
N LYS I 49 -27.40 -34.58 4.32
CA LYS I 49 -26.56 -35.74 4.60
C LYS I 49 -27.27 -37.03 4.21
N VAL I 50 -26.54 -37.94 3.57
CA VAL I 50 -27.05 -39.26 3.23
C VAL I 50 -26.13 -40.28 3.87
N ARG I 51 -26.68 -41.12 4.74
CA ARG I 51 -25.92 -42.12 5.46
C ARG I 51 -26.19 -43.49 4.83
N LEU I 52 -25.17 -44.04 4.18
CA LEU I 52 -25.21 -45.42 3.72
C LEU I 52 -24.78 -46.41 4.80
N ASP I 53 -24.40 -45.91 5.98
CA ASP I 53 -23.91 -46.79 7.03
C ASP I 53 -24.99 -47.74 7.52
N ASN I 54 -26.24 -47.28 7.58
CA ASN I 54 -27.32 -48.15 8.05
C ASN I 54 -27.34 -49.45 7.26
N GLU I 55 -27.04 -49.38 5.97
CA GLU I 55 -26.90 -50.56 5.11
C GLU I 55 -28.08 -51.51 5.33
N LYS I 56 -29.22 -50.95 5.72
CA LYS I 56 -30.45 -51.75 5.75
C LYS I 56 -30.79 -52.26 4.35
N GLU I 57 -30.82 -51.35 3.37
CA GLU I 57 -31.06 -51.71 1.99
C GLU I 57 -30.31 -50.76 1.04
N GLY I 58 -29.04 -50.49 1.34
CA GLY I 58 -28.16 -49.79 0.42
C GLY I 58 -28.27 -48.29 0.50
N PHE I 59 -27.61 -47.62 -0.46
CA PHE I 59 -27.76 -46.18 -0.60
C PHE I 59 -29.24 -45.85 -0.74
N PRO I 60 -29.79 -44.95 0.08
CA PRO I 60 -31.25 -44.78 0.09
C PRO I 60 -31.82 -44.49 -1.28
N ILE I 61 -32.90 -45.20 -1.62
CA ILE I 61 -33.51 -45.02 -2.94
C ILE I 61 -34.26 -43.70 -3.02
N THR I 62 -34.83 -43.23 -1.91
CA THR I 62 -35.41 -41.89 -1.90
C THR I 62 -34.35 -40.85 -2.28
N ALA I 63 -33.12 -41.02 -1.78
CA ALA I 63 -32.04 -40.14 -2.18
C ALA I 63 -31.70 -40.33 -3.65
N ILE I 64 -31.65 -41.58 -4.11
CA ILE I 64 -31.36 -41.85 -5.51
C ILE I 64 -32.31 -41.07 -6.41
N ARG I 65 -33.60 -41.05 -6.05
CA ARG I 65 -34.59 -40.37 -6.88
C ARG I 65 -34.25 -38.89 -7.03
N GLU I 66 -33.85 -38.23 -5.95
CA GLU I 66 -33.57 -36.81 -6.02
C GLU I 66 -32.25 -36.53 -6.73
N ILE I 67 -31.25 -37.40 -6.57
CA ILE I 67 -30.00 -37.22 -7.27
C ILE I 67 -30.21 -37.32 -8.77
N LYS I 68 -31.17 -38.15 -9.20
CA LYS I 68 -31.45 -38.31 -10.62
C LYS I 68 -32.24 -37.13 -11.16
N ILE I 69 -33.28 -36.70 -10.44
CA ILE I 69 -34.11 -35.61 -10.91
C ILE I 69 -33.30 -34.31 -10.93
N LEU I 70 -32.73 -33.93 -9.79
CA LEU I 70 -32.20 -32.58 -9.68
C LEU I 70 -30.92 -32.39 -10.48
N ARG I 71 -30.12 -33.45 -10.70
CA ARG I 71 -28.96 -33.29 -11.58
C ARG I 71 -29.40 -33.04 -13.01
N GLN I 72 -30.48 -33.72 -13.44
CA GLN I 72 -31.00 -33.55 -14.79
C GLN I 72 -31.73 -32.24 -14.96
N LEU I 73 -32.34 -31.72 -13.89
CA LEU I 73 -33.20 -30.55 -13.96
C LEU I 73 -32.48 -29.34 -13.38
N ILE I 74 -32.35 -28.29 -14.17
CA ILE I 74 -31.76 -27.01 -13.74
C ILE I 74 -32.70 -25.89 -14.16
N HIS I 75 -33.15 -25.09 -13.20
CA HIS I 75 -34.13 -24.04 -13.47
C HIS I 75 -34.11 -23.01 -12.35
N ARG I 76 -34.59 -21.80 -12.67
CA ARG I 76 -34.62 -20.72 -11.69
C ARG I 76 -35.53 -21.03 -10.52
N SER I 77 -36.63 -21.74 -10.77
CA SER I 77 -37.64 -22.00 -9.75
C SER I 77 -37.43 -23.33 -9.05
N VAL I 78 -36.32 -24.01 -9.29
CA VAL I 78 -36.02 -25.29 -8.67
C VAL I 78 -34.66 -25.20 -8.00
N VAL I 79 -34.57 -25.66 -6.75
CA VAL I 79 -33.29 -25.73 -6.07
C VAL I 79 -32.40 -26.72 -6.80
N ASN I 80 -31.16 -26.32 -7.06
CA ASN I 80 -30.24 -27.10 -7.87
C ASN I 80 -29.14 -27.70 -7.02
N MET I 81 -28.89 -28.99 -7.23
CA MET I 81 -27.81 -29.71 -6.55
C MET I 81 -26.48 -29.29 -7.15
N LYS I 82 -25.66 -28.57 -6.36
CA LYS I 82 -24.36 -28.13 -6.86
C LYS I 82 -23.40 -29.31 -7.02
N GLU I 83 -23.30 -30.17 -6.01
CA GLU I 83 -22.39 -31.31 -6.08
C GLU I 83 -22.63 -32.22 -4.87
N ILE I 84 -21.81 -33.27 -4.78
CA ILE I 84 -21.87 -34.26 -3.72
C ILE I 84 -20.47 -34.47 -3.16
N VAL I 85 -20.34 -34.35 -1.83
CA VAL I 85 -19.05 -34.49 -1.16
C VAL I 85 -19.13 -35.61 -0.12
N THR I 86 -18.01 -35.90 0.53
CA THR I 86 -17.95 -37.01 1.46
C THR I 86 -17.12 -36.65 2.69
N ASP I 87 -17.33 -37.41 3.77
CA ASP I 87 -16.49 -37.30 4.95
C ASP I 87 -15.06 -37.74 4.63
N LYS I 88 -14.15 -37.53 5.57
CA LYS I 88 -12.78 -37.98 5.40
C LYS I 88 -12.77 -39.44 4.97
N GLN I 89 -12.11 -39.73 3.85
CA GLN I 89 -12.18 -41.06 3.24
C GLN I 89 -10.97 -41.89 3.65
N ASP I 90 -11.23 -43.16 3.95
CA ASP I 90 -10.18 -44.14 4.23
C ASP I 90 -9.77 -44.74 2.89
N ALA I 91 -8.75 -44.13 2.26
CA ALA I 91 -8.31 -44.60 0.96
C ALA I 91 -7.70 -45.99 1.03
N LEU I 92 -7.00 -46.30 2.12
CA LEU I 92 -6.30 -47.59 2.21
C LEU I 92 -7.26 -48.75 2.08
N ASP I 93 -8.41 -48.68 2.74
CA ASP I 93 -9.46 -49.70 2.62
C ASP I 93 -10.79 -49.01 2.36
N PHE I 94 -11.27 -49.06 1.12
CA PHE I 94 -12.56 -48.48 0.80
C PHE I 94 -13.71 -49.26 1.43
N LYS I 95 -13.55 -50.58 1.56
CA LYS I 95 -14.56 -51.38 2.26
C LYS I 95 -14.82 -50.84 3.66
N LYS I 96 -13.74 -50.54 4.38
CA LYS I 96 -13.89 -50.07 5.76
C LYS I 96 -14.73 -48.79 5.82
N ASP I 97 -14.55 -47.90 4.86
CA ASP I 97 -15.17 -46.59 4.93
C ASP I 97 -16.69 -46.72 5.05
N LYS I 98 -17.23 -46.25 6.17
CA LYS I 98 -18.65 -46.01 6.33
C LYS I 98 -19.01 -44.53 6.17
N GLY I 99 -18.07 -43.74 5.66
CA GLY I 99 -18.30 -42.31 5.56
C GLY I 99 -19.49 -42.00 4.67
N ALA I 100 -20.25 -41.00 5.08
CA ALA I 100 -21.49 -40.62 4.40
C ALA I 100 -21.20 -39.64 3.27
N PHE I 101 -22.17 -39.52 2.37
CA PHE I 101 -22.14 -38.54 1.29
C PHE I 101 -23.09 -37.40 1.64
N TYR I 102 -22.67 -36.17 1.37
CA TYR I 102 -23.50 -34.99 1.56
C TYR I 102 -23.92 -34.45 0.20
N LEU I 103 -25.12 -33.88 0.14
CA LEU I 103 -25.67 -33.32 -1.10
C LEU I 103 -25.69 -31.81 -1.00
N VAL I 104 -24.93 -31.14 -1.87
CA VAL I 104 -24.79 -29.69 -1.83
C VAL I 104 -25.92 -29.07 -2.64
N PHE I 105 -26.78 -28.31 -1.96
CA PHE I 105 -27.86 -27.56 -2.59
C PHE I 105 -27.66 -26.07 -2.33
N GLU I 106 -28.20 -25.25 -3.22
CA GLU I 106 -28.21 -23.80 -2.99
C GLU I 106 -29.07 -23.46 -1.78
N TYR I 107 -28.53 -22.65 -0.87
CA TYR I 107 -29.23 -22.30 0.35
C TYR I 107 -30.23 -21.18 0.10
N MET I 108 -31.45 -21.34 0.62
CA MET I 108 -32.48 -20.33 0.56
C MET I 108 -32.75 -19.82 1.97
N ASP I 109 -32.91 -18.50 2.11
CA ASP I 109 -32.95 -17.91 3.44
C ASP I 109 -34.18 -18.37 4.22
N HIS I 110 -35.36 -18.37 3.60
CA HIS I 110 -36.60 -18.61 4.30
C HIS I 110 -37.46 -19.63 3.58
N ASP I 111 -38.42 -20.21 4.32
CA ASP I 111 -39.44 -21.09 3.80
C ASP I 111 -40.81 -20.40 3.92
N LEU I 112 -41.69 -20.71 2.97
CA LEU I 112 -43.01 -20.06 2.97
C LEU I 112 -43.76 -20.32 4.27
N MET I 113 -43.65 -21.54 4.80
CA MET I 113 -44.35 -21.85 6.05
C MET I 113 -43.91 -20.89 7.16
N GLY I 114 -42.61 -20.67 7.29
CA GLY I 114 -42.12 -19.77 8.33
C GLY I 114 -42.69 -18.38 8.22
N LEU I 115 -42.66 -17.80 7.03
CA LEU I 115 -43.16 -16.44 6.84
C LEU I 115 -44.64 -16.34 7.22
N LEU I 116 -45.43 -17.34 6.84
CA LEU I 116 -46.87 -17.27 7.12
C LEU I 116 -47.16 -17.56 8.59
N GLU I 117 -46.30 -18.30 9.28
CA GLU I 117 -46.59 -18.65 10.66
C GLU I 117 -46.75 -17.41 11.53
N SER I 118 -45.91 -16.39 11.30
CA SER I 118 -46.02 -15.18 12.10
C SER I 118 -47.35 -14.47 11.85
N GLY I 119 -47.77 -14.38 10.59
CA GLY I 119 -48.88 -13.54 10.22
C GLY I 119 -48.56 -12.09 10.11
N LEU I 120 -47.34 -11.68 10.47
CA LEU I 120 -46.92 -10.29 10.29
C LEU I 120 -46.75 -9.96 8.81
N VAL I 121 -46.27 -10.91 8.01
CA VAL I 121 -46.00 -10.66 6.61
C VAL I 121 -47.32 -10.45 5.86
N HIS I 122 -47.32 -9.55 4.90
CA HIS I 122 -48.47 -9.26 4.05
C HIS I 122 -48.08 -9.50 2.60
N PHE I 123 -48.84 -10.36 1.91
CA PHE I 123 -48.62 -10.66 0.50
C PHE I 123 -49.68 -9.91 -0.31
N SER I 124 -49.25 -8.91 -1.06
CA SER I 124 -50.17 -8.20 -1.95
C SER I 124 -50.42 -9.03 -3.20
N GLU I 125 -51.38 -8.56 -4.01
CA GLU I 125 -51.72 -9.31 -5.22
C GLU I 125 -50.49 -9.50 -6.10
N ASP I 126 -49.74 -8.43 -6.35
CA ASP I 126 -48.59 -8.55 -7.24
C ASP I 126 -47.55 -9.51 -6.68
N HIS I 127 -47.31 -9.47 -5.36
CA HIS I 127 -46.42 -10.45 -4.76
C HIS I 127 -46.91 -11.87 -5.03
N ILE I 128 -48.22 -12.10 -4.84
CA ILE I 128 -48.78 -13.42 -5.08
C ILE I 128 -48.61 -13.79 -6.54
N LYS I 129 -48.74 -12.83 -7.46
CA LYS I 129 -48.53 -13.11 -8.86
C LYS I 129 -47.11 -13.64 -9.09
N SER I 130 -46.10 -12.88 -8.70
CA SER I 130 -44.73 -13.31 -8.94
C SER I 130 -44.43 -14.62 -8.21
N PHE I 131 -45.01 -14.82 -7.03
CA PHE I 131 -44.80 -16.05 -6.28
C PHE I 131 -45.28 -17.26 -7.09
N MET I 132 -46.47 -17.17 -7.69
CA MET I 132 -47.01 -18.31 -8.42
C MET I 132 -46.43 -18.42 -9.82
N LYS I 133 -46.10 -17.29 -10.45
CA LYS I 133 -45.48 -17.36 -11.77
C LYS I 133 -44.22 -18.21 -11.73
N GLN I 134 -43.37 -17.98 -10.72
CA GLN I 134 -42.16 -18.79 -10.60
C GLN I 134 -42.50 -20.24 -10.31
N LEU I 135 -43.36 -20.47 -9.30
CA LEU I 135 -43.71 -21.85 -8.95
C LEU I 135 -44.23 -22.61 -10.16
N MET I 136 -45.18 -22.03 -10.89
CA MET I 136 -45.76 -22.73 -12.02
C MET I 136 -44.78 -22.87 -13.17
N GLU I 137 -43.92 -21.87 -13.39
CA GLU I 137 -42.89 -22.01 -14.40
C GLU I 137 -42.00 -23.21 -14.09
N GLY I 138 -41.73 -23.43 -12.81
CA GLY I 138 -40.92 -24.58 -12.44
C GLY I 138 -41.64 -25.90 -12.65
N LEU I 139 -42.85 -25.99 -12.14
CA LEU I 139 -43.63 -27.21 -12.34
C LEU I 139 -43.71 -27.58 -13.82
N GLU I 140 -43.96 -26.58 -14.67
CA GLU I 140 -43.93 -26.80 -16.12
C GLU I 140 -42.65 -27.52 -16.51
N TYR I 141 -41.49 -26.94 -16.18
CA TYR I 141 -40.22 -27.54 -16.55
C TYR I 141 -40.15 -28.99 -16.10
N CYS I 142 -40.51 -29.26 -14.85
CA CYS I 142 -40.55 -30.63 -14.38
C CYS I 142 -41.56 -31.46 -15.19
N HIS I 143 -42.77 -30.93 -15.35
CA HIS I 143 -43.81 -31.71 -15.99
C HIS I 143 -43.47 -32.03 -17.45
N LYS I 144 -42.84 -31.09 -18.15
CA LYS I 144 -42.45 -31.38 -19.52
C LYS I 144 -41.23 -32.29 -19.59
N LYS I 145 -40.40 -32.30 -18.55
CA LYS I 145 -39.34 -33.30 -18.42
C LYS I 145 -39.87 -34.62 -17.87
N ASN I 146 -41.18 -34.73 -17.66
CA ASN I 146 -41.82 -35.95 -17.15
C ASN I 146 -41.30 -36.34 -15.76
N PHE I 147 -40.89 -35.36 -14.97
CA PHE I 147 -40.59 -35.53 -13.55
C PHE I 147 -41.68 -34.82 -12.76
N LEU I 148 -42.33 -35.54 -11.84
CA LEU I 148 -43.43 -34.98 -11.07
C LEU I 148 -43.06 -34.92 -9.59
N HIS I 149 -43.10 -33.72 -9.03
CA HIS I 149 -42.79 -33.45 -7.63
C HIS I 149 -44.02 -33.82 -6.79
N ARG I 150 -44.03 -35.05 -6.29
CA ARG I 150 -45.28 -35.60 -5.76
C ARG I 150 -45.74 -34.88 -4.50
N ASP I 151 -44.81 -34.50 -3.63
CA ASP I 151 -45.15 -33.86 -2.35
C ASP I 151 -44.77 -32.39 -2.41
N ILE I 152 -45.77 -31.51 -2.30
CA ILE I 152 -45.57 -30.07 -2.30
C ILE I 152 -46.20 -29.50 -1.03
N LYS I 153 -45.38 -28.88 -0.18
CA LYS I 153 -45.83 -28.29 1.07
C LYS I 153 -45.36 -26.84 1.15
N CYS I 154 -45.94 -26.10 2.09
CA CYS I 154 -45.42 -24.77 2.39
C CYS I 154 -44.00 -24.83 2.92
N SER I 155 -43.59 -25.97 3.47
CA SER I 155 -42.20 -26.15 3.88
C SER I 155 -41.29 -26.42 2.70
N ASN I 156 -41.81 -27.03 1.63
CA ASN I 156 -41.01 -27.31 0.45
C ASN I 156 -40.79 -26.09 -0.42
N ILE I 157 -41.69 -25.12 -0.35
CA ILE I 157 -41.55 -23.87 -1.09
C ILE I 157 -40.58 -22.98 -0.33
N LEU I 158 -39.43 -22.70 -0.93
CA LEU I 158 -38.37 -21.90 -0.31
C LEU I 158 -38.24 -20.60 -1.07
N LEU I 159 -38.16 -19.47 -0.35
CA LEU I 159 -38.00 -18.16 -0.97
C LEU I 159 -36.90 -17.40 -0.25
N ASN I 160 -36.06 -16.72 -1.03
CA ASN I 160 -34.98 -15.91 -0.48
C ASN I 160 -35.43 -14.46 -0.36
N ASN I 161 -34.55 -13.61 0.17
CA ASN I 161 -34.93 -12.22 0.41
C ASN I 161 -35.15 -11.45 -0.89
N SER I 162 -34.41 -11.76 -1.94
CA SER I 162 -34.60 -11.08 -3.21
C SER I 162 -35.99 -11.31 -3.78
N GLY I 163 -36.66 -12.39 -3.41
CA GLY I 163 -37.98 -12.71 -3.89
C GLY I 163 -38.07 -13.91 -4.83
N GLN I 164 -36.97 -14.60 -5.08
CA GLN I 164 -37.02 -15.81 -5.88
C GLN I 164 -37.65 -16.96 -5.10
N ILE I 165 -38.45 -17.75 -5.79
CA ILE I 165 -39.12 -18.92 -5.20
C ILE I 165 -38.51 -20.17 -5.81
N LYS I 166 -38.19 -21.16 -4.98
CA LYS I 166 -37.58 -22.40 -5.44
C LYS I 166 -38.22 -23.58 -4.74
N LEU I 167 -38.38 -24.68 -5.45
CA LEU I 167 -38.95 -25.92 -4.93
C LEU I 167 -37.83 -26.91 -4.68
N ALA I 168 -37.82 -27.53 -3.49
CA ALA I 168 -36.64 -28.32 -3.15
C ALA I 168 -36.87 -29.77 -2.74
N ASP I 169 -38.04 -30.13 -2.22
CA ASP I 169 -38.22 -31.47 -1.66
C ASP I 169 -38.65 -32.45 -2.76
N PHE I 170 -37.70 -32.79 -3.61
CA PHE I 170 -37.93 -33.73 -4.69
C PHE I 170 -37.60 -35.17 -4.30
N GLY I 171 -37.41 -35.45 -3.01
CA GLY I 171 -37.01 -36.78 -2.59
C GLY I 171 -38.01 -37.86 -2.98
N LEU I 172 -39.29 -37.56 -2.84
CA LEU I 172 -40.35 -38.49 -3.21
C LEU I 172 -40.86 -38.08 -4.60
N ALA I 173 -40.20 -38.61 -5.63
CA ALA I 173 -40.64 -38.36 -7.00
C ALA I 173 -40.16 -39.47 -7.93
N ARG I 174 -40.91 -39.66 -9.01
CA ARG I 174 -40.63 -40.70 -10.00
C ARG I 174 -40.90 -40.15 -11.39
N LEU I 175 -40.28 -40.78 -12.39
CA LEU I 175 -40.54 -40.42 -13.78
C LEU I 175 -41.96 -40.81 -14.18
N TYR I 176 -42.71 -39.84 -14.69
CA TYR I 176 -44.07 -40.12 -15.14
C TYR I 176 -44.06 -41.07 -16.32
N ASN I 177 -44.94 -42.07 -16.28
CA ASN I 177 -45.10 -43.03 -17.37
C ASN I 177 -46.32 -42.62 -18.18
N SER I 178 -46.10 -42.30 -19.46
CA SER I 178 -47.17 -41.80 -20.31
C SER I 178 -47.99 -42.97 -20.85
N GLU I 179 -49.30 -42.95 -20.58
CA GLU I 179 -50.22 -43.98 -21.05
C GLU I 179 -49.75 -45.37 -20.63
N GLU I 180 -49.29 -45.46 -19.39
CA GLU I 180 -48.78 -46.70 -18.81
C GLU I 180 -49.42 -46.92 -17.45
N SER I 181 -49.98 -48.11 -17.25
CA SER I 181 -50.59 -48.46 -15.97
C SER I 181 -49.50 -48.92 -15.01
N ARG I 182 -49.17 -48.07 -14.04
CA ARG I 182 -48.16 -48.34 -13.03
C ARG I 182 -48.78 -48.28 -11.65
N PRO I 183 -48.56 -49.28 -10.80
CA PRO I 183 -49.17 -49.22 -9.46
C PRO I 183 -48.76 -48.00 -8.66
N TYR I 184 -47.49 -47.61 -8.73
CA TYR I 184 -47.00 -46.44 -8.01
C TYR I 184 -47.27 -46.59 -6.50
N ASN I 186 -49.31 -44.17 -2.83
CA ASN I 186 -50.41 -43.33 -2.40
C ASN I 186 -50.06 -42.52 -1.14
N LYS I 187 -50.89 -41.53 -0.82
CA LYS I 187 -50.75 -40.74 0.40
C LYS I 187 -49.38 -40.05 0.50
N VAL I 188 -49.06 -39.24 -0.51
CA VAL I 188 -47.70 -38.71 -0.62
C VAL I 188 -47.60 -37.21 -0.34
N ILE I 189 -48.70 -36.48 -0.21
CA ILE I 189 -48.63 -35.03 -0.05
C ILE I 189 -48.95 -34.60 1.38
N THR I 190 -48.80 -35.49 2.35
CA THR I 190 -48.88 -35.19 3.78
C THR I 190 -50.26 -34.72 4.24
N LEU I 191 -51.32 -35.06 3.51
CA LEU I 191 -52.70 -35.01 3.94
C LEU I 191 -53.26 -33.59 4.07
N TRP I 192 -52.47 -32.55 3.83
CA TRP I 192 -53.00 -31.19 3.76
C TRP I 192 -53.10 -30.66 2.34
N TYR I 193 -52.22 -31.11 1.46
CA TYR I 193 -52.28 -30.77 0.04
C TYR I 193 -52.53 -32.00 -0.81
N ARG I 194 -52.87 -33.13 -0.20
CA ARG I 194 -53.21 -34.31 -0.98
C ARG I 194 -54.44 -34.03 -1.83
N PRO I 195 -54.45 -34.44 -3.10
CA PRO I 195 -55.62 -34.22 -3.95
C PRO I 195 -56.71 -35.23 -3.62
N PRO I 196 -57.95 -34.95 -4.02
CA PRO I 196 -59.02 -35.91 -3.72
C PRO I 196 -58.76 -37.31 -4.25
N GLU I 197 -58.06 -37.43 -5.38
CA GLU I 197 -57.84 -38.75 -5.95
C GLU I 197 -56.88 -39.57 -5.08
N LEU I 198 -55.87 -38.92 -4.51
CA LEU I 198 -54.97 -39.64 -3.60
C LEU I 198 -55.71 -40.06 -2.33
N LEU I 199 -56.59 -39.20 -1.82
CA LEU I 199 -57.43 -39.59 -0.70
C LEU I 199 -58.27 -40.81 -1.05
N LEU I 200 -58.79 -40.85 -2.27
CA LEU I 200 -59.59 -41.97 -2.74
C LEU I 200 -58.75 -43.11 -3.31
N GLY I 201 -57.48 -43.16 -2.97
CA GLY I 201 -56.64 -44.28 -3.35
C GLY I 201 -56.55 -44.51 -4.84
N GLU I 202 -56.47 -43.43 -5.63
CA GLU I 202 -56.37 -43.60 -7.07
C GLU I 202 -55.06 -44.24 -7.46
N GLU I 203 -53.97 -43.95 -6.74
CA GLU I 203 -52.65 -44.37 -7.18
C GLU I 203 -52.47 -43.79 -8.57
N ARG I 204 -51.54 -44.31 -9.35
CA ARG I 204 -51.29 -43.79 -10.69
C ARG I 204 -51.03 -42.31 -10.70
N TYR I 205 -49.98 -41.90 -10.02
CA TYR I 205 -49.70 -40.49 -9.93
C TYR I 205 -49.79 -39.83 -11.30
N THR I 206 -50.48 -38.71 -11.35
CA THR I 206 -50.57 -37.86 -12.53
C THR I 206 -49.93 -36.51 -12.22
N PRO I 207 -49.43 -35.81 -13.23
CA PRO I 207 -48.93 -34.44 -12.97
C PRO I 207 -50.00 -33.54 -12.38
N ALA I 208 -51.27 -33.90 -12.53
CA ALA I 208 -52.35 -33.08 -12.01
C ALA I 208 -52.29 -33.01 -10.48
N ILE I 209 -51.77 -34.05 -9.83
CA ILE I 209 -51.76 -34.04 -8.37
C ILE I 209 -50.93 -32.87 -7.85
N ASP I 210 -49.85 -32.51 -8.56
CA ASP I 210 -49.03 -31.39 -8.12
C ASP I 210 -49.73 -30.06 -8.34
N VAL I 211 -50.60 -29.97 -9.33
CA VAL I 211 -51.32 -28.73 -9.56
C VAL I 211 -52.27 -28.46 -8.39
N TRP I 212 -52.98 -29.50 -7.94
CA TRP I 212 -53.86 -29.35 -6.78
C TRP I 212 -53.10 -28.81 -5.59
N SER I 213 -51.91 -29.35 -5.30
CA SER I 213 -51.13 -28.84 -4.18
C SER I 213 -50.85 -27.35 -4.34
N CYS I 214 -50.42 -26.95 -5.53
CA CYS I 214 -50.12 -25.53 -5.75
C CYS I 214 -51.38 -24.68 -5.69
N GLY I 215 -52.52 -25.23 -6.09
CA GLY I 215 -53.78 -24.52 -5.94
C GLY I 215 -54.13 -24.30 -4.48
N CYS I 216 -53.91 -25.31 -3.64
CA CYS I 216 -54.06 -25.12 -2.20
C CYS I 216 -53.19 -23.96 -1.74
N ILE I 217 -51.96 -23.89 -2.23
CA ILE I 217 -51.04 -22.81 -1.84
C ILE I 217 -51.60 -21.46 -2.29
N LEU I 218 -52.13 -21.40 -3.51
CA LEU I 218 -52.67 -20.14 -4.01
C LEU I 218 -53.68 -19.54 -3.03
N GLY I 219 -54.72 -20.31 -2.69
CA GLY I 219 -55.71 -19.82 -1.74
C GLY I 219 -55.09 -19.49 -0.40
N GLU I 220 -54.01 -20.18 -0.04
CA GLU I 220 -53.34 -19.93 1.23
C GLU I 220 -52.68 -18.56 1.24
N LEU I 221 -52.11 -18.15 0.10
CA LEU I 221 -51.48 -16.83 0.01
C LEU I 221 -52.49 -15.70 0.15
N PHE I 222 -53.78 -15.97 -0.05
CA PHE I 222 -54.82 -14.96 0.08
C PHE I 222 -55.47 -14.96 1.46
N THR I 223 -55.22 -15.98 2.27
CA THR I 223 -55.74 -16.07 3.62
C THR I 223 -54.65 -16.13 4.67
N LYS I 224 -53.45 -16.62 4.33
CA LYS I 224 -52.33 -16.88 5.23
C LYS I 224 -52.63 -18.08 6.14
N LYS I 225 -53.72 -18.81 5.87
CA LYS I 225 -54.12 -20.01 6.58
C LYS I 225 -54.35 -21.11 5.55
N PRO I 226 -53.80 -22.30 5.74
CA PRO I 226 -54.11 -23.40 4.81
C PRO I 226 -55.61 -23.60 4.66
N ILE I 227 -56.02 -24.14 3.52
CA ILE I 227 -57.44 -24.25 3.22
C ILE I 227 -58.02 -25.53 3.82
N PHE I 228 -57.32 -26.65 3.67
CA PHE I 228 -57.80 -27.95 4.14
C PHE I 228 -56.82 -28.50 5.17
N GLN I 229 -57.18 -28.36 6.45
CA GLN I 229 -56.40 -28.92 7.56
C GLN I 229 -57.26 -29.95 8.27
N ALA I 230 -56.76 -31.18 8.39
CA ALA I 230 -57.52 -32.25 9.03
C ALA I 230 -56.56 -33.30 9.55
N ASN I 231 -56.98 -33.97 10.64
CA ASN I 231 -56.15 -35.01 11.22
C ASN I 231 -56.12 -36.26 10.33
N LEU I 232 -57.25 -36.61 9.74
CA LEU I 232 -57.38 -37.85 9.00
C LEU I 232 -57.89 -37.60 7.58
N GLU I 233 -57.68 -38.61 6.72
CA GLU I 233 -57.99 -38.46 5.31
C GLU I 233 -59.49 -38.24 5.09
N LEU I 234 -60.32 -39.02 5.77
CA LEU I 234 -61.77 -38.86 5.63
C LEU I 234 -62.19 -37.45 6.00
N ALA I 235 -61.66 -36.93 7.11
CA ALA I 235 -61.97 -35.55 7.49
C ALA I 235 -61.51 -34.56 6.43
N GLN I 236 -60.29 -34.77 5.89
CA GLN I 236 -59.80 -33.93 4.81
C GLN I 236 -60.73 -33.97 3.61
N LEU I 237 -61.23 -35.15 3.25
CA LEU I 237 -62.13 -35.27 2.12
C LEU I 237 -63.41 -34.48 2.34
N GLU I 238 -63.93 -34.50 3.57
CA GLU I 238 -65.11 -33.69 3.89
C GLU I 238 -64.84 -32.21 3.65
N LEU I 239 -63.71 -31.70 4.16
CA LEU I 239 -63.40 -30.29 3.99
C LEU I 239 -63.31 -29.92 2.52
N ILE I 240 -62.54 -30.70 1.75
CA ILE I 240 -62.50 -30.50 0.31
C ILE I 240 -63.90 -30.44 -0.25
N SER I 241 -64.77 -31.33 0.21
CA SER I 241 -66.11 -31.41 -0.35
C SER I 241 -66.93 -30.18 0.01
N ARG I 242 -66.85 -29.71 1.25
CA ARG I 242 -67.68 -28.60 1.68
C ARG I 242 -67.44 -27.33 0.87
N LEU I 243 -66.30 -27.23 0.21
CA LEU I 243 -65.94 -26.06 -0.59
C LEU I 243 -65.93 -26.37 -2.08
N CYS I 244 -65.05 -27.29 -2.50
CA CYS I 244 -64.88 -27.60 -3.90
C CYS I 244 -66.05 -28.37 -4.49
N GLY I 245 -67.00 -28.80 -3.67
CA GLY I 245 -68.05 -29.67 -4.13
C GLY I 245 -67.64 -31.13 -3.96
N SER I 246 -68.53 -31.95 -3.41
CA SER I 246 -68.17 -33.31 -3.12
C SER I 246 -67.95 -34.10 -4.41
N PRO I 247 -67.21 -35.20 -4.33
CA PRO I 247 -67.03 -36.06 -5.52
C PRO I 247 -68.35 -36.72 -5.89
N CYS I 248 -68.79 -36.48 -7.13
CA CYS I 248 -70.04 -36.96 -7.68
C CYS I 248 -69.69 -37.68 -8.97
N PRO I 249 -70.55 -38.61 -9.42
CA PRO I 249 -70.31 -39.20 -10.74
C PRO I 249 -70.55 -38.20 -11.87
N ALA I 250 -71.34 -37.15 -11.60
CA ALA I 250 -71.61 -36.15 -12.62
C ALA I 250 -70.40 -35.25 -12.83
N VAL I 251 -69.86 -34.68 -11.75
CA VAL I 251 -68.69 -33.81 -11.89
C VAL I 251 -67.41 -34.60 -12.10
N TRP I 252 -67.38 -35.86 -11.69
CA TRP I 252 -66.20 -36.73 -11.82
C TRP I 252 -66.68 -38.03 -12.43
N PRO I 253 -66.63 -38.15 -13.77
CA PRO I 253 -67.18 -39.36 -14.40
C PRO I 253 -66.46 -40.64 -14.00
N ASP I 254 -65.15 -40.59 -13.82
CA ASP I 254 -64.36 -41.77 -13.48
C ASP I 254 -64.20 -41.98 -11.98
N VAL I 255 -64.97 -41.26 -11.16
CA VAL I 255 -64.87 -41.44 -9.71
C VAL I 255 -65.22 -42.87 -9.32
N ILE I 256 -66.12 -43.51 -10.07
CA ILE I 256 -66.56 -44.85 -9.73
C ILE I 256 -65.40 -45.83 -9.72
N ARG I 257 -64.39 -45.59 -10.57
CA ARG I 257 -63.26 -46.53 -10.64
C ARG I 257 -62.43 -46.52 -9.36
N LEU I 258 -62.35 -45.39 -8.67
CA LEU I 258 -61.54 -45.29 -7.47
C LEU I 258 -62.08 -46.23 -6.39
N PRO I 259 -61.20 -46.93 -5.65
CA PRO I 259 -61.71 -47.95 -4.73
C PRO I 259 -62.41 -47.40 -3.50
N TYR I 260 -62.18 -46.13 -3.17
CA TYR I 260 -62.73 -45.52 -1.97
C TYR I 260 -63.90 -44.58 -2.26
N PHE I 261 -64.36 -44.52 -3.51
CA PHE I 261 -65.48 -43.66 -3.84
C PHE I 261 -66.69 -43.95 -2.96
N ASN I 262 -66.98 -45.22 -2.72
CA ASN I 262 -68.11 -45.60 -1.87
C ASN I 262 -67.73 -45.60 -0.40
N THR I 263 -66.60 -46.22 -0.06
CA THR I 263 -66.20 -46.37 1.33
C THR I 263 -65.91 -45.02 1.97
N MET I 264 -65.04 -44.22 1.37
CA MET I 264 -64.79 -42.85 1.83
C MET I 264 -65.86 -41.95 1.23
N LYS I 265 -66.83 -41.55 2.04
CA LYS I 265 -67.98 -40.79 1.55
C LYS I 265 -68.14 -39.49 2.30
N PRO I 266 -68.14 -38.34 1.63
CA PRO I 266 -68.55 -37.10 2.31
C PRO I 266 -69.93 -37.27 2.91
N LYS I 267 -70.13 -36.72 4.11
CA LYS I 267 -71.37 -36.99 4.82
C LYS I 267 -72.60 -36.59 3.99
N LYS I 268 -72.46 -35.59 3.13
CA LYS I 268 -73.48 -35.26 2.14
C LYS I 268 -72.80 -35.02 0.80
N GLN I 269 -73.59 -35.01 -0.27
CA GLN I 269 -73.12 -34.55 -1.58
C GLN I 269 -73.27 -33.03 -1.60
N TYR I 270 -72.17 -32.33 -1.40
CA TYR I 270 -72.20 -30.87 -1.30
C TYR I 270 -72.20 -30.24 -2.69
N ARG I 271 -72.61 -28.98 -2.74
CA ARG I 271 -72.50 -28.14 -3.93
C ARG I 271 -71.21 -27.32 -3.83
N ARG I 272 -70.78 -26.77 -4.96
CA ARG I 272 -69.52 -26.05 -5.00
C ARG I 272 -69.70 -24.65 -4.43
N ARG I 273 -68.88 -24.32 -3.43
CA ARG I 273 -68.89 -23.00 -2.81
C ARG I 273 -67.60 -22.24 -3.06
N LEU I 274 -66.66 -22.83 -3.81
CA LEU I 274 -65.37 -22.19 -4.04
C LEU I 274 -65.54 -20.73 -4.42
N ARG I 275 -66.31 -20.48 -5.48
CA ARG I 275 -66.54 -19.10 -5.90
C ARG I 275 -67.09 -18.25 -4.78
N GLU I 276 -68.06 -18.78 -4.04
CA GLU I 276 -68.73 -18.00 -3.01
C GLU I 276 -67.81 -17.74 -1.82
N GLU I 277 -67.13 -18.77 -1.33
CA GLU I 277 -66.38 -18.64 -0.09
C GLU I 277 -65.06 -17.90 -0.26
N PHE I 278 -64.49 -17.86 -1.46
CA PHE I 278 -63.36 -16.99 -1.78
C PHE I 278 -63.81 -15.75 -2.52
N SER I 279 -64.98 -15.19 -2.20
CA SER I 279 -65.48 -14.04 -2.95
C SER I 279 -64.61 -12.80 -2.77
N PHE I 280 -63.74 -12.79 -1.77
CA PHE I 280 -62.87 -11.64 -1.51
C PHE I 280 -61.59 -11.67 -2.32
N ILE I 281 -61.41 -12.64 -3.21
CA ILE I 281 -60.19 -12.74 -4.02
C ILE I 281 -60.42 -12.05 -5.35
N PRO I 282 -59.39 -11.42 -5.93
CA PRO I 282 -59.56 -10.81 -7.26
C PRO I 282 -60.13 -11.80 -8.27
N SER I 283 -60.81 -11.26 -9.27
CA SER I 283 -61.50 -12.11 -10.25
C SER I 283 -60.50 -12.93 -11.06
N ALA I 284 -59.43 -12.29 -11.53
CA ALA I 284 -58.42 -13.02 -12.30
C ALA I 284 -57.87 -14.19 -11.50
N ALA I 285 -57.61 -13.98 -10.22
CA ALA I 285 -57.08 -15.06 -9.39
C ALA I 285 -58.15 -16.11 -9.12
N LEU I 286 -59.34 -15.68 -8.70
CA LEU I 286 -60.38 -16.62 -8.33
C LEU I 286 -60.63 -17.64 -9.43
N ASP I 287 -60.50 -17.24 -10.69
CA ASP I 287 -60.68 -18.19 -11.78
C ASP I 287 -59.61 -19.28 -11.72
N LEU I 288 -58.35 -18.87 -11.53
CA LEU I 288 -57.27 -19.86 -11.45
C LEU I 288 -57.50 -20.84 -10.31
N LEU I 289 -57.91 -20.35 -9.15
CA LEU I 289 -58.18 -21.24 -8.03
C LEU I 289 -59.32 -22.20 -8.36
N ASP I 290 -60.38 -21.68 -8.98
CA ASP I 290 -61.49 -22.55 -9.39
C ASP I 290 -61.01 -23.63 -10.34
N HIS I 291 -60.08 -23.29 -11.24
CA HIS I 291 -59.58 -24.27 -12.19
C HIS I 291 -58.51 -25.17 -11.58
N MET I 292 -57.70 -24.65 -10.66
CA MET I 292 -56.67 -25.47 -10.05
C MET I 292 -57.24 -26.45 -9.04
N LEU I 293 -58.43 -26.17 -8.50
CA LEU I 293 -59.07 -27.04 -7.52
C LEU I 293 -60.25 -27.82 -8.13
N THR I 294 -60.20 -28.09 -9.43
CA THR I 294 -61.20 -28.95 -10.04
C THR I 294 -60.96 -30.39 -9.60
N LEU I 295 -62.03 -31.08 -9.19
CA LEU I 295 -61.89 -32.39 -8.58
C LEU I 295 -61.37 -33.42 -9.59
N ASP I 296 -61.98 -33.48 -10.76
CA ASP I 296 -61.57 -34.46 -11.75
C ASP I 296 -60.15 -34.17 -12.22
N PRO I 297 -59.17 -35.04 -11.94
CA PRO I 297 -57.81 -34.78 -12.43
C PRO I 297 -57.75 -34.48 -13.92
N SER I 298 -58.64 -35.08 -14.71
CA SER I 298 -58.66 -34.78 -16.13
C SER I 298 -58.99 -33.31 -16.38
N LYS I 299 -59.98 -32.79 -15.67
CA LYS I 299 -60.44 -31.43 -15.88
C LYS I 299 -59.58 -30.38 -15.19
N ARG I 300 -58.63 -30.79 -14.36
CA ARG I 300 -57.80 -29.84 -13.64
C ARG I 300 -56.74 -29.25 -14.57
N CYS I 301 -56.59 -27.94 -14.50
CA CYS I 301 -55.69 -27.24 -15.41
C CYS I 301 -54.27 -27.80 -15.32
N THR I 302 -53.60 -27.87 -16.48
CA THR I 302 -52.18 -28.19 -16.48
C THR I 302 -51.39 -26.96 -16.04
N ALA I 303 -50.10 -27.18 -15.72
CA ALA I 303 -49.27 -26.05 -15.33
C ALA I 303 -49.17 -25.04 -16.46
N GLU I 304 -48.90 -25.51 -17.68
CA GLU I 304 -48.86 -24.62 -18.83
C GLU I 304 -50.05 -23.67 -18.84
N GLN I 305 -51.25 -24.21 -18.68
CA GLN I 305 -52.46 -23.40 -18.74
C GLN I 305 -52.47 -22.35 -17.64
N THR I 306 -52.02 -22.70 -16.44
CA THR I 306 -51.94 -21.72 -15.36
C THR I 306 -51.02 -20.57 -15.74
N LEU I 307 -49.92 -20.88 -16.43
CA LEU I 307 -49.02 -19.82 -16.87
C LEU I 307 -49.59 -19.02 -18.03
N GLN I 308 -50.63 -19.52 -18.69
CA GLN I 308 -51.38 -18.75 -19.67
C GLN I 308 -52.65 -18.15 -19.08
N SER I 309 -52.79 -18.18 -17.75
CA SER I 309 -53.91 -17.57 -17.09
C SER I 309 -53.87 -16.05 -17.25
N ASP I 310 -55.05 -15.42 -17.12
CA ASP I 310 -55.09 -13.96 -17.10
C ASP I 310 -54.22 -13.43 -15.95
N PHE I 311 -54.24 -14.13 -14.83
CA PHE I 311 -53.49 -13.73 -13.65
C PHE I 311 -51.99 -13.69 -13.93
N LEU I 312 -51.44 -14.78 -14.46
CA LEU I 312 -50.00 -14.95 -14.54
C LEU I 312 -49.44 -14.80 -15.94
N LYS I 313 -50.27 -14.63 -16.96
CA LYS I 313 -49.76 -14.57 -18.33
C LYS I 313 -48.87 -13.36 -18.53
N ASP I 314 -49.34 -12.19 -18.11
CA ASP I 314 -48.66 -10.93 -18.41
C ASP I 314 -47.68 -10.51 -17.33
N VAL I 315 -47.70 -11.17 -16.16
CA VAL I 315 -46.75 -10.85 -15.10
C VAL I 315 -45.33 -10.88 -15.65
N GLU I 316 -44.59 -9.80 -15.44
CA GLU I 316 -43.20 -9.70 -15.85
C GLU I 316 -42.32 -9.95 -14.64
N LEU I 317 -41.58 -11.06 -14.66
CA LEU I 317 -40.72 -11.40 -13.52
C LEU I 317 -39.53 -10.47 -13.41
N SER I 318 -39.19 -9.73 -14.47
CA SER I 318 -38.12 -8.74 -14.38
C SER I 318 -38.41 -7.72 -13.28
N LYS I 319 -39.67 -7.31 -13.17
CA LYS I 319 -40.11 -6.43 -12.07
C LYS I 319 -40.46 -7.31 -10.88
N MET I 320 -39.43 -7.76 -10.17
CA MET I 320 -39.62 -8.68 -9.06
C MET I 320 -40.51 -8.07 -7.98
N ALA I 321 -40.30 -6.80 -7.67
CA ALA I 321 -41.03 -6.11 -6.59
C ALA I 321 -40.89 -6.90 -5.29
N PRO I 322 -39.67 -7.10 -4.81
CA PRO I 322 -39.47 -7.94 -3.60
C PRO I 322 -40.41 -7.56 -2.48
N PRO I 323 -40.96 -8.54 -1.76
CA PRO I 323 -41.85 -8.22 -0.65
C PRO I 323 -41.06 -7.72 0.55
N ASP I 324 -41.76 -7.01 1.43
CA ASP I 324 -41.16 -6.52 2.65
C ASP I 324 -41.50 -7.49 3.79
N LEU I 325 -40.47 -8.09 4.39
CA LEU I 325 -40.56 -8.94 5.56
C LEU I 325 -40.27 -8.12 6.81
N PRO I 326 -40.80 -8.52 7.97
CA PRO I 326 -40.70 -7.66 9.18
C PRO I 326 -39.38 -7.83 9.95
N HIS I 327 -38.29 -7.32 9.37
CA HIS I 327 -36.98 -7.56 9.95
C HIS I 327 -36.84 -6.88 11.31
N TRP I 328 -37.25 -5.61 11.41
CA TRP I 328 -37.07 -4.82 12.62
C TRP I 328 -38.38 -4.45 13.32
N GLN I 329 -39.53 -4.62 12.65
CA GLN I 329 -40.80 -4.22 13.24
C GLN I 329 -41.11 -5.04 14.50
N ASP I 330 -40.87 -6.36 14.45
CA ASP I 330 -41.16 -7.20 15.59
C ASP I 330 -40.16 -7.00 16.73
N CYS I 331 -38.90 -6.69 16.40
CA CYS I 331 -37.87 -6.53 17.42
C CYS I 331 -38.35 -5.61 18.55
N HIS I 332 -38.82 -4.42 18.20
CA HIS I 332 -39.38 -3.47 19.15
C HIS I 332 -40.90 -3.59 19.11
N GLU I 333 -41.50 -3.92 20.25
CA GLU I 333 -42.94 -4.17 20.28
C GLU I 333 -43.69 -2.92 19.84
N LEU I 334 -44.75 -3.13 19.06
CA LEU I 334 -45.43 -2.06 18.35
C LEU I 334 -46.33 -1.24 19.28
N TRP I 335 -45.69 -0.57 20.25
CA TRP I 335 -46.44 0.46 20.97
C TRP I 335 -46.97 1.50 20.00
N SER I 336 -46.15 1.90 19.03
CA SER I 336 -46.53 2.86 18.01
C SER I 336 -45.51 2.87 16.87
#